data_4M4W
#
_entry.id   4M4W
#
_cell.length_a   229.055
_cell.length_b   229.055
_cell.length_c   364.294
_cell.angle_alpha   90.00
_cell.angle_beta   90.00
_cell.angle_gamma   120.00
#
_symmetry.space_group_name_H-M   'P 31 2 1'
#
loop_
_entity.id
_entity.type
_entity.pdbx_description
1 polymer 'Replicative helicase'
2 polymer 'DNA primase'
3 polymer 'Primosomal protein DnaI'
#
loop_
_entity_poly.entity_id
_entity_poly.type
_entity_poly.pdbx_seq_one_letter_code
_entity_poly.pdbx_strand_id
1 'polypeptide(L)'
;MSELFSERIPPQSIEAEQAVLGAVFLDPAALVPASEILIPEDFYRAAHQKIFHAMLRVADRGEPVDLVTVTAELAASEQL
EEIGGVSYLSELADAVPTAANVEYYARIVEEKSVLRRLIRTATSIAQDGYTREDEIDVLLDEADRKIMEVSQRKHSGAFK
NIKDILVQTYDNIEMLHNRDGEITGIPTGFTELDRMTSGFQRSDLIIVAARPSVGKTAFALNIAQNVATKTNENVAIFSL
EMSAQQLVMRMLCAEGNINAQNLRTGKLTPEDWGKLTMAMGSLSNAGIYIDDTPSIRVSDIRAKCRRLKQESGLGMIVID
YLQLIQGSGRSKENRQQEVSEISRSLKALARELEVPVIALSQLSRSVEQRQDKRPMMSDIRESGSIEQDADIVAFLYRDD
YYNKDSENKNIIEIIIAKQRNGPVGTVQLAFIKEYNKFVNLERRFDEAQIPPGA
;
A,B,C,D,E,F
2 'polypeptide(L)'
;KLLPAFQNAERLLLAH(MSE)(MSE)RSRDVALVVQERIGGRFNIEEHRALAAYIYAFYEEGHEADPGALISRIPGELQP
LASELSLLLIADDVSEQELEDYIRHVLNRPKWL(MSE)LKVKEQEKTEAERRKDFLTAARIAKE(MSE)IE(MSE)KK
(MSE)LSSS
;
G,H,I
3 'polypeptide(L)'
;MEPIGRSLQGVTGRPDFQKRLEQMKEKVMKDQDVQAFLKENEEVIDQKMIEKSLNKLYEYIEQSKNCSYCSEDENCNNLL
EGYHPKLVVNGRSIDIEYYECPVKRKLDQQKKQQSLMKSMYIQQDLLGATFQQVDISDPSRLAMFQHVTDFLKSYNETGK
GKGLYLYGKFGVGKTFMLAAIANELAEKEYSSMIVYVPEFVRELKNSLQDQTLEEKLNMVKTTPVLMLDDIGAESMTSWV
RDEVIGTVLQHRMSQQLPTFFSSNFSPDELKHHFTYSQRGEKEEVKAARLMERILYLAAPIRLDGENRRHPHHHHHH
;
J,K,L,M,N,O
#
# COMPACT_ATOMS: atom_id res chain seq x y z
N GLU A 15 6.60 42.50 -47.53
CA GLU A 15 6.48 43.95 -47.24
C GLU A 15 5.94 44.18 -45.83
N ALA A 16 6.58 43.56 -44.85
CA ALA A 16 6.19 43.67 -43.45
C ALA A 16 6.25 45.12 -42.94
N GLU A 17 7.24 45.87 -43.41
CA GLU A 17 7.37 47.29 -43.07
C GLU A 17 6.31 48.12 -43.80
N GLN A 18 5.92 47.68 -45.00
CA GLN A 18 4.77 48.27 -45.68
C GLN A 18 3.48 47.81 -45.02
N ALA A 19 3.51 46.66 -44.36
CA ALA A 19 2.35 46.14 -43.65
C ALA A 19 1.94 47.02 -42.47
N VAL A 20 2.74 48.05 -42.21
CA VAL A 20 2.46 49.00 -41.12
C VAL A 20 2.11 50.46 -41.48
N LEU A 21 2.44 50.87 -42.69
CA LEU A 21 2.21 52.26 -43.14
C LEU A 21 0.76 52.74 -43.16
N GLY A 22 -0.15 51.89 -43.61
CA GLY A 22 -1.54 52.26 -43.88
C GLY A 22 -2.26 53.11 -42.85
N ALA A 23 -2.84 52.45 -41.85
CA ALA A 23 -3.67 53.09 -40.83
C ALA A 23 -3.14 54.43 -40.33
N VAL A 24 -1.82 54.55 -40.27
CA VAL A 24 -1.14 55.79 -39.88
C VAL A 24 -1.65 56.98 -40.69
N PHE A 25 -1.81 56.80 -41.99
CA PHE A 25 -2.34 57.83 -42.87
C PHE A 25 -3.74 57.50 -43.38
N LEU A 26 -4.30 56.39 -42.92
CA LEU A 26 -5.61 55.94 -43.38
C LEU A 26 -6.86 56.42 -42.65
N ASP A 27 -6.90 56.21 -41.34
CA ASP A 27 -8.11 56.52 -40.53
C ASP A 27 -8.17 58.05 -40.30
N PRO A 28 -7.03 58.72 -40.01
CA PRO A 28 -5.65 58.29 -39.73
C PRO A 28 -5.13 58.61 -38.31
N ALA A 29 -6.02 58.53 -37.31
CA ALA A 29 -5.64 58.71 -35.90
C ALA A 29 -5.15 57.39 -35.30
N ALA A 30 -4.69 56.49 -36.18
CA ALA A 30 -4.01 55.26 -35.79
C ALA A 30 -2.51 55.54 -35.64
N LEU A 31 -2.13 56.76 -36.00
CA LEU A 31 -0.79 57.29 -35.76
C LEU A 31 -0.61 57.62 -34.27
N VAL A 32 -1.73 57.96 -33.61
CA VAL A 32 -1.73 58.25 -32.18
C VAL A 32 -1.05 57.15 -31.34
N PRO A 33 -1.44 55.87 -31.51
CA PRO A 33 -0.75 54.78 -30.82
C PRO A 33 0.48 54.25 -31.54
N ALA A 34 0.49 54.32 -32.87
CA ALA A 34 1.64 53.89 -33.66
C ALA A 34 2.92 54.62 -33.25
N SER A 35 2.75 55.88 -32.84
CA SER A 35 3.86 56.71 -32.35
C SER A 35 4.35 56.30 -30.96
N GLU A 36 3.44 55.78 -30.14
CA GLU A 36 3.78 55.27 -28.80
C GLU A 36 4.64 54.01 -28.92
N ILE A 37 4.49 53.28 -30.02
CA ILE A 37 5.22 52.02 -30.21
C ILE A 37 6.59 52.11 -30.89
N LEU A 38 6.61 52.57 -32.14
CA LEU A 38 7.78 52.43 -33.01
C LEU A 38 8.28 53.87 -33.12
N ILE A 39 9.55 54.05 -32.80
CA ILE A 39 10.23 55.35 -32.89
C ILE A 39 10.73 55.61 -34.32
N PRO A 40 11.12 56.88 -34.64
CA PRO A 40 11.51 57.27 -36.01
C PRO A 40 12.55 56.35 -36.65
N GLU A 41 13.49 55.85 -35.86
CA GLU A 41 14.55 54.98 -36.34
C GLU A 41 14.16 53.50 -36.18
N ASP A 42 13.30 53.03 -37.06
CA ASP A 42 12.75 51.66 -37.01
C ASP A 42 12.87 50.86 -38.30
N PHE A 43 13.33 51.49 -39.38
CA PHE A 43 13.32 50.86 -40.70
C PHE A 43 14.67 50.91 -41.41
N TYR A 44 15.03 49.80 -42.03
CA TYR A 44 16.26 49.71 -42.80
C TYR A 44 16.18 50.46 -44.14
N ARG A 45 15.05 50.29 -44.85
CA ARG A 45 14.95 50.73 -46.24
C ARG A 45 14.73 52.24 -46.38
N ALA A 46 15.25 52.79 -47.47
CA ALA A 46 15.20 54.24 -47.74
C ALA A 46 13.79 54.72 -48.11
N ALA A 47 12.92 53.79 -48.47
CA ALA A 47 11.52 54.09 -48.72
C ALA A 47 10.63 53.62 -47.57
N HIS A 48 11.20 53.66 -46.35
CA HIS A 48 10.49 53.20 -45.14
C HIS A 48 10.71 54.24 -44.04
N GLN A 49 11.97 54.56 -43.74
CA GLN A 49 12.36 55.36 -42.57
C GLN A 49 12.21 56.87 -42.81
N LYS A 50 12.73 57.34 -43.95
CA LYS A 50 12.80 58.77 -44.25
C LYS A 50 11.44 59.43 -44.59
N ILE A 51 10.35 58.79 -44.19
CA ILE A 51 9.00 59.34 -44.37
C ILE A 51 8.32 59.47 -43.02
N PHE A 52 8.62 58.52 -42.13
CA PHE A 52 8.15 58.52 -40.75
C PHE A 52 8.82 59.63 -39.96
N HIS A 53 10.06 59.93 -40.33
CA HIS A 53 10.80 61.07 -39.82
C HIS A 53 10.06 62.34 -40.25
N ALA A 54 9.50 62.29 -41.47
CA ALA A 54 8.67 63.35 -42.00
C ALA A 54 7.19 63.14 -41.64
N MET A 55 6.94 62.17 -40.75
CA MET A 55 5.57 61.80 -40.36
C MET A 55 5.30 62.06 -38.87
N LEU A 56 6.35 61.99 -38.05
CA LEU A 56 6.27 62.38 -36.62
C LEU A 56 6.82 63.78 -36.35
N ARG A 57 7.60 64.31 -37.30
CA ARG A 57 7.89 65.73 -37.34
C ARG A 57 6.60 66.41 -37.82
N VAL A 58 5.83 65.67 -38.59
CA VAL A 58 4.44 65.99 -38.90
C VAL A 58 3.60 65.80 -37.63
N ALA A 59 3.67 64.60 -37.04
CA ALA A 59 2.93 64.29 -35.82
C ALA A 59 3.29 65.04 -34.53
N ASP A 60 4.28 65.93 -34.63
CA ASP A 60 4.55 66.92 -33.60
C ASP A 60 3.59 68.11 -33.51
N ARG A 61 2.80 68.32 -34.58
CA ARG A 61 1.69 69.28 -34.57
C ARG A 61 0.31 68.62 -34.81
N GLY A 62 -0.10 68.31 -36.05
CA GLY A 62 0.61 68.61 -37.29
C GLY A 62 0.19 67.76 -38.51
N GLU A 63 -0.71 68.25 -39.36
CA GLU A 63 -1.49 69.50 -39.17
C GLU A 63 -2.60 69.71 -40.24
N PRO A 64 -3.61 68.81 -40.31
CA PRO A 64 -3.84 67.58 -39.56
C PRO A 64 -3.27 66.36 -40.29
N VAL A 65 -3.61 65.15 -39.84
CA VAL A 65 -3.11 63.92 -40.46
C VAL A 65 -3.83 63.69 -41.79
N ASP A 66 -3.14 64.02 -42.88
CA ASP A 66 -3.64 63.81 -44.24
C ASP A 66 -2.50 63.71 -45.28
N LEU A 67 -2.82 63.20 -46.46
CA LEU A 67 -1.86 63.07 -47.58
C LEU A 67 -1.03 64.35 -47.70
N VAL A 68 -1.67 65.48 -47.40
CA VAL A 68 -1.07 66.80 -47.45
C VAL A 68 0.10 66.96 -46.46
N THR A 69 -0.15 66.70 -45.17
CA THR A 69 0.81 67.02 -44.11
C THR A 69 2.21 66.41 -44.31
N VAL A 70 2.27 65.17 -44.79
CA VAL A 70 3.54 64.45 -44.91
C VAL A 70 4.22 64.61 -46.29
N THR A 71 3.44 64.81 -47.36
CA THR A 71 4.03 65.04 -48.69
C THR A 71 4.73 66.40 -48.80
N ALA A 72 4.27 67.35 -47.99
CA ALA A 72 4.91 68.67 -47.89
C ALA A 72 6.15 68.60 -47.00
N GLU A 73 6.27 67.49 -46.27
CA GLU A 73 7.43 67.23 -45.40
C GLU A 73 8.47 66.32 -46.08
N LEU A 74 8.13 65.84 -47.28
CA LEU A 74 9.12 65.29 -48.19
C LEU A 74 9.55 66.39 -49.17
N ALA A 75 8.88 67.53 -49.05
CA ALA A 75 9.31 68.78 -49.65
C ALA A 75 9.93 69.64 -48.56
N ALA A 76 9.72 69.23 -47.31
CA ALA A 76 10.30 69.87 -46.14
C ALA A 76 11.76 69.45 -45.96
N SER A 77 11.96 68.17 -45.65
CA SER A 77 13.27 67.55 -45.67
C SER A 77 13.76 67.46 -47.12
N GLU A 78 12.89 67.93 -48.03
CA GLU A 78 13.18 68.14 -49.45
C GLU A 78 13.90 66.99 -50.18
N GLN A 79 13.64 65.77 -49.74
CA GLN A 79 14.15 64.59 -50.42
C GLN A 79 13.22 64.18 -51.56
N LEU A 80 13.46 64.77 -52.72
CA LEU A 80 12.70 64.51 -53.94
C LEU A 80 13.21 63.23 -54.60
N GLU A 81 14.53 63.04 -54.59
CA GLU A 81 15.13 61.77 -54.99
C GLU A 81 16.22 61.30 -54.00
N GLU A 82 15.80 61.03 -52.78
CA GLU A 82 16.57 60.25 -51.80
C GLU A 82 15.71 59.05 -51.40
N ILE A 83 14.41 59.16 -51.70
CA ILE A 83 13.46 58.07 -51.50
C ILE A 83 12.90 57.62 -52.85
N GLY A 84 12.49 58.58 -53.69
CA GLY A 84 12.03 58.30 -55.06
C GLY A 84 10.98 59.23 -55.65
N GLY A 85 9.72 58.98 -55.28
CA GLY A 85 8.56 59.74 -55.77
C GLY A 85 7.27 59.16 -55.22
N VAL A 86 6.17 59.92 -55.31
CA VAL A 86 4.88 59.51 -54.75
C VAL A 86 4.42 58.11 -55.18
N SER A 87 4.81 57.69 -56.39
CA SER A 87 4.47 56.36 -56.91
C SER A 87 4.47 55.27 -55.85
N TYR A 88 5.55 55.18 -55.08
CA TYR A 88 5.66 54.21 -54.00
C TYR A 88 4.61 54.45 -52.91
N LEU A 89 4.42 55.72 -52.56
CA LEU A 89 3.50 56.10 -51.48
C LEU A 89 2.06 56.20 -51.95
N SER A 90 1.88 56.65 -53.19
CA SER A 90 0.57 56.78 -53.80
C SER A 90 0.00 55.42 -54.21
N GLU A 91 0.88 54.43 -54.34
CA GLU A 91 0.48 53.04 -54.59
C GLU A 91 0.59 52.17 -53.34
N LEU A 92 0.69 52.83 -52.18
CA LEU A 92 0.52 52.17 -50.88
C LEU A 92 -0.95 52.22 -50.45
N ALA A 93 -1.82 52.42 -51.44
CA ALA A 93 -3.27 52.47 -51.24
C ALA A 93 -4.03 52.03 -52.50
N ASP A 94 -3.32 51.34 -53.41
CA ASP A 94 -3.90 50.90 -54.69
C ASP A 94 -3.88 49.38 -54.87
N ALA A 95 -3.56 48.67 -53.78
CA ALA A 95 -3.62 47.22 -53.72
C ALA A 95 -3.99 46.80 -52.30
N VAL A 96 -4.12 47.78 -51.41
CA VAL A 96 -4.39 47.55 -49.99
C VAL A 96 -5.80 48.00 -49.59
N PRO A 97 -6.62 47.08 -49.05
CA PRO A 97 -7.94 47.41 -48.53
C PRO A 97 -8.02 47.52 -47.00
N THR A 98 -7.76 46.41 -46.30
CA THR A 98 -7.89 46.33 -44.84
C THR A 98 -6.92 47.27 -44.11
N ALA A 99 -7.46 48.00 -43.14
CA ALA A 99 -6.72 49.04 -42.42
C ALA A 99 -7.11 49.14 -40.95
N ALA A 100 -8.29 48.60 -40.60
CA ALA A 100 -8.79 48.61 -39.23
C ALA A 100 -7.95 47.75 -38.29
N ASN A 101 -6.98 47.05 -38.88
CA ASN A 101 -6.01 46.24 -38.15
C ASN A 101 -5.20 47.08 -37.16
N VAL A 102 -4.46 48.06 -37.67
CA VAL A 102 -3.80 49.11 -36.87
C VAL A 102 -2.63 48.63 -36.01
N GLU A 103 -2.95 47.92 -34.92
CA GLU A 103 -1.97 47.54 -33.90
C GLU A 103 -0.51 47.45 -34.41
N TYR A 104 -0.15 46.47 -35.25
CA TYR A 104 -0.93 45.28 -35.61
C TYR A 104 -0.12 44.12 -36.21
N TYR A 105 0.49 44.21 -37.40
CA TYR A 105 0.90 45.40 -38.20
C TYR A 105 2.37 45.69 -37.93
N ALA A 106 2.73 45.83 -36.65
CA ALA A 106 4.11 46.05 -36.24
C ALA A 106 4.42 45.40 -34.88
N ARG A 107 3.71 44.31 -34.56
CA ARG A 107 3.97 43.54 -33.35
C ARG A 107 5.35 42.88 -33.41
N ILE A 108 5.78 42.55 -34.61
CA ILE A 108 7.00 41.77 -34.84
C ILE A 108 7.90 42.37 -35.94
N VAL A 109 7.46 43.46 -36.56
CA VAL A 109 8.33 44.25 -37.45
C VAL A 109 9.40 44.88 -36.57
N GLU A 110 9.01 45.15 -35.33
CA GLU A 110 9.90 45.54 -34.25
C GLU A 110 10.84 44.39 -33.88
N GLU A 111 10.35 43.16 -33.98
CA GLU A 111 11.18 41.98 -33.73
C GLU A 111 11.89 41.42 -34.97
N LYS A 112 11.45 41.87 -36.15
CA LYS A 112 12.24 41.76 -37.37
C LYS A 112 13.35 42.79 -37.30
N SER A 113 13.12 43.85 -36.52
CA SER A 113 14.17 44.77 -36.13
C SER A 113 14.98 44.15 -34.98
N VAL A 114 14.32 43.43 -34.08
CA VAL A 114 14.99 42.67 -33.01
C VAL A 114 15.86 41.55 -33.61
N LEU A 115 15.73 41.34 -34.91
CA LEU A 115 16.70 40.54 -35.65
C LEU A 115 17.90 41.42 -36.02
N ARG A 116 17.62 42.62 -36.56
CA ARG A 116 18.66 43.56 -37.02
C ARG A 116 19.38 44.31 -35.89
N ARG A 117 18.76 44.37 -34.71
CA ARG A 117 19.39 44.96 -33.52
C ARG A 117 20.40 43.96 -32.94
N LEU A 118 19.91 42.76 -32.62
CA LEU A 118 20.69 41.69 -32.01
C LEU A 118 21.84 41.21 -32.90
N ILE A 119 21.68 41.39 -34.22
CA ILE A 119 22.76 41.17 -35.16
C ILE A 119 23.92 42.11 -34.85
N ARG A 120 23.66 43.42 -34.80
CA ARG A 120 24.68 44.41 -34.45
C ARG A 120 25.34 44.05 -33.11
N THR A 121 24.59 43.39 -32.24
CA THR A 121 25.12 42.91 -30.96
C THR A 121 25.92 41.63 -31.10
N ALA A 122 25.37 40.67 -31.85
CA ALA A 122 26.01 39.37 -32.05
C ALA A 122 27.23 39.43 -32.98
N THR A 123 27.22 40.41 -33.89
CA THR A 123 28.33 40.63 -34.82
C THR A 123 29.53 41.26 -34.10
N SER A 124 29.25 42.07 -33.08
CA SER A 124 30.26 42.89 -32.42
C SER A 124 31.15 42.17 -31.39
N ILE A 125 30.66 41.08 -30.81
CA ILE A 125 31.44 40.31 -29.85
C ILE A 125 32.53 39.49 -30.53
N ALA A 126 32.19 38.87 -31.65
CA ALA A 126 33.09 37.95 -32.36
C ALA A 126 34.10 38.65 -33.27
N GLN A 127 33.64 39.65 -34.04
CA GLN A 127 34.50 40.34 -35.00
C GLN A 127 35.54 41.21 -34.30
N ASP A 128 35.18 41.69 -33.11
CA ASP A 128 36.16 42.27 -32.21
C ASP A 128 36.41 41.32 -31.05
N GLY A 129 36.29 40.02 -31.35
CA GLY A 129 36.90 38.97 -30.56
C GLY A 129 38.28 38.78 -31.15
N TYR A 130 38.47 39.35 -32.33
CA TYR A 130 39.77 39.43 -32.99
C TYR A 130 40.52 40.66 -32.43
N THR A 131 40.57 40.77 -31.11
CA THR A 131 41.11 41.99 -30.47
C THR A 131 41.87 41.78 -29.15
N ARG A 132 41.18 41.26 -28.12
CA ARG A 132 41.65 41.35 -26.74
C ARG A 132 41.94 39.99 -26.09
N GLU A 133 43.21 39.75 -25.76
CA GLU A 133 43.67 38.42 -25.31
C GLU A 133 44.95 38.23 -24.41
N ASP A 134 45.46 39.18 -23.60
CA ASP A 134 45.04 40.58 -23.32
C ASP A 134 43.90 40.77 -22.28
N GLU A 135 42.85 41.48 -22.67
CA GLU A 135 41.72 41.78 -21.77
C GLU A 135 40.85 40.56 -21.51
N ILE A 136 40.29 40.00 -22.60
CA ILE A 136 39.34 38.87 -22.56
C ILE A 136 38.01 39.22 -21.89
N ASP A 137 38.08 39.56 -20.61
CA ASP A 137 36.91 39.94 -19.83
C ASP A 137 36.11 40.99 -20.60
N VAL A 138 36.70 42.19 -20.73
CA VAL A 138 36.06 43.34 -21.37
C VAL A 138 35.67 43.08 -22.84
N LEU A 139 36.44 42.25 -23.54
CA LEU A 139 36.16 41.88 -24.94
C LEU A 139 34.66 41.60 -25.14
N LEU A 140 34.08 40.89 -24.19
CA LEU A 140 32.66 40.62 -24.18
C LEU A 140 31.94 41.36 -23.05
N ASP A 141 32.70 41.98 -22.15
CA ASP A 141 32.11 42.76 -21.05
C ASP A 141 31.56 44.12 -21.51
N GLU A 142 32.09 44.61 -22.63
CA GLU A 142 31.52 45.78 -23.30
C GLU A 142 30.38 45.32 -24.21
N ALA A 143 30.33 44.01 -24.42
CA ALA A 143 29.29 43.35 -25.19
C ALA A 143 28.14 42.86 -24.30
N ASP A 144 28.23 43.17 -23.00
CA ASP A 144 27.15 42.93 -22.03
C ASP A 144 26.27 44.18 -21.89
N ARG A 145 26.68 45.25 -22.56
CA ARG A 145 25.94 46.50 -22.66
C ARG A 145 24.76 46.33 -23.64
N LYS A 146 24.80 45.25 -24.41
CA LYS A 146 23.92 45.06 -25.58
C LYS A 146 22.75 44.10 -25.35
N ILE A 147 23.06 42.94 -24.78
CA ILE A 147 22.10 41.83 -24.62
C ILE A 147 20.84 42.24 -23.85
N MET A 148 20.99 43.21 -22.95
CA MET A 148 19.88 43.80 -22.20
C MET A 148 18.81 44.37 -23.14
N GLU A 149 19.19 44.60 -24.40
CA GLU A 149 18.27 44.95 -25.48
C GLU A 149 18.39 43.95 -26.63
N ILE A 183 -32.46 45.79 -16.09
CA ILE A 183 -33.08 45.32 -17.31
C ILE A 183 -33.19 46.47 -18.31
N THR A 184 -32.76 46.22 -19.55
CA THR A 184 -32.88 47.22 -20.64
C THR A 184 -33.42 46.75 -22.01
N GLY A 185 -33.47 45.44 -22.30
CA GLY A 185 -33.05 44.34 -21.44
C GLY A 185 -34.06 43.21 -21.40
N ILE A 186 -33.62 42.01 -21.77
CA ILE A 186 -34.45 40.80 -21.65
C ILE A 186 -34.20 40.12 -20.30
N PRO A 187 -35.28 39.62 -19.66
CA PRO A 187 -35.15 39.08 -18.31
C PRO A 187 -34.13 37.95 -18.15
N THR A 188 -33.09 38.24 -17.38
CA THR A 188 -32.04 37.26 -17.04
C THR A 188 -32.52 36.17 -16.08
N GLY A 189 -33.54 36.49 -15.28
CA GLY A 189 -34.11 35.53 -14.33
C GLY A 189 -34.44 36.13 -12.98
N PHE A 190 -33.47 36.82 -12.38
CA PHE A 190 -33.66 37.47 -11.09
C PHE A 190 -33.70 38.97 -11.21
N THR A 191 -34.34 39.63 -10.24
CA THR A 191 -34.29 41.10 -10.14
C THR A 191 -32.88 41.52 -9.68
N GLU A 192 -32.16 40.57 -9.06
CA GLU A 192 -30.75 40.74 -8.73
C GLU A 192 -29.86 40.63 -9.97
N LEU A 193 -30.37 39.92 -10.97
CA LEU A 193 -29.58 39.53 -12.14
C LEU A 193 -30.01 40.26 -13.41
N ASP A 194 -31.16 40.91 -13.37
CA ASP A 194 -31.67 41.63 -14.53
C ASP A 194 -31.24 43.09 -14.49
N ARG A 195 -31.27 43.68 -13.30
CA ARG A 195 -30.83 45.05 -13.06
C ARG A 195 -29.35 45.24 -13.41
N MET A 196 -28.52 44.33 -12.91
CA MET A 196 -27.05 44.39 -13.10
C MET A 196 -26.63 44.08 -14.54
N THR A 197 -27.33 43.13 -15.17
CA THR A 197 -27.02 42.74 -16.54
C THR A 197 -27.76 43.59 -17.56
N SER A 198 -28.72 44.40 -17.09
CA SER A 198 -29.57 45.23 -17.95
C SER A 198 -30.12 44.36 -19.09
N GLY A 199 -30.97 43.41 -18.72
CA GLY A 199 -31.24 42.26 -19.57
C GLY A 199 -30.36 41.19 -18.99
N PHE A 200 -29.54 40.51 -19.82
CA PHE A 200 -29.75 40.30 -21.25
C PHE A 200 -29.53 41.42 -22.29
N GLN A 201 -28.90 41.05 -23.40
CA GLN A 201 -28.97 41.76 -24.69
C GLN A 201 -28.58 40.83 -25.87
N ARG A 202 -28.93 41.24 -27.09
CA ARG A 202 -28.52 40.52 -28.30
C ARG A 202 -27.07 40.84 -28.66
N SER A 203 -26.22 39.81 -28.61
CA SER A 203 -24.75 39.88 -28.80
C SER A 203 -24.02 39.69 -27.48
N ASP A 204 -23.88 38.42 -27.07
CA ASP A 204 -23.31 38.08 -25.77
C ASP A 204 -22.88 36.62 -25.70
N LEU A 205 -21.59 36.38 -25.44
CA LEU A 205 -21.07 35.04 -25.14
C LEU A 205 -20.62 34.92 -23.69
N ILE A 206 -21.51 34.33 -22.89
CA ILE A 206 -21.32 34.26 -21.45
C ILE A 206 -20.57 32.97 -21.08
N ILE A 207 -20.10 32.90 -19.83
CA ILE A 207 -19.34 31.76 -19.33
C ILE A 207 -19.40 31.67 -17.79
N VAL A 208 -19.54 30.46 -17.26
CA VAL A 208 -19.66 30.23 -15.81
C VAL A 208 -18.93 28.96 -15.33
N ALA A 209 -18.15 29.10 -14.26
CA ALA A 209 -17.30 28.01 -13.74
C ALA A 209 -17.27 27.96 -12.21
N ALA A 210 -17.35 26.75 -11.66
CA ALA A 210 -17.39 26.55 -10.19
C ALA A 210 -16.32 25.60 -9.67
N ARG A 211 -16.25 25.49 -8.35
CA ARG A 211 -15.39 24.49 -7.69
C ARG A 211 -16.00 23.09 -7.85
N PRO A 212 -15.21 22.02 -7.62
CA PRO A 212 -15.62 20.61 -7.79
C PRO A 212 -17.09 20.31 -7.51
N SER A 213 -17.92 20.37 -8.56
CA SER A 213 -19.39 20.23 -8.46
C SER A 213 -20.03 21.28 -7.55
N VAL A 214 -19.23 22.25 -7.11
CA VAL A 214 -19.68 23.32 -6.20
C VAL A 214 -20.31 24.49 -6.98
N GLY A 215 -21.26 24.16 -7.86
CA GLY A 215 -22.22 25.14 -8.39
C GLY A 215 -22.01 25.78 -9.77
N LYS A 216 -22.03 24.96 -10.81
CA LYS A 216 -21.94 25.47 -12.19
C LYS A 216 -23.00 24.89 -13.12
N THR A 217 -23.53 23.73 -12.74
CA THR A 217 -24.52 23.02 -13.57
C THR A 217 -25.90 23.65 -13.42
N ALA A 218 -26.57 23.34 -12.29
CA ALA A 218 -27.88 23.89 -11.95
C ALA A 218 -27.91 25.41 -12.08
N PHE A 219 -26.72 26.00 -11.99
CA PHE A 219 -26.46 27.39 -12.34
C PHE A 219 -27.21 27.74 -13.62
N ALA A 220 -26.82 27.11 -14.73
CA ALA A 220 -27.45 27.33 -16.02
C ALA A 220 -28.76 26.56 -16.17
N LEU A 221 -28.88 25.43 -15.48
CA LEU A 221 -30.10 24.60 -15.54
C LEU A 221 -31.32 25.34 -14.98
N ASN A 222 -31.09 26.57 -14.52
CA ASN A 222 -32.14 27.41 -13.96
C ASN A 222 -32.10 28.87 -14.44
N ILE A 223 -31.05 29.26 -15.16
CA ILE A 223 -31.03 30.58 -15.82
C ILE A 223 -31.94 30.50 -17.05
N ALA A 224 -31.48 29.75 -18.05
CA ALA A 224 -32.16 29.65 -19.35
C ALA A 224 -33.48 28.89 -19.29
N GLN A 225 -33.67 28.06 -18.26
CA GLN A 225 -34.92 27.34 -18.06
C GLN A 225 -36.00 28.28 -17.53
N ASN A 226 -35.62 29.15 -16.60
CA ASN A 226 -36.49 30.26 -16.19
C ASN A 226 -36.43 31.41 -17.19
N VAL A 227 -35.47 31.35 -18.11
CA VAL A 227 -35.50 32.17 -19.32
C VAL A 227 -35.95 31.27 -20.49
N ALA A 228 -36.83 30.33 -20.17
CA ALA A 228 -37.47 29.44 -21.16
C ALA A 228 -38.88 29.06 -20.72
N THR A 229 -39.17 29.24 -19.43
CA THR A 229 -40.49 28.94 -18.87
C THR A 229 -41.07 30.15 -18.13
N LYS A 230 -40.26 31.20 -17.98
CA LYS A 230 -40.67 32.45 -17.33
C LYS A 230 -40.30 33.71 -18.13
N THR A 231 -39.09 33.73 -18.72
CA THR A 231 -38.66 34.84 -19.59
C THR A 231 -38.33 34.41 -21.03
N ASN A 232 -39.09 34.96 -21.98
CA ASN A 232 -39.15 34.49 -23.37
C ASN A 232 -37.81 34.22 -24.08
N GLU A 233 -37.60 32.96 -24.45
CA GLU A 233 -36.48 32.53 -25.30
C GLU A 233 -36.52 31.01 -25.54
N ASN A 234 -36.94 30.61 -26.73
CA ASN A 234 -36.98 29.20 -27.15
C ASN A 234 -35.58 28.58 -27.18
N VAL A 235 -35.18 27.95 -26.08
CA VAL A 235 -33.79 27.51 -25.91
C VAL A 235 -33.43 26.19 -26.55
N ALA A 236 -32.44 26.24 -27.43
CA ALA A 236 -31.75 25.05 -27.86
C ALA A 236 -30.68 24.77 -26.81
N ILE A 237 -30.97 23.86 -25.90
CA ILE A 237 -30.03 23.47 -24.84
C ILE A 237 -29.20 22.27 -25.32
N PHE A 238 -28.05 22.05 -24.69
CA PHE A 238 -27.15 20.96 -25.09
C PHE A 238 -26.43 20.36 -23.87
N SER A 239 -26.84 19.16 -23.47
CA SER A 239 -26.28 18.48 -22.29
C SER A 239 -24.94 17.81 -22.58
N LEU A 240 -24.15 17.60 -21.52
CA LEU A 240 -22.82 16.98 -21.63
C LEU A 240 -22.64 15.67 -20.83
N GLU A 241 -21.86 15.70 -19.73
CA GLU A 241 -21.60 14.50 -18.93
C GLU A 241 -22.88 13.91 -18.31
N MET A 242 -23.74 14.79 -17.80
CA MET A 242 -25.07 14.39 -17.35
C MET A 242 -26.12 14.60 -18.46
N SER A 243 -26.55 13.50 -19.07
CA SER A 243 -27.49 13.53 -20.18
C SER A 243 -28.91 13.91 -19.74
N ALA A 244 -29.78 14.18 -20.71
CA ALA A 244 -31.12 14.74 -20.45
C ALA A 244 -32.17 13.78 -19.85
N GLN A 245 -32.05 12.48 -20.14
CA GLN A 245 -32.93 11.45 -19.56
C GLN A 245 -32.46 11.07 -18.15
N GLN A 246 -32.18 12.11 -17.34
CA GLN A 246 -31.59 11.98 -16.02
C GLN A 246 -31.79 13.30 -15.29
N LEU A 247 -31.63 14.39 -16.03
CA LEU A 247 -31.74 15.75 -15.51
C LEU A 247 -33.19 16.16 -15.31
N VAL A 248 -34.12 15.45 -15.93
CA VAL A 248 -35.55 15.66 -15.74
C VAL A 248 -36.01 15.04 -14.42
N MET A 249 -35.34 13.96 -14.02
CA MET A 249 -35.49 13.42 -12.66
C MET A 249 -34.85 14.39 -11.66
N ARG A 250 -33.94 15.24 -12.16
CA ARG A 250 -33.28 16.26 -11.36
C ARG A 250 -33.84 17.67 -11.58
N MET A 251 -34.76 17.82 -12.54
CA MET A 251 -35.55 19.04 -12.69
C MET A 251 -36.99 18.86 -13.23
N LEU A 252 -37.91 18.68 -12.30
CA LEU A 252 -39.36 18.80 -12.51
C LEU A 252 -39.87 19.51 -11.25
N CYS A 253 -38.91 19.88 -10.42
CA CYS A 253 -39.14 20.30 -9.04
C CYS A 253 -38.77 21.77 -8.82
N ALA A 254 -38.98 22.59 -9.85
CA ALA A 254 -38.64 24.01 -9.79
C ALA A 254 -39.87 24.91 -9.92
N GLU A 255 -40.74 24.57 -10.87
CA GLU A 255 -41.99 25.32 -11.07
C GLU A 255 -43.16 24.47 -10.59
N GLY A 256 -42.99 23.86 -9.41
CA GLY A 256 -43.98 22.99 -8.79
C GLY A 256 -43.68 22.56 -7.36
N ASN A 257 -42.59 23.10 -6.79
CA ASN A 257 -42.18 22.86 -5.39
C ASN A 257 -42.01 21.39 -4.96
N ILE A 258 -40.93 20.75 -5.42
CA ILE A 258 -40.64 19.34 -5.08
C ILE A 258 -39.12 19.02 -4.96
N ASN A 259 -38.81 17.82 -4.45
CA ASN A 259 -37.44 17.27 -4.31
C ASN A 259 -36.87 17.30 -2.88
N ALA A 260 -37.71 16.95 -1.90
CA ALA A 260 -37.30 16.83 -0.50
C ALA A 260 -38.29 15.96 0.29
N GLN A 261 -38.80 14.92 -0.36
CA GLN A 261 -39.89 14.13 0.22
C GLN A 261 -39.84 12.59 0.18
N ASN A 262 -38.95 11.93 -0.58
CA ASN A 262 -37.89 12.46 -1.43
C ASN A 262 -38.12 11.91 -2.85
N LEU A 263 -37.36 12.38 -3.84
CA LEU A 263 -37.48 11.87 -5.21
C LEU A 263 -36.62 10.63 -5.48
N ARG A 264 -35.34 10.71 -5.12
CA ARG A 264 -34.45 9.55 -5.17
C ARG A 264 -34.68 8.60 -3.99
N THR A 265 -35.96 8.24 -3.80
CA THR A 265 -36.36 7.21 -2.85
C THR A 265 -37.60 6.44 -3.36
N GLY A 266 -38.37 7.07 -4.25
CA GLY A 266 -39.46 6.38 -4.94
C GLY A 266 -40.79 7.10 -5.09
N LYS A 267 -41.87 6.35 -4.88
CA LYS A 267 -43.27 6.78 -5.08
C LYS A 267 -43.69 7.92 -4.15
N LEU A 268 -44.75 8.64 -4.55
CA LEU A 268 -45.30 9.74 -3.77
C LEU A 268 -46.76 9.54 -3.36
N THR A 269 -47.22 10.36 -2.43
CA THR A 269 -48.58 10.28 -1.87
C THR A 269 -49.62 11.02 -2.75
N PRO A 270 -50.90 10.59 -2.69
CA PRO A 270 -51.99 11.16 -3.51
C PRO A 270 -52.39 12.62 -3.22
N GLU A 271 -51.75 13.24 -2.23
CA GLU A 271 -51.87 14.68 -2.03
C GLU A 271 -50.57 15.36 -2.43
N ASP A 272 -49.49 14.59 -2.44
CA ASP A 272 -48.21 15.01 -3.02
C ASP A 272 -48.23 14.89 -4.54
N TRP A 273 -49.21 14.15 -5.07
CA TRP A 273 -49.50 14.13 -6.51
C TRP A 273 -50.13 15.48 -6.93
N GLY A 274 -49.83 16.52 -6.16
CA GLY A 274 -50.44 17.84 -6.32
C GLY A 274 -49.77 18.73 -7.34
N LYS A 275 -48.88 19.61 -6.88
CA LYS A 275 -48.25 20.62 -7.75
C LYS A 275 -47.23 20.04 -8.75
N LEU A 276 -47.36 18.73 -9.01
CA LEU A 276 -46.61 18.09 -10.10
C LEU A 276 -47.31 18.32 -11.44
N THR A 277 -48.64 18.34 -11.43
CA THR A 277 -49.44 18.61 -12.65
C THR A 277 -49.46 20.09 -13.06
N MET A 278 -48.76 20.93 -12.30
CA MET A 278 -48.43 22.30 -12.71
C MET A 278 -46.91 22.50 -12.84
N ALA A 279 -46.16 21.48 -12.39
CA ALA A 279 -44.78 21.29 -12.83
C ALA A 279 -44.84 20.46 -14.11
N MET A 280 -46.07 20.09 -14.49
CA MET A 280 -46.39 19.40 -15.75
C MET A 280 -47.30 20.25 -16.64
N GLY A 281 -47.30 21.56 -16.42
CA GLY A 281 -48.07 22.50 -17.22
C GLY A 281 -47.36 23.84 -17.37
N SER A 282 -46.08 23.86 -16.98
CA SER A 282 -45.25 25.06 -17.01
C SER A 282 -43.88 24.79 -17.64
N LEU A 283 -43.77 23.64 -18.32
CA LEU A 283 -42.56 23.24 -19.03
C LEU A 283 -42.94 22.36 -20.23
N SER A 284 -44.24 22.06 -20.36
CA SER A 284 -44.77 21.16 -21.40
C SER A 284 -45.37 21.90 -22.59
N ASN A 285 -46.09 22.99 -22.32
CA ASN A 285 -46.62 23.87 -23.37
C ASN A 285 -45.56 24.85 -23.88
N ALA A 286 -44.31 24.39 -23.98
CA ALA A 286 -43.18 25.28 -24.28
C ALA A 286 -42.10 24.65 -25.17
N GLY A 287 -41.22 25.51 -25.68
CA GLY A 287 -40.14 25.11 -26.59
C GLY A 287 -38.77 25.08 -25.94
N ILE A 288 -38.39 23.89 -25.47
CA ILE A 288 -37.05 23.63 -24.95
C ILE A 288 -36.47 22.48 -25.75
N TYR A 289 -35.41 22.76 -26.49
CA TYR A 289 -34.90 21.79 -27.49
C TYR A 289 -33.43 21.42 -27.27
N ILE A 290 -33.22 20.33 -26.54
CA ILE A 290 -31.89 19.94 -26.03
C ILE A 290 -31.13 18.95 -26.93
N ASP A 291 -29.81 18.91 -26.75
CA ASP A 291 -28.93 17.89 -27.35
C ASP A 291 -28.44 16.95 -26.25
N ASP A 292 -28.94 15.71 -26.32
CA ASP A 292 -28.58 14.65 -25.39
C ASP A 292 -27.12 14.20 -25.55
N THR A 293 -26.54 14.54 -26.71
CA THR A 293 -25.19 14.09 -27.08
C THR A 293 -24.10 14.74 -26.22
N PRO A 294 -23.25 13.91 -25.57
CA PRO A 294 -22.14 14.34 -24.71
C PRO A 294 -20.96 14.98 -25.45
N SER A 295 -19.78 14.36 -25.37
CA SER A 295 -18.53 14.94 -25.86
C SER A 295 -18.36 14.96 -27.39
N ILE A 296 -19.23 15.71 -28.06
CA ILE A 296 -19.09 15.97 -29.50
C ILE A 296 -18.66 17.41 -29.72
N ARG A 297 -17.74 17.61 -30.67
CA ARG A 297 -17.21 18.93 -30.96
C ARG A 297 -18.27 19.87 -31.55
N VAL A 298 -17.86 21.10 -31.84
CA VAL A 298 -18.77 22.17 -32.29
C VAL A 298 -19.44 21.88 -33.65
N SER A 299 -18.94 20.87 -34.36
CA SER A 299 -19.38 20.56 -35.73
C SER A 299 -20.85 20.15 -35.84
N ASP A 300 -21.19 19.03 -35.20
CA ASP A 300 -22.56 18.47 -35.22
C ASP A 300 -23.54 19.44 -34.58
N ILE A 301 -23.07 20.19 -33.59
CA ILE A 301 -23.87 21.14 -32.84
C ILE A 301 -24.18 22.39 -33.67
N ARG A 302 -23.16 22.98 -34.30
CA ARG A 302 -23.40 24.14 -35.19
C ARG A 302 -23.94 23.71 -36.55
N ALA A 303 -24.17 22.40 -36.70
CA ALA A 303 -25.00 21.86 -37.77
C ALA A 303 -26.43 21.69 -37.27
N LYS A 304 -26.57 21.57 -35.94
CA LYS A 304 -27.87 21.63 -35.27
C LYS A 304 -28.13 23.03 -34.71
N CYS A 305 -27.39 24.01 -35.24
CA CYS A 305 -27.51 25.41 -34.81
C CYS A 305 -28.04 26.37 -35.88
N ARG A 306 -27.50 26.30 -37.10
CA ARG A 306 -27.93 27.20 -38.18
C ARG A 306 -29.19 26.73 -38.91
N ARG A 307 -29.44 25.42 -38.89
CA ARG A 307 -30.68 24.86 -39.44
C ARG A 307 -31.81 24.89 -38.42
N LEU A 308 -31.45 24.96 -37.14
CA LEU A 308 -32.41 25.12 -36.04
C LEU A 308 -32.71 26.60 -35.79
N LYS A 309 -31.85 27.48 -36.29
CA LYS A 309 -32.05 28.93 -36.25
C LYS A 309 -33.22 29.34 -37.14
N GLN A 310 -33.19 28.85 -38.39
CA GLN A 310 -34.28 29.08 -39.33
C GLN A 310 -35.15 27.82 -39.46
N GLU A 311 -35.81 27.47 -38.35
CA GLU A 311 -36.74 26.33 -38.27
C GLU A 311 -37.68 26.45 -37.05
N SER A 312 -37.09 26.50 -35.85
CA SER A 312 -37.87 26.50 -34.60
C SER A 312 -37.83 27.84 -33.87
N GLY A 313 -36.63 28.29 -33.52
CA GLY A 313 -36.45 29.55 -32.79
C GLY A 313 -35.02 30.00 -32.61
N LEU A 314 -34.43 29.61 -31.46
CA LEU A 314 -33.05 29.96 -31.06
C LEU A 314 -32.84 31.45 -30.72
N GLY A 315 -32.86 31.74 -29.43
CA GLY A 315 -32.53 33.05 -28.90
C GLY A 315 -31.45 32.92 -27.84
N MET A 316 -31.33 31.71 -27.27
CA MET A 316 -30.29 31.40 -26.29
C MET A 316 -29.76 29.98 -26.48
N ILE A 317 -28.50 29.90 -26.89
CA ILE A 317 -27.77 28.63 -26.95
C ILE A 317 -27.32 28.28 -25.53
N VAL A 318 -27.64 27.06 -25.09
CA VAL A 318 -27.37 26.66 -23.69
C VAL A 318 -26.50 25.40 -23.63
N ILE A 319 -25.33 25.52 -23.00
CA ILE A 319 -24.37 24.42 -22.92
C ILE A 319 -24.06 24.04 -21.46
N ASP A 320 -23.44 22.87 -21.30
CA ASP A 320 -22.89 22.44 -20.01
C ASP A 320 -21.39 22.76 -19.97
N TYR A 321 -20.65 22.14 -19.04
CA TYR A 321 -19.27 22.56 -18.76
C TYR A 321 -18.23 22.37 -19.88
N LEU A 322 -17.06 23.02 -19.72
CA LEU A 322 -16.10 23.20 -20.81
C LEU A 322 -15.05 22.09 -20.95
N GLN A 323 -14.13 22.00 -19.98
CA GLN A 323 -12.85 21.28 -20.13
C GLN A 323 -12.94 19.76 -20.41
N LEU A 324 -13.66 19.41 -21.47
CA LEU A 324 -13.73 18.03 -21.98
C LEU A 324 -14.36 17.96 -23.37
N ILE A 325 -15.40 18.74 -23.61
CA ILE A 325 -16.19 18.69 -24.87
C ILE A 325 -15.31 18.72 -26.14
N GLN A 326 -14.83 17.55 -26.54
CA GLN A 326 -13.94 17.42 -27.68
C GLN A 326 -14.67 16.98 -28.95
N GLU A 338 -4.70 21.91 -27.46
CA GLU A 338 -5.33 21.58 -26.19
C GLU A 338 -6.73 22.20 -26.02
N VAL A 339 -6.77 23.44 -25.55
CA VAL A 339 -8.02 24.12 -25.17
C VAL A 339 -8.06 25.59 -25.62
N SER A 340 -6.91 26.26 -25.57
CA SER A 340 -6.80 27.65 -26.05
C SER A 340 -7.16 27.74 -27.53
N GLU A 341 -7.31 26.57 -28.17
CA GLU A 341 -7.71 26.43 -29.56
C GLU A 341 -9.18 26.82 -29.76
N ILE A 342 -10.07 26.04 -29.16
CA ILE A 342 -11.52 26.09 -29.46
C ILE A 342 -12.26 27.24 -28.76
N SER A 343 -11.56 27.95 -27.87
CA SER A 343 -12.14 29.10 -27.15
C SER A 343 -12.60 30.20 -28.11
N ARG A 344 -11.85 30.38 -29.18
CA ARG A 344 -12.15 31.37 -30.20
C ARG A 344 -13.25 30.91 -31.16
N SER A 345 -13.50 29.60 -31.18
CA SER A 345 -14.51 29.02 -32.07
C SER A 345 -15.91 29.58 -31.81
N LEU A 346 -16.16 29.95 -30.56
CA LEU A 346 -17.41 30.61 -30.18
C LEU A 346 -17.34 32.14 -30.28
N LYS A 347 -16.23 32.65 -30.80
CA LYS A 347 -16.03 34.10 -30.98
C LYS A 347 -16.47 34.59 -32.37
N ALA A 348 -16.39 33.73 -33.37
CA ALA A 348 -16.69 34.09 -34.76
C ALA A 348 -18.18 33.96 -35.15
N LEU A 349 -18.99 33.48 -34.21
CA LEU A 349 -20.43 33.29 -34.42
C LEU A 349 -21.25 34.55 -34.14
N ALA A 350 -20.73 35.40 -33.24
CA ALA A 350 -21.45 36.58 -32.76
C ALA A 350 -21.84 37.61 -33.82
N ARG A 351 -21.33 37.43 -35.04
CA ARG A 351 -21.68 38.26 -36.17
C ARG A 351 -22.42 37.47 -37.26
N GLU A 352 -22.58 36.16 -37.02
CA GLU A 352 -23.10 35.22 -38.03
C GLU A 352 -24.57 34.83 -37.81
N LEU A 353 -24.95 34.54 -36.56
CA LEU A 353 -26.32 34.14 -36.22
C LEU A 353 -27.07 35.22 -35.45
N GLU A 354 -26.31 36.07 -34.77
CA GLU A 354 -26.78 37.31 -34.10
C GLU A 354 -27.94 37.18 -33.09
N VAL A 355 -27.54 36.94 -31.83
CA VAL A 355 -28.40 36.62 -30.67
C VAL A 355 -27.50 35.98 -29.58
N PRO A 356 -27.75 36.31 -28.28
CA PRO A 356 -26.77 35.97 -27.23
C PRO A 356 -26.48 34.47 -27.03
N VAL A 357 -25.20 34.15 -26.88
CA VAL A 357 -24.73 32.78 -26.64
C VAL A 357 -24.32 32.62 -25.16
N ILE A 358 -24.56 31.44 -24.61
CA ILE A 358 -24.22 31.14 -23.21
C ILE A 358 -23.35 29.87 -23.14
N ALA A 359 -22.64 29.69 -22.02
CA ALA A 359 -21.78 28.53 -21.82
C ALA A 359 -21.54 28.21 -20.34
N LEU A 360 -20.94 27.06 -20.08
CA LEU A 360 -20.45 26.69 -18.75
C LEU A 360 -19.02 26.16 -18.84
N SER A 361 -18.25 26.36 -17.77
CA SER A 361 -16.82 26.06 -17.78
C SER A 361 -16.32 25.47 -16.46
N GLN A 362 -15.02 25.19 -16.41
CA GLN A 362 -14.32 24.83 -15.17
C GLN A 362 -12.94 25.49 -15.13
N LEU A 363 -12.49 25.85 -13.92
CA LEU A 363 -11.22 26.56 -13.73
C LEU A 363 -10.03 25.60 -13.78
N ARG A 374 -11.56 31.28 -7.55
CA ARG A 374 -11.72 30.94 -6.15
C ARG A 374 -11.99 32.16 -5.24
N PRO A 375 -12.78 33.16 -5.72
CA PRO A 375 -13.41 33.37 -7.01
C PRO A 375 -12.76 34.53 -7.81
N MET A 376 -11.55 34.29 -8.33
CA MET A 376 -10.72 35.36 -8.91
C MET A 376 -11.11 35.86 -10.32
N MET A 377 -10.13 36.15 -11.18
CA MET A 377 -10.39 36.72 -12.50
C MET A 377 -9.65 36.11 -13.71
N SER A 378 -8.38 35.77 -13.54
CA SER A 378 -7.59 35.18 -14.63
C SER A 378 -7.36 33.67 -14.47
N ASP A 379 -8.35 32.98 -13.94
CA ASP A 379 -8.30 31.51 -13.76
C ASP A 379 -8.81 30.75 -14.99
N ILE A 380 -9.91 31.22 -15.58
CA ILE A 380 -10.34 30.69 -16.87
C ILE A 380 -9.56 31.32 -18.01
N ARG A 381 -8.69 32.27 -17.66
CA ARG A 381 -7.65 32.77 -18.57
C ARG A 381 -6.53 31.71 -18.70
N GLU A 382 -6.58 30.67 -17.87
CA GLU A 382 -5.62 29.55 -17.93
C GLU A 382 -6.23 28.27 -18.53
N SER A 383 -7.56 28.16 -18.47
CA SER A 383 -8.28 26.98 -18.97
C SER A 383 -8.86 27.21 -20.37
N GLY A 384 -8.05 27.80 -21.24
CA GLY A 384 -8.45 28.10 -22.62
C GLY A 384 -7.89 29.43 -23.09
N SER A 385 -8.78 30.33 -23.51
CA SER A 385 -8.43 31.72 -23.82
C SER A 385 -9.43 32.63 -23.10
N ILE A 386 -10.71 32.29 -23.26
CA ILE A 386 -11.84 32.77 -22.44
C ILE A 386 -11.98 34.28 -22.16
N GLU A 387 -11.06 34.87 -21.41
CA GLU A 387 -11.18 36.28 -21.01
C GLU A 387 -11.03 37.26 -22.18
N GLN A 388 -10.74 36.72 -23.37
CA GLN A 388 -10.61 37.52 -24.59
C GLN A 388 -11.49 36.98 -25.73
N ASP A 389 -11.97 35.74 -25.59
CA ASP A 389 -12.84 35.12 -26.58
C ASP A 389 -14.27 34.92 -26.07
N ALA A 390 -14.49 35.22 -24.79
CA ALA A 390 -15.82 35.21 -24.17
C ALA A 390 -15.93 36.40 -23.20
N ASP A 391 -16.68 37.41 -23.62
CA ASP A 391 -16.68 38.74 -22.98
C ASP A 391 -16.82 38.76 -21.45
N ILE A 392 -18.04 38.48 -20.96
CA ILE A 392 -18.33 38.48 -19.53
C ILE A 392 -17.73 37.23 -18.89
N VAL A 393 -17.02 37.44 -17.78
CA VAL A 393 -16.24 36.39 -17.13
C VAL A 393 -16.65 36.27 -15.65
N ALA A 394 -17.56 35.32 -15.38
CA ALA A 394 -18.12 35.09 -14.03
C ALA A 394 -17.41 33.96 -13.26
N PHE A 395 -17.48 33.98 -11.92
CA PHE A 395 -16.72 33.05 -11.08
C PHE A 395 -17.48 32.44 -9.88
N LEU A 396 -16.94 31.35 -9.35
CA LEU A 396 -17.53 30.65 -8.19
C LEU A 396 -16.49 30.07 -7.22
N TYR A 397 -16.86 30.04 -5.94
CA TYR A 397 -15.95 29.61 -4.87
C TYR A 397 -16.64 28.67 -3.88
N GLU A 413 -22.28 34.82 -4.16
CA GLU A 413 -21.68 36.06 -4.67
C GLU A 413 -20.80 35.79 -5.91
N ILE A 414 -21.37 36.03 -7.09
CA ILE A 414 -20.66 35.81 -8.36
C ILE A 414 -19.68 36.96 -8.64
N ILE A 415 -18.41 36.79 -8.24
CA ILE A 415 -17.39 37.83 -8.44
C ILE A 415 -17.08 38.04 -9.93
N ILE A 416 -18.00 38.73 -10.59
CA ILE A 416 -17.84 39.11 -11.99
C ILE A 416 -17.09 40.43 -12.01
N ALA A 417 -15.78 40.35 -11.80
CA ALA A 417 -14.93 41.53 -11.70
C ALA A 417 -14.44 42.03 -13.07
N LYS A 418 -14.86 41.35 -14.13
CA LYS A 418 -14.63 41.80 -15.52
C LYS A 418 -15.79 41.42 -16.44
N GLN A 419 -16.48 42.41 -16.98
CA GLN A 419 -17.63 42.20 -17.87
C GLN A 419 -17.83 43.31 -18.90
N ARG A 420 -18.42 42.95 -20.04
CA ARG A 420 -18.58 43.85 -21.18
C ARG A 420 -20.04 44.00 -21.63
N ASN A 421 -20.97 43.49 -20.82
CA ASN A 421 -22.41 43.66 -21.06
C ASN A 421 -23.03 44.53 -19.97
N GLY A 422 -22.54 44.36 -18.74
CA GLY A 422 -22.92 45.19 -17.60
C GLY A 422 -21.69 45.71 -16.87
N PRO A 423 -21.90 46.64 -15.92
CA PRO A 423 -20.80 47.16 -15.08
C PRO A 423 -20.31 46.13 -14.06
N VAL A 424 -19.16 46.39 -13.46
CA VAL A 424 -18.53 45.48 -12.51
C VAL A 424 -19.38 45.30 -11.25
N GLY A 425 -19.77 44.05 -10.99
CA GLY A 425 -20.59 43.70 -9.83
C GLY A 425 -20.42 42.25 -9.42
N THR A 426 -21.34 41.79 -8.57
CA THR A 426 -21.29 40.46 -7.99
C THR A 426 -22.68 40.10 -7.46
N VAL A 427 -23.27 39.05 -8.02
CA VAL A 427 -24.68 38.73 -7.82
C VAL A 427 -24.90 37.72 -6.68
N GLN A 428 -25.17 38.25 -5.48
CA GLN A 428 -25.35 37.42 -4.27
C GLN A 428 -26.52 36.44 -4.40
N LEU A 429 -26.19 35.17 -4.65
CA LEU A 429 -27.17 34.12 -4.87
C LEU A 429 -27.03 32.98 -3.86
N ALA A 430 -28.16 32.62 -3.24
CA ALA A 430 -28.22 31.47 -2.34
C ALA A 430 -28.88 30.28 -3.05
N PHE A 431 -28.95 29.14 -2.36
CA PHE A 431 -29.54 27.93 -2.93
C PHE A 431 -30.52 27.27 -1.96
N ILE A 432 -31.48 26.53 -2.50
CA ILE A 432 -32.51 25.85 -1.69
C ILE A 432 -31.97 24.62 -0.96
N LYS A 433 -31.02 23.94 -1.59
CA LYS A 433 -30.27 22.82 -1.00
C LYS A 433 -30.96 21.44 -1.11
N GLU A 434 -32.19 21.43 -1.62
CA GLU A 434 -32.89 20.18 -1.95
C GLU A 434 -33.80 20.31 -3.17
N TYR A 435 -34.61 21.36 -3.20
CA TYR A 435 -35.57 21.57 -4.29
C TYR A 435 -34.92 22.03 -5.60
N ASN A 436 -33.58 22.06 -5.62
CA ASN A 436 -32.77 22.48 -6.78
C ASN A 436 -33.23 23.81 -7.40
N LYS A 437 -33.30 24.85 -6.57
CA LYS A 437 -33.75 26.16 -7.01
C LYS A 437 -32.80 27.29 -6.58
N PHE A 438 -32.55 28.21 -7.52
CA PHE A 438 -31.79 29.44 -7.24
C PHE A 438 -32.73 30.58 -6.83
N VAL A 439 -32.30 31.37 -5.85
CA VAL A 439 -33.18 32.33 -5.16
C VAL A 439 -32.72 33.80 -5.21
N ASN A 440 -33.68 34.70 -5.34
CA ASN A 440 -33.46 36.15 -5.22
C ASN A 440 -33.17 36.55 -3.75
N LEU A 441 -31.95 37.00 -3.48
CA LEU A 441 -31.57 37.43 -2.13
C LEU A 441 -32.13 38.84 -1.82
N GLU B 15 -10.84 24.87 -58.30
CA GLU B 15 -12.28 25.21 -58.38
C GLU B 15 -12.96 24.98 -57.03
N ALA B 16 -12.97 23.71 -56.61
CA ALA B 16 -13.51 23.32 -55.32
C ALA B 16 -12.44 23.39 -54.24
N GLU B 17 -11.19 23.20 -54.64
CA GLU B 17 -10.04 23.39 -53.75
C GLU B 17 -9.34 24.72 -53.98
N GLN B 18 -9.32 25.19 -55.23
CA GLN B 18 -8.60 26.44 -55.55
C GLN B 18 -9.22 27.69 -54.94
N ALA B 19 -10.56 27.76 -54.95
CA ALA B 19 -11.28 28.89 -54.33
C ALA B 19 -11.45 28.70 -52.82
N VAL B 20 -11.02 27.55 -52.31
CA VAL B 20 -11.29 27.14 -50.94
C VAL B 20 -10.47 27.89 -49.87
N LEU B 21 -9.66 28.85 -50.30
CA LEU B 21 -8.95 29.70 -49.35
C LEU B 21 -9.43 31.14 -49.42
N GLY B 22 -9.85 31.57 -50.61
CA GLY B 22 -10.23 32.96 -50.86
C GLY B 22 -11.42 33.54 -50.12
N ALA B 23 -12.37 32.69 -49.74
CA ALA B 23 -13.61 33.14 -49.10
C ALA B 23 -13.42 33.59 -47.65
N VAL B 24 -12.54 32.92 -46.94
CA VAL B 24 -12.22 33.26 -45.55
C VAL B 24 -11.12 34.32 -45.50
N PHE B 25 -10.48 34.56 -46.64
CA PHE B 25 -9.64 35.74 -46.80
C PHE B 25 -10.54 36.95 -46.79
N LEU B 26 -11.80 36.74 -47.21
CA LEU B 26 -12.75 37.81 -47.46
C LEU B 26 -13.72 38.09 -46.30
N ASP B 27 -14.05 37.07 -45.50
CA ASP B 27 -15.08 37.25 -44.46
C ASP B 27 -14.66 38.09 -43.22
N PRO B 28 -13.67 37.65 -42.41
CA PRO B 28 -12.90 36.40 -42.30
C PRO B 28 -13.30 35.56 -41.07
N ALA B 29 -14.27 36.05 -40.29
CA ALA B 29 -14.79 35.35 -39.12
C ALA B 29 -15.64 34.14 -39.51
N ALA B 30 -15.62 33.81 -40.81
CA ALA B 30 -16.13 32.54 -41.30
C ALA B 30 -14.95 31.57 -41.39
N LEU B 31 -14.14 31.56 -40.34
CA LEU B 31 -12.98 30.68 -40.21
C LEU B 31 -13.38 29.37 -39.51
N VAL B 32 -14.58 29.35 -38.93
CA VAL B 32 -15.04 28.21 -38.12
C VAL B 32 -15.86 27.13 -38.88
N PRO B 33 -16.98 27.52 -39.53
CA PRO B 33 -17.95 26.54 -40.06
C PRO B 33 -17.42 25.40 -40.95
N ALA B 34 -16.24 25.59 -41.55
CA ALA B 34 -15.65 24.56 -42.40
C ALA B 34 -14.68 23.64 -41.64
N SER B 35 -13.84 24.24 -40.79
CA SER B 35 -12.85 23.49 -40.00
C SER B 35 -13.50 22.63 -38.91
N GLU B 36 -14.78 22.92 -38.63
CA GLU B 36 -15.64 22.06 -37.84
C GLU B 36 -15.80 20.72 -38.55
N ILE B 37 -16.32 20.80 -39.78
CA ILE B 37 -16.60 19.63 -40.60
C ILE B 37 -15.31 18.99 -41.14
N LEU B 38 -14.23 19.77 -41.20
CA LEU B 38 -12.92 19.25 -41.61
C LEU B 38 -11.76 19.62 -40.67
N ILE B 39 -11.23 18.62 -39.99
CA ILE B 39 -10.00 18.75 -39.21
C ILE B 39 -8.78 18.97 -40.14
N PRO B 40 -7.63 19.38 -39.58
CA PRO B 40 -6.43 19.74 -40.36
C PRO B 40 -5.84 18.72 -41.36
N GLU B 41 -6.25 17.45 -41.29
CA GLU B 41 -5.65 16.40 -42.14
C GLU B 41 -6.57 15.91 -43.28
N ASP B 42 -7.17 16.84 -44.00
CA ASP B 42 -8.16 16.50 -45.04
C ASP B 42 -7.96 17.17 -46.41
N PHE B 43 -6.82 17.85 -46.58
CA PHE B 43 -6.48 18.55 -47.83
C PHE B 43 -5.68 17.69 -48.81
N TYR B 44 -5.11 18.32 -49.85
CA TYR B 44 -4.19 17.62 -50.76
C TYR B 44 -2.96 18.42 -51.20
N ARG B 45 -3.15 19.40 -52.11
CA ARG B 45 -2.02 20.10 -52.73
C ARG B 45 -1.11 20.68 -51.65
N ALA B 46 0.19 20.46 -51.80
CA ALA B 46 1.18 20.90 -50.82
C ALA B 46 1.39 22.42 -50.84
N ALA B 47 0.28 23.17 -50.71
CA ALA B 47 0.30 24.63 -50.72
C ALA B 47 -0.96 25.21 -50.07
N HIS B 48 -2.12 24.73 -50.49
CA HIS B 48 -3.42 25.16 -49.98
C HIS B 48 -3.65 24.78 -48.52
N GLN B 49 -3.12 23.62 -48.15
CA GLN B 49 -3.10 23.18 -46.76
C GLN B 49 -2.12 24.03 -45.99
N LYS B 50 -0.93 24.23 -46.57
CA LYS B 50 0.04 25.19 -46.05
C LYS B 50 -0.59 26.58 -45.94
N ILE B 51 -1.80 26.72 -46.48
CA ILE B 51 -2.63 27.89 -46.25
C ILE B 51 -3.79 27.51 -45.32
N PHE B 52 -4.42 26.37 -45.56
CA PHE B 52 -5.52 25.86 -44.74
C PHE B 52 -5.14 25.65 -43.26
N HIS B 53 -4.15 24.81 -43.01
CA HIS B 53 -3.66 24.57 -41.64
C HIS B 53 -3.11 25.87 -41.09
N ALA B 54 -2.52 26.68 -41.97
CA ALA B 54 -2.08 28.02 -41.61
C ALA B 54 -3.25 28.95 -41.32
N MET B 55 -4.36 28.76 -42.04
CA MET B 55 -5.60 29.50 -41.77
C MET B 55 -6.13 29.18 -40.38
N LEU B 56 -5.68 28.06 -39.81
CA LEU B 56 -5.94 27.70 -38.42
C LEU B 56 -4.80 28.11 -37.49
N ARG B 57 -3.60 28.24 -38.05
CA ARG B 57 -2.39 28.54 -37.26
C ARG B 57 -2.00 30.03 -37.28
N VAL B 58 -3.01 30.90 -37.18
CA VAL B 58 -2.79 32.37 -37.26
C VAL B 58 -3.57 33.17 -36.20
N ALA B 59 -4.84 32.84 -36.00
CA ALA B 59 -5.78 33.68 -35.24
C ALA B 59 -5.85 33.39 -33.73
N ASP B 60 -4.72 33.09 -33.10
CA ASP B 60 -4.74 32.49 -31.77
C ASP B 60 -4.57 33.43 -30.57
N ARG B 61 -5.24 34.58 -30.59
CA ARG B 61 -5.10 35.56 -29.50
C ARG B 61 -6.41 35.94 -28.75
N GLY B 62 -7.23 36.86 -29.26
CA GLY B 62 -7.06 37.54 -30.55
C GLY B 62 -7.51 36.67 -31.72
N GLU B 63 -7.16 37.05 -32.94
CA GLU B 63 -6.46 38.32 -33.23
C GLU B 63 -7.07 39.18 -34.36
N PRO B 64 -7.58 38.57 -35.47
CA PRO B 64 -7.63 37.17 -35.91
C PRO B 64 -6.83 36.81 -37.20
N VAL B 65 -7.52 36.73 -38.34
CA VAL B 65 -6.95 36.21 -39.61
C VAL B 65 -7.14 37.14 -40.82
N ASP B 66 -6.03 37.57 -41.41
CA ASP B 66 -5.98 38.14 -42.77
C ASP B 66 -4.55 38.01 -43.33
N LEU B 67 -4.40 38.08 -44.66
CA LEU B 67 -3.09 37.93 -45.30
C LEU B 67 -1.99 38.58 -44.48
N VAL B 68 -2.25 39.82 -44.04
CA VAL B 68 -1.36 40.53 -43.13
C VAL B 68 -0.76 39.56 -42.11
N THR B 69 -1.61 38.91 -41.32
CA THR B 69 -1.18 37.93 -40.32
C THR B 69 -1.09 36.51 -40.86
N VAL B 70 -1.52 36.31 -42.10
CA VAL B 70 -1.43 35.00 -42.75
C VAL B 70 -0.19 34.93 -43.65
N THR B 71 -0.04 35.91 -44.55
CA THR B 71 1.20 36.08 -45.31
C THR B 71 2.31 36.59 -44.40
N ALA B 72 2.25 36.20 -43.13
CA ALA B 72 3.23 36.61 -42.13
C ALA B 72 3.80 35.41 -41.40
N GLU B 73 2.92 34.53 -40.89
CA GLU B 73 3.36 33.34 -40.18
C GLU B 73 3.90 32.28 -41.15
N LEU B 74 3.41 32.32 -42.39
CA LEU B 74 3.97 31.52 -43.47
C LEU B 74 5.34 32.06 -43.85
N ALA B 75 5.48 33.38 -43.78
CA ALA B 75 6.77 34.05 -43.95
C ALA B 75 7.65 33.84 -42.72
N ALA B 76 7.01 33.70 -41.57
CA ALA B 76 7.71 33.39 -40.33
C ALA B 76 8.22 31.94 -40.39
N SER B 77 7.32 31.00 -40.61
CA SER B 77 7.71 29.61 -40.88
C SER B 77 8.26 29.50 -42.31
N GLU B 78 8.74 30.63 -42.82
CA GLU B 78 9.50 30.76 -44.08
C GLU B 78 8.97 30.13 -45.37
N GLN B 79 7.76 29.59 -45.30
CA GLN B 79 7.20 28.80 -46.40
C GLN B 79 6.50 29.62 -47.51
N LEU B 80 6.52 30.94 -47.39
CA LEU B 80 5.87 31.80 -48.36
C LEU B 80 6.58 31.84 -49.72
N GLU B 81 7.85 31.43 -49.75
CA GLU B 81 8.58 31.26 -51.01
C GLU B 81 8.57 29.79 -51.43
N GLU B 82 7.84 28.99 -50.67
CA GLU B 82 7.67 27.56 -50.96
C GLU B 82 6.25 27.27 -51.40
N ILE B 83 5.34 28.18 -51.06
CA ILE B 83 3.91 28.06 -51.42
C ILE B 83 3.57 28.87 -52.69
N GLY B 84 4.24 30.00 -52.89
CA GLY B 84 4.07 30.77 -54.12
C GLY B 84 4.58 32.21 -54.15
N GLY B 85 4.56 32.87 -53.00
CA GLY B 85 4.80 34.31 -52.94
C GLY B 85 3.49 35.01 -53.22
N VAL B 86 3.48 36.34 -53.12
CA VAL B 86 2.23 37.12 -53.29
C VAL B 86 1.70 37.23 -54.74
N SER B 87 2.02 36.23 -55.58
CA SER B 87 1.50 36.13 -56.95
C SER B 87 0.11 35.49 -57.00
N TYR B 88 0.05 34.20 -56.62
CA TYR B 88 -1.21 33.47 -56.46
C TYR B 88 -1.93 33.89 -55.16
N LEU B 89 -1.40 34.88 -54.46
CA LEU B 89 -1.95 35.32 -53.16
C LEU B 89 -2.88 36.54 -53.22
N SER B 90 -2.52 37.52 -54.06
CA SER B 90 -3.36 38.70 -54.24
C SER B 90 -4.76 38.32 -54.73
N GLU B 91 -4.82 37.32 -55.60
CA GLU B 91 -6.04 36.93 -56.30
C GLU B 91 -7.11 36.29 -55.42
N LEU B 92 -6.79 35.17 -54.77
CA LEU B 92 -7.78 34.41 -54.00
C LEU B 92 -8.59 35.26 -53.03
N ALA B 93 -7.92 36.20 -52.37
CA ALA B 93 -8.57 37.17 -51.50
C ALA B 93 -9.50 38.10 -52.28
N ASP B 94 -9.03 38.57 -53.43
CA ASP B 94 -9.73 39.58 -54.23
C ASP B 94 -10.92 39.07 -55.06
N ALA B 95 -10.78 37.87 -55.60
CA ALA B 95 -11.68 37.36 -56.65
C ALA B 95 -12.97 36.69 -56.16
N VAL B 96 -12.84 35.79 -55.19
CA VAL B 96 -13.97 35.02 -54.65
C VAL B 96 -15.13 35.95 -54.28
N PRO B 97 -16.27 35.79 -54.97
CA PRO B 97 -17.38 36.74 -54.83
C PRO B 97 -18.18 36.66 -53.53
N THR B 98 -18.52 35.44 -53.09
CA THR B 98 -19.29 35.29 -51.84
C THR B 98 -18.71 34.28 -50.84
N ALA B 99 -18.86 34.60 -49.56
CA ALA B 99 -18.53 33.69 -48.46
C ALA B 99 -19.76 33.50 -47.59
N ALA B 100 -20.79 32.90 -48.19
CA ALA B 100 -22.05 32.62 -47.53
C ALA B 100 -22.29 31.12 -47.46
N ASN B 101 -21.82 30.41 -48.49
CA ASN B 101 -21.85 28.95 -48.53
C ASN B 101 -21.04 28.40 -47.37
N VAL B 102 -19.72 28.55 -47.48
CA VAL B 102 -18.75 28.31 -46.38
C VAL B 102 -18.64 26.85 -45.89
N GLU B 103 -19.68 26.04 -46.12
CA GLU B 103 -19.73 24.65 -45.61
C GLU B 103 -18.45 23.83 -45.86
N TYR B 104 -18.13 23.39 -47.09
CA TYR B 104 -19.01 23.40 -48.27
C TYR B 104 -18.78 22.26 -49.29
N TYR B 105 -17.60 22.07 -49.92
CA TYR B 105 -16.22 22.46 -49.52
C TYR B 105 -15.68 21.52 -48.43
N ALA B 106 -15.96 21.85 -47.18
CA ALA B 106 -15.74 20.90 -46.11
C ALA B 106 -16.84 19.83 -46.15
N ARG B 107 -17.67 19.90 -47.18
CA ARG B 107 -18.78 18.95 -47.39
C ARG B 107 -18.89 18.43 -48.82
N ILE B 108 -18.17 19.06 -49.75
CA ILE B 108 -18.15 18.61 -51.15
C ILE B 108 -16.74 18.17 -51.58
N VAL B 109 -15.71 18.76 -50.97
CA VAL B 109 -14.33 18.27 -51.13
C VAL B 109 -13.99 17.34 -49.95
N GLU B 110 -15.02 17.03 -49.16
CA GLU B 110 -14.92 16.10 -48.04
C GLU B 110 -14.78 14.65 -48.53
N GLU B 111 -15.28 14.39 -49.74
CA GLU B 111 -15.24 13.05 -50.34
C GLU B 111 -13.82 12.55 -50.60
N LYS B 112 -12.93 13.47 -50.99
CA LYS B 112 -11.49 13.17 -51.12
C LYS B 112 -10.89 12.74 -49.78
N SER B 113 -11.41 13.30 -48.70
CA SER B 113 -11.03 12.89 -47.33
C SER B 113 -11.73 11.59 -46.92
N VAL B 114 -12.98 11.41 -47.36
CA VAL B 114 -13.72 10.16 -47.15
C VAL B 114 -12.95 8.99 -47.75
N LEU B 115 -12.32 9.23 -48.89
CA LEU B 115 -11.38 8.29 -49.49
C LEU B 115 -10.11 8.19 -48.64
N ARG B 116 -9.50 9.33 -48.30
CA ARG B 116 -8.31 9.36 -47.43
C ARG B 116 -8.58 8.77 -46.04
N ARG B 117 -9.83 8.33 -45.85
CA ARG B 117 -10.24 7.57 -44.67
C ARG B 117 -10.63 6.13 -45.04
N LEU B 118 -11.19 5.95 -46.24
CA LEU B 118 -11.60 4.63 -46.72
C LEU B 118 -10.75 4.11 -47.91
N ILE B 119 -9.47 4.46 -47.90
CA ILE B 119 -8.47 3.89 -48.83
C ILE B 119 -7.46 3.00 -48.08
N ARG B 120 -6.82 3.58 -47.06
CA ARG B 120 -5.71 2.93 -46.34
C ARG B 120 -6.13 1.67 -45.55
N THR B 121 -7.45 1.50 -45.39
CA THR B 121 -8.00 0.37 -44.64
C THR B 121 -8.16 -0.85 -45.53
N ALA B 122 -8.75 -0.65 -46.71
CA ALA B 122 -9.00 -1.71 -47.68
C ALA B 122 -7.72 -2.42 -48.10
N THR B 123 -6.66 -1.65 -48.33
CA THR B 123 -5.36 -2.20 -48.71
C THR B 123 -4.68 -2.87 -47.51
N SER B 124 -4.98 -2.37 -46.30
CA SER B 124 -4.49 -3.01 -45.09
C SER B 124 -5.21 -4.33 -44.84
N ILE B 125 -6.23 -4.60 -45.66
CA ILE B 125 -6.90 -5.90 -45.69
C ILE B 125 -6.37 -6.71 -46.87
N ALA B 126 -6.33 -6.05 -48.04
CA ALA B 126 -5.97 -6.70 -49.29
C ALA B 126 -4.50 -7.10 -49.36
N GLN B 127 -3.62 -6.14 -49.06
CA GLN B 127 -2.18 -6.37 -49.10
C GLN B 127 -1.70 -7.20 -47.90
N ASP B 128 -2.53 -7.26 -46.85
CA ASP B 128 -2.32 -8.21 -45.75
C ASP B 128 -2.37 -9.65 -46.28
N GLY B 129 -2.84 -9.80 -47.52
CA GLY B 129 -2.81 -11.08 -48.22
C GLY B 129 -1.68 -11.19 -49.22
N TYR B 130 -0.63 -10.37 -49.07
CA TYR B 130 0.55 -10.42 -49.95
C TYR B 130 1.88 -10.04 -49.29
N THR B 131 1.97 -8.81 -48.78
CA THR B 131 3.17 -8.36 -48.05
C THR B 131 3.20 -8.92 -46.62
N ARG B 132 2.05 -9.39 -46.15
CA ARG B 132 1.94 -10.13 -44.88
C ARG B 132 1.64 -11.60 -45.20
N GLU B 133 1.12 -12.37 -44.23
CA GLU B 133 0.58 -13.75 -44.45
C GLU B 133 1.04 -15.01 -43.62
N ASP B 134 1.81 -14.95 -42.53
CA ASP B 134 2.41 -13.82 -41.79
C ASP B 134 1.45 -12.96 -40.93
N GLU B 135 0.62 -13.65 -40.15
CA GLU B 135 -0.31 -13.09 -39.14
C GLU B 135 -1.57 -13.92 -38.94
N ILE B 136 -1.97 -14.65 -39.98
CA ILE B 136 -3.15 -15.52 -40.01
C ILE B 136 -4.46 -14.76 -39.83
N ASP B 137 -4.88 -14.59 -38.57
CA ASP B 137 -6.19 -14.04 -38.24
C ASP B 137 -6.17 -12.51 -38.22
N VAL B 138 -4.98 -11.93 -38.28
CA VAL B 138 -4.83 -10.48 -38.28
C VAL B 138 -5.24 -9.93 -39.64
N LEU B 139 -5.01 -10.72 -40.68
CA LEU B 139 -5.47 -10.42 -42.03
C LEU B 139 -6.97 -10.70 -42.12
N LEU B 140 -7.48 -11.47 -41.16
CA LEU B 140 -8.91 -11.71 -41.01
C LEU B 140 -9.59 -10.60 -40.24
N ASP B 141 -8.91 -10.04 -39.25
CA ASP B 141 -9.57 -9.25 -38.20
C ASP B 141 -9.04 -7.84 -37.91
N GLU B 142 -7.72 -7.63 -37.93
CA GLU B 142 -7.20 -6.24 -37.92
C GLU B 142 -7.39 -5.65 -39.31
N ALA B 143 -7.84 -6.50 -40.23
CA ALA B 143 -8.38 -6.11 -41.51
C ALA B 143 -9.72 -5.40 -41.30
N ASP B 144 -10.44 -5.83 -40.27
CA ASP B 144 -11.77 -5.29 -39.96
C ASP B 144 -11.74 -4.14 -38.93
N ARG B 145 -10.61 -3.42 -38.82
CA ARG B 145 -10.39 -2.44 -37.74
C ARG B 145 -10.74 -0.97 -38.03
N LYS B 146 -10.14 -0.39 -39.07
CA LYS B 146 -10.13 1.07 -39.24
C LYS B 146 -11.11 1.67 -40.28
N ILE B 147 -12.09 0.88 -40.72
CA ILE B 147 -13.03 1.33 -41.77
C ILE B 147 -14.01 2.40 -41.28
N MET B 148 -14.42 2.30 -40.02
CA MET B 148 -15.28 3.31 -39.37
C MET B 148 -14.59 4.68 -39.33
N GLU B 149 -13.27 4.65 -39.17
CA GLU B 149 -12.44 5.85 -39.07
C GLU B 149 -12.32 6.60 -40.40
N ILE B 183 -42.72 -3.67 -20.38
CA ILE B 183 -42.80 -4.82 -21.26
C ILE B 183 -43.20 -4.38 -22.68
N THR B 184 -42.33 -4.68 -23.64
CA THR B 184 -42.56 -4.32 -25.05
C THR B 184 -43.30 -5.39 -25.88
N GLY B 185 -43.06 -6.69 -25.63
CA GLY B 185 -42.20 -7.16 -24.55
C GLY B 185 -41.52 -8.48 -24.78
N ILE B 186 -40.26 -8.55 -24.35
CA ILE B 186 -39.46 -9.77 -24.47
C ILE B 186 -39.43 -10.49 -23.14
N PRO B 187 -40.02 -11.71 -23.09
CA PRO B 187 -40.35 -12.43 -21.86
C PRO B 187 -39.16 -12.76 -20.97
N THR B 188 -39.04 -12.04 -19.85
CA THR B 188 -38.02 -12.33 -18.84
C THR B 188 -38.33 -13.65 -18.15
N GLY B 189 -39.61 -13.88 -17.86
CA GLY B 189 -40.08 -15.17 -17.33
C GLY B 189 -40.38 -15.23 -15.84
N PHE B 190 -40.46 -14.07 -15.19
CA PHE B 190 -40.67 -13.97 -13.75
C PHE B 190 -41.84 -13.06 -13.38
N THR B 191 -41.83 -12.56 -12.14
CA THR B 191 -42.84 -11.62 -11.66
C THR B 191 -42.25 -10.20 -11.57
N GLU B 192 -41.66 -9.85 -10.43
CA GLU B 192 -41.20 -8.47 -10.22
C GLU B 192 -39.80 -8.19 -10.81
N LEU B 193 -39.31 -9.11 -11.65
CA LEU B 193 -38.20 -8.83 -12.57
C LEU B 193 -38.77 -8.54 -13.95
N ASP B 194 -40.03 -8.91 -14.14
CA ASP B 194 -40.76 -8.62 -15.37
C ASP B 194 -41.61 -7.35 -15.18
N ARG B 195 -41.90 -7.05 -13.91
CA ARG B 195 -42.84 -5.97 -13.55
C ARG B 195 -42.17 -4.65 -13.15
N MET B 196 -40.89 -4.69 -12.81
CA MET B 196 -40.17 -3.51 -12.35
C MET B 196 -38.90 -3.23 -13.17
N THR B 197 -38.96 -3.53 -14.47
CA THR B 197 -37.81 -3.38 -15.37
C THR B 197 -38.15 -2.74 -16.72
N SER B 198 -39.36 -3.02 -17.22
CA SER B 198 -39.84 -2.60 -18.55
C SER B 198 -39.14 -3.28 -19.73
N GLY B 199 -39.70 -4.41 -20.16
CA GLY B 199 -39.29 -5.06 -21.40
C GLY B 199 -38.88 -6.53 -21.31
N PHE B 200 -37.68 -6.84 -21.80
CA PHE B 200 -36.76 -5.83 -22.32
C PHE B 200 -37.11 -5.39 -23.72
N GLN B 201 -36.82 -4.12 -24.02
CA GLN B 201 -36.97 -3.60 -25.38
C GLN B 201 -35.73 -3.96 -26.19
N ARG B 202 -35.82 -3.76 -27.50
CA ARG B 202 -34.72 -4.02 -28.42
C ARG B 202 -33.54 -3.07 -28.16
N SER B 203 -32.33 -3.55 -28.43
CA SER B 203 -31.10 -2.74 -28.48
C SER B 203 -30.36 -2.44 -27.16
N ASP B 204 -30.97 -2.74 -26.02
CA ASP B 204 -30.36 -2.42 -24.71
C ASP B 204 -29.14 -3.31 -24.38
N LEU B 205 -28.10 -2.70 -23.80
CA LEU B 205 -26.95 -3.44 -23.27
C LEU B 205 -26.96 -3.46 -21.74
N ILE B 206 -27.35 -4.59 -21.18
CA ILE B 206 -27.51 -4.76 -19.72
C ILE B 206 -26.24 -5.31 -19.08
N ILE B 207 -26.09 -5.09 -17.78
CA ILE B 207 -24.95 -5.59 -16.99
C ILE B 207 -25.38 -5.91 -15.55
N VAL B 208 -25.69 -7.19 -15.30
CA VAL B 208 -26.18 -7.63 -14.00
C VAL B 208 -25.10 -8.45 -13.27
N ALA B 209 -24.45 -7.81 -12.29
CA ALA B 209 -23.35 -8.42 -11.54
C ALA B 209 -23.73 -8.73 -10.08
N ALA B 210 -22.94 -9.60 -9.45
CA ALA B 210 -23.14 -10.00 -8.03
C ALA B 210 -21.87 -10.59 -7.44
N ARG B 211 -21.89 -10.84 -6.12
CA ARG B 211 -20.80 -11.58 -5.46
C ARG B 211 -21.07 -13.10 -5.55
N PRO B 212 -20.10 -13.85 -6.13
CA PRO B 212 -20.15 -15.21 -6.68
C PRO B 212 -21.02 -16.27 -6.00
N SER B 213 -21.40 -17.27 -6.78
CA SER B 213 -22.27 -18.39 -6.38
C SER B 213 -23.71 -17.95 -6.10
N VAL B 214 -23.84 -16.79 -5.46
CA VAL B 214 -25.13 -16.18 -5.17
C VAL B 214 -25.83 -15.77 -6.49
N GLY B 215 -25.20 -14.86 -7.23
CA GLY B 215 -25.79 -14.35 -8.48
C GLY B 215 -24.83 -14.11 -9.64
N LYS B 216 -23.63 -14.69 -9.56
CA LYS B 216 -22.65 -14.62 -10.66
C LYS B 216 -23.16 -15.44 -11.85
N THR B 217 -23.38 -16.73 -11.60
CA THR B 217 -23.84 -17.67 -12.61
C THR B 217 -24.91 -18.58 -12.00
N ALA B 218 -26.15 -18.09 -12.04
CA ALA B 218 -27.35 -18.81 -11.63
C ALA B 218 -28.55 -18.17 -12.30
N PHE B 219 -28.26 -17.35 -13.31
CA PHE B 219 -29.26 -16.53 -14.00
C PHE B 219 -29.19 -16.72 -15.52
N ALA B 220 -27.99 -16.99 -16.04
CA ALA B 220 -27.76 -17.20 -17.47
C ALA B 220 -28.50 -18.45 -18.00
N LEU B 221 -29.29 -19.07 -17.13
CA LEU B 221 -30.14 -20.20 -17.49
C LEU B 221 -31.61 -19.87 -17.28
N ASN B 222 -31.88 -18.79 -16.56
CA ASN B 222 -33.24 -18.39 -16.15
C ASN B 222 -34.13 -17.83 -17.26
N ILE B 223 -33.68 -16.75 -17.89
CA ILE B 223 -34.39 -16.19 -19.05
C ILE B 223 -34.03 -17.00 -20.30
N ALA B 224 -32.99 -17.82 -20.18
CA ALA B 224 -32.53 -18.73 -21.25
C ALA B 224 -33.52 -19.87 -21.51
N GLN B 225 -34.40 -20.11 -20.55
CA GLN B 225 -35.52 -21.03 -20.73
C GLN B 225 -36.84 -20.33 -20.36
N ASN B 226 -36.91 -19.04 -20.69
CA ASN B 226 -38.12 -18.22 -20.52
C ASN B 226 -38.33 -17.23 -21.67
N VAL B 227 -37.59 -17.45 -22.76
CA VAL B 227 -37.87 -16.84 -24.07
C VAL B 227 -37.79 -17.96 -25.09
N ALA B 228 -36.87 -18.90 -24.84
CA ALA B 228 -36.68 -20.09 -25.66
C ALA B 228 -37.80 -21.10 -25.44
N THR B 229 -38.07 -21.42 -24.18
CA THR B 229 -39.23 -22.23 -23.81
C THR B 229 -40.41 -21.33 -23.39
N LYS B 230 -40.57 -20.22 -24.10
CA LYS B 230 -41.73 -19.32 -23.96
C LYS B 230 -42.34 -18.90 -25.32
N THR B 231 -41.55 -18.24 -26.16
CA THR B 231 -41.99 -17.87 -27.51
C THR B 231 -41.16 -18.56 -28.61
N ASN B 232 -41.78 -18.83 -29.74
CA ASN B 232 -41.15 -19.60 -30.82
C ASN B 232 -40.07 -18.84 -31.60
N GLU B 233 -38.81 -19.02 -31.20
CA GLU B 233 -37.65 -18.40 -31.87
C GLU B 233 -36.34 -19.13 -31.48
N ASN B 234 -35.25 -18.83 -32.19
CA ASN B 234 -33.95 -19.51 -31.99
C ASN B 234 -32.87 -18.60 -31.40
N VAL B 235 -32.93 -18.38 -30.10
CA VAL B 235 -32.06 -17.42 -29.40
C VAL B 235 -30.61 -17.88 -29.21
N ALA B 236 -29.78 -16.99 -28.68
CA ALA B 236 -28.36 -17.28 -28.43
C ALA B 236 -28.04 -17.28 -26.94
N ILE B 237 -27.73 -18.48 -26.41
CA ILE B 237 -27.40 -18.67 -25.01
C ILE B 237 -25.96 -19.15 -24.85
N PHE B 238 -25.08 -18.26 -24.39
CA PHE B 238 -23.65 -18.55 -24.31
C PHE B 238 -23.22 -19.17 -22.98
N SER B 239 -21.96 -19.56 -22.91
CA SER B 239 -21.35 -20.06 -21.69
C SER B 239 -19.85 -19.77 -21.73
N LEU B 240 -19.39 -18.93 -20.81
CA LEU B 240 -17.98 -18.50 -20.78
C LEU B 240 -17.25 -18.92 -19.51
N GLU B 241 -17.69 -18.44 -18.34
CA GLU B 241 -17.09 -18.85 -17.07
C GLU B 241 -17.10 -20.35 -16.94
N MET B 242 -18.30 -20.92 -17.09
CA MET B 242 -18.48 -22.37 -17.09
C MET B 242 -18.27 -22.98 -18.47
N SER B 243 -17.79 -24.22 -18.49
CA SER B 243 -17.56 -24.94 -19.74
C SER B 243 -18.83 -25.09 -20.56
N ALA B 244 -18.65 -25.41 -21.84
CA ALA B 244 -19.74 -25.48 -22.82
C ALA B 244 -20.97 -26.23 -22.32
N GLN B 245 -20.85 -27.56 -22.24
CA GLN B 245 -22.00 -28.44 -22.01
C GLN B 245 -22.04 -29.09 -20.62
N GLN B 246 -21.10 -28.67 -19.77
CA GLN B 246 -21.16 -28.97 -18.34
C GLN B 246 -22.31 -28.14 -17.75
N LEU B 247 -22.60 -27.03 -18.43
CA LEU B 247 -23.74 -26.15 -18.16
C LEU B 247 -25.10 -26.82 -18.43
N VAL B 248 -25.09 -27.91 -19.20
CA VAL B 248 -26.29 -28.71 -19.46
C VAL B 248 -26.50 -29.74 -18.34
N MET B 249 -25.41 -30.19 -17.73
CA MET B 249 -25.47 -30.97 -16.50
C MET B 249 -25.60 -30.00 -15.31
N ARG B 250 -26.16 -28.83 -15.61
CA ARG B 250 -26.52 -27.79 -14.64
C ARG B 250 -27.93 -27.26 -14.90
N MET B 251 -28.38 -27.36 -16.16
CA MET B 251 -29.75 -26.94 -16.54
C MET B 251 -30.71 -28.13 -16.71
N LEU B 252 -30.17 -29.34 -16.68
CA LEU B 252 -30.98 -30.55 -16.46
C LEU B 252 -31.16 -30.72 -14.96
N CYS B 253 -30.63 -29.74 -14.21
CA CYS B 253 -30.78 -29.64 -12.77
C CYS B 253 -31.82 -28.55 -12.45
N ALA B 254 -32.30 -27.89 -13.50
CA ALA B 254 -33.30 -26.83 -13.39
C ALA B 254 -34.52 -27.08 -14.29
N GLU B 255 -34.28 -27.50 -15.54
CA GLU B 255 -35.36 -27.91 -16.45
C GLU B 255 -35.58 -29.41 -16.31
N GLY B 256 -36.80 -29.80 -15.90
CA GLY B 256 -37.09 -31.18 -15.53
C GLY B 256 -36.70 -31.45 -14.10
N ASN B 257 -35.75 -30.65 -13.60
CA ASN B 257 -35.26 -30.67 -12.22
C ASN B 257 -34.71 -32.01 -11.75
N ILE B 258 -33.56 -32.37 -12.29
CA ILE B 258 -32.89 -33.62 -11.95
C ILE B 258 -31.46 -33.34 -11.48
N ASN B 259 -31.30 -33.25 -10.15
CA ASN B 259 -30.00 -32.98 -9.52
C ASN B 259 -29.99 -33.33 -8.04
N ALA B 260 -31.08 -33.91 -7.55
CA ALA B 260 -31.27 -34.05 -6.11
C ALA B 260 -31.51 -35.49 -5.62
N GLN B 261 -31.14 -36.48 -6.42
CA GLN B 261 -31.46 -37.88 -6.08
C GLN B 261 -30.33 -38.93 -5.92
N ASN B 262 -29.06 -38.62 -6.19
CA ASN B 262 -28.55 -37.37 -6.73
C ASN B 262 -28.34 -37.61 -8.22
N LEU B 263 -28.24 -36.53 -9.01
CA LEU B 263 -27.82 -36.65 -10.40
C LEU B 263 -26.33 -37.03 -10.42
N ARG B 264 -25.70 -36.99 -9.25
CA ARG B 264 -24.28 -37.22 -9.09
C ARG B 264 -24.00 -38.28 -8.00
N THR B 265 -24.33 -39.54 -8.31
CA THR B 265 -24.11 -40.70 -7.41
C THR B 265 -24.07 -42.09 -8.07
N GLY B 266 -24.46 -42.18 -9.34
CA GLY B 266 -24.50 -43.45 -10.07
C GLY B 266 -25.55 -43.42 -11.17
N LYS B 267 -26.81 -43.50 -10.76
CA LYS B 267 -27.97 -43.24 -11.62
C LYS B 267 -28.92 -42.28 -10.87
N LEU B 268 -30.21 -42.62 -10.78
CA LEU B 268 -31.20 -41.79 -10.07
C LEU B 268 -32.34 -42.63 -9.44
N THR B 269 -32.90 -42.14 -8.33
CA THR B 269 -33.99 -42.84 -7.62
C THR B 269 -35.23 -43.01 -8.50
N PRO B 270 -36.12 -43.96 -8.14
CA PRO B 270 -37.42 -44.06 -8.81
C PRO B 270 -38.27 -42.78 -8.65
N GLU B 271 -37.66 -41.62 -8.90
CA GLU B 271 -38.31 -40.32 -8.80
C GLU B 271 -37.70 -39.29 -9.75
N ASP B 272 -37.07 -39.77 -10.83
CA ASP B 272 -36.42 -38.91 -11.82
C ASP B 272 -36.75 -39.34 -13.24
N TRP B 273 -37.59 -40.35 -13.37
CA TRP B 273 -37.79 -41.06 -14.65
C TRP B 273 -38.93 -40.48 -15.51
N GLY B 274 -40.18 -40.69 -15.12
CA GLY B 274 -41.34 -40.14 -15.85
C GLY B 274 -41.46 -38.64 -15.63
N LYS B 275 -40.52 -37.90 -16.22
CA LYS B 275 -40.20 -36.54 -15.76
C LYS B 275 -39.65 -35.66 -16.88
N LEU B 276 -38.92 -36.26 -17.82
CA LEU B 276 -38.11 -35.48 -18.77
C LEU B 276 -38.13 -35.91 -20.25
N THR B 277 -38.41 -37.19 -20.55
CA THR B 277 -38.40 -37.67 -21.94
C THR B 277 -39.62 -37.25 -22.77
N MET B 278 -40.74 -37.04 -22.08
CA MET B 278 -41.93 -36.42 -22.66
C MET B 278 -41.60 -34.98 -23.03
N ALA B 279 -40.33 -34.61 -22.82
CA ALA B 279 -39.80 -33.27 -23.09
C ALA B 279 -38.30 -33.27 -23.47
N MET B 280 -37.72 -34.45 -23.65
CA MET B 280 -36.34 -34.54 -24.16
C MET B 280 -36.34 -34.30 -25.67
N GLY B 281 -37.51 -34.50 -26.27
CA GLY B 281 -37.78 -34.01 -27.62
C GLY B 281 -38.22 -32.56 -27.58
N SER B 282 -37.70 -31.80 -26.60
CA SER B 282 -37.95 -30.37 -26.47
C SER B 282 -36.84 -29.69 -25.62
N LEU B 283 -35.61 -29.76 -26.12
CA LEU B 283 -34.46 -29.16 -25.45
C LEU B 283 -33.53 -28.48 -26.45
N SER B 284 -33.22 -29.18 -27.54
CA SER B 284 -32.53 -28.59 -28.67
C SER B 284 -33.52 -28.34 -29.81
N ASN B 285 -34.79 -28.59 -29.52
CA ASN B 285 -35.90 -28.27 -30.42
C ASN B 285 -36.50 -26.92 -30.05
N ALA B 286 -36.46 -26.61 -28.75
CA ALA B 286 -36.85 -25.29 -28.24
C ALA B 286 -35.60 -24.47 -27.93
N GLY B 287 -35.43 -23.39 -28.68
CA GLY B 287 -34.20 -22.57 -28.73
C GLY B 287 -33.19 -22.53 -27.60
N ILE B 288 -32.48 -23.64 -27.37
CA ILE B 288 -31.36 -23.65 -26.45
C ILE B 288 -30.11 -24.20 -27.13
N TYR B 289 -29.32 -23.29 -27.72
CA TYR B 289 -28.04 -23.61 -28.35
C TYR B 289 -26.87 -23.25 -27.42
N ILE B 290 -25.74 -23.93 -27.59
CA ILE B 290 -24.56 -23.74 -26.72
C ILE B 290 -23.26 -23.61 -27.53
N ASP B 291 -22.36 -22.75 -27.05
CA ASP B 291 -21.09 -22.45 -27.73
C ASP B 291 -19.92 -23.30 -27.21
N ASP B 292 -19.07 -23.76 -28.13
CA ASP B 292 -17.87 -24.54 -27.79
C ASP B 292 -16.53 -23.90 -28.24
N THR B 293 -16.09 -22.87 -27.51
CA THR B 293 -14.84 -22.12 -27.81
C THR B 293 -14.27 -21.39 -26.58
N PRO B 294 -12.93 -21.50 -26.34
CA PRO B 294 -12.24 -20.89 -25.19
C PRO B 294 -12.02 -19.37 -25.23
N SER B 295 -10.79 -18.94 -25.53
CA SER B 295 -10.40 -17.54 -25.49
C SER B 295 -10.99 -16.71 -26.64
N ILE B 296 -12.31 -16.59 -26.64
CA ILE B 296 -13.01 -15.76 -27.61
C ILE B 296 -13.15 -14.34 -27.09
N ARG B 297 -12.47 -13.41 -27.75
CA ARG B 297 -12.57 -12.00 -27.41
C ARG B 297 -13.88 -11.43 -27.93
N VAL B 298 -13.95 -10.10 -28.02
CA VAL B 298 -15.08 -9.42 -28.61
C VAL B 298 -15.13 -9.71 -30.12
N SER B 299 -13.98 -9.58 -30.77
CA SER B 299 -13.84 -9.96 -32.18
C SER B 299 -13.68 -11.48 -32.30
N ASP B 300 -14.76 -12.18 -32.00
CA ASP B 300 -14.82 -13.65 -31.97
C ASP B 300 -16.25 -14.15 -31.85
N ILE B 301 -17.21 -13.22 -31.71
CA ILE B 301 -18.58 -13.57 -31.32
C ILE B 301 -19.72 -12.96 -32.15
N ARG B 302 -19.57 -11.72 -32.62
CA ARG B 302 -20.64 -11.03 -33.37
C ARG B 302 -21.25 -11.91 -34.47
N ALA B 303 -20.41 -12.71 -35.12
CA ALA B 303 -20.83 -13.64 -36.17
C ALA B 303 -21.86 -14.65 -35.69
N LYS B 304 -21.70 -15.11 -34.45
CA LYS B 304 -22.64 -16.02 -33.82
C LYS B 304 -24.01 -15.37 -33.63
N CYS B 305 -24.13 -14.11 -34.08
CA CYS B 305 -25.38 -13.37 -34.07
C CYS B 305 -25.56 -12.61 -35.39
N ARG B 306 -24.58 -12.75 -36.28
CA ARG B 306 -24.62 -12.13 -37.60
C ARG B 306 -25.17 -13.10 -38.64
N ARG B 307 -24.87 -14.39 -38.46
CA ARG B 307 -25.40 -15.46 -39.30
C ARG B 307 -26.43 -16.34 -38.55
N LEU B 308 -26.74 -15.96 -37.30
CA LEU B 308 -27.73 -16.69 -36.52
C LEU B 308 -29.03 -15.91 -36.33
N LYS B 309 -29.06 -14.66 -36.80
CA LYS B 309 -30.27 -13.83 -36.81
C LYS B 309 -30.83 -13.64 -38.22
N GLN B 310 -29.94 -13.72 -39.22
CA GLN B 310 -30.32 -13.63 -40.63
C GLN B 310 -30.94 -14.93 -41.17
N GLU B 311 -30.43 -16.08 -40.73
CA GLU B 311 -30.83 -17.40 -41.25
C GLU B 311 -31.54 -18.33 -40.26
N SER B 312 -31.34 -18.12 -38.96
CA SER B 312 -31.96 -18.96 -37.92
C SER B 312 -33.17 -18.31 -37.23
N GLY B 313 -32.90 -17.37 -36.32
CA GLY B 313 -33.94 -16.66 -35.58
C GLY B 313 -33.37 -15.53 -34.73
N LEU B 314 -32.90 -15.89 -33.53
CA LEU B 314 -32.21 -14.98 -32.60
C LEU B 314 -33.03 -13.74 -32.20
N GLY B 315 -33.77 -13.87 -31.09
CA GLY B 315 -34.55 -12.78 -30.54
C GLY B 315 -33.91 -12.15 -29.31
N MET B 316 -32.87 -12.81 -28.80
CA MET B 316 -32.09 -12.31 -27.67
C MET B 316 -30.74 -13.03 -27.59
N ILE B 317 -29.76 -12.37 -26.98
CA ILE B 317 -28.41 -12.90 -26.88
C ILE B 317 -27.96 -13.01 -25.42
N VAL B 318 -28.24 -14.16 -24.81
CA VAL B 318 -27.80 -14.45 -23.44
C VAL B 318 -26.33 -14.78 -23.47
N ILE B 319 -25.54 -14.13 -22.62
CA ILE B 319 -24.09 -14.32 -22.60
C ILE B 319 -23.54 -14.51 -21.17
N ASP B 320 -22.28 -14.90 -21.07
CA ASP B 320 -21.58 -15.07 -19.79
C ASP B 320 -20.56 -13.96 -19.56
N TYR B 321 -19.98 -13.91 -18.36
CA TYR B 321 -19.24 -12.73 -17.86
C TYR B 321 -18.07 -12.22 -18.73
N LEU B 322 -17.74 -10.94 -18.51
CA LEU B 322 -16.75 -10.21 -19.31
C LEU B 322 -15.32 -10.75 -19.19
N GLN B 323 -14.92 -11.10 -17.96
CA GLN B 323 -13.53 -11.50 -17.65
C GLN B 323 -13.03 -12.70 -18.46
N LEU B 324 -13.96 -13.38 -19.13
CA LEU B 324 -13.65 -14.54 -19.95
C LEU B 324 -13.54 -14.14 -21.43
N ILE B 325 -14.58 -13.45 -21.93
CA ILE B 325 -14.55 -12.86 -23.28
C ILE B 325 -13.57 -11.68 -23.31
N GLN B 326 -12.32 -11.97 -23.64
CA GLN B 326 -11.25 -10.96 -23.56
C GLN B 326 -11.16 -10.07 -24.80
N GLU B 338 -8.60 0.77 -22.22
CA GLU B 338 -8.56 -0.60 -22.69
C GLU B 338 -9.94 -1.28 -22.67
N VAL B 339 -10.77 -0.92 -21.69
CA VAL B 339 -12.09 -1.55 -21.51
C VAL B 339 -13.24 -0.52 -21.53
N SER B 340 -13.25 0.30 -22.59
CA SER B 340 -14.31 1.31 -22.81
C SER B 340 -14.67 1.42 -24.28
N GLU B 341 -13.68 1.24 -25.14
CA GLU B 341 -13.85 1.16 -26.59
C GLU B 341 -14.52 -0.18 -26.92
N ILE B 342 -14.12 -1.21 -26.17
CA ILE B 342 -14.73 -2.54 -26.20
C ILE B 342 -16.17 -2.48 -25.69
N SER B 343 -16.40 -1.62 -24.69
CA SER B 343 -17.75 -1.36 -24.17
C SER B 343 -18.62 -0.64 -25.19
N ARG B 344 -17.97 0.15 -26.04
CA ARG B 344 -18.63 0.81 -27.16
C ARG B 344 -18.59 -0.11 -28.39
N SER B 345 -18.75 -1.40 -28.13
CA SER B 345 -18.76 -2.44 -29.16
C SER B 345 -19.72 -3.57 -28.78
N LEU B 346 -20.14 -3.60 -27.52
CA LEU B 346 -21.19 -4.51 -27.03
C LEU B 346 -22.51 -3.77 -27.05
N LYS B 347 -22.46 -2.51 -26.65
CA LYS B 347 -23.55 -1.56 -26.88
C LYS B 347 -23.72 -1.44 -28.39
N ALA B 348 -22.63 -1.11 -29.08
CA ALA B 348 -22.61 -0.99 -30.54
C ALA B 348 -22.78 -2.34 -31.24
N LEU B 349 -23.22 -3.34 -30.47
CA LEU B 349 -23.59 -4.66 -30.98
C LEU B 349 -25.06 -4.90 -30.70
N ALA B 350 -25.46 -4.65 -29.46
CA ALA B 350 -26.85 -4.71 -29.06
C ALA B 350 -27.67 -3.71 -29.88
N ARG B 351 -27.11 -2.52 -30.05
CA ARG B 351 -27.69 -1.45 -30.87
C ARG B 351 -27.65 -1.83 -32.36
N GLU B 352 -26.58 -2.51 -32.77
CA GLU B 352 -26.37 -2.86 -34.16
C GLU B 352 -27.13 -4.15 -34.55
N LEU B 353 -28.06 -4.56 -33.69
CA LEU B 353 -28.88 -5.77 -33.93
C LEU B 353 -30.37 -5.62 -33.58
N GLU B 354 -30.72 -4.58 -32.83
CA GLU B 354 -32.11 -4.31 -32.40
C GLU B 354 -32.77 -5.46 -31.65
N VAL B 355 -32.14 -5.84 -30.54
CA VAL B 355 -32.54 -6.95 -29.68
C VAL B 355 -31.69 -6.84 -28.39
N PRO B 356 -32.33 -7.00 -27.20
CA PRO B 356 -31.64 -6.81 -25.91
C PRO B 356 -30.51 -7.83 -25.68
N VAL B 357 -29.58 -7.47 -24.77
CA VAL B 357 -28.36 -8.24 -24.52
C VAL B 357 -27.98 -8.26 -23.03
N ILE B 358 -27.66 -9.45 -22.51
CA ILE B 358 -27.15 -9.62 -21.14
C ILE B 358 -25.63 -9.61 -21.11
N ALA B 359 -25.04 -8.87 -20.17
CA ALA B 359 -23.59 -8.84 -19.96
C ALA B 359 -23.21 -8.83 -18.49
N LEU B 360 -23.41 -9.97 -17.82
CA LEU B 360 -23.07 -10.13 -16.40
C LEU B 360 -21.60 -9.79 -16.15
N SER B 361 -21.33 -9.10 -15.04
CA SER B 361 -19.98 -8.71 -14.68
C SER B 361 -19.47 -9.44 -13.44
N GLN B 362 -18.30 -9.03 -12.94
CA GLN B 362 -17.66 -9.64 -11.76
C GLN B 362 -16.65 -8.66 -11.13
N LEU B 363 -16.25 -8.93 -9.88
CA LEU B 363 -15.26 -8.12 -9.16
C LEU B 363 -14.24 -8.99 -8.44
N ARG B 374 -20.62 2.52 4.56
CA ARG B 374 -20.00 3.83 4.33
C ARG B 374 -21.02 4.98 4.17
N PRO B 375 -22.06 4.82 3.30
CA PRO B 375 -22.37 3.78 2.31
C PRO B 375 -22.02 4.24 0.89
N MET B 376 -21.44 3.33 0.10
CA MET B 376 -20.97 3.69 -1.23
C MET B 376 -21.15 2.58 -2.28
N MET B 377 -21.09 3.00 -3.55
CA MET B 377 -21.03 2.09 -4.69
C MET B 377 -19.91 2.61 -5.59
N SER B 378 -20.27 3.09 -6.78
CA SER B 378 -19.35 3.64 -7.77
C SER B 378 -18.19 2.70 -8.17
N ASP B 379 -17.96 1.66 -7.38
CA ASP B 379 -16.82 0.74 -7.56
C ASP B 379 -16.90 -0.10 -8.83
N ILE B 380 -17.89 0.20 -9.68
CA ILE B 380 -18.00 -0.37 -11.02
C ILE B 380 -18.05 0.76 -12.06
N ARG B 381 -18.53 1.93 -11.64
CA ARG B 381 -18.39 3.17 -12.41
C ARG B 381 -16.91 3.58 -12.47
N GLU B 382 -16.13 3.12 -11.48
CA GLU B 382 -14.71 3.44 -11.35
C GLU B 382 -13.78 2.65 -12.30
N SER B 383 -14.07 1.37 -12.52
CA SER B 383 -13.16 0.46 -13.23
C SER B 383 -13.16 0.62 -14.77
N GLY B 384 -13.23 1.86 -15.24
CA GLY B 384 -13.14 2.19 -16.66
C GLY B 384 -14.42 2.75 -17.26
N SER B 385 -14.92 3.83 -16.67
CA SER B 385 -16.20 4.44 -17.06
C SER B 385 -17.35 3.45 -16.89
N ILE B 386 -17.63 2.68 -17.94
CA ILE B 386 -18.56 1.55 -17.91
C ILE B 386 -20.06 1.87 -17.72
N GLU B 387 -20.39 2.61 -16.66
CA GLU B 387 -21.78 2.74 -16.18
C GLU B 387 -22.76 3.55 -17.06
N GLN B 388 -22.24 4.30 -18.05
CA GLN B 388 -23.09 5.15 -18.89
C GLN B 388 -23.61 4.52 -20.20
N ASP B 389 -22.72 3.98 -21.04
CA ASP B 389 -23.14 3.39 -22.31
C ASP B 389 -23.94 2.10 -22.15
N ALA B 390 -23.43 1.17 -21.35
CA ALA B 390 -24.22 0.04 -20.90
C ALA B 390 -25.28 0.58 -19.93
N ASP B 391 -26.12 1.47 -20.45
CA ASP B 391 -27.07 2.28 -19.67
C ASP B 391 -27.56 1.67 -18.34
N ILE B 392 -28.31 0.57 -18.45
CA ILE B 392 -28.79 -0.16 -17.27
C ILE B 392 -27.67 -0.90 -16.55
N VAL B 393 -27.45 -0.56 -15.28
CA VAL B 393 -26.43 -1.20 -14.44
C VAL B 393 -27.05 -1.66 -13.12
N ALA B 394 -27.17 -2.97 -12.95
CA ALA B 394 -27.81 -3.57 -11.78
C ALA B 394 -26.81 -4.00 -10.70
N PHE B 395 -27.31 -4.23 -9.48
CA PHE B 395 -26.44 -4.66 -8.38
C PHE B 395 -27.08 -5.70 -7.45
N LEU B 396 -26.38 -6.81 -7.27
CA LEU B 396 -26.83 -7.90 -6.40
C LEU B 396 -25.71 -8.29 -5.43
N TYR B 397 -26.08 -9.00 -4.36
CA TYR B 397 -25.14 -9.41 -3.33
C TYR B 397 -25.53 -10.76 -2.73
N GLU B 413 -28.43 -9.07 -2.47
CA GLU B 413 -29.22 -7.95 -2.93
C GLU B 413 -29.98 -8.27 -4.21
N ILE B 414 -31.14 -7.65 -4.37
CA ILE B 414 -31.91 -7.79 -5.59
C ILE B 414 -32.47 -6.43 -6.00
N ILE B 415 -31.76 -5.36 -5.61
CA ILE B 415 -32.16 -4.01 -5.97
C ILE B 415 -31.32 -3.50 -7.15
N ILE B 416 -31.98 -2.89 -8.13
CA ILE B 416 -31.31 -2.34 -9.30
C ILE B 416 -30.74 -0.96 -8.97
N ALA B 417 -29.72 -0.54 -9.73
CA ALA B 417 -29.00 0.71 -9.46
C ALA B 417 -29.15 1.77 -10.57
N LYS B 418 -29.18 1.34 -11.82
CA LYS B 418 -29.29 2.27 -12.94
C LYS B 418 -30.07 1.69 -14.12
N GLN B 419 -31.04 2.48 -14.61
CA GLN B 419 -31.74 2.24 -15.88
C GLN B 419 -32.63 3.43 -16.25
N ARG B 420 -32.81 3.64 -17.56
CA ARG B 420 -33.49 4.85 -18.07
C ARG B 420 -34.78 4.56 -18.85
N ASN B 421 -35.32 3.36 -18.67
CA ASN B 421 -36.59 2.96 -19.27
C ASN B 421 -37.78 3.63 -18.56
N GLY B 422 -37.62 3.91 -17.27
CA GLY B 422 -38.64 4.54 -16.45
C GLY B 422 -38.29 4.48 -14.96
N PRO B 423 -38.88 3.52 -14.22
CA PRO B 423 -38.53 3.25 -12.83
C PRO B 423 -37.46 2.16 -12.69
N VAL B 424 -36.85 2.08 -11.51
CA VAL B 424 -35.74 1.15 -11.25
C VAL B 424 -36.10 0.24 -10.05
N GLY B 425 -37.19 -0.51 -10.20
CA GLY B 425 -37.80 -1.25 -9.08
C GLY B 425 -37.03 -2.44 -8.52
N THR B 426 -37.18 -2.66 -7.21
CA THR B 426 -36.51 -3.76 -6.51
C THR B 426 -37.01 -5.12 -6.98
N VAL B 427 -36.10 -5.89 -7.57
CA VAL B 427 -36.39 -7.21 -8.14
C VAL B 427 -36.69 -8.23 -7.04
N GLN B 428 -37.55 -9.20 -7.35
CA GLN B 428 -37.95 -10.24 -6.40
C GLN B 428 -37.82 -11.62 -7.07
N LEU B 429 -36.84 -12.41 -6.60
CA LEU B 429 -36.52 -13.72 -7.20
C LEU B 429 -36.17 -14.78 -6.14
N ALA B 430 -35.64 -15.92 -6.59
CA ALA B 430 -35.31 -17.05 -5.70
C ALA B 430 -34.01 -17.80 -6.07
N PHE B 431 -33.67 -18.79 -5.24
CA PHE B 431 -32.47 -19.63 -5.39
C PHE B 431 -32.67 -20.86 -4.51
N ILE B 432 -33.20 -21.94 -5.07
CA ILE B 432 -33.61 -23.11 -4.27
C ILE B 432 -32.48 -24.11 -3.96
N LYS B 433 -31.24 -23.75 -4.34
CA LYS B 433 -30.07 -24.65 -4.24
C LYS B 433 -30.24 -25.89 -5.10
N GLU B 434 -31.19 -26.75 -4.72
CA GLU B 434 -31.46 -28.03 -5.38
C GLU B 434 -31.96 -27.86 -6.81
N TYR B 435 -33.10 -27.18 -6.96
CA TYR B 435 -33.64 -26.87 -8.28
C TYR B 435 -32.98 -25.61 -8.81
N ASN B 436 -32.50 -24.79 -7.88
CA ASN B 436 -31.89 -23.48 -8.17
C ASN B 436 -32.88 -22.54 -8.87
N LYS B 437 -34.17 -22.85 -8.74
CA LYS B 437 -35.22 -22.18 -9.52
C LYS B 437 -35.75 -20.90 -8.88
N PHE B 438 -36.51 -20.13 -9.67
CA PHE B 438 -36.94 -18.79 -9.31
C PHE B 438 -38.46 -18.70 -9.14
N VAL B 439 -38.94 -18.97 -7.91
CA VAL B 439 -40.34 -18.70 -7.56
C VAL B 439 -40.39 -17.27 -7.02
N ASN B 440 -41.16 -16.41 -7.70
CA ASN B 440 -41.10 -14.96 -7.49
C ASN B 440 -42.38 -14.34 -6.93
N LEU B 441 -42.27 -13.11 -6.41
CA LEU B 441 -43.40 -12.36 -5.85
C LEU B 441 -43.43 -10.94 -6.40
N GLU C 15 55.77 -1.83 -25.05
CA GLU C 15 56.98 -1.03 -24.73
C GLU C 15 57.46 -1.25 -23.29
N ALA C 16 56.89 -2.24 -22.62
CA ALA C 16 57.34 -2.62 -21.29
C ALA C 16 58.72 -3.25 -21.38
N GLU C 17 58.85 -4.26 -22.23
CA GLU C 17 60.09 -5.05 -22.37
C GLU C 17 61.33 -4.21 -22.64
N GLN C 18 61.18 -3.15 -23.44
CA GLN C 18 62.28 -2.22 -23.72
C GLN C 18 62.77 -1.52 -22.46
N ALA C 19 61.85 -1.30 -21.51
CA ALA C 19 62.15 -0.59 -20.27
C ALA C 19 62.37 -1.51 -19.07
N VAL C 20 61.51 -2.53 -18.94
CA VAL C 20 61.40 -3.37 -17.73
C VAL C 20 62.71 -3.83 -17.08
N LEU C 21 63.68 -4.25 -17.88
CA LEU C 21 64.94 -4.75 -17.33
C LEU C 21 65.83 -3.64 -16.73
N GLY C 22 65.72 -2.44 -17.29
CA GLY C 22 66.49 -1.27 -16.85
C GLY C 22 66.55 -1.02 -15.36
N ALA C 23 65.39 -1.15 -14.71
CA ALA C 23 65.27 -0.95 -13.27
C ALA C 23 65.73 -2.17 -12.50
N VAL C 24 65.29 -3.35 -12.93
CA VAL C 24 65.67 -4.62 -12.30
C VAL C 24 67.16 -4.63 -11.97
N PHE C 25 67.94 -4.01 -12.84
CA PHE C 25 69.40 -3.95 -12.73
C PHE C 25 69.90 -3.45 -11.38
N LEU C 26 69.81 -2.14 -11.16
CA LEU C 26 70.44 -1.50 -9.99
C LEU C 26 69.53 -1.48 -8.75
N ASP C 27 69.63 -2.51 -7.92
CA ASP C 27 68.88 -2.57 -6.66
C ASP C 27 69.74 -2.88 -5.41
N PRO C 28 70.21 -4.15 -5.22
CA PRO C 28 70.08 -5.41 -5.98
C PRO C 28 68.95 -6.34 -5.50
N ALA C 29 67.71 -5.86 -5.62
CA ALA C 29 66.50 -6.63 -5.27
C ALA C 29 65.26 -6.09 -6.01
N ALA C 30 65.37 -5.99 -7.34
CA ALA C 30 64.21 -5.70 -8.18
C ALA C 30 63.72 -6.97 -8.88
N LEU C 31 63.88 -8.10 -8.19
CA LEU C 31 63.41 -9.42 -8.64
C LEU C 31 62.43 -10.06 -7.65
N VAL C 32 62.36 -9.51 -6.43
CA VAL C 32 61.49 -10.07 -5.38
C VAL C 32 60.02 -10.17 -5.86
N PRO C 33 59.43 -9.05 -6.37
CA PRO C 33 58.14 -9.19 -7.03
C PRO C 33 58.22 -9.62 -8.50
N ALA C 34 59.37 -9.39 -9.15
CA ALA C 34 59.55 -9.69 -10.57
C ALA C 34 59.70 -11.19 -10.91
N SER C 35 60.30 -11.94 -9.98
CA SER C 35 60.35 -13.40 -10.11
C SER C 35 58.94 -13.99 -9.97
N GLU C 36 58.06 -13.25 -9.32
CA GLU C 36 56.65 -13.64 -9.14
C GLU C 36 55.82 -13.39 -10.41
N ILE C 37 56.18 -12.34 -11.15
CA ILE C 37 55.35 -11.83 -12.25
C ILE C 37 55.66 -12.50 -13.60
N LEU C 38 56.95 -12.57 -13.92
CA LEU C 38 57.37 -13.00 -15.25
C LEU C 38 58.21 -14.26 -15.20
N ILE C 39 57.83 -15.21 -16.05
CA ILE C 39 58.50 -16.50 -16.17
C ILE C 39 59.12 -16.61 -17.58
N PRO C 40 59.90 -17.68 -17.86
CA PRO C 40 60.49 -17.87 -19.20
C PRO C 40 59.51 -18.09 -20.37
N GLU C 41 58.21 -18.02 -20.10
CA GLU C 41 57.17 -18.07 -21.13
C GLU C 41 56.70 -16.67 -21.49
N ASP C 42 56.74 -15.78 -20.49
CA ASP C 42 56.32 -14.38 -20.60
C ASP C 42 57.22 -13.55 -21.56
N PHE C 43 57.28 -13.98 -22.81
CA PHE C 43 58.11 -13.30 -23.82
C PHE C 43 57.47 -13.28 -25.21
N TYR C 44 56.78 -12.18 -25.50
CA TYR C 44 56.28 -11.87 -26.83
C TYR C 44 57.46 -11.78 -27.79
N ARG C 45 58.58 -11.26 -27.29
CA ARG C 45 59.79 -11.05 -28.07
C ARG C 45 60.62 -12.32 -28.23
N ALA C 46 61.72 -12.21 -28.98
CA ALA C 46 62.61 -13.33 -29.27
C ALA C 46 64.03 -13.12 -28.71
N ALA C 47 64.50 -11.87 -28.71
CA ALA C 47 65.82 -11.54 -28.18
C ALA C 47 65.85 -11.57 -26.65
N HIS C 48 64.69 -11.33 -26.04
CA HIS C 48 64.54 -11.17 -24.59
C HIS C 48 64.48 -12.46 -23.76
N GLN C 49 63.92 -13.52 -24.35
CA GLN C 49 63.60 -14.77 -23.62
C GLN C 49 64.79 -15.41 -22.88
N LYS C 50 65.94 -15.50 -23.54
CA LYS C 50 67.14 -16.09 -22.95
C LYS C 50 67.97 -15.14 -22.08
N ILE C 51 67.74 -13.83 -22.26
CA ILE C 51 68.40 -12.81 -21.44
C ILE C 51 68.06 -13.02 -19.97
N PHE C 52 66.77 -13.15 -19.68
CA PHE C 52 66.29 -13.25 -18.31
C PHE C 52 66.70 -14.54 -17.64
N HIS C 53 66.85 -15.60 -18.42
CA HIS C 53 67.33 -16.89 -17.91
C HIS C 53 68.80 -16.79 -17.51
N ALA C 54 69.52 -15.88 -18.15
CA ALA C 54 70.90 -15.57 -17.77
C ALA C 54 70.93 -14.66 -16.56
N MET C 55 69.81 -13.99 -16.29
CA MET C 55 69.64 -13.17 -15.08
C MET C 55 69.28 -14.04 -13.89
N LEU C 56 68.38 -15.01 -14.13
CA LEU C 56 67.85 -15.86 -13.08
C LEU C 56 68.86 -16.84 -12.50
N ARG C 57 69.81 -17.28 -13.33
CA ARG C 57 70.85 -18.22 -12.93
C ARG C 57 71.79 -17.62 -11.88
N VAL C 58 71.84 -16.29 -11.83
CA VAL C 58 72.75 -15.56 -10.95
C VAL C 58 72.33 -15.64 -9.47
N ALA C 59 71.21 -15.02 -9.13
CA ALA C 59 70.83 -14.78 -7.73
C ALA C 59 70.39 -16.00 -6.91
N ASP C 60 70.93 -17.17 -7.25
CA ASP C 60 70.59 -18.43 -6.57
C ASP C 60 71.55 -18.86 -5.45
N ARG C 61 72.59 -18.08 -5.22
CA ARG C 61 73.46 -18.27 -4.06
C ARG C 61 73.41 -17.11 -3.05
N GLY C 62 73.23 -15.86 -3.50
CA GLY C 62 73.07 -15.53 -4.91
C GLY C 62 73.27 -14.08 -5.30
N GLU C 63 74.46 -13.73 -5.79
CA GLU C 63 75.66 -14.60 -5.81
C GLU C 63 77.03 -13.92 -6.01
N PRO C 64 77.09 -12.56 -6.12
CA PRO C 64 76.17 -11.43 -5.91
C PRO C 64 75.41 -10.91 -7.16
N VAL C 65 74.64 -9.84 -6.98
CA VAL C 65 73.75 -9.30 -8.02
C VAL C 65 74.20 -7.90 -8.52
N ASP C 66 74.59 -7.82 -9.79
CA ASP C 66 74.89 -6.53 -10.45
C ASP C 66 74.69 -6.59 -11.97
N LEU C 67 74.96 -5.47 -12.64
CA LEU C 67 74.94 -5.36 -14.10
C LEU C 67 75.63 -6.53 -14.80
N VAL C 68 76.92 -6.69 -14.51
CA VAL C 68 77.82 -7.52 -15.31
C VAL C 68 77.66 -9.02 -15.09
N THR C 69 77.29 -9.41 -13.87
CA THR C 69 77.16 -10.83 -13.50
C THR C 69 76.31 -11.64 -14.47
N VAL C 70 75.64 -10.94 -15.36
CA VAL C 70 74.79 -11.54 -16.37
C VAL C 70 75.47 -11.46 -17.75
N THR C 71 76.15 -10.34 -18.02
CA THR C 71 76.71 -10.06 -19.35
C THR C 71 77.84 -11.02 -19.80
N ALA C 72 78.66 -11.45 -18.84
CA ALA C 72 79.73 -12.42 -19.11
C ALA C 72 79.24 -13.85 -18.92
N GLU C 73 78.11 -13.98 -18.23
CA GLU C 73 77.36 -15.22 -18.15
C GLU C 73 76.76 -15.55 -19.52
N LEU C 74 76.30 -14.52 -20.22
CA LEU C 74 75.75 -14.65 -21.58
C LEU C 74 76.82 -15.00 -22.62
N ALA C 75 78.02 -14.45 -22.44
CA ALA C 75 79.17 -14.76 -23.31
C ALA C 75 79.57 -16.23 -23.24
N ALA C 76 79.29 -16.85 -22.09
CA ALA C 76 79.62 -18.24 -21.84
C ALA C 76 78.67 -19.20 -22.55
N SER C 77 77.55 -19.52 -21.90
CA SER C 77 76.63 -20.54 -22.41
C SER C 77 75.76 -20.03 -23.58
N GLU C 78 76.39 -19.89 -24.73
CA GLU C 78 75.74 -19.77 -26.06
C GLU C 78 74.67 -18.67 -26.27
N GLN C 79 75.03 -17.40 -26.03
CA GLN C 79 74.08 -16.29 -26.20
C GLN C 79 74.66 -14.87 -26.04
N LEU C 80 75.04 -14.22 -27.14
CA LEU C 80 75.47 -12.81 -27.05
C LEU C 80 75.11 -11.95 -28.27
N GLU C 81 75.22 -12.52 -29.47
CA GLU C 81 74.84 -11.80 -30.69
C GLU C 81 73.33 -11.94 -30.96
N GLU C 82 72.73 -12.94 -30.32
CA GLU C 82 71.29 -13.25 -30.42
C GLU C 82 70.38 -12.03 -30.23
N ILE C 83 70.91 -11.01 -29.56
CA ILE C 83 70.14 -9.83 -29.16
C ILE C 83 70.59 -8.57 -29.92
N GLY C 84 71.61 -8.73 -30.76
CA GLY C 84 72.16 -7.64 -31.57
C GLY C 84 73.34 -6.94 -30.92
N GLY C 85 74.17 -7.73 -30.23
CA GLY C 85 75.28 -7.22 -29.44
C GLY C 85 74.82 -6.75 -28.07
N VAL C 86 75.63 -5.93 -27.42
CA VAL C 86 75.28 -5.33 -26.13
C VAL C 86 74.60 -3.97 -26.28
N SER C 87 74.45 -3.51 -27.52
CA SER C 87 73.82 -2.23 -27.81
C SER C 87 72.39 -2.16 -27.28
N TYR C 88 71.60 -3.19 -27.55
CA TYR C 88 70.27 -3.28 -26.94
C TYR C 88 70.34 -3.85 -25.52
N LEU C 89 71.38 -4.63 -25.23
CA LEU C 89 71.62 -5.11 -23.87
C LEU C 89 71.86 -3.93 -22.94
N SER C 90 72.34 -2.82 -23.52
CA SER C 90 72.43 -1.55 -22.84
C SER C 90 71.04 -0.92 -22.76
N GLU C 91 70.32 -0.96 -23.89
CA GLU C 91 69.00 -0.33 -24.01
C GLU C 91 67.87 -1.10 -23.32
N LEU C 92 68.25 -2.16 -22.59
CA LEU C 92 67.35 -2.78 -21.63
C LEU C 92 67.23 -1.81 -20.44
N ALA C 93 68.34 -1.16 -20.11
CA ALA C 93 68.41 -0.17 -19.03
C ALA C 93 67.78 1.16 -19.41
N ASP C 94 68.20 1.70 -20.54
CA ASP C 94 67.95 3.11 -20.91
C ASP C 94 66.48 3.49 -21.18
N ALA C 95 65.73 3.68 -20.10
CA ALA C 95 64.33 4.15 -20.16
C ALA C 95 63.83 4.67 -18.81
N VAL C 96 63.38 3.75 -17.94
CA VAL C 96 62.73 4.03 -16.64
C VAL C 96 62.92 5.46 -16.11
N PRO C 97 62.08 6.40 -16.61
CA PRO C 97 62.22 7.81 -16.26
C PRO C 97 61.48 8.08 -14.96
N THR C 98 61.51 7.08 -14.08
CA THR C 98 60.67 7.03 -12.91
C THR C 98 61.24 6.07 -11.86
N ALA C 99 60.65 6.10 -10.67
CA ALA C 99 61.08 5.24 -9.56
C ALA C 99 59.96 5.00 -8.53
N ALA C 100 59.13 6.01 -8.31
CA ALA C 100 58.12 6.00 -7.23
C ALA C 100 56.90 5.10 -7.50
N ASN C 101 56.84 4.50 -8.69
CA ASN C 101 55.82 3.51 -9.01
C ASN C 101 55.89 2.38 -7.98
N VAL C 102 56.94 1.56 -8.11
CA VAL C 102 57.33 0.49 -7.18
C VAL C 102 57.29 -0.92 -7.81
N GLU C 103 56.10 -1.43 -8.13
CA GLU C 103 55.97 -2.82 -8.61
C GLU C 103 56.52 -3.15 -10.04
N TYR C 104 55.94 -2.67 -11.14
CA TYR C 104 54.64 -1.96 -11.24
C TYR C 104 53.78 -2.26 -12.49
N TYR C 105 54.24 -2.27 -13.75
CA TYR C 105 55.57 -2.00 -14.38
C TYR C 105 56.09 -3.26 -15.08
N ALA C 106 56.27 -4.33 -14.30
CA ALA C 106 56.47 -5.66 -14.85
C ALA C 106 55.10 -6.24 -15.12
N ARG C 107 54.08 -5.59 -14.55
CA ARG C 107 52.69 -5.92 -14.81
C ARG C 107 52.33 -5.69 -16.26
N ILE C 108 52.92 -4.66 -16.88
CA ILE C 108 52.67 -4.37 -18.30
C ILE C 108 52.98 -5.60 -19.15
N VAL C 109 54.04 -6.32 -18.75
CA VAL C 109 54.45 -7.55 -19.41
C VAL C 109 53.51 -8.70 -19.05
N GLU C 110 53.03 -8.69 -17.81
CA GLU C 110 52.06 -9.67 -17.33
C GLU C 110 50.66 -9.40 -17.90
N GLU C 111 50.39 -8.14 -18.26
CA GLU C 111 49.18 -7.77 -19.00
C GLU C 111 49.38 -7.91 -20.51
N LYS C 112 50.60 -8.28 -20.89
CA LYS C 112 50.86 -8.85 -22.21
C LYS C 112 50.90 -10.36 -22.05
N SER C 113 50.95 -10.82 -20.80
CA SER C 113 51.03 -12.25 -20.48
C SER C 113 49.66 -12.91 -20.27
N VAL C 114 49.03 -12.67 -19.13
CA VAL C 114 47.76 -13.31 -18.72
C VAL C 114 46.83 -13.65 -19.88
N LEU C 115 46.69 -12.68 -20.80
CA LEU C 115 45.91 -12.83 -22.03
C LEU C 115 46.03 -14.23 -22.64
N ARG C 116 47.21 -14.54 -23.18
CA ARG C 116 47.43 -15.74 -23.99
C ARG C 116 47.45 -17.07 -23.22
N ARG C 117 47.60 -17.01 -21.90
CA ARG C 117 47.39 -18.19 -21.06
C ARG C 117 45.89 -18.48 -20.94
N LEU C 118 45.09 -17.48 -21.32
CA LEU C 118 43.64 -17.58 -21.36
C LEU C 118 43.12 -17.40 -22.79
N ILE C 119 44.04 -17.21 -23.74
CA ILE C 119 43.69 -16.91 -25.14
C ILE C 119 44.35 -17.83 -26.20
N ARG C 120 45.67 -18.03 -26.12
CA ARG C 120 46.36 -19.00 -26.98
C ARG C 120 45.77 -20.40 -26.76
N THR C 121 45.08 -20.56 -25.63
CA THR C 121 44.42 -21.82 -25.24
C THR C 121 43.03 -22.00 -25.87
N ALA C 122 42.74 -21.24 -26.94
CA ALA C 122 41.44 -21.31 -27.62
C ALA C 122 41.58 -21.35 -29.16
N THR C 123 42.76 -21.78 -29.62
CA THR C 123 43.06 -21.84 -31.05
C THR C 123 42.87 -23.26 -31.60
N SER C 124 43.33 -24.25 -30.83
CA SER C 124 43.19 -25.66 -31.18
C SER C 124 41.72 -26.03 -31.32
N ILE C 125 40.92 -25.59 -30.36
CA ILE C 125 39.48 -25.82 -30.32
C ILE C 125 38.79 -25.32 -31.59
N ALA C 126 39.12 -24.09 -31.98
CA ALA C 126 38.62 -23.48 -33.21
C ALA C 126 38.86 -24.39 -34.42
N GLN C 127 39.70 -25.40 -34.21
CA GLN C 127 39.97 -26.39 -35.24
C GLN C 127 39.62 -27.81 -34.78
N ASP C 128 39.54 -28.01 -33.47
CA ASP C 128 39.18 -29.31 -32.90
C ASP C 128 37.71 -29.67 -33.19
N GLY C 129 37.27 -29.36 -34.40
CA GLY C 129 35.92 -29.70 -34.86
C GLY C 129 35.95 -30.28 -36.25
N TYR C 130 37.04 -30.05 -36.97
CA TYR C 130 37.20 -30.49 -38.35
C TYR C 130 38.46 -31.33 -38.44
N THR C 131 39.23 -31.29 -37.36
CA THR C 131 40.39 -32.17 -37.16
C THR C 131 40.01 -33.26 -36.15
N ARG C 132 39.80 -32.85 -34.89
CA ARG C 132 39.23 -33.72 -33.88
C ARG C 132 37.71 -33.72 -34.13
N GLU C 133 37.27 -34.68 -34.95
CA GLU C 133 35.96 -34.62 -35.64
C GLU C 133 34.67 -35.09 -34.91
N ASP C 134 34.54 -36.27 -34.28
CA ASP C 134 35.47 -37.41 -34.03
C ASP C 134 35.73 -37.70 -32.53
N GLU C 135 35.18 -36.85 -31.65
CA GLU C 135 35.35 -36.99 -30.20
C GLU C 135 34.12 -36.51 -29.42
N ILE C 136 33.98 -35.19 -29.33
CA ILE C 136 32.86 -34.48 -28.67
C ILE C 136 32.99 -34.26 -27.15
N ASP C 137 32.70 -35.28 -26.33
CA ASP C 137 32.63 -35.09 -24.87
C ASP C 137 33.98 -34.88 -24.18
N VAL C 138 34.95 -35.75 -24.49
CA VAL C 138 36.31 -35.58 -23.99
C VAL C 138 36.92 -34.32 -24.61
N LEU C 139 36.44 -33.99 -25.82
CA LEU C 139 36.80 -32.74 -26.49
C LEU C 139 36.28 -31.52 -25.72
N LEU C 140 35.60 -31.78 -24.60
CA LEU C 140 35.16 -30.72 -23.69
C LEU C 140 35.93 -30.79 -22.37
N ASP C 141 36.02 -32.00 -21.83
CA ASP C 141 36.66 -32.25 -20.52
C ASP C 141 38.06 -31.65 -20.40
N GLU C 142 38.75 -31.52 -21.53
CA GLU C 142 40.11 -30.96 -21.56
C GLU C 142 40.17 -29.56 -22.19
N ALA C 143 39.35 -29.33 -23.22
CA ALA C 143 39.40 -28.10 -24.02
C ALA C 143 38.95 -26.86 -23.26
N ASP C 144 38.36 -27.06 -22.09
CA ASP C 144 37.89 -25.96 -21.25
C ASP C 144 38.80 -25.77 -20.04
N ARG C 145 39.51 -26.83 -19.68
CA ARG C 145 40.43 -26.87 -18.53
C ARG C 145 41.56 -25.82 -18.60
N LYS C 146 42.10 -25.63 -19.80
CA LYS C 146 43.29 -24.79 -20.00
C LYS C 146 43.03 -23.32 -19.70
N ILE C 147 41.83 -22.86 -20.03
CA ILE C 147 41.48 -21.42 -20.00
C ILE C 147 42.04 -20.69 -18.78
N MET C 148 41.72 -21.18 -17.59
CA MET C 148 42.13 -20.55 -16.33
C MET C 148 43.58 -20.05 -16.38
N GLU C 149 44.52 -20.97 -16.57
CA GLU C 149 45.96 -20.68 -16.54
C GLU C 149 46.30 -19.37 -17.24
N ILE C 183 52.55 4.34 20.34
CA ILE C 183 53.56 5.38 20.26
C ILE C 183 54.87 4.91 19.59
N THR C 184 54.93 5.06 18.26
CA THR C 184 56.19 4.98 17.50
C THR C 184 56.31 6.01 16.33
N GLY C 185 55.33 6.09 15.42
CA GLY C 185 54.12 5.28 15.41
C GLY C 185 52.97 5.93 16.15
N ILE C 186 52.61 7.14 15.71
CA ILE C 186 51.58 7.97 16.37
C ILE C 186 50.40 7.14 16.89
N PRO C 187 50.07 7.28 18.19
CA PRO C 187 48.92 6.60 18.80
C PRO C 187 47.57 6.95 18.15
N THR C 188 46.57 6.10 18.37
CA THR C 188 45.18 6.38 17.93
C THR C 188 44.46 7.35 18.89
N GLY C 189 45.23 8.21 19.55
CA GLY C 189 44.73 9.12 20.57
C GLY C 189 45.02 8.61 21.97
N PHE C 190 44.95 7.29 22.13
CA PHE C 190 45.11 6.59 23.40
C PHE C 190 46.49 6.80 24.02
N THR C 191 46.59 6.43 25.29
CA THR C 191 47.87 6.15 25.90
C THR C 191 48.02 4.62 25.95
N GLU C 192 46.91 3.91 25.73
CA GLU C 192 46.88 2.44 25.76
C GLU C 192 47.28 1.76 24.44
N LEU C 193 46.58 2.07 23.34
CA LEU C 193 46.94 1.54 22.01
C LEU C 193 48.26 2.17 21.55
N ASP C 194 49.34 1.74 22.20
CA ASP C 194 50.64 2.39 22.12
C ASP C 194 51.81 1.43 22.30
N ARG C 195 51.51 0.14 22.48
CA ARG C 195 52.56 -0.83 22.84
C ARG C 195 52.53 -2.15 22.05
N MET C 196 51.38 -2.50 21.47
CA MET C 196 51.27 -3.64 20.57
C MET C 196 51.99 -3.35 19.26
N THR C 197 51.34 -2.57 18.41
CA THR C 197 51.89 -2.17 17.11
C THR C 197 52.43 -0.75 17.11
N SER C 198 51.64 0.19 17.66
CA SER C 198 51.95 1.62 17.70
C SER C 198 51.89 2.29 16.32
N GLY C 199 50.78 2.97 16.06
CA GLY C 199 50.59 3.68 14.79
C GLY C 199 49.95 2.84 13.69
N PHE C 200 49.32 3.46 12.69
CA PHE C 200 49.25 4.92 12.50
C PHE C 200 50.62 5.61 12.55
N GLN C 201 51.64 4.90 12.07
CA GLN C 201 53.02 5.36 12.10
C GLN C 201 53.26 6.44 11.05
N ARG C 202 53.75 6.03 9.88
CA ARG C 202 53.95 6.92 8.74
C ARG C 202 53.59 6.19 7.44
N SER C 203 52.29 6.09 7.16
CA SER C 203 51.69 5.51 5.93
C SER C 203 50.90 4.19 6.14
N ASP C 204 49.60 4.22 5.83
CA ASP C 204 48.71 3.04 5.89
C ASP C 204 47.34 3.30 5.25
N LEU C 205 46.61 2.22 4.94
CA LEU C 205 45.20 2.32 4.51
C LEU C 205 44.27 1.65 5.53
N ILE C 206 43.28 2.40 6.01
CA ILE C 206 42.35 1.93 7.06
C ILE C 206 40.87 2.12 6.67
N ILE C 207 40.09 1.05 6.83
CA ILE C 207 38.68 1.01 6.44
C ILE C 207 37.83 0.34 7.54
N VAL C 208 37.08 1.15 8.28
CA VAL C 208 36.30 0.70 9.46
C VAL C 208 34.87 0.29 9.10
N ALA C 209 34.40 -0.81 9.70
CA ALA C 209 33.05 -1.34 9.45
C ALA C 209 32.39 -1.96 10.69
N ALA C 210 31.54 -1.17 11.34
CA ALA C 210 30.74 -1.63 12.48
C ALA C 210 29.26 -1.43 12.19
N ARG C 211 28.39 -1.78 13.14
CA ARG C 211 26.93 -1.67 12.96
C ARG C 211 26.52 -0.23 12.58
N PRO C 212 25.41 -0.09 11.83
CA PRO C 212 25.00 1.18 11.20
C PRO C 212 25.10 2.44 12.07
N SER C 213 26.00 3.33 11.70
CA SER C 213 26.17 4.66 12.31
C SER C 213 26.22 4.67 13.85
N VAL C 214 27.25 4.06 14.42
CA VAL C 214 27.37 3.92 15.88
C VAL C 214 28.47 4.84 16.47
N GLY C 215 29.43 4.25 17.16
CA GLY C 215 30.50 4.98 17.83
C GLY C 215 31.78 4.96 17.01
N LYS C 216 31.81 4.10 15.99
CA LYS C 216 32.85 4.13 14.98
C LYS C 216 32.77 5.44 14.21
N THR C 217 31.53 5.91 14.01
CA THR C 217 31.25 7.22 13.45
C THR C 217 31.98 8.27 14.27
N ALA C 218 31.98 8.07 15.59
CA ALA C 218 32.73 8.91 16.51
C ALA C 218 34.21 8.53 16.53
N PHE C 219 34.50 7.23 16.53
CA PHE C 219 35.87 6.72 16.74
C PHE C 219 36.86 7.02 15.61
N ALA C 220 36.44 6.85 14.37
CA ALA C 220 37.29 7.18 13.22
C ALA C 220 37.88 8.58 13.40
N LEU C 221 37.13 9.42 14.11
CA LEU C 221 37.52 10.78 14.42
C LEU C 221 38.07 10.88 15.85
N ASN C 222 37.64 9.97 16.72
CA ASN C 222 38.17 9.87 18.08
C ASN C 222 39.53 9.16 18.11
N ILE C 223 39.96 8.68 16.94
CA ILE C 223 41.36 8.34 16.71
C ILE C 223 42.11 9.66 16.62
N ALA C 224 41.52 10.61 15.89
CA ALA C 224 42.15 11.90 15.61
C ALA C 224 41.61 13.03 16.50
N GLN C 225 41.99 13.00 17.77
CA GLN C 225 41.60 14.04 18.73
C GLN C 225 42.81 14.57 19.51
N ASN C 226 43.55 13.66 20.17
CA ASN C 226 44.72 14.01 20.99
C ASN C 226 45.99 14.25 20.17
N VAL C 227 45.85 14.87 18.99
CA VAL C 227 46.98 15.10 18.08
C VAL C 227 47.15 16.58 17.69
N ALA C 228 46.04 17.27 17.48
CA ALA C 228 46.09 18.69 17.08
C ALA C 228 46.13 19.65 18.27
N THR C 229 45.38 19.33 19.32
CA THR C 229 45.27 20.19 20.51
C THR C 229 46.26 19.83 21.62
N LYS C 230 46.26 18.56 22.04
CA LYS C 230 47.00 18.12 23.23
C LYS C 230 48.48 17.79 22.99
N THR C 231 48.89 17.79 21.72
CA THR C 231 50.32 17.77 21.37
C THR C 231 50.70 18.86 20.35
N ASN C 232 50.41 18.63 19.06
CA ASN C 232 50.75 19.58 17.99
C ASN C 232 50.09 19.26 16.65
N GLU C 233 50.40 18.07 16.13
CA GLU C 233 50.21 17.77 14.71
C GLU C 233 48.79 17.97 14.20
N ASN C 234 48.67 18.86 13.24
CA ASN C 234 47.39 19.17 12.62
C ASN C 234 46.92 18.03 11.73
N VAL C 235 45.74 17.50 12.03
CA VAL C 235 45.23 16.32 11.34
C VAL C 235 44.00 16.63 10.47
N ALA C 236 44.10 16.29 9.19
CA ALA C 236 43.03 16.54 8.22
C ALA C 236 41.85 15.58 8.42
N ILE C 237 40.76 16.12 8.95
CA ILE C 237 39.51 15.37 9.09
C ILE C 237 38.44 15.99 8.18
N PHE C 238 38.34 15.45 6.97
CA PHE C 238 37.38 15.91 5.96
C PHE C 238 36.10 15.08 6.00
N SER C 239 34.98 15.64 5.54
CA SER C 239 33.69 14.93 5.55
C SER C 239 32.86 15.10 4.28
N LEU C 240 31.84 14.24 4.12
CA LEU C 240 30.94 14.27 2.97
C LEU C 240 29.47 14.05 3.37
N GLU C 241 29.26 13.35 4.49
CA GLU C 241 27.91 13.12 5.02
C GLU C 241 27.59 14.11 6.16
N MET C 242 28.29 13.99 7.28
CA MET C 242 28.14 14.93 8.40
C MET C 242 28.91 16.21 8.14
N SER C 243 28.16 17.26 7.82
CA SER C 243 28.70 18.53 7.31
C SER C 243 29.60 19.30 8.28
N ALA C 244 30.09 20.44 7.81
CA ALA C 244 30.86 21.38 8.64
C ALA C 244 29.98 21.99 9.72
N GLN C 245 28.71 22.23 9.38
CA GLN C 245 27.70 22.68 10.32
C GLN C 245 26.96 21.47 10.93
N GLN C 246 27.73 20.48 11.39
CA GLN C 246 27.20 19.23 11.95
C GLN C 246 28.23 18.52 12.84
N LEU C 247 29.43 19.09 12.93
CA LEU C 247 30.52 18.49 13.70
C LEU C 247 31.20 19.52 14.62
N VAL C 248 30.39 20.31 15.34
CA VAL C 248 30.91 21.40 16.16
C VAL C 248 30.37 21.44 17.60
N MET C 249 29.06 21.20 17.76
CA MET C 249 28.44 21.19 19.10
C MET C 249 28.80 19.93 19.88
N ARG C 250 29.09 18.86 19.16
CA ARG C 250 29.23 17.52 19.74
C ARG C 250 30.67 17.12 20.07
N MET C 251 31.63 17.92 19.63
CA MET C 251 33.02 17.80 20.11
C MET C 251 33.10 18.34 21.53
N LEU C 252 32.22 19.29 21.83
CA LEU C 252 32.07 19.87 23.16
C LEU C 252 31.23 18.92 24.03
N CYS C 253 30.37 18.15 23.38
CA CYS C 253 29.69 17.03 24.04
C CYS C 253 30.74 16.01 24.43
N ALA C 254 31.73 15.84 23.55
CA ALA C 254 32.85 14.95 23.80
C ALA C 254 33.93 15.58 24.69
N GLU C 255 33.80 16.88 24.99
CA GLU C 255 34.82 17.61 25.77
C GLU C 255 34.27 18.75 26.65
N GLY C 256 34.35 18.57 27.98
CA GLY C 256 34.03 19.64 28.93
C GLY C 256 33.29 19.27 30.22
N ASN C 257 32.98 17.98 30.38
CA ASN C 257 32.04 17.50 31.41
C ASN C 257 30.62 18.05 31.19
N ILE C 258 30.27 18.20 29.91
CA ILE C 258 29.01 18.83 29.48
C ILE C 258 28.36 17.99 28.38
N ASN C 259 27.32 17.25 28.73
CA ASN C 259 26.50 16.50 27.76
C ASN C 259 25.26 15.82 28.37
N ALA C 260 25.19 15.79 29.70
CA ALA C 260 24.02 15.24 30.38
C ALA C 260 22.91 16.29 30.50
N GLN C 261 22.81 17.16 29.50
CA GLN C 261 21.95 18.35 29.59
C GLN C 261 20.71 18.42 28.65
N ASN C 262 20.84 18.67 27.34
CA ASN C 262 22.08 18.76 26.54
C ASN C 262 22.46 20.22 26.18
N LEU C 263 23.23 20.39 25.10
CA LEU C 263 23.80 21.68 24.72
C LEU C 263 23.03 22.44 23.63
N ARG C 264 21.95 21.84 23.12
CA ARG C 264 21.21 22.39 21.98
C ARG C 264 20.39 23.67 22.28
N THR C 265 19.94 23.79 23.53
CA THR C 265 19.03 24.88 23.94
C THR C 265 19.68 26.27 24.01
N GLY C 266 21.01 26.32 24.01
CA GLY C 266 21.75 27.57 24.08
C GLY C 266 22.40 27.80 25.43
N LYS C 267 21.65 27.52 26.50
CA LYS C 267 22.14 27.72 27.87
C LYS C 267 21.87 26.52 28.78
N LEU C 268 22.92 26.05 29.45
CA LEU C 268 22.91 24.79 30.20
C LEU C 268 22.44 24.93 31.67
N THR C 269 23.17 24.31 32.59
CA THR C 269 22.93 24.42 34.04
C THR C 269 24.08 25.18 34.72
N PRO C 270 23.84 25.75 35.94
CA PRO C 270 24.88 26.51 36.65
C PRO C 270 26.09 25.68 37.12
N GLU C 271 26.83 25.13 36.16
CA GLU C 271 28.04 24.33 36.42
C GLU C 271 28.84 24.10 35.13
N ASP C 272 28.12 23.85 34.03
CA ASP C 272 28.74 23.58 32.73
C ASP C 272 29.35 24.82 32.09
N TRP C 273 29.01 25.99 32.64
CA TRP C 273 29.60 27.26 32.21
C TRP C 273 30.73 27.65 33.16
N GLY C 274 30.72 27.07 34.36
CA GLY C 274 31.85 27.14 35.28
C GLY C 274 32.90 26.12 34.90
N LYS C 275 32.47 25.08 34.19
CA LYS C 275 33.36 24.01 33.70
C LYS C 275 33.13 23.77 32.20
N LEU C 276 33.87 24.50 31.36
CA LEU C 276 33.73 24.43 29.91
C LEU C 276 35.06 24.60 29.15
N THR C 277 35.88 25.54 29.62
CA THR C 277 37.13 25.97 28.93
C THR C 277 38.11 24.81 28.67
N MET C 278 37.65 23.89 27.83
CA MET C 278 38.34 22.65 27.49
C MET C 278 37.97 22.30 26.05
N ALA C 279 36.78 22.74 25.65
CA ALA C 279 36.10 22.30 24.43
C ALA C 279 36.48 23.04 23.14
N MET C 280 36.68 24.35 23.24
CA MET C 280 36.93 25.20 22.07
C MET C 280 37.93 26.35 22.28
N GLY C 281 38.48 26.46 23.49
CA GLY C 281 39.44 27.52 23.81
C GLY C 281 40.77 27.40 23.10
N SER C 282 41.26 26.17 22.98
CA SER C 282 42.53 25.87 22.32
C SER C 282 42.33 25.30 20.90
N LEU C 283 41.12 25.48 20.37
CA LEU C 283 40.76 24.99 19.03
C LEU C 283 41.49 25.76 17.93
N SER C 284 41.72 27.05 18.18
CA SER C 284 42.49 27.91 17.30
C SER C 284 43.94 27.42 17.19
N ASN C 285 44.62 27.35 18.34
CA ASN C 285 46.01 26.89 18.43
C ASN C 285 46.16 25.36 18.28
N ALA C 286 45.21 24.74 17.59
CA ALA C 286 45.19 23.28 17.44
C ALA C 286 45.54 22.87 16.01
N GLY C 287 44.52 22.47 15.24
CA GLY C 287 44.71 22.07 13.85
C GLY C 287 43.78 20.99 13.34
N ILE C 288 42.47 21.19 13.52
CA ILE C 288 41.42 20.35 12.90
C ILE C 288 40.27 21.24 12.42
N TYR C 289 39.94 21.18 11.13
CA TYR C 289 38.81 21.95 10.58
C TYR C 289 37.98 21.09 9.62
N ILE C 290 36.70 21.44 9.48
CA ILE C 290 35.70 20.55 8.87
C ILE C 290 35.16 21.04 7.51
N ASP C 291 35.04 20.11 6.56
CA ASP C 291 34.52 20.37 5.20
C ASP C 291 33.48 19.33 4.80
N ASP C 292 32.63 19.69 3.83
CA ASP C 292 31.72 18.74 3.18
C ASP C 292 31.46 19.14 1.73
N THR C 293 32.49 19.03 0.88
CA THR C 293 32.31 19.22 -0.55
C THR C 293 31.54 18.00 -1.01
N PRO C 294 30.22 18.14 -1.21
CA PRO C 294 29.20 17.09 -1.22
C PRO C 294 29.74 15.67 -1.14
N SER C 295 30.31 15.18 -2.24
CA SER C 295 30.99 13.88 -2.27
C SER C 295 32.08 13.91 -3.35
N ILE C 296 33.23 14.47 -2.98
CA ILE C 296 34.35 14.65 -3.90
C ILE C 296 35.10 13.35 -4.20
N ARG C 297 35.37 13.10 -5.48
CA ARG C 297 35.87 11.81 -5.99
C ARG C 297 37.27 11.36 -5.48
N VAL C 298 37.62 10.11 -5.80
CA VAL C 298 38.83 9.44 -5.27
C VAL C 298 40.15 10.10 -5.72
N SER C 299 40.07 10.95 -6.74
CA SER C 299 41.23 11.68 -7.25
C SER C 299 41.31 13.10 -6.71
N ASP C 300 40.14 13.69 -6.44
CA ASP C 300 40.03 15.09 -6.04
C ASP C 300 40.58 15.39 -4.64
N ILE C 301 40.12 14.65 -3.62
CA ILE C 301 40.67 14.76 -2.26
C ILE C 301 42.13 14.33 -2.29
N ARG C 302 42.38 13.25 -3.02
CA ARG C 302 43.72 12.79 -3.34
C ARG C 302 44.57 13.93 -3.93
N ALA C 303 43.93 14.83 -4.67
CA ALA C 303 44.58 16.02 -5.20
C ALA C 303 44.30 17.28 -4.35
N LYS C 304 43.49 17.13 -3.30
CA LYS C 304 43.18 18.24 -2.39
C LYS C 304 44.11 18.21 -1.18
N CYS C 305 44.60 17.03 -0.85
CA CYS C 305 45.58 16.88 0.23
C CYS C 305 47.00 17.15 -0.28
N ARG C 306 47.13 18.30 -0.96
CA ARG C 306 48.39 18.79 -1.49
C ARG C 306 48.58 20.25 -1.07
N ARG C 307 47.47 20.93 -0.76
CA ARG C 307 47.47 22.26 -0.14
C ARG C 307 48.08 22.15 1.26
N LEU C 308 47.70 21.11 1.98
CA LEU C 308 48.09 20.90 3.38
C LEU C 308 49.41 20.16 3.55
N LYS C 309 49.74 19.29 2.59
CA LYS C 309 51.00 18.52 2.63
C LYS C 309 52.22 19.43 2.49
N GLN C 310 52.03 20.54 1.78
CA GLN C 310 53.05 21.58 1.69
C GLN C 310 52.98 22.50 2.90
N GLU C 311 51.78 22.78 3.40
CA GLU C 311 51.55 23.77 4.45
C GLU C 311 51.88 23.28 5.87
N SER C 312 51.37 22.10 6.23
CA SER C 312 51.56 21.56 7.57
C SER C 312 52.45 20.31 7.56
N GLY C 313 52.46 19.60 6.43
CA GLY C 313 53.13 18.31 6.32
C GLY C 313 52.11 17.20 6.15
N LEU C 314 50.86 17.50 6.49
CA LEU C 314 49.70 16.57 6.42
C LEU C 314 49.87 15.32 7.29
N GLY C 315 49.18 15.31 8.43
CA GLY C 315 49.36 14.29 9.47
C GLY C 315 48.46 13.07 9.37
N MET C 316 47.16 13.31 9.22
CA MET C 316 46.18 12.23 9.05
C MET C 316 45.13 12.68 8.05
N ILE C 317 44.50 11.72 7.38
CA ILE C 317 43.37 12.01 6.51
C ILE C 317 42.19 11.12 6.90
N VAL C 318 41.40 11.59 7.87
CA VAL C 318 40.18 10.90 8.27
C VAL C 318 39.08 11.21 7.25
N ILE C 319 38.84 10.27 6.35
CA ILE C 319 37.89 10.47 5.25
C ILE C 319 36.50 9.95 5.61
N ASP C 320 35.49 10.47 4.90
CA ASP C 320 34.15 9.92 4.90
C ASP C 320 34.20 8.52 4.29
N TYR C 321 33.36 7.61 4.78
CA TYR C 321 33.38 6.22 4.32
C TYR C 321 33.60 6.13 2.82
N LEU C 322 34.68 5.46 2.43
CA LEU C 322 35.11 5.31 1.04
C LEU C 322 34.01 4.68 0.17
N GLN C 323 32.79 4.66 0.70
CA GLN C 323 31.64 4.08 0.02
C GLN C 323 30.67 5.16 -0.51
N LEU C 324 30.68 6.34 0.11
CA LEU C 324 29.92 7.49 -0.38
C LEU C 324 30.76 8.31 -1.37
N ILE C 325 32.08 8.07 -1.32
CA ILE C 325 33.04 8.68 -2.24
C ILE C 325 32.91 8.04 -3.63
N GLN C 326 33.18 8.83 -4.68
CA GLN C 326 33.06 8.34 -6.06
C GLN C 326 34.36 8.43 -6.84
N GLU C 338 34.14 -4.90 -7.43
CA GLU C 338 33.57 -3.57 -7.69
C GLU C 338 34.23 -2.48 -6.84
N VAL C 339 34.98 -2.89 -5.80
CA VAL C 339 35.71 -1.94 -4.95
C VAL C 339 37.22 -2.27 -4.86
N SER C 340 37.59 -3.48 -5.30
CA SER C 340 39.00 -3.82 -5.51
C SER C 340 39.58 -2.92 -6.58
N GLU C 341 38.70 -2.09 -7.14
CA GLU C 341 39.03 -1.11 -8.17
C GLU C 341 38.96 0.33 -7.62
N ILE C 342 37.78 0.76 -7.19
CA ILE C 342 37.53 2.15 -6.80
C ILE C 342 38.25 2.56 -5.51
N SER C 343 38.45 1.59 -4.62
CA SER C 343 39.12 1.81 -3.34
C SER C 343 40.65 1.71 -3.43
N ARG C 344 41.16 1.40 -4.62
CA ARG C 344 42.60 1.29 -4.85
C ARG C 344 43.18 2.61 -5.41
N SER C 345 42.66 3.73 -4.91
CA SER C 345 43.16 5.07 -5.22
C SER C 345 43.27 5.90 -3.93
N LEU C 346 43.39 5.21 -2.80
CA LEU C 346 43.62 5.84 -1.49
C LEU C 346 44.59 5.02 -0.62
N LYS C 347 44.94 3.84 -1.11
CA LYS C 347 45.98 2.99 -0.51
C LYS C 347 47.37 3.54 -0.80
N ALA C 348 47.59 3.95 -2.05
CA ALA C 348 48.89 4.43 -2.52
C ALA C 348 49.11 5.93 -2.28
N LEU C 349 48.02 6.67 -2.07
CA LEU C 349 48.09 8.09 -1.71
C LEU C 349 48.69 8.24 -0.31
N ALA C 350 48.53 7.21 0.50
CA ALA C 350 49.16 7.14 1.81
C ALA C 350 50.67 6.95 1.70
N ARG C 351 51.11 6.22 0.68
CA ARG C 351 52.53 5.86 0.51
C ARG C 351 53.41 7.01 0.00
N GLU C 352 52.83 7.88 -0.83
CA GLU C 352 53.55 9.03 -1.38
C GLU C 352 53.32 10.31 -0.55
N LEU C 353 52.06 10.60 -0.21
CA LEU C 353 51.70 11.74 0.66
C LEU C 353 52.25 11.62 2.09
N GLU C 354 52.59 10.38 2.48
CA GLU C 354 53.14 10.06 3.81
C GLU C 354 52.16 10.41 4.95
N VAL C 355 50.87 10.15 4.68
CA VAL C 355 49.78 10.46 5.60
C VAL C 355 48.97 9.21 5.93
N PRO C 356 48.74 8.94 7.24
CA PRO C 356 47.68 8.02 7.63
C PRO C 356 46.35 8.44 7.03
N VAL C 357 45.77 7.55 6.21
CA VAL C 357 44.54 7.87 5.47
C VAL C 357 43.38 6.99 5.95
N ILE C 358 42.45 7.60 6.68
CA ILE C 358 41.28 6.87 7.18
C ILE C 358 40.16 6.87 6.13
N ALA C 359 40.36 6.06 5.08
CA ALA C 359 39.42 5.93 3.97
C ALA C 359 38.47 4.75 4.21
N LEU C 360 37.27 5.05 4.69
CA LEU C 360 36.46 4.09 5.47
C LEU C 360 35.36 3.31 4.75
N SER C 361 34.44 2.75 5.55
CA SER C 361 33.31 1.99 5.06
C SER C 361 32.09 2.18 5.96
N GLN C 362 30.95 1.62 5.54
CA GLN C 362 29.69 1.70 6.28
C GLN C 362 28.97 0.35 6.26
N LEU C 363 29.09 -0.42 7.33
CA LEU C 363 28.43 -1.74 7.44
C LEU C 363 27.08 -1.63 8.16
N ARG C 374 29.53 -5.98 11.43
CA ARG C 374 28.80 -6.95 12.25
C ARG C 374 29.60 -7.48 13.45
N PRO C 375 30.94 -7.61 13.33
CA PRO C 375 31.82 -7.42 12.17
C PRO C 375 32.61 -8.68 11.72
N MET C 376 32.86 -8.78 10.41
CA MET C 376 33.66 -9.88 9.82
C MET C 376 34.46 -9.45 8.57
N MET C 377 35.53 -10.20 8.27
CA MET C 377 36.57 -9.75 7.32
C MET C 377 36.26 -9.94 5.84
N SER C 378 36.19 -11.18 5.37
CA SER C 378 35.83 -11.45 3.99
C SER C 378 34.34 -11.19 3.75
N ASP C 379 33.73 -10.48 4.68
CA ASP C 379 32.34 -10.03 4.60
C ASP C 379 32.28 -8.55 4.20
N ILE C 380 33.29 -7.78 4.58
CA ILE C 380 33.52 -6.48 3.96
C ILE C 380 34.45 -6.68 2.76
N ARG C 381 35.19 -7.78 2.80
CA ARG C 381 35.94 -8.29 1.64
C ARG C 381 35.00 -8.98 0.63
N GLU C 382 33.68 -8.79 0.81
CA GLU C 382 32.63 -9.33 -0.08
C GLU C 382 32.72 -8.85 -1.55
N SER C 383 31.93 -7.84 -1.90
CA SER C 383 31.93 -7.28 -3.26
C SER C 383 33.05 -6.25 -3.42
N GLY C 384 34.29 -6.75 -3.49
CA GLY C 384 35.47 -5.89 -3.66
C GLY C 384 36.77 -6.45 -3.07
N SER C 385 37.66 -5.54 -2.65
CA SER C 385 38.99 -5.90 -2.12
C SER C 385 38.91 -6.28 -0.64
N ILE C 386 39.74 -5.62 0.18
CA ILE C 386 39.69 -5.64 1.65
C ILE C 386 40.60 -6.66 2.35
N GLU C 387 40.74 -7.86 1.78
CA GLU C 387 41.63 -8.88 2.34
C GLU C 387 42.97 -8.90 1.61
N GLN C 388 43.28 -7.82 0.92
CA GLN C 388 44.42 -7.76 -0.02
C GLN C 388 45.41 -6.64 0.28
N ASP C 389 45.65 -5.77 -0.70
CA ASP C 389 46.55 -4.60 -0.57
C ASP C 389 46.19 -3.70 0.61
N ALA C 390 44.89 -3.62 0.90
CA ALA C 390 44.37 -2.87 2.05
C ALA C 390 45.04 -3.34 3.34
N ASP C 391 45.55 -2.39 4.10
CA ASP C 391 46.36 -2.67 5.29
C ASP C 391 45.52 -3.08 6.51
N ILE C 392 45.78 -2.45 7.66
CA ILE C 392 45.04 -2.73 8.91
C ILE C 392 43.53 -2.52 8.77
N VAL C 393 42.75 -3.51 9.22
CA VAL C 393 41.28 -3.44 9.20
C VAL C 393 40.68 -3.98 10.52
N ALA C 394 40.31 -3.06 11.42
CA ALA C 394 39.75 -3.40 12.74
C ALA C 394 38.25 -3.73 12.70
N PHE C 395 37.67 -4.15 13.84
CA PHE C 395 36.26 -4.59 13.90
C PHE C 395 35.50 -4.19 15.16
N LEU C 396 34.79 -3.05 15.10
CA LEU C 396 33.96 -2.57 16.21
C LEU C 396 32.63 -3.32 16.27
N TYR C 397 32.17 -3.60 17.48
CA TYR C 397 30.89 -4.29 17.69
C TYR C 397 29.72 -3.34 17.89
N GLU C 413 34.36 -2.85 22.24
CA GLU C 413 35.64 -3.55 22.15
C GLU C 413 36.22 -3.45 20.74
N ILE C 414 37.45 -2.92 20.64
CA ILE C 414 38.14 -2.80 19.35
C ILE C 414 38.74 -4.14 18.93
N ILE C 415 38.06 -4.86 18.04
CA ILE C 415 38.58 -6.14 17.53
C ILE C 415 39.46 -5.93 16.29
N ILE C 416 40.73 -5.59 16.53
CA ILE C 416 41.71 -5.45 15.45
C ILE C 416 42.17 -6.86 15.01
N ALA C 417 41.18 -7.75 14.81
CA ALA C 417 41.40 -9.12 14.33
C ALA C 417 42.10 -9.11 12.98
N LYS C 418 42.26 -7.91 12.43
CA LYS C 418 43.21 -7.66 11.34
C LYS C 418 43.91 -6.33 11.59
N GLN C 419 45.23 -6.38 11.65
CA GLN C 419 46.04 -5.18 11.59
C GLN C 419 47.36 -5.47 10.91
N ARG C 420 47.56 -4.88 9.74
CA ARG C 420 48.87 -4.86 9.10
C ARG C 420 49.76 -4.01 9.99
N ASN C 421 50.21 -4.62 11.08
CA ASN C 421 50.85 -3.91 12.18
C ASN C 421 51.73 -4.80 13.06
N GLY C 422 51.54 -6.12 12.94
CA GLY C 422 52.29 -7.08 13.72
C GLY C 422 51.42 -7.80 14.74
N PRO C 423 51.32 -7.23 15.96
CA PRO C 423 50.47 -7.78 17.02
C PRO C 423 48.97 -7.60 16.76
N VAL C 424 48.42 -8.50 15.95
CA VAL C 424 47.00 -8.52 15.60
C VAL C 424 46.15 -8.97 16.79
N GLY C 425 45.51 -8.02 17.48
CA GLY C 425 44.77 -8.34 18.71
C GLY C 425 43.71 -7.35 19.18
N THR C 426 42.85 -7.82 20.08
CA THR C 426 41.72 -7.06 20.61
C THR C 426 42.11 -6.29 21.90
N VAL C 427 41.67 -5.04 22.01
CA VAL C 427 41.90 -4.21 23.20
C VAL C 427 40.59 -4.03 23.97
N GLN C 428 40.63 -4.24 25.29
CA GLN C 428 39.42 -4.15 26.12
C GLN C 428 39.02 -2.69 26.34
N LEU C 429 37.79 -2.39 25.96
CA LEU C 429 37.25 -1.02 26.01
C LEU C 429 35.80 -0.99 26.49
N ALA C 430 35.23 0.22 26.55
CA ALA C 430 33.83 0.44 26.92
C ALA C 430 33.36 1.84 26.51
N PHE C 431 32.15 2.21 26.91
CA PHE C 431 31.57 3.54 26.59
C PHE C 431 30.52 3.98 27.63
N ILE C 432 30.64 5.23 28.07
CA ILE C 432 29.68 5.81 29.01
C ILE C 432 28.36 6.17 28.32
N LYS C 433 28.46 6.75 27.13
CA LYS C 433 27.31 7.30 26.36
C LYS C 433 26.61 8.47 27.07
N GLU C 434 27.10 8.81 28.26
CA GLU C 434 26.59 9.93 29.03
C GLU C 434 27.22 11.26 28.60
N TYR C 435 28.55 11.30 28.53
CA TYR C 435 29.29 12.50 28.09
C TYR C 435 30.13 12.26 26.82
N ASN C 436 29.64 11.39 25.93
CA ASN C 436 30.34 10.96 24.69
C ASN C 436 31.80 10.47 24.85
N LYS C 437 32.16 10.09 26.07
CA LYS C 437 33.51 9.64 26.35
C LYS C 437 33.59 8.13 26.54
N PHE C 438 34.53 7.51 25.82
CA PHE C 438 34.69 6.06 25.78
C PHE C 438 35.69 5.61 26.85
N VAL C 439 35.65 4.32 27.18
CA VAL C 439 36.40 3.78 28.33
C VAL C 439 37.36 2.64 27.92
N ASN C 440 38.28 2.29 28.83
CA ASN C 440 39.13 1.10 28.71
C ASN C 440 38.93 0.19 29.94
N LEU C 441 39.94 -0.62 30.26
CA LEU C 441 39.87 -1.47 31.44
C LEU C 441 41.28 -1.76 31.99
N GLU D 15 50.74 27.49 -31.04
CA GLU D 15 51.72 26.77 -30.17
C GLU D 15 51.25 26.66 -28.71
N ALA D 16 50.02 27.12 -28.45
CA ALA D 16 49.40 27.05 -27.12
C ALA D 16 49.08 25.62 -26.71
N GLU D 17 48.70 24.82 -27.69
CA GLU D 17 48.45 23.40 -27.49
C GLU D 17 49.76 22.67 -27.24
N GLN D 18 50.76 23.00 -28.06
CA GLN D 18 52.01 22.25 -28.19
C GLN D 18 52.85 22.11 -26.92
N ALA D 19 52.77 23.10 -26.02
CA ALA D 19 53.60 23.09 -24.82
C ALA D 19 52.81 23.16 -23.50
N VAL D 20 51.87 22.25 -23.34
CA VAL D 20 51.19 22.00 -22.07
C VAL D 20 51.24 20.50 -21.77
N LEU D 21 51.55 19.71 -22.80
CA LEU D 21 51.60 18.25 -22.70
C LEU D 21 53.01 17.68 -22.77
N GLY D 22 53.98 18.41 -22.24
CA GLY D 22 55.38 17.98 -22.27
C GLY D 22 56.17 18.22 -21.00
N ALA D 23 55.82 19.28 -20.28
CA ALA D 23 56.48 19.65 -19.03
C ALA D 23 56.08 18.75 -17.85
N VAL D 24 55.29 17.71 -18.14
CA VAL D 24 54.70 16.85 -17.10
C VAL D 24 55.62 15.74 -16.62
N PHE D 25 56.31 15.11 -17.56
CA PHE D 25 57.21 14.00 -17.23
C PHE D 25 58.49 14.52 -16.56
N LEU D 26 58.29 15.31 -15.49
CA LEU D 26 59.39 16.05 -14.85
C LEU D 26 59.21 16.26 -13.33
N ASP D 27 57.98 16.17 -12.84
CA ASP D 27 57.63 16.70 -11.51
C ASP D 27 57.68 15.76 -10.28
N PRO D 28 57.07 14.56 -10.34
CA PRO D 28 56.39 13.86 -11.46
C PRO D 28 54.91 14.21 -11.68
N ALA D 29 54.16 14.39 -10.60
CA ALA D 29 52.73 14.69 -10.68
C ALA D 29 52.45 16.19 -10.58
N ALA D 30 51.69 16.70 -11.55
CA ALA D 30 51.27 18.12 -11.59
C ALA D 30 50.05 18.31 -12.50
N LEU D 31 48.85 18.04 -11.96
CA LEU D 31 47.61 18.01 -12.76
C LEU D 31 46.50 18.90 -12.20
N VAL D 32 46.51 19.14 -10.89
CA VAL D 32 45.41 19.82 -10.20
C VAL D 32 44.86 21.07 -10.92
N PRO D 33 45.73 22.00 -11.38
CA PRO D 33 45.20 23.11 -12.16
C PRO D 33 44.90 22.75 -13.62
N ALA D 34 45.58 21.74 -14.16
CA ALA D 34 45.36 21.30 -15.54
C ALA D 34 44.04 20.52 -15.73
N SER D 35 43.45 20.08 -14.61
CA SER D 35 42.21 19.27 -14.64
C SER D 35 40.97 20.07 -14.24
N GLU D 36 41.18 21.23 -13.64
CA GLU D 36 40.11 22.10 -13.15
C GLU D 36 40.06 23.41 -13.94
N ILE D 37 41.18 23.76 -14.57
CA ILE D 37 41.23 24.94 -15.45
C ILE D 37 41.20 24.51 -16.93
N LEU D 38 41.31 23.20 -17.17
CA LEU D 38 41.25 22.62 -18.53
C LEU D 38 40.53 21.27 -18.62
N ILE D 39 40.09 20.94 -19.83
CA ILE D 39 39.66 19.60 -20.21
C ILE D 39 40.18 19.29 -21.62
N PRO D 40 40.16 18.01 -22.05
CA PRO D 40 40.70 17.65 -23.37
C PRO D 40 39.97 18.30 -24.54
N GLU D 41 38.69 18.63 -24.37
CA GLU D 41 37.87 19.26 -25.41
C GLU D 41 38.41 20.60 -25.90
N ASP D 42 39.32 21.18 -25.13
CA ASP D 42 39.97 22.44 -25.48
C ASP D 42 40.97 22.28 -26.61
N PHE D 43 41.57 21.09 -26.71
CA PHE D 43 42.64 20.81 -27.67
C PHE D 43 42.11 20.67 -29.11
N TYR D 44 42.93 21.09 -30.08
CA TYR D 44 42.49 21.13 -31.48
C TYR D 44 42.95 19.95 -32.33
N ARG D 45 44.25 19.85 -32.57
CA ARG D 45 44.81 18.80 -33.42
C ARG D 45 44.04 17.49 -33.30
N ALA D 46 43.68 16.90 -34.44
CA ALA D 46 43.10 15.57 -34.47
C ALA D 46 44.12 14.53 -33.99
N ALA D 47 45.04 14.98 -33.14
CA ALA D 47 46.12 14.16 -32.58
C ALA D 47 46.58 14.62 -31.18
N HIS D 48 46.22 15.85 -30.80
CA HIS D 48 46.58 16.42 -29.50
C HIS D 48 45.48 16.30 -28.43
N GLN D 49 44.24 16.28 -28.90
CA GLN D 49 43.03 16.28 -28.06
C GLN D 49 42.96 15.07 -27.13
N LYS D 50 43.06 13.88 -27.72
CA LYS D 50 42.90 12.60 -27.01
C LYS D 50 44.10 12.20 -26.15
N ILE D 51 45.23 12.87 -26.33
CA ILE D 51 46.39 12.68 -25.47
C ILE D 51 46.03 12.97 -24.01
N PHE D 52 45.24 14.03 -23.81
CA PHE D 52 45.01 14.56 -22.47
C PHE D 52 44.21 13.69 -21.50
N HIS D 53 43.13 13.06 -21.95
CA HIS D 53 42.45 12.12 -21.04
C HIS D 53 43.18 10.81 -20.95
N ALA D 54 43.76 10.35 -22.06
CA ALA D 54 44.64 9.20 -21.98
C ALA D 54 45.49 9.42 -20.74
N MET D 55 45.89 10.68 -20.53
CA MET D 55 46.59 11.13 -19.33
C MET D 55 45.71 11.02 -18.09
N LEU D 56 44.51 11.56 -18.14
CA LEU D 56 43.56 11.44 -17.04
C LEU D 56 43.29 9.97 -16.76
N ARG D 57 42.91 9.22 -17.80
CA ARG D 57 42.78 7.77 -17.72
C ARG D 57 43.92 7.14 -16.92
N VAL D 58 45.15 7.49 -17.30
CA VAL D 58 46.36 7.04 -16.60
C VAL D 58 46.40 7.63 -15.19
N ALA D 59 46.11 8.93 -15.07
CA ALA D 59 46.11 9.62 -13.79
C ALA D 59 44.93 9.21 -12.90
N ASP D 60 44.11 8.28 -13.40
CA ASP D 60 42.95 7.77 -12.66
C ASP D 60 43.30 6.60 -11.72
N ARG D 61 44.59 6.32 -11.55
CA ARG D 61 45.04 5.19 -10.71
C ARG D 61 45.64 5.56 -9.34
N GLY D 62 46.82 6.21 -9.27
CA GLY D 62 47.66 6.57 -10.42
C GLY D 62 48.67 7.70 -10.19
N GLU D 63 49.95 7.39 -9.95
CA GLU D 63 50.47 6.01 -9.83
C GLU D 63 51.75 5.79 -8.99
N PRO D 64 52.70 6.76 -8.94
CA PRO D 64 52.89 8.11 -9.50
C PRO D 64 53.17 8.15 -11.01
N VAL D 65 53.14 9.36 -11.58
CA VAL D 65 53.10 9.59 -13.05
C VAL D 65 54.45 9.55 -13.79
N ASP D 66 54.46 8.93 -14.97
CA ASP D 66 55.60 9.00 -15.92
C ASP D 66 55.23 8.94 -17.43
N LEU D 67 56.17 8.42 -18.24
CA LEU D 67 56.04 8.36 -19.69
C LEU D 67 55.52 7.03 -20.22
N VAL D 68 56.01 5.94 -19.64
CA VAL D 68 55.77 4.58 -20.14
C VAL D 68 54.30 4.17 -20.00
N THR D 69 53.64 4.74 -18.99
CA THR D 69 52.20 4.52 -18.76
C THR D 69 51.34 4.96 -19.93
N VAL D 70 51.91 5.82 -20.78
CA VAL D 70 51.26 6.33 -21.99
C VAL D 70 51.40 5.31 -23.13
N THR D 71 52.62 4.83 -23.34
CA THR D 71 52.97 3.98 -24.48
C THR D 71 52.39 2.56 -24.39
N ALA D 72 51.51 2.33 -23.42
CA ALA D 72 50.92 1.02 -23.20
C ALA D 72 49.41 1.07 -22.99
N GLU D 73 48.95 2.10 -22.28
CA GLU D 73 47.52 2.24 -21.96
C GLU D 73 46.67 2.69 -23.15
N LEU D 74 47.28 3.36 -24.13
CA LEU D 74 46.56 3.70 -25.35
C LEU D 74 46.38 2.49 -26.26
N ALA D 75 47.26 1.51 -26.10
CA ALA D 75 47.12 0.21 -26.75
C ALA D 75 46.19 -0.66 -25.90
N ALA D 76 46.10 -0.31 -24.62
CA ALA D 76 45.11 -0.89 -23.72
C ALA D 76 43.78 -0.17 -23.93
N SER D 77 43.84 1.09 -24.36
CA SER D 77 42.66 1.73 -24.91
C SER D 77 42.68 1.45 -26.41
N GLU D 78 43.40 0.39 -26.77
CA GLU D 78 43.48 -0.18 -28.13
C GLU D 78 43.84 0.77 -29.27
N GLN D 79 43.81 2.07 -28.98
CA GLN D 79 43.96 3.10 -30.00
C GLN D 79 45.35 3.77 -30.00
N LEU D 80 46.40 3.02 -29.66
CA LEU D 80 47.76 3.55 -29.71
C LEU D 80 48.27 3.67 -31.15
N GLU D 81 47.47 3.19 -32.11
CA GLU D 81 47.77 3.35 -33.52
C GLU D 81 47.18 4.66 -34.04
N GLU D 82 46.90 5.59 -33.12
CA GLU D 82 46.15 6.82 -33.44
C GLU D 82 46.65 8.09 -32.72
N ILE D 83 47.86 8.05 -32.15
CA ILE D 83 48.50 9.23 -31.51
C ILE D 83 50.03 9.38 -31.76
N GLY D 84 50.79 8.29 -31.63
CA GLY D 84 52.27 8.38 -31.72
C GLY D 84 53.11 7.18 -32.12
N GLY D 85 53.85 6.64 -31.15
CA GLY D 85 54.89 5.62 -31.38
C GLY D 85 56.22 6.06 -30.78
N VAL D 86 57.24 5.19 -30.79
CA VAL D 86 58.57 5.51 -30.24
C VAL D 86 59.30 6.66 -30.96
N SER D 87 58.80 7.00 -32.14
CA SER D 87 59.30 8.13 -32.92
C SER D 87 58.83 9.47 -32.36
N TYR D 88 57.56 9.51 -31.96
CA TYR D 88 56.94 10.75 -31.48
C TYR D 88 56.87 10.86 -29.95
N LEU D 89 56.80 9.72 -29.27
CA LEU D 89 56.68 9.68 -27.80
C LEU D 89 57.97 10.01 -27.04
N SER D 90 59.11 9.92 -27.74
CA SER D 90 60.42 10.24 -27.14
C SER D 90 60.57 11.74 -26.85
N GLU D 91 59.97 12.57 -27.70
CA GLU D 91 60.13 14.03 -27.64
C GLU D 91 59.59 14.71 -26.38
N LEU D 92 58.32 14.48 -26.07
CA LEU D 92 57.55 15.26 -25.09
C LEU D 92 58.23 15.51 -23.73
N ALA D 93 58.94 14.52 -23.22
CA ALA D 93 59.65 14.66 -21.96
C ALA D 93 61.09 15.14 -22.15
N ASP D 94 61.67 14.80 -23.31
CA ASP D 94 63.09 15.02 -23.58
C ASP D 94 63.53 16.50 -23.56
N ALA D 95 62.79 17.34 -24.26
CA ALA D 95 63.24 18.72 -24.55
C ALA D 95 62.80 19.78 -23.53
N VAL D 96 61.56 19.67 -23.05
CA VAL D 96 60.91 20.71 -22.25
C VAL D 96 61.68 21.12 -20.98
N PRO D 97 62.26 22.33 -20.99
CA PRO D 97 63.04 22.84 -19.87
C PRO D 97 62.25 23.81 -19.00
N THR D 98 61.05 23.40 -18.60
CA THR D 98 60.20 24.17 -17.69
C THR D 98 59.36 23.25 -16.79
N ALA D 99 59.11 23.70 -15.56
CA ALA D 99 58.44 22.85 -14.55
C ALA D 99 57.29 23.53 -13.78
N ALA D 100 57.11 24.83 -13.98
CA ALA D 100 56.02 25.56 -13.33
C ALA D 100 54.98 26.06 -14.35
N ASN D 101 54.99 25.43 -15.53
CA ASN D 101 54.10 25.76 -16.64
C ASN D 101 52.61 25.66 -16.30
N VAL D 102 51.92 24.80 -17.06
CA VAL D 102 50.49 24.53 -16.93
C VAL D 102 49.60 25.78 -17.04
N GLU D 103 49.59 26.64 -16.01
CA GLU D 103 48.61 27.73 -15.88
C GLU D 103 47.76 28.08 -17.14
N TYR D 104 48.32 28.60 -18.24
CA TYR D 104 49.58 29.34 -18.35
C TYR D 104 49.60 30.32 -19.55
N TYR D 105 49.53 29.91 -20.83
CA TYR D 105 49.35 28.54 -21.43
C TYR D 105 47.99 27.83 -21.38
N ALA D 106 47.73 27.04 -20.34
CA ALA D 106 46.47 26.29 -20.25
C ALA D 106 45.24 27.20 -20.21
N ARG D 107 45.39 28.38 -19.60
CA ARG D 107 44.34 29.39 -19.67
C ARG D 107 44.24 30.02 -21.06
N ILE D 108 45.31 29.93 -21.84
CA ILE D 108 45.30 30.30 -23.26
C ILE D 108 44.72 29.16 -24.09
N VAL D 109 45.00 27.91 -23.70
CA VAL D 109 44.34 26.74 -24.26
C VAL D 109 42.85 26.80 -23.90
N GLU D 110 42.54 27.54 -22.83
CA GLU D 110 41.17 27.92 -22.51
C GLU D 110 40.77 29.13 -23.35
N GLU D 111 41.63 30.14 -23.39
CA GLU D 111 41.36 31.39 -24.12
C GLU D 111 41.28 31.21 -25.64
N LYS D 112 42.16 30.39 -26.22
CA LYS D 112 42.06 30.04 -27.63
C LYS D 112 41.12 28.83 -27.78
N SER D 113 40.16 28.74 -26.86
CA SER D 113 39.08 27.77 -26.92
C SER D 113 37.81 28.40 -26.34
N VAL D 114 37.95 29.65 -25.88
CA VAL D 114 36.83 30.42 -25.33
C VAL D 114 36.10 31.23 -26.41
N LEU D 115 36.86 31.80 -27.35
CA LEU D 115 36.32 32.52 -28.51
C LEU D 115 35.11 31.78 -29.09
N ARG D 116 35.26 30.47 -29.21
CA ARG D 116 34.28 29.62 -29.88
C ARG D 116 33.25 28.99 -28.92
N ARG D 117 33.26 29.47 -27.67
CA ARG D 117 32.13 29.31 -26.76
C ARG D 117 31.16 30.47 -27.06
N LEU D 118 31.50 31.23 -28.10
CA LEU D 118 30.72 32.38 -28.56
C LEU D 118 30.75 32.49 -30.10
N ILE D 119 31.40 31.53 -30.76
CA ILE D 119 31.54 31.52 -32.23
C ILE D 119 30.90 30.29 -32.90
N ARG D 120 31.08 29.11 -32.30
CA ARG D 120 30.33 27.92 -32.70
C ARG D 120 28.85 28.13 -32.38
N THR D 121 28.59 28.87 -31.31
CA THR D 121 27.24 29.25 -30.90
C THR D 121 26.56 30.11 -31.96
N ALA D 122 27.35 30.96 -32.61
CA ALA D 122 26.84 31.88 -33.64
C ALA D 122 26.02 31.18 -34.71
N THR D 123 26.64 30.30 -35.49
CA THR D 123 25.91 29.60 -36.58
C THR D 123 24.98 28.51 -36.05
N SER D 124 24.86 28.42 -34.72
CA SER D 124 23.81 27.61 -34.07
C SER D 124 22.82 28.55 -33.36
N ILE D 125 22.95 29.84 -33.64
CA ILE D 125 22.07 30.90 -33.13
C ILE D 125 21.72 31.92 -34.24
N ALA D 126 22.68 32.20 -35.13
CA ALA D 126 22.57 33.27 -36.13
C ALA D 126 21.97 32.86 -37.48
N GLN D 127 21.84 31.55 -37.70
CA GLN D 127 21.13 31.00 -38.86
C GLN D 127 19.61 31.13 -38.68
N ASP D 128 19.16 30.99 -37.43
CA ASP D 128 17.74 30.97 -37.06
C ASP D 128 16.89 32.12 -37.64
N GLY D 129 17.54 33.17 -38.11
CA GLY D 129 16.87 34.30 -38.74
C GLY D 129 16.47 34.06 -40.18
N TYR D 130 16.82 32.89 -40.71
CA TYR D 130 16.48 32.54 -42.09
C TYR D 130 16.09 31.06 -42.33
N THR D 131 15.98 30.27 -41.26
CA THR D 131 15.38 28.92 -41.35
C THR D 131 14.30 28.62 -40.28
N ARG D 132 14.43 29.22 -39.10
CA ARG D 132 13.42 29.04 -38.06
C ARG D 132 12.42 30.20 -37.99
N GLU D 133 11.81 30.42 -36.81
CA GLU D 133 10.86 31.52 -36.55
C GLU D 133 9.36 31.29 -36.92
N ASP D 134 8.73 30.12 -36.76
CA ASP D 134 9.18 28.86 -36.13
C ASP D 134 9.86 28.95 -34.74
N GLU D 135 9.43 29.94 -33.95
CA GLU D 135 9.84 30.15 -32.55
C GLU D 135 9.52 31.56 -32.06
N ILE D 136 10.23 32.55 -32.62
CA ILE D 136 10.06 33.99 -32.31
C ILE D 136 10.45 34.37 -30.87
N ASP D 137 9.46 34.46 -29.98
CA ASP D 137 9.67 34.77 -28.56
C ASP D 137 10.60 33.71 -27.97
N VAL D 138 10.41 32.47 -28.41
CA VAL D 138 11.24 31.32 -28.04
C VAL D 138 12.66 31.47 -28.62
N LEU D 139 12.73 31.91 -29.87
CA LEU D 139 13.99 32.10 -30.59
C LEU D 139 14.84 33.20 -29.93
N LEU D 140 14.18 34.13 -29.26
CA LEU D 140 14.86 35.24 -28.57
C LEU D 140 15.21 34.91 -27.13
N ASP D 141 15.16 33.62 -26.77
CA ASP D 141 15.33 33.19 -25.38
C ASP D 141 16.46 32.17 -25.12
N GLU D 142 16.60 31.18 -25.98
CA GLU D 142 17.65 30.15 -25.78
C GLU D 142 18.96 30.52 -26.48
N ALA D 143 18.88 31.43 -27.45
CA ALA D 143 20.05 32.09 -27.99
C ALA D 143 20.77 32.82 -26.86
N ASP D 144 19.97 33.29 -25.90
CA ASP D 144 20.47 33.89 -24.65
C ASP D 144 21.14 32.83 -23.78
N ARG D 145 20.51 31.66 -23.64
CA ARG D 145 21.09 30.53 -22.91
C ARG D 145 22.46 30.18 -23.48
N LYS D 146 22.55 30.19 -24.81
CA LYS D 146 23.76 29.74 -25.52
C LYS D 146 24.90 30.77 -25.53
N ILE D 147 25.28 31.27 -24.35
CA ILE D 147 26.45 32.16 -24.15
C ILE D 147 26.94 32.17 -22.69
N MET D 148 26.00 32.18 -21.74
CA MET D 148 26.23 32.42 -20.30
C MET D 148 27.41 31.70 -19.64
N GLU D 149 27.54 30.41 -19.96
CA GLU D 149 28.46 29.47 -19.31
C GLU D 149 29.89 30.00 -19.12
N ILE D 183 17.59 49.17 11.24
CA ILE D 183 17.55 50.26 10.26
C ILE D 183 18.96 50.58 9.75
N THR D 184 19.15 50.49 8.43
CA THR D 184 20.44 50.79 7.80
C THR D 184 20.42 51.72 6.55
N GLY D 185 19.54 51.49 5.57
CA GLY D 185 18.58 50.37 5.53
C GLY D 185 17.33 50.62 4.71
N ILE D 186 16.79 49.54 4.13
CA ILE D 186 15.47 49.53 3.49
C ILE D 186 14.56 48.59 4.28
N PRO D 187 13.39 49.09 4.74
CA PRO D 187 12.46 48.38 5.65
C PRO D 187 11.77 47.15 5.05
N THR D 188 10.92 46.50 5.85
CA THR D 188 10.17 45.31 5.44
C THR D 188 8.66 45.57 5.41
N GLY D 189 8.20 46.44 6.30
CA GLY D 189 6.78 46.73 6.45
C GLY D 189 6.33 46.50 7.87
N PHE D 190 6.41 45.24 8.31
CA PHE D 190 6.05 44.85 9.68
C PHE D 190 7.12 45.28 10.68
N THR D 191 6.71 45.54 11.91
CA THR D 191 7.63 45.92 12.99
C THR D 191 8.49 44.72 13.43
N GLU D 192 7.85 43.57 13.60
CA GLU D 192 8.55 42.34 14.02
C GLU D 192 9.04 41.48 12.85
N LEU D 193 9.21 42.13 11.69
CA LEU D 193 9.81 41.51 10.52
C LEU D 193 10.94 42.40 9.98
N ASP D 194 10.84 43.70 10.24
CA ASP D 194 11.97 44.62 10.06
C ASP D 194 12.93 44.45 11.25
N ARG D 195 12.49 43.65 12.23
CA ARG D 195 13.27 43.27 13.39
C ARG D 195 14.64 42.68 13.04
N MET D 196 14.65 41.42 12.59
CA MET D 196 15.88 40.64 12.43
C MET D 196 16.50 40.75 11.02
N THR D 197 15.94 41.63 10.19
CA THR D 197 16.40 41.79 8.81
C THR D 197 16.98 43.17 8.55
N SER D 198 16.12 44.19 8.60
CA SER D 198 16.43 45.54 8.12
C SER D 198 16.80 45.50 6.63
N GLY D 199 16.17 44.58 5.90
CA GLY D 199 16.47 44.34 4.49
C GLY D 199 16.62 42.85 4.17
N PHE D 200 16.09 42.37 3.04
CA PHE D 200 15.32 43.14 2.05
C PHE D 200 16.13 44.27 1.38
N GLN D 201 17.22 43.88 0.75
CA GLN D 201 18.20 44.81 0.18
C GLN D 201 18.47 44.53 -1.31
N ARG D 202 19.06 45.51 -2.00
CA ARG D 202 19.24 45.46 -3.45
C ARG D 202 20.31 44.48 -3.96
N SER D 203 20.27 43.24 -3.47
CA SER D 203 21.18 42.16 -3.90
C SER D 203 20.87 40.77 -3.30
N ASP D 204 19.65 40.58 -2.79
CA ASP D 204 19.25 39.29 -2.21
C ASP D 204 17.83 38.84 -2.57
N LEU D 205 17.68 37.55 -2.83
CA LEU D 205 16.39 36.92 -3.12
C LEU D 205 15.72 36.49 -1.82
N ILE D 206 14.47 36.93 -1.64
CA ILE D 206 13.75 36.71 -0.38
C ILE D 206 12.52 35.82 -0.59
N ILE D 207 12.35 34.84 0.29
CA ILE D 207 11.29 33.84 0.12
C ILE D 207 10.45 33.62 1.40
N VAL D 208 9.12 33.66 1.23
CA VAL D 208 8.15 33.44 2.32
C VAL D 208 6.90 32.75 1.72
N ALA D 209 6.50 31.61 2.30
CA ALA D 209 5.37 30.84 1.75
C ALA D 209 4.49 30.12 2.79
N ALA D 210 3.22 29.91 2.44
CA ALA D 210 2.24 29.27 3.31
C ALA D 210 1.70 27.96 2.74
N ARG D 211 0.67 27.40 3.37
CA ARG D 211 0.02 26.16 2.92
C ARG D 211 -1.38 26.43 2.35
N PRO D 212 -2.02 25.41 1.75
CA PRO D 212 -3.40 25.52 1.25
C PRO D 212 -4.36 26.20 2.23
N SER D 213 -4.67 27.46 1.92
CA SER D 213 -5.55 28.32 2.74
C SER D 213 -4.93 28.81 4.05
N VAL D 214 -3.88 29.64 3.92
CA VAL D 214 -3.26 30.34 5.07
C VAL D 214 -3.11 31.84 4.74
N GLY D 215 -3.46 32.21 3.51
CA GLY D 215 -3.34 33.58 3.04
C GLY D 215 -1.89 33.93 2.71
N LYS D 216 -1.47 33.58 1.50
CA LYS D 216 -0.07 33.68 1.08
C LYS D 216 0.37 35.04 0.52
N THR D 217 -0.31 35.52 -0.53
CA THR D 217 -0.05 36.87 -1.06
C THR D 217 -0.68 37.92 -0.14
N ALA D 218 -1.72 37.50 0.57
CA ALA D 218 -2.32 38.28 1.65
C ALA D 218 -1.26 38.81 2.60
N PHE D 219 -0.12 38.14 2.61
CA PHE D 219 1.04 38.49 3.44
C PHE D 219 2.07 39.26 2.61
N ALA D 220 2.19 38.90 1.33
CA ALA D 220 3.12 39.54 0.39
C ALA D 220 2.74 40.99 0.12
N LEU D 221 1.44 41.26 0.08
CA LEU D 221 0.92 42.61 -0.07
C LEU D 221 1.62 43.57 0.88
N ASN D 222 1.77 43.14 2.13
CA ASN D 222 2.23 44.01 3.22
C ASN D 222 3.76 44.09 3.36
N ILE D 223 4.47 43.42 2.46
CA ILE D 223 5.90 43.62 2.32
C ILE D 223 6.11 44.57 1.14
N ALA D 224 5.01 44.90 0.47
CA ALA D 224 5.01 45.76 -0.71
C ALA D 224 4.08 46.96 -0.55
N GLN D 225 2.98 46.80 0.18
CA GLN D 225 1.99 47.86 0.42
C GLN D 225 2.67 49.09 1.00
N ASN D 226 3.42 48.89 2.08
CA ASN D 226 4.23 49.94 2.67
C ASN D 226 5.22 50.50 1.65
N VAL D 227 5.99 49.60 1.03
CA VAL D 227 6.99 49.97 0.03
C VAL D 227 6.34 50.37 -1.31
N ALA D 228 5.20 51.07 -1.22
CA ALA D 228 4.49 51.60 -2.39
C ALA D 228 3.67 52.84 -2.02
N THR D 229 2.66 52.67 -1.18
CA THR D 229 1.76 53.77 -0.78
C THR D 229 2.45 54.75 0.19
N LYS D 230 2.91 54.24 1.32
CA LYS D 230 3.64 55.04 2.31
C LYS D 230 5.13 55.19 1.94
N THR D 231 5.97 54.22 2.30
CA THR D 231 7.41 54.28 1.95
C THR D 231 7.63 54.27 0.43
N ASN D 232 7.81 55.47 -0.12
CA ASN D 232 7.72 55.72 -1.56
C ASN D 232 8.86 55.12 -2.39
N GLU D 233 8.62 53.92 -2.89
CA GLU D 233 9.49 53.26 -3.86
C GLU D 233 8.60 52.53 -4.88
N ASN D 234 8.95 52.64 -6.17
CA ASN D 234 8.18 52.00 -7.24
C ASN D 234 8.38 50.48 -7.30
N VAL D 235 7.27 49.74 -7.21
CA VAL D 235 7.30 48.27 -7.27
C VAL D 235 6.29 47.71 -8.28
N ALA D 236 6.77 46.83 -9.17
CA ALA D 236 5.93 46.23 -10.21
C ALA D 236 5.52 44.80 -9.86
N ILE D 237 4.29 44.66 -9.38
CA ILE D 237 3.77 43.37 -8.92
C ILE D 237 3.45 42.46 -10.11
N PHE D 238 4.46 41.70 -10.54
CA PHE D 238 4.32 40.81 -11.69
C PHE D 238 3.63 39.50 -11.28
N SER D 239 2.48 39.65 -10.62
CA SER D 239 1.75 38.55 -9.98
C SER D 239 1.49 37.35 -10.88
N LEU D 240 2.16 36.24 -10.56
CA LEU D 240 2.01 34.98 -11.28
C LEU D 240 0.63 34.37 -11.00
N GLU D 241 0.21 34.42 -9.74
CA GLU D 241 -1.11 33.95 -9.34
C GLU D 241 -2.21 34.89 -9.83
N MET D 242 -2.42 35.99 -9.10
CA MET D 242 -3.52 36.90 -9.35
C MET D 242 -3.30 37.80 -10.56
N SER D 243 -4.40 38.26 -11.14
CA SER D 243 -4.36 39.16 -12.28
C SER D 243 -4.14 40.62 -11.84
N ALA D 244 -4.73 41.55 -12.59
CA ALA D 244 -4.67 42.98 -12.29
C ALA D 244 -6.06 43.58 -12.15
N GLN D 245 -7.08 42.76 -12.43
CA GLN D 245 -8.47 43.11 -12.18
C GLN D 245 -9.04 42.25 -11.04
N GLN D 246 -8.16 41.94 -10.08
CA GLN D 246 -8.48 41.13 -8.90
C GLN D 246 -7.59 41.49 -7.69
N LEU D 247 -6.38 41.95 -7.98
CA LEU D 247 -5.38 42.29 -6.96
C LEU D 247 -5.75 43.57 -6.17
N VAL D 248 -6.64 44.36 -6.77
CA VAL D 248 -7.08 45.65 -6.22
C VAL D 248 -7.68 45.54 -4.81
N MET D 249 -8.59 44.58 -4.62
CA MET D 249 -9.37 44.48 -3.38
C MET D 249 -8.58 44.15 -2.10
N ARG D 250 -7.72 43.15 -2.16
CA ARG D 250 -7.02 42.67 -0.95
C ARG D 250 -6.20 43.73 -0.20
N MET D 251 -5.98 44.89 -0.84
CA MET D 251 -5.46 46.07 -0.14
C MET D 251 -6.29 47.35 -0.34
N LEU D 252 -7.52 47.19 -0.85
CA LEU D 252 -8.59 48.14 -0.59
C LEU D 252 -9.15 47.74 0.78
N CYS D 253 -8.92 46.48 1.13
CA CYS D 253 -9.43 45.87 2.36
C CYS D 253 -8.45 45.99 3.52
N ALA D 254 -7.15 46.09 3.20
CA ALA D 254 -6.09 46.13 4.20
C ALA D 254 -6.12 47.42 5.04
N GLU D 255 -5.37 48.43 4.63
CA GLU D 255 -5.41 49.73 5.31
C GLU D 255 -6.66 50.51 4.85
N GLY D 256 -7.82 50.00 5.25
CA GLY D 256 -9.12 50.56 4.86
C GLY D 256 -10.28 49.92 5.61
N ASN D 257 -10.13 48.66 5.99
CA ASN D 257 -11.14 47.89 6.72
C ASN D 257 -12.55 47.92 6.09
N ILE D 258 -12.61 47.44 4.85
CA ILE D 258 -13.88 47.35 4.12
C ILE D 258 -13.95 46.00 3.38
N ASN D 259 -13.68 44.92 4.10
CA ASN D 259 -13.70 43.57 3.55
C ASN D 259 -14.67 42.67 4.29
N ALA D 260 -15.91 43.11 4.37
CA ALA D 260 -16.98 42.36 5.04
C ALA D 260 -18.35 42.96 4.70
N GLN D 261 -18.33 44.11 4.02
CA GLN D 261 -19.52 44.90 3.73
C GLN D 261 -20.67 44.22 2.95
N ASN D 262 -20.40 43.35 1.98
CA ASN D 262 -19.07 42.91 1.54
C ASN D 262 -18.57 43.83 0.43
N LEU D 263 -17.24 44.00 0.34
CA LEU D 263 -16.66 44.70 -0.81
C LEU D 263 -16.13 43.75 -1.88
N ARG D 264 -16.90 42.70 -2.13
CA ARG D 264 -16.73 41.82 -3.28
C ARG D 264 -17.69 42.29 -4.39
N THR D 265 -18.54 43.26 -4.07
CA THR D 265 -19.57 43.79 -4.98
C THR D 265 -20.15 45.17 -4.56
N GLY D 266 -20.66 45.91 -5.54
CA GLY D 266 -21.62 46.99 -5.30
C GLY D 266 -21.15 48.35 -4.79
N LYS D 267 -21.97 48.93 -3.91
CA LYS D 267 -21.85 50.32 -3.45
C LYS D 267 -21.64 50.46 -1.93
N LEU D 268 -21.86 51.65 -1.37
CA LEU D 268 -21.45 51.99 0.02
C LEU D 268 -22.51 52.68 0.92
N THR D 269 -22.16 52.87 2.21
CA THR D 269 -23.09 53.31 3.27
C THR D 269 -22.83 54.75 3.81
N PRO D 270 -23.70 55.27 4.73
CA PRO D 270 -23.42 56.54 5.42
C PRO D 270 -22.31 56.44 6.48
N GLU D 271 -21.51 55.37 6.38
CA GLU D 271 -20.32 55.17 7.20
C GLU D 271 -19.21 54.49 6.39
N ASP D 272 -19.51 54.22 5.11
CA ASP D 272 -18.58 53.56 4.18
C ASP D 272 -18.43 54.26 2.81
N TRP D 273 -19.26 55.27 2.54
CA TRP D 273 -19.21 56.03 1.26
C TRP D 273 -17.79 56.48 0.89
N GLY D 274 -17.02 56.85 1.89
CA GLY D 274 -15.65 57.33 1.71
C GLY D 274 -14.63 56.68 2.63
N LYS D 275 -14.68 55.34 2.71
CA LYS D 275 -13.62 54.57 3.36
C LYS D 275 -12.59 54.23 2.30
N LEU D 276 -12.92 54.58 1.05
CA LEU D 276 -12.13 54.25 -0.13
C LEU D 276 -11.54 55.51 -0.78
N THR D 277 -11.92 56.69 -0.27
CA THR D 277 -11.32 57.96 -0.69
C THR D 277 -9.83 57.97 -0.38
N MET D 278 -9.43 57.06 0.51
CA MET D 278 -8.03 56.81 0.83
C MET D 278 -7.76 55.30 1.01
N ALA D 279 -8.39 54.52 0.14
CA ALA D 279 -8.11 53.08 -0.01
C ALA D 279 -8.05 52.73 -1.50
N MET D 280 -9.00 53.26 -2.29
CA MET D 280 -8.83 53.41 -3.73
C MET D 280 -8.42 54.83 -4.08
N GLY D 281 -8.31 55.66 -3.03
CA GLY D 281 -7.65 56.96 -3.13
C GLY D 281 -6.19 56.81 -2.78
N SER D 282 -5.85 55.68 -2.14
CA SER D 282 -4.48 55.29 -1.86
C SER D 282 -4.17 53.93 -2.50
N LEU D 283 -4.15 53.91 -3.84
CA LEU D 283 -3.92 52.69 -4.62
C LEU D 283 -3.26 52.96 -5.99
N SER D 284 -2.86 54.20 -6.22
CA SER D 284 -2.13 54.60 -7.44
C SER D 284 -1.02 55.59 -7.11
N ASN D 285 -1.23 56.39 -6.07
CA ASN D 285 -0.17 57.20 -5.44
C ASN D 285 0.87 56.28 -4.80
N ALA D 286 1.20 55.21 -5.52
CA ALA D 286 2.02 54.13 -5.01
C ALA D 286 2.67 53.41 -6.16
N GLY D 287 3.65 52.56 -5.84
CA GLY D 287 4.21 51.64 -6.82
C GLY D 287 3.18 50.57 -7.11
N ILE D 288 2.22 50.89 -7.98
CA ILE D 288 1.19 49.93 -8.38
C ILE D 288 0.98 49.94 -9.89
N TYR D 289 1.69 49.05 -10.56
CA TYR D 289 1.53 48.78 -11.99
C TYR D 289 1.63 47.27 -12.20
N ILE D 290 0.54 46.59 -11.84
CA ILE D 290 0.48 45.15 -11.73
C ILE D 290 0.66 44.42 -13.06
N ASP D 291 1.34 43.27 -13.00
CA ASP D 291 1.35 42.31 -14.10
C ASP D 291 0.42 41.16 -13.72
N ASP D 292 -0.42 40.75 -14.68
CA ASP D 292 -1.56 39.89 -14.41
C ASP D 292 -1.46 38.45 -14.95
N THR D 293 -0.64 38.29 -15.99
CA THR D 293 -0.61 37.07 -16.81
C THR D 293 -0.11 35.83 -16.04
N PRO D 294 -0.80 34.68 -16.23
CA PRO D 294 -0.50 33.31 -15.78
C PRO D 294 0.95 32.80 -15.87
N SER D 295 1.13 31.56 -16.32
CA SER D 295 2.42 30.84 -16.24
C SER D 295 3.49 31.34 -17.23
N ILE D 296 3.99 32.54 -16.98
CA ILE D 296 5.02 33.14 -17.84
C ILE D 296 6.42 32.66 -17.47
N ARG D 297 7.27 32.53 -18.49
CA ARG D 297 8.69 32.25 -18.31
C ARG D 297 9.39 33.50 -17.82
N VAL D 298 10.67 33.38 -17.47
CA VAL D 298 11.45 34.49 -16.91
C VAL D 298 11.60 35.65 -17.91
N SER D 299 11.34 35.37 -19.19
CA SER D 299 11.59 36.33 -20.27
C SER D 299 10.83 37.65 -20.13
N ASP D 300 9.51 37.61 -20.30
CA ASP D 300 8.69 38.82 -20.24
C ASP D 300 8.49 39.33 -18.81
N ILE D 301 9.62 39.45 -18.08
CA ILE D 301 9.64 39.98 -16.72
C ILE D 301 10.80 40.97 -16.55
N ARG D 302 12.00 40.51 -16.86
CA ARG D 302 13.24 41.27 -16.63
C ARG D 302 13.34 42.55 -17.46
N ALA D 303 13.17 42.43 -18.78
CA ALA D 303 13.37 43.53 -19.71
C ALA D 303 12.45 44.71 -19.45
N LYS D 304 11.15 44.43 -19.29
CA LYS D 304 10.13 45.46 -19.12
C LYS D 304 10.08 46.05 -17.70
N CYS D 305 10.86 45.45 -16.79
CA CYS D 305 11.03 45.97 -15.42
C CYS D 305 12.29 46.83 -15.29
N ARG D 306 13.38 46.35 -15.90
CA ARG D 306 14.73 46.95 -15.82
C ARG D 306 14.74 48.47 -15.97
N ARG D 307 13.91 48.98 -16.88
CA ARG D 307 13.95 50.38 -17.30
C ARG D 307 13.33 51.38 -16.34
N LEU D 308 12.50 50.91 -15.40
CA LEU D 308 11.81 51.80 -14.46
C LEU D 308 12.79 52.51 -13.51
N LYS D 309 14.08 52.32 -13.75
CA LYS D 309 15.15 52.88 -12.92
C LYS D 309 15.35 54.40 -13.07
N GLN D 310 15.34 54.88 -14.31
CA GLN D 310 15.76 56.27 -14.61
C GLN D 310 14.64 57.33 -14.75
N GLU D 311 13.38 56.91 -14.63
CA GLU D 311 12.25 57.85 -14.65
C GLU D 311 11.85 58.29 -13.22
N SER D 312 11.87 57.34 -12.29
CA SER D 312 11.58 57.59 -10.87
C SER D 312 12.34 56.68 -9.90
N GLY D 313 12.27 55.36 -10.13
CA GLY D 313 13.00 54.40 -9.30
C GLY D 313 12.43 52.99 -9.28
N LEU D 314 13.09 52.11 -8.51
CA LEU D 314 12.64 50.73 -8.31
C LEU D 314 13.12 50.19 -6.96
N GLY D 315 12.23 49.47 -6.28
CA GLY D 315 12.52 48.94 -4.95
C GLY D 315 12.40 47.42 -4.88
N MET D 316 11.43 46.95 -4.10
CA MET D 316 11.30 45.52 -3.78
C MET D 316 10.21 44.82 -4.59
N ILE D 317 10.62 44.00 -5.56
CA ILE D 317 9.68 43.24 -6.38
C ILE D 317 9.08 42.07 -5.59
N VAL D 318 7.82 42.22 -5.20
CA VAL D 318 7.08 41.18 -4.49
C VAL D 318 6.06 40.55 -5.44
N ILE D 319 6.10 39.23 -5.54
CA ILE D 319 5.34 38.52 -6.57
C ILE D 319 4.28 37.58 -5.96
N ASP D 320 3.89 36.56 -6.72
CA ASP D 320 2.91 35.55 -6.33
C ASP D 320 3.46 34.15 -6.69
N TYR D 321 2.81 33.11 -6.15
CA TYR D 321 3.40 31.74 -6.07
C TYR D 321 4.26 31.22 -7.24
N LEU D 322 5.32 30.50 -6.89
CA LEU D 322 6.44 30.16 -7.79
C LEU D 322 6.19 29.01 -8.76
N GLN D 323 5.64 27.91 -8.27
CA GLN D 323 5.39 26.72 -9.09
C GLN D 323 4.56 27.07 -10.33
N LEU D 324 4.19 28.35 -10.42
CA LEU D 324 3.46 28.91 -11.55
C LEU D 324 4.40 29.33 -12.69
N ILE D 325 5.51 29.98 -12.34
CA ILE D 325 6.51 30.39 -13.34
C ILE D 325 7.19 29.18 -14.00
N GLN D 326 6.73 28.85 -15.21
CA GLN D 326 7.21 27.69 -15.96
C GLN D 326 7.28 27.99 -17.45
N GLU D 338 12.11 24.46 -15.57
CA GLU D 338 10.96 25.13 -14.98
C GLU D 338 11.29 25.76 -13.62
N VAL D 339 12.39 25.31 -13.01
CA VAL D 339 12.81 25.79 -11.69
C VAL D 339 14.32 25.78 -11.42
N SER D 340 15.01 24.72 -11.86
CA SER D 340 16.47 24.60 -11.65
C SER D 340 17.23 25.74 -12.34
N GLU D 341 16.70 26.19 -13.47
CA GLU D 341 17.16 27.39 -14.17
C GLU D 341 16.41 28.64 -13.69
N ILE D 342 15.14 28.46 -13.31
CA ILE D 342 14.27 29.59 -12.95
C ILE D 342 14.53 30.17 -11.54
N SER D 343 14.68 29.29 -10.55
CA SER D 343 15.11 29.69 -9.21
C SER D 343 16.59 30.13 -9.22
N ARG D 344 17.21 29.95 -10.39
CA ARG D 344 18.59 30.34 -10.66
C ARG D 344 18.61 31.68 -11.43
N SER D 345 17.46 32.05 -12.00
CA SER D 345 17.35 33.26 -12.83
C SER D 345 16.71 34.44 -12.10
N LEU D 346 16.83 34.45 -10.77
CA LEU D 346 16.34 35.56 -9.98
C LEU D 346 17.42 36.11 -9.04
N LYS D 347 18.57 35.43 -8.99
CA LYS D 347 19.74 35.89 -8.23
C LYS D 347 20.37 37.10 -8.92
N ALA D 348 20.56 37.01 -10.24
CA ALA D 348 21.08 38.12 -11.03
C ALA D 348 20.03 39.23 -11.19
N LEU D 349 18.76 38.88 -10.98
CA LEU D 349 17.65 39.85 -10.98
C LEU D 349 17.73 40.73 -9.74
N ALA D 350 18.37 40.21 -8.70
CA ALA D 350 18.51 40.90 -7.42
C ALA D 350 19.82 41.70 -7.32
N ARG D 351 20.88 41.22 -7.96
CA ARG D 351 22.21 41.82 -7.79
C ARG D 351 22.64 42.78 -8.91
N GLU D 352 22.46 42.37 -10.16
CA GLU D 352 22.81 43.22 -11.32
C GLU D 352 21.84 44.40 -11.44
N LEU D 353 20.55 44.09 -11.49
CA LEU D 353 19.49 45.10 -11.49
C LEU D 353 19.31 45.72 -10.11
N GLU D 354 19.96 45.13 -9.11
CA GLU D 354 19.97 45.63 -7.74
C GLU D 354 18.55 45.72 -7.15
N VAL D 355 17.94 44.56 -6.88
CA VAL D 355 16.54 44.47 -6.46
C VAL D 355 16.32 43.52 -5.28
N PRO D 356 15.70 44.02 -4.19
CA PRO D 356 15.26 43.17 -3.08
C PRO D 356 14.01 42.36 -3.46
N VAL D 357 14.19 41.38 -4.34
CA VAL D 357 13.09 40.57 -4.85
C VAL D 357 12.49 39.72 -3.75
N ILE D 358 11.16 39.79 -3.60
CA ILE D 358 10.44 39.02 -2.60
C ILE D 358 9.47 38.05 -3.27
N ALA D 359 9.92 36.82 -3.46
CA ALA D 359 9.13 35.78 -4.12
C ALA D 359 8.13 35.11 -3.17
N LEU D 360 7.21 34.34 -3.76
CA LEU D 360 6.26 33.51 -3.00
C LEU D 360 6.11 32.13 -3.66
N SER D 361 5.61 31.15 -2.91
CA SER D 361 5.45 29.79 -3.44
C SER D 361 4.21 29.06 -2.90
N GLN D 362 3.82 27.99 -3.59
CA GLN D 362 2.75 27.09 -3.18
C GLN D 362 2.96 25.73 -3.83
N LEU D 363 2.74 24.67 -3.06
CA LEU D 363 2.89 23.30 -3.56
C LEU D 363 1.56 22.75 -4.06
N ARG D 374 5.27 19.18 6.14
CA ARG D 374 4.44 19.57 7.28
C ARG D 374 3.95 21.03 7.23
N PRO D 375 4.68 21.92 6.51
CA PRO D 375 5.96 21.76 5.80
C PRO D 375 7.19 22.21 6.61
N MET D 376 8.37 21.85 6.11
CA MET D 376 9.65 22.23 6.72
C MET D 376 10.76 22.42 5.67
N MET D 377 12.03 22.38 6.11
CA MET D 377 13.17 22.70 5.24
C MET D 377 13.54 21.62 4.22
N SER D 378 13.28 20.36 4.57
CA SER D 378 13.50 19.25 3.63
C SER D 378 12.45 19.30 2.51
N ASP D 379 11.24 19.74 2.86
CA ASP D 379 10.13 19.88 1.91
C ASP D 379 10.41 20.89 0.79
N ILE D 380 11.56 21.55 0.85
CA ILE D 380 12.05 22.39 -0.24
C ILE D 380 13.44 21.99 -0.73
N ARG D 381 13.96 20.88 -0.21
CA ARG D 381 15.19 20.27 -0.75
C ARG D 381 14.86 18.94 -1.41
N GLU D 382 13.82 18.28 -0.90
CA GLU D 382 13.17 17.16 -1.57
C GLU D 382 12.40 17.72 -2.76
N SER D 383 11.80 18.89 -2.54
CA SER D 383 11.02 19.59 -3.55
C SER D 383 11.51 21.04 -3.78
N GLY D 384 12.47 21.18 -4.68
CA GLY D 384 12.99 22.48 -5.11
C GLY D 384 14.46 22.70 -4.77
N SER D 385 15.09 23.63 -5.49
CA SER D 385 16.40 24.12 -5.12
C SER D 385 16.18 25.03 -3.92
N ILE D 386 15.75 26.27 -4.19
CA ILE D 386 15.21 27.21 -3.19
C ILE D 386 16.15 27.60 -2.04
N GLU D 387 16.82 26.61 -1.43
CA GLU D 387 17.63 26.80 -0.22
C GLU D 387 18.77 27.83 -0.35
N GLN D 388 19.75 27.56 -1.21
CA GLN D 388 20.82 28.54 -1.46
C GLN D 388 20.42 29.60 -2.49
N ASP D 389 19.42 29.27 -3.31
CA ASP D 389 18.87 30.19 -4.32
C ASP D 389 18.30 31.43 -3.65
N ALA D 390 17.27 31.22 -2.83
CA ALA D 390 16.74 32.25 -1.94
C ALA D 390 17.28 31.96 -0.54
N ASP D 391 18.29 32.73 -0.13
CA ASP D 391 19.06 32.42 1.08
C ASP D 391 18.56 33.00 2.42
N ILE D 392 17.61 33.94 2.35
CA ILE D 392 16.92 34.44 3.55
C ILE D 392 15.53 33.79 3.65
N VAL D 393 15.52 32.51 4.02
CA VAL D 393 14.31 31.68 3.98
C VAL D 393 13.36 32.00 5.14
N ALA D 394 12.31 32.75 4.82
CA ALA D 394 11.24 33.00 5.77
C ALA D 394 10.06 32.05 5.50
N PHE D 395 9.19 31.90 6.49
CA PHE D 395 8.02 31.01 6.39
C PHE D 395 6.73 31.75 6.74
N LEU D 396 5.61 31.23 6.23
CA LEU D 396 4.29 31.60 6.72
C LEU D 396 3.69 30.33 7.33
N TYR D 397 4.52 29.65 8.11
CA TYR D 397 4.17 28.39 8.76
C TYR D 397 3.29 28.62 9.99
N GLU D 413 2.59 32.15 12.81
CA GLU D 413 4.01 32.25 13.16
C GLU D 413 4.91 32.04 11.93
N ILE D 414 6.17 32.46 12.07
CA ILE D 414 7.12 32.53 10.94
C ILE D 414 8.45 31.83 11.28
N ILE D 415 8.94 31.01 10.35
CA ILE D 415 10.27 30.40 10.47
C ILE D 415 11.28 31.12 9.58
N ILE D 416 12.36 31.60 10.19
CA ILE D 416 13.49 32.15 9.43
C ILE D 416 14.76 31.43 9.87
N ALA D 417 14.67 30.11 10.03
CA ALA D 417 15.80 29.27 10.41
C ALA D 417 16.99 29.55 9.52
N LYS D 418 16.76 29.59 8.20
CA LYS D 418 17.78 30.05 7.28
C LYS D 418 17.55 31.51 6.91
N GLN D 419 18.63 32.28 6.96
CA GLN D 419 18.68 33.66 6.55
C GLN D 419 20.14 34.09 6.47
N ARG D 420 20.51 34.71 5.36
CA ARG D 420 21.83 35.34 5.26
C ARG D 420 21.75 36.77 5.81
N ASN D 421 21.04 36.90 6.94
CA ASN D 421 20.84 38.15 7.66
C ASN D 421 20.87 37.97 9.19
N GLY D 422 20.70 36.72 9.64
CA GLY D 422 20.75 36.36 11.07
C GLY D 422 20.88 34.85 11.32
N PRO D 423 20.67 34.41 12.57
CA PRO D 423 20.69 32.97 12.90
C PRO D 423 19.29 32.30 12.83
N VAL D 424 18.85 31.71 13.94
CA VAL D 424 17.52 31.07 14.03
C VAL D 424 16.68 31.69 15.17
N GLY D 425 15.85 32.68 14.83
CA GLY D 425 15.00 33.38 15.79
C GLY D 425 13.52 33.09 15.61
N THR D 426 12.68 33.65 16.49
CA THR D 426 11.23 33.34 16.49
C THR D 426 10.34 34.45 17.09
N VAL D 427 9.05 34.41 16.75
CA VAL D 427 8.01 35.29 17.32
C VAL D 427 6.71 34.48 17.59
N GLN D 428 5.55 35.13 17.54
CA GLN D 428 4.22 34.51 17.72
C GLN D 428 3.15 35.41 17.11
N LEU D 429 2.28 34.88 16.24
CA LEU D 429 1.36 35.74 15.47
C LEU D 429 -0.09 35.28 15.27
N ALA D 430 -0.95 36.25 15.00
CA ALA D 430 -2.38 36.05 14.70
C ALA D 430 -2.92 37.14 13.76
N PHE D 431 -4.14 36.92 13.26
CA PHE D 431 -4.75 37.71 12.18
C PHE D 431 -5.84 38.65 12.71
N ILE D 432 -6.22 39.65 11.91
CA ILE D 432 -7.52 40.33 12.07
C ILE D 432 -8.56 39.41 11.44
N LYS D 433 -8.15 38.75 10.37
CA LYS D 433 -8.87 37.66 9.68
C LYS D 433 -9.78 38.06 8.52
N GLU D 434 -10.64 39.06 8.71
CA GLU D 434 -11.64 39.44 7.70
C GLU D 434 -11.21 40.53 6.71
N TYR D 435 -10.47 41.52 7.21
CA TYR D 435 -10.01 42.64 6.36
C TYR D 435 -8.69 42.34 5.66
N ASN D 436 -8.15 41.15 5.90
CA ASN D 436 -6.89 40.67 5.31
C ASN D 436 -5.64 41.38 5.87
N LYS D 437 -5.75 41.92 7.08
CA LYS D 437 -4.63 42.58 7.75
C LYS D 437 -3.93 41.68 8.78
N PHE D 438 -2.78 41.12 8.39
CA PHE D 438 -1.93 40.35 9.29
C PHE D 438 -1.30 41.30 10.32
N VAL D 439 -1.63 41.09 11.59
CA VAL D 439 -1.24 42.02 12.66
C VAL D 439 0.02 41.59 13.40
N ASN D 440 0.57 42.50 14.20
CA ASN D 440 1.78 42.25 15.00
C ASN D 440 1.45 42.01 16.47
N LEU D 441 2.23 41.14 17.14
CA LEU D 441 2.07 40.85 18.57
C LEU D 441 3.13 41.61 19.39
N GLU E 15 -3.54 -23.07 -53.89
CA GLU E 15 -3.75 -24.27 -54.75
C GLU E 15 -3.82 -25.57 -53.94
N ALA E 16 -4.65 -25.56 -52.90
CA ALA E 16 -4.91 -26.77 -52.13
C ALA E 16 -5.90 -27.65 -52.88
N GLU E 17 -6.71 -27.02 -53.73
CA GLU E 17 -7.73 -27.67 -54.54
C GLU E 17 -7.29 -29.02 -55.11
N GLN E 18 -6.09 -29.03 -55.70
CA GLN E 18 -5.51 -30.25 -56.26
C GLN E 18 -5.50 -31.37 -55.24
N ALA E 19 -5.04 -31.04 -54.04
CA ALA E 19 -5.03 -31.97 -52.92
C ALA E 19 -6.42 -32.11 -52.30
N VAL E 20 -7.30 -31.15 -52.57
CA VAL E 20 -8.63 -31.10 -51.94
C VAL E 20 -9.70 -31.99 -52.60
N LEU E 21 -9.52 -32.33 -53.88
CA LEU E 21 -10.55 -33.07 -54.62
C LEU E 21 -10.33 -34.58 -54.79
N GLY E 22 -9.08 -35.03 -54.65
CA GLY E 22 -8.71 -36.41 -55.01
C GLY E 22 -8.70 -37.47 -53.92
N ALA E 23 -9.56 -37.30 -52.93
CA ALA E 23 -9.61 -38.21 -51.78
C ALA E 23 -10.96 -38.90 -51.61
N VAL E 24 -11.98 -38.40 -52.31
CA VAL E 24 -13.32 -38.99 -52.26
C VAL E 24 -13.30 -40.34 -52.98
N PHE E 25 -12.10 -40.90 -53.14
CA PHE E 25 -11.90 -42.23 -53.70
C PHE E 25 -11.31 -43.18 -52.65
N LEU E 26 -10.40 -42.64 -51.83
CA LEU E 26 -9.66 -43.43 -50.83
C LEU E 26 -10.57 -43.98 -49.73
N ASP E 27 -11.58 -43.19 -49.36
CA ASP E 27 -12.52 -43.55 -48.30
C ASP E 27 -13.48 -44.69 -48.71
N PRO E 28 -14.25 -44.54 -49.82
CA PRO E 28 -14.46 -43.41 -50.76
C PRO E 28 -15.43 -42.34 -50.24
N ALA E 29 -16.29 -42.71 -49.30
CA ALA E 29 -17.22 -41.76 -48.67
C ALA E 29 -16.47 -40.65 -47.92
N ALA E 30 -15.42 -40.13 -48.55
CA ALA E 30 -14.71 -38.96 -48.07
C ALA E 30 -15.47 -37.73 -48.52
N LEU E 31 -16.79 -37.88 -48.58
CA LEU E 31 -17.69 -36.77 -48.80
C LEU E 31 -18.65 -36.65 -47.62
N VAL E 32 -18.49 -37.56 -46.64
CA VAL E 32 -19.26 -37.51 -45.40
C VAL E 32 -19.06 -36.17 -44.66
N PRO E 33 -17.80 -35.67 -44.56
CA PRO E 33 -17.63 -34.30 -44.11
C PRO E 33 -17.45 -33.29 -45.24
N ALA E 34 -16.89 -33.74 -46.37
CA ALA E 34 -16.64 -32.87 -47.54
C ALA E 34 -17.90 -32.30 -48.17
N SER E 35 -19.01 -33.04 -48.11
CA SER E 35 -20.32 -32.50 -48.52
C SER E 35 -21.14 -32.01 -47.32
N GLU E 36 -20.48 -31.92 -46.17
CA GLU E 36 -21.05 -31.28 -44.98
C GLU E 36 -20.30 -29.97 -44.67
N ILE E 37 -19.50 -29.52 -45.64
CA ILE E 37 -18.66 -28.32 -45.48
C ILE E 37 -18.91 -27.21 -46.54
N LEU E 38 -18.27 -27.31 -47.72
CA LEU E 38 -18.32 -26.24 -48.74
C LEU E 38 -19.14 -26.57 -50.00
N ILE E 39 -18.92 -25.78 -51.06
CA ILE E 39 -19.65 -25.90 -52.33
C ILE E 39 -18.71 -25.84 -53.57
N PRO E 40 -19.25 -26.08 -54.78
CA PRO E 40 -18.45 -26.15 -56.02
C PRO E 40 -17.88 -24.81 -56.50
N GLU E 41 -18.52 -23.70 -56.08
CA GLU E 41 -18.10 -22.36 -56.51
C GLU E 41 -16.63 -22.04 -56.21
N ASP E 42 -16.17 -22.43 -55.01
CA ASP E 42 -14.80 -22.16 -54.56
C ASP E 42 -13.74 -22.55 -55.59
N PHE E 43 -14.11 -23.47 -56.47
CA PHE E 43 -13.23 -23.92 -57.55
C PHE E 43 -13.20 -22.91 -58.69
N TYR E 44 -12.01 -22.36 -58.91
CA TYR E 44 -11.77 -21.37 -59.97
C TYR E 44 -11.95 -21.95 -61.37
N ARG E 45 -11.20 -23.03 -61.65
CA ARG E 45 -11.25 -23.69 -62.96
C ARG E 45 -12.64 -24.27 -63.20
N ALA E 46 -13.11 -24.16 -64.44
CA ALA E 46 -14.47 -24.58 -64.83
C ALA E 46 -14.69 -26.09 -64.65
N ALA E 47 -13.59 -26.83 -64.52
CA ALA E 47 -13.64 -28.24 -64.19
C ALA E 47 -14.15 -28.45 -62.76
N HIS E 48 -13.27 -28.18 -61.79
CA HIS E 48 -13.51 -28.46 -60.36
C HIS E 48 -14.89 -28.06 -59.84
N GLN E 49 -15.39 -26.92 -60.30
CA GLN E 49 -16.74 -26.45 -59.98
C GLN E 49 -17.77 -27.44 -60.51
N LYS E 50 -17.96 -27.44 -61.84
CA LYS E 50 -18.89 -28.36 -62.52
C LYS E 50 -18.58 -29.84 -62.19
N ILE E 51 -17.37 -30.09 -61.68
CA ILE E 51 -17.04 -31.37 -61.09
C ILE E 51 -17.80 -31.51 -59.77
N PHE E 52 -17.51 -30.63 -58.81
CA PHE E 52 -18.15 -30.69 -57.50
C PHE E 52 -19.64 -30.38 -57.53
N HIS E 53 -20.08 -29.68 -58.58
CA HIS E 53 -21.50 -29.41 -58.81
C HIS E 53 -22.21 -30.72 -59.16
N ALA E 54 -21.60 -31.50 -60.05
CA ALA E 54 -22.08 -32.84 -60.36
C ALA E 54 -21.53 -33.86 -59.36
N MET E 55 -20.71 -33.39 -58.42
CA MET E 55 -20.33 -34.18 -57.25
C MET E 55 -21.35 -33.96 -56.14
N LEU E 56 -22.36 -33.13 -56.41
CA LEU E 56 -23.40 -32.85 -55.43
C LEU E 56 -24.80 -33.05 -56.02
N ARG E 57 -25.04 -34.30 -56.42
CA ARG E 57 -26.32 -34.75 -56.95
C ARG E 57 -26.53 -36.18 -56.49
N VAL E 58 -25.47 -36.74 -55.91
CA VAL E 58 -25.46 -38.10 -55.35
C VAL E 58 -26.41 -38.23 -54.15
N ALA E 59 -26.35 -37.25 -53.26
CA ALA E 59 -26.96 -37.32 -51.93
C ALA E 59 -28.49 -37.32 -51.88
N ASP E 60 -29.14 -37.37 -53.04
CA ASP E 60 -30.60 -37.31 -53.12
C ASP E 60 -31.28 -38.57 -52.57
N ARG E 61 -30.49 -39.60 -52.31
CA ARG E 61 -31.02 -40.90 -51.84
C ARG E 61 -30.27 -41.43 -50.60
N GLY E 62 -28.96 -41.64 -50.67
CA GLY E 62 -28.16 -41.44 -51.88
C GLY E 62 -26.65 -41.37 -51.71
N GLU E 63 -25.90 -42.11 -52.53
CA GLU E 63 -26.47 -43.03 -53.52
C GLU E 63 -25.63 -44.28 -53.86
N PRO E 64 -24.36 -44.36 -53.38
CA PRO E 64 -23.53 -43.42 -52.65
C PRO E 64 -22.30 -42.92 -53.43
N VAL E 65 -21.11 -43.35 -53.01
CA VAL E 65 -19.84 -42.72 -53.44
C VAL E 65 -18.97 -43.59 -54.37
N ASP E 66 -18.73 -43.10 -55.58
CA ASP E 66 -17.79 -43.72 -56.54
C ASP E 66 -17.41 -42.79 -57.71
N LEU E 67 -16.12 -42.79 -58.07
CA LEU E 67 -15.61 -42.00 -59.19
C LEU E 67 -16.37 -42.32 -60.48
N VAL E 68 -16.83 -43.56 -60.57
CA VAL E 68 -17.62 -44.01 -61.70
C VAL E 68 -19.01 -43.36 -61.71
N THR E 69 -19.57 -43.11 -60.52
CA THR E 69 -20.83 -42.36 -60.40
C THR E 69 -20.60 -40.90 -60.79
N VAL E 70 -19.33 -40.56 -60.99
CA VAL E 70 -18.95 -39.25 -61.50
C VAL E 70 -18.38 -39.35 -62.91
N THR E 71 -17.93 -40.55 -63.30
CA THR E 71 -17.53 -40.79 -64.70
C THR E 71 -18.74 -41.08 -65.59
N ALA E 72 -19.91 -41.18 -64.98
CA ALA E 72 -21.17 -41.21 -65.71
C ALA E 72 -21.93 -39.91 -65.42
N GLU E 73 -21.18 -38.87 -65.06
CA GLU E 73 -21.73 -37.62 -64.55
C GLU E 73 -21.04 -36.38 -65.15
N LEU E 74 -19.76 -36.52 -65.46
CA LEU E 74 -19.00 -35.44 -66.07
C LEU E 74 -18.73 -35.77 -67.54
N ALA E 75 -19.21 -36.94 -67.95
CA ALA E 75 -19.27 -37.36 -69.34
C ALA E 75 -20.71 -37.25 -69.84
N ALA E 76 -21.65 -37.18 -68.90
CA ALA E 76 -23.07 -36.98 -69.20
C ALA E 76 -23.36 -35.51 -69.50
N SER E 77 -22.99 -34.64 -68.56
CA SER E 77 -22.93 -33.20 -68.80
C SER E 77 -21.49 -32.89 -69.24
N GLU E 78 -21.30 -32.76 -70.54
CA GLU E 78 -19.96 -32.87 -71.13
C GLU E 78 -18.91 -31.88 -70.59
N GLN E 79 -18.33 -32.27 -69.48
CA GLN E 79 -17.05 -31.76 -69.04
C GLN E 79 -16.05 -32.89 -69.26
N LEU E 80 -16.48 -33.84 -70.08
CA LEU E 80 -15.64 -34.90 -70.63
C LEU E 80 -14.53 -34.27 -71.49
N GLU E 81 -14.91 -33.29 -72.31
CA GLU E 81 -13.98 -32.52 -73.12
C GLU E 81 -13.68 -31.16 -72.44
N GLU E 82 -14.04 -31.06 -71.16
CA GLU E 82 -13.96 -29.81 -70.39
C GLU E 82 -13.63 -30.04 -68.90
N ILE E 83 -12.45 -30.64 -68.65
CA ILE E 83 -11.94 -30.79 -67.28
C ILE E 83 -10.41 -30.83 -67.30
N GLY E 84 -9.88 -31.85 -67.95
CA GLY E 84 -8.44 -32.11 -68.01
C GLY E 84 -8.23 -33.47 -68.67
N GLY E 85 -9.31 -33.99 -69.23
CA GLY E 85 -9.31 -35.30 -69.87
C GLY E 85 -9.15 -36.42 -68.86
N VAL E 86 -9.20 -37.65 -69.39
CA VAL E 86 -9.05 -38.87 -68.58
C VAL E 86 -7.81 -38.87 -67.68
N SER E 87 -6.68 -38.41 -68.22
CA SER E 87 -5.45 -38.28 -67.44
C SER E 87 -5.76 -37.62 -66.10
N TYR E 88 -6.41 -36.46 -66.13
CA TYR E 88 -6.66 -35.68 -64.93
C TYR E 88 -7.71 -36.20 -63.95
N LEU E 89 -8.43 -37.26 -64.35
CA LEU E 89 -9.51 -37.80 -63.53
C LEU E 89 -9.01 -38.79 -62.49
N SER E 90 -8.30 -39.82 -62.94
CA SER E 90 -7.74 -40.83 -62.05
C SER E 90 -6.56 -40.29 -61.26
N GLU E 91 -5.82 -39.38 -61.88
CA GLU E 91 -4.64 -38.74 -61.27
C GLU E 91 -5.01 -37.86 -60.06
N LEU E 92 -6.24 -38.02 -59.59
CA LEU E 92 -6.68 -37.45 -58.32
C LEU E 92 -6.64 -38.52 -57.23
N ALA E 93 -7.08 -39.73 -57.56
CA ALA E 93 -6.87 -40.89 -56.71
C ALA E 93 -5.38 -41.10 -56.51
N ASP E 94 -4.60 -40.67 -57.51
CA ASP E 94 -3.15 -40.88 -57.56
C ASP E 94 -2.32 -39.78 -56.91
N ALA E 95 -2.96 -38.78 -56.31
CA ALA E 95 -2.25 -37.61 -55.80
C ALA E 95 -2.63 -37.15 -54.37
N VAL E 96 -3.51 -37.89 -53.70
CA VAL E 96 -3.88 -37.59 -52.31
C VAL E 96 -3.68 -38.80 -51.38
N PRO E 97 -2.79 -38.67 -50.37
CA PRO E 97 -2.41 -39.77 -49.50
C PRO E 97 -3.12 -39.79 -48.14
N THR E 98 -2.84 -38.78 -47.32
CA THR E 98 -3.40 -38.62 -45.99
C THR E 98 -4.94 -38.49 -46.04
N ALA E 99 -5.61 -39.62 -45.84
CA ALA E 99 -7.06 -39.75 -46.05
C ALA E 99 -7.92 -39.18 -44.91
N ALA E 100 -7.31 -38.94 -43.75
CA ALA E 100 -8.04 -38.57 -42.53
C ALA E 100 -8.20 -37.04 -42.33
N ASN E 101 -8.08 -36.29 -43.42
CA ASN E 101 -8.12 -34.84 -43.34
C ASN E 101 -9.46 -34.25 -43.77
N VAL E 102 -9.64 -34.06 -45.07
CA VAL E 102 -10.92 -33.66 -45.69
C VAL E 102 -11.42 -32.26 -45.32
N GLU E 103 -11.70 -32.04 -44.04
CA GLU E 103 -12.27 -30.77 -43.55
C GLU E 103 -11.87 -29.53 -44.37
N TYR E 104 -10.60 -29.09 -44.38
CA TYR E 104 -9.50 -29.45 -43.46
C TYR E 104 -8.28 -28.52 -43.63
N TYR E 105 -7.48 -28.57 -44.72
CA TYR E 105 -7.60 -29.40 -45.95
C TYR E 105 -8.33 -28.63 -47.04
N ALA E 106 -9.63 -28.83 -47.11
CA ALA E 106 -10.48 -28.09 -48.04
C ALA E 106 -10.56 -26.63 -47.61
N ARG E 107 -10.03 -26.33 -46.42
CA ARG E 107 -10.08 -24.99 -45.84
C ARG E 107 -9.26 -23.92 -46.60
N ILE E 108 -8.00 -24.24 -46.91
CA ILE E 108 -7.08 -23.31 -47.60
C ILE E 108 -7.67 -22.71 -48.88
N VAL E 109 -8.53 -23.48 -49.55
CA VAL E 109 -9.23 -23.06 -50.76
C VAL E 109 -10.25 -21.96 -50.43
N GLU E 110 -10.98 -22.13 -49.33
CA GLU E 110 -11.90 -21.11 -48.84
C GLU E 110 -11.12 -19.88 -48.38
N GLU E 111 -9.84 -20.09 -48.07
CA GLU E 111 -8.91 -19.02 -47.73
C GLU E 111 -8.33 -18.41 -49.00
N LYS E 112 -8.15 -19.26 -50.02
CA LYS E 112 -7.94 -18.79 -51.38
C LYS E 112 -9.24 -18.14 -51.85
N SER E 113 -10.34 -18.56 -51.25
CA SER E 113 -11.68 -17.98 -51.49
C SER E 113 -12.00 -16.86 -50.50
N VAL E 114 -11.24 -16.79 -49.41
CA VAL E 114 -11.28 -15.63 -48.52
C VAL E 114 -10.64 -14.46 -49.27
N LEU E 115 -9.60 -14.78 -50.05
CA LEU E 115 -9.08 -13.84 -51.04
C LEU E 115 -10.24 -13.42 -51.93
N ARG E 116 -10.96 -14.41 -52.49
CA ARG E 116 -12.12 -14.16 -53.36
C ARG E 116 -13.30 -13.51 -52.62
N ARG E 117 -13.33 -13.65 -51.30
CA ARG E 117 -14.35 -13.02 -50.46
C ARG E 117 -14.15 -11.51 -50.32
N LEU E 118 -13.06 -10.99 -50.87
CA LEU E 118 -12.68 -9.60 -50.69
C LEU E 118 -12.52 -8.82 -52.01
N ILE E 119 -11.97 -9.49 -53.03
CA ILE E 119 -11.62 -8.84 -54.31
C ILE E 119 -12.84 -8.20 -54.97
N ARG E 120 -13.72 -9.03 -55.54
CA ARG E 120 -14.93 -8.54 -56.19
C ARG E 120 -15.95 -8.01 -55.16
N THR E 121 -15.42 -7.44 -54.08
CA THR E 121 -16.19 -6.65 -53.11
C THR E 121 -15.54 -5.27 -52.99
N ALA E 122 -14.24 -5.27 -52.73
CA ALA E 122 -13.46 -4.06 -52.58
C ALA E 122 -13.23 -3.37 -53.93
N THR E 123 -12.89 -4.16 -54.96
CA THR E 123 -12.61 -3.63 -56.29
C THR E 123 -13.81 -2.86 -56.85
N SER E 124 -15.02 -3.36 -56.54
CA SER E 124 -16.26 -2.64 -56.80
C SER E 124 -16.19 -1.23 -56.24
N ILE E 125 -15.94 -1.15 -54.93
CA ILE E 125 -15.99 0.10 -54.19
C ILE E 125 -14.85 1.07 -54.55
N ALA E 126 -13.64 0.54 -54.74
CA ALA E 126 -12.46 1.36 -55.01
C ALA E 126 -12.66 2.26 -56.23
N GLN E 127 -13.41 1.75 -57.20
CA GLN E 127 -13.72 2.48 -58.43
C GLN E 127 -15.02 3.29 -58.32
N ASP E 128 -15.75 3.09 -57.22
CA ASP E 128 -17.03 3.77 -57.01
C ASP E 128 -16.94 5.29 -56.77
N GLY E 129 -15.72 5.80 -56.70
CA GLY E 129 -15.46 7.25 -56.67
C GLY E 129 -15.43 7.85 -58.06
N TYR E 130 -15.54 7.00 -59.07
CA TYR E 130 -15.62 7.38 -60.48
C TYR E 130 -16.99 7.00 -61.05
N THR E 131 -17.89 6.49 -60.20
CA THR E 131 -19.17 5.92 -60.65
C THR E 131 -20.39 6.37 -59.83
N ARG E 132 -20.54 5.81 -58.64
CA ARG E 132 -21.61 6.18 -57.73
C ARG E 132 -21.09 7.39 -56.92
N GLU E 133 -21.35 8.58 -57.48
CA GLU E 133 -20.62 9.84 -57.14
C GLU E 133 -21.26 10.96 -56.29
N ASP E 134 -22.54 11.36 -56.43
CA ASP E 134 -23.74 10.70 -57.02
C ASP E 134 -24.65 10.28 -55.86
N GLU E 135 -24.39 9.08 -55.35
CA GLU E 135 -25.27 8.39 -54.41
C GLU E 135 -24.61 8.35 -53.03
N ILE E 136 -23.39 7.81 -52.98
CA ILE E 136 -22.48 7.84 -51.80
C ILE E 136 -23.03 7.24 -50.48
N ASP E 137 -24.03 7.87 -49.88
CA ASP E 137 -24.67 7.32 -48.69
C ASP E 137 -25.34 5.99 -49.04
N VAL E 138 -25.86 5.94 -50.26
CA VAL E 138 -26.31 4.70 -50.87
C VAL E 138 -25.10 3.77 -51.02
N LEU E 139 -24.06 4.27 -51.67
CA LEU E 139 -22.81 3.54 -51.90
C LEU E 139 -22.19 3.02 -50.60
N LEU E 140 -22.29 3.82 -49.53
CA LEU E 140 -21.77 3.45 -48.22
C LEU E 140 -22.40 2.19 -47.66
N ASP E 141 -23.53 2.37 -47.00
CA ASP E 141 -24.21 1.32 -46.21
C ASP E 141 -24.41 -0.01 -46.94
N GLU E 142 -24.24 -0.01 -48.26
CA GLU E 142 -24.30 -1.24 -49.05
C GLU E 142 -22.92 -1.91 -49.19
N ALA E 143 -21.91 -1.12 -49.57
CA ALA E 143 -20.54 -1.61 -49.78
C ALA E 143 -19.88 -2.02 -48.46
N ASP E 144 -20.68 -1.97 -47.40
CA ASP E 144 -20.24 -2.33 -46.06
C ASP E 144 -21.02 -3.54 -45.57
N ARG E 145 -22.34 -3.52 -45.79
CA ARG E 145 -23.20 -4.63 -45.39
C ARG E 145 -22.98 -5.87 -46.28
N LYS E 146 -22.12 -5.73 -47.29
CA LYS E 146 -21.58 -6.85 -48.04
C LYS E 146 -20.87 -7.77 -47.05
N ILE E 147 -19.94 -7.15 -46.31
CA ILE E 147 -19.01 -7.83 -45.42
C ILE E 147 -19.72 -8.46 -44.20
N MET E 148 -21.04 -8.29 -44.13
CA MET E 148 -21.83 -8.75 -42.98
C MET E 148 -22.11 -10.24 -42.99
N GLU E 149 -21.12 -11.03 -43.38
CA GLU E 149 -21.20 -12.50 -43.33
C GLU E 149 -19.82 -13.13 -43.11
N ILE E 183 -16.17 -53.28 -19.27
CA ILE E 183 -14.82 -52.74 -19.05
C ILE E 183 -14.01 -52.81 -20.36
N THR E 184 -13.18 -51.81 -20.63
CA THR E 184 -12.43 -51.71 -21.90
C THR E 184 -10.90 -51.92 -21.83
N GLY E 185 -10.19 -51.33 -20.86
CA GLY E 185 -10.74 -50.47 -19.82
C GLY E 185 -9.91 -50.46 -18.54
N ILE E 186 -8.59 -50.28 -18.71
CA ILE E 186 -7.60 -50.29 -17.61
C ILE E 186 -8.10 -49.76 -16.23
N PRO E 187 -7.82 -50.50 -15.14
CA PRO E 187 -8.45 -50.39 -13.81
C PRO E 187 -8.37 -49.09 -13.00
N THR E 188 -9.08 -49.09 -11.86
CA THR E 188 -9.19 -47.94 -10.95
C THR E 188 -9.11 -48.36 -9.48
N GLY E 189 -9.36 -49.65 -9.21
CA GLY E 189 -9.39 -50.18 -7.85
C GLY E 189 -10.80 -50.37 -7.33
N PHE E 190 -11.61 -49.34 -7.47
CA PHE E 190 -13.03 -49.40 -7.19
C PHE E 190 -13.70 -49.70 -8.53
N THR E 191 -13.68 -50.98 -8.91
CA THR E 191 -14.01 -51.44 -10.28
C THR E 191 -15.09 -50.64 -11.01
N GLU E 192 -16.05 -50.12 -10.26
CA GLU E 192 -17.15 -49.32 -10.80
C GLU E 192 -16.73 -48.00 -11.48
N LEU E 193 -15.42 -47.81 -11.67
CA LEU E 193 -14.91 -46.54 -12.20
C LEU E 193 -14.16 -46.69 -13.53
N ASP E 194 -14.17 -47.91 -14.06
CA ASP E 194 -13.71 -48.20 -15.42
C ASP E 194 -14.94 -48.58 -16.23
N ARG E 195 -16.08 -48.03 -15.83
CA ARG E 195 -17.38 -48.50 -16.29
C ARG E 195 -18.29 -47.38 -16.82
N MET E 196 -18.72 -46.48 -15.93
CA MET E 196 -19.59 -45.36 -16.32
C MET E 196 -18.83 -44.34 -17.18
N THR E 197 -17.65 -44.76 -17.62
CA THR E 197 -16.80 -44.03 -18.56
C THR E 197 -16.04 -45.02 -19.45
N SER E 198 -15.72 -46.19 -18.90
CA SER E 198 -15.03 -47.30 -19.59
C SER E 198 -13.54 -47.04 -19.82
N GLY E 199 -12.72 -47.21 -18.77
CA GLY E 199 -11.27 -46.96 -18.85
C GLY E 199 -10.95 -45.49 -19.14
N PHE E 200 -9.68 -45.13 -19.41
CA PHE E 200 -8.46 -45.94 -19.32
C PHE E 200 -8.24 -47.02 -20.41
N GLN E 201 -7.81 -46.58 -21.59
CA GLN E 201 -7.39 -47.49 -22.65
C GLN E 201 -6.30 -46.84 -23.52
N ARG E 202 -5.70 -47.64 -24.40
CA ARG E 202 -4.61 -47.19 -25.29
C ARG E 202 -4.88 -45.82 -25.92
N SER E 203 -3.87 -44.95 -25.87
CA SER E 203 -3.92 -43.59 -26.42
C SER E 203 -5.04 -42.73 -25.81
N ASP E 204 -4.78 -42.24 -24.60
CA ASP E 204 -5.69 -41.34 -23.88
C ASP E 204 -4.91 -40.34 -23.04
N LEU E 205 -5.30 -39.07 -23.11
CA LEU E 205 -4.72 -38.05 -22.23
C LEU E 205 -5.66 -37.80 -21.06
N ILE E 206 -5.85 -38.84 -20.25
CA ILE E 206 -6.78 -38.81 -19.12
C ILE E 206 -6.35 -37.76 -18.09
N ILE E 207 -6.98 -36.59 -18.19
CA ILE E 207 -6.73 -35.49 -17.26
C ILE E 207 -7.83 -35.41 -16.20
N VAL E 208 -7.43 -35.49 -14.93
CA VAL E 208 -8.34 -35.31 -13.81
C VAL E 208 -7.76 -34.26 -12.85
N ALA E 209 -8.14 -33.01 -13.10
CA ALA E 209 -7.49 -31.85 -12.46
C ALA E 209 -8.26 -31.29 -11.25
N ALA E 210 -7.58 -30.41 -10.51
CA ALA E 210 -8.16 -29.68 -9.38
C ALA E 210 -7.31 -28.45 -9.01
N ARG E 211 -7.75 -27.68 -8.01
CA ARG E 211 -7.02 -26.50 -7.52
C ARG E 211 -5.74 -26.89 -6.75
N PRO E 212 -4.89 -25.91 -6.35
CA PRO E 212 -3.67 -26.18 -5.58
C PRO E 212 -3.87 -27.08 -4.35
N SER E 213 -3.49 -28.34 -4.49
CA SER E 213 -3.60 -29.37 -3.44
C SER E 213 -5.05 -29.71 -3.01
N VAL E 214 -5.83 -30.26 -3.95
CA VAL E 214 -7.22 -30.71 -3.70
C VAL E 214 -7.46 -32.15 -4.17
N GLY E 215 -7.15 -32.41 -5.44
CA GLY E 215 -7.35 -33.72 -6.04
C GLY E 215 -6.21 -34.12 -6.96
N LYS E 216 -5.81 -33.22 -7.84
CA LYS E 216 -4.69 -33.45 -8.77
C LYS E 216 -3.37 -33.75 -8.06
N THR E 217 -3.33 -33.48 -6.76
CA THR E 217 -2.13 -33.67 -5.94
C THR E 217 -1.87 -35.15 -5.64
N ALA E 218 -2.91 -35.88 -5.25
CA ALA E 218 -2.77 -37.28 -4.83
C ALA E 218 -3.73 -38.25 -5.53
N PHE E 219 -4.52 -37.75 -6.49
CA PHE E 219 -5.48 -38.58 -7.23
C PHE E 219 -4.80 -39.71 -7.99
N ALA E 220 -3.59 -39.44 -8.48
CA ALA E 220 -2.78 -40.42 -9.21
C ALA E 220 -2.21 -41.50 -8.29
N LEU E 221 -2.24 -41.25 -6.98
CA LEU E 221 -1.75 -42.21 -6.00
C LEU E 221 -2.87 -43.16 -5.54
N ASN E 222 -4.05 -43.03 -6.15
CA ASN E 222 -5.23 -43.80 -5.76
C ASN E 222 -5.67 -44.83 -6.81
N ILE E 223 -6.27 -44.34 -7.90
CA ILE E 223 -6.79 -45.17 -8.99
C ILE E 223 -5.75 -46.10 -9.60
N ALA E 224 -4.55 -45.56 -9.82
CA ALA E 224 -3.48 -46.26 -10.53
C ALA E 224 -2.83 -47.37 -9.71
N GLN E 225 -2.78 -47.22 -8.39
CA GLN E 225 -2.17 -48.24 -7.52
C GLN E 225 -3.07 -49.47 -7.44
N ASN E 226 -3.70 -49.78 -8.57
CA ASN E 226 -4.54 -50.94 -8.76
C ASN E 226 -4.35 -51.43 -10.20
N VAL E 227 -3.48 -50.74 -10.93
CA VAL E 227 -3.11 -51.09 -12.30
C VAL E 227 -1.67 -51.57 -12.32
N ALA E 228 -0.92 -51.19 -11.30
CA ALA E 228 0.49 -51.57 -11.18
C ALA E 228 0.71 -52.55 -10.03
N THR E 229 0.02 -52.32 -8.92
CA THR E 229 0.11 -53.21 -7.76
C THR E 229 -0.86 -54.38 -7.87
N LYS E 230 -2.06 -54.14 -8.41
CA LYS E 230 -3.07 -55.18 -8.51
C LYS E 230 -2.96 -56.02 -9.80
N THR E 231 -3.06 -55.36 -10.97
CA THR E 231 -2.81 -56.05 -12.25
C THR E 231 -1.42 -55.67 -12.78
N ASN E 232 -0.91 -56.39 -13.77
CA ASN E 232 0.43 -56.11 -14.30
C ASN E 232 0.44 -55.25 -15.57
N GLU E 233 0.32 -53.94 -15.38
CA GLU E 233 0.46 -52.98 -16.46
C GLU E 233 1.24 -51.79 -15.89
N ASN E 234 2.57 -51.96 -15.82
CA ASN E 234 3.49 -51.07 -15.10
C ASN E 234 3.57 -49.60 -15.58
N VAL E 235 4.45 -48.81 -14.96
CA VAL E 235 4.46 -47.35 -15.13
C VAL E 235 5.84 -46.69 -15.22
N ALA E 236 5.81 -45.41 -15.59
CA ALA E 236 6.96 -44.52 -15.52
C ALA E 236 6.46 -43.17 -15.01
N ILE E 237 6.65 -42.93 -13.72
CA ILE E 237 5.97 -41.85 -13.01
C ILE E 237 6.81 -40.58 -12.88
N PHE E 238 6.14 -39.45 -12.71
CA PHE E 238 6.78 -38.17 -12.45
C PHE E 238 6.03 -37.38 -11.36
N SER E 239 6.73 -37.09 -10.27
CA SER E 239 6.16 -36.28 -9.19
C SER E 239 6.32 -34.81 -9.57
N LEU E 240 5.19 -34.14 -9.76
CA LEU E 240 5.21 -32.75 -10.23
C LEU E 240 4.40 -31.79 -9.34
N GLU E 241 4.43 -32.03 -8.03
CA GLU E 241 4.09 -31.01 -7.02
C GLU E 241 5.09 -31.09 -5.87
N MET E 242 5.96 -32.10 -5.95
CA MET E 242 6.98 -32.36 -4.94
C MET E 242 8.04 -33.31 -5.50
N SER E 243 9.06 -33.59 -4.69
CA SER E 243 9.95 -34.71 -4.97
C SER E 243 9.21 -35.98 -4.58
N ALA E 244 9.67 -37.11 -5.08
CA ALA E 244 9.08 -38.41 -4.76
C ALA E 244 9.19 -38.76 -3.27
N GLN E 245 10.14 -38.13 -2.57
CA GLN E 245 10.30 -38.32 -1.12
C GLN E 245 9.06 -37.86 -0.36
N GLN E 246 8.34 -36.91 -0.94
CA GLN E 246 7.07 -36.43 -0.40
C GLN E 246 5.88 -37.05 -1.14
N LEU E 247 6.14 -37.62 -2.33
CA LEU E 247 5.08 -38.26 -3.13
C LEU E 247 5.06 -39.79 -2.93
N VAL E 248 5.95 -40.27 -2.07
CA VAL E 248 5.93 -41.64 -1.57
C VAL E 248 5.38 -41.63 -0.14
N MET E 249 5.31 -40.42 0.43
CA MET E 249 4.81 -40.19 1.79
C MET E 249 3.33 -39.79 1.82
N ARG E 250 2.69 -39.82 0.64
CA ARG E 250 1.27 -39.43 0.51
C ARG E 250 0.33 -40.58 0.11
N MET E 251 0.85 -41.59 -0.60
CA MET E 251 0.03 -42.73 -1.07
C MET E 251 -0.13 -43.86 -0.05
N LEU E 252 0.92 -44.12 0.74
CA LEU E 252 0.92 -45.17 1.75
C LEU E 252 -0.06 -44.87 2.89
N CYS E 253 -0.44 -43.60 3.01
CA CYS E 253 -1.45 -43.14 3.96
C CYS E 253 -2.76 -43.91 3.81
N ALA E 254 -3.05 -44.31 2.57
CA ALA E 254 -4.26 -45.07 2.26
C ALA E 254 -4.23 -46.49 2.83
N GLU E 255 -3.05 -47.09 2.90
CA GLU E 255 -2.93 -48.49 3.35
C GLU E 255 -2.51 -48.62 4.82
N GLY E 256 -3.28 -49.40 5.56
CA GLY E 256 -3.04 -49.65 6.98
C GLY E 256 -3.66 -48.61 7.90
N ASN E 257 -4.49 -47.73 7.33
CA ASN E 257 -5.04 -46.55 8.03
C ASN E 257 -3.95 -45.77 8.79
N ILE E 258 -2.96 -45.30 8.03
CA ILE E 258 -1.72 -44.72 8.58
C ILE E 258 -1.54 -43.23 8.17
N ASN E 259 -0.68 -42.53 8.91
CA ASN E 259 -0.26 -41.13 8.64
C ASN E 259 -1.30 -40.07 9.01
N ALA E 260 -1.53 -39.92 10.32
CA ALA E 260 -2.44 -38.91 10.88
C ALA E 260 -2.20 -38.70 12.38
N GLN E 261 -0.94 -38.84 12.81
CA GLN E 261 -0.57 -38.71 14.23
C GLN E 261 0.66 -37.84 14.62
N ASN E 262 1.68 -37.64 13.78
CA ASN E 262 1.84 -38.20 12.44
C ASN E 262 3.26 -38.76 12.22
N LEU E 263 3.58 -39.13 10.99
CA LEU E 263 4.90 -39.66 10.66
C LEU E 263 5.92 -38.55 10.41
N ARG E 264 5.43 -37.41 9.94
CA ARG E 264 6.26 -36.24 9.64
C ARG E 264 6.94 -35.68 10.89
N THR E 265 6.19 -35.66 12.00
CA THR E 265 6.73 -35.23 13.29
C THR E 265 7.39 -36.37 14.07
N GLY E 266 6.66 -37.47 14.25
CA GLY E 266 7.14 -38.59 15.05
C GLY E 266 7.17 -39.91 14.32
N LYS E 267 6.53 -40.91 14.91
CA LYS E 267 6.60 -42.29 14.41
C LYS E 267 5.19 -42.85 14.23
N LEU E 268 4.91 -43.97 14.92
CA LEU E 268 3.59 -44.61 14.92
C LEU E 268 3.36 -45.37 16.24
N THR E 269 2.10 -45.72 16.52
CA THR E 269 1.73 -46.49 17.71
C THR E 269 1.85 -48.01 17.49
N PRO E 270 2.15 -48.78 18.57
CA PRO E 270 2.37 -50.23 18.56
C PRO E 270 1.63 -51.09 17.51
N GLU E 271 0.31 -50.95 17.42
CA GLU E 271 -0.50 -51.76 16.51
C GLU E 271 -0.46 -51.28 15.05
N ASP E 272 0.00 -50.05 14.85
CA ASP E 272 0.14 -49.47 13.51
C ASP E 272 1.51 -49.75 12.88
N TRP E 273 2.44 -50.28 13.67
CA TRP E 273 3.66 -50.88 13.14
C TRP E 273 3.31 -52.26 12.62
N GLY E 274 2.49 -52.96 13.40
CA GLY E 274 1.84 -54.18 12.95
C GLY E 274 0.62 -53.83 12.12
N LYS E 275 0.82 -52.86 11.23
CA LYS E 275 -0.15 -52.39 10.24
C LYS E 275 0.60 -51.54 9.22
N LEU E 276 1.79 -51.09 9.61
CA LEU E 276 2.77 -50.51 8.68
C LEU E 276 3.53 -51.63 8.00
N THR E 277 3.95 -52.64 8.77
CA THR E 277 4.55 -53.86 8.20
C THR E 277 3.52 -54.58 7.31
N MET E 278 2.29 -54.09 7.35
CA MET E 278 1.20 -54.52 6.48
C MET E 278 0.85 -53.41 5.48
N ALA E 279 1.84 -52.59 5.16
CA ALA E 279 1.68 -51.47 4.22
C ALA E 279 3.02 -51.01 3.64
N MET E 280 4.11 -51.65 4.04
CA MET E 280 5.48 -51.25 3.64
C MET E 280 5.94 -51.80 2.29
N GLY E 281 5.40 -52.95 1.88
CA GLY E 281 5.89 -53.67 0.71
C GLY E 281 4.98 -53.66 -0.52
N SER E 282 4.52 -52.47 -0.90
CA SER E 282 3.71 -52.30 -2.10
C SER E 282 4.07 -51.00 -2.83
N LEU E 283 5.32 -50.58 -2.66
CA LEU E 283 5.80 -49.32 -3.21
C LEU E 283 7.21 -49.46 -3.81
N SER E 284 8.20 -49.60 -2.93
CA SER E 284 9.60 -49.79 -3.33
C SER E 284 9.76 -51.12 -4.07
N ASN E 285 9.20 -52.19 -3.47
CA ASN E 285 9.16 -53.52 -4.09
C ASN E 285 8.36 -53.49 -5.39
N ALA E 286 7.20 -52.83 -5.33
CA ALA E 286 6.28 -52.72 -6.45
C ALA E 286 6.92 -52.04 -7.65
N GLY E 287 6.31 -52.26 -8.82
CA GLY E 287 6.76 -51.63 -10.06
C GLY E 287 6.46 -50.15 -10.09
N ILE E 288 6.89 -49.46 -9.04
CA ILE E 288 6.67 -48.03 -8.87
C ILE E 288 8.01 -47.30 -9.00
N TYR E 289 8.16 -46.58 -10.11
CA TYR E 289 9.42 -45.93 -10.47
C TYR E 289 9.21 -44.47 -10.90
N ILE E 290 9.03 -43.60 -9.91
CA ILE E 290 8.76 -42.17 -10.10
C ILE E 290 10.01 -41.41 -10.53
N ASP E 291 9.80 -40.20 -11.04
CA ASP E 291 10.90 -39.28 -11.38
C ASP E 291 10.52 -37.85 -10.95
N ASP E 292 11.49 -37.09 -10.46
CA ASP E 292 11.18 -35.78 -9.84
C ASP E 292 11.93 -34.56 -10.40
N THR E 293 12.79 -34.79 -11.39
CA THR E 293 13.73 -33.78 -11.91
C THR E 293 13.14 -32.36 -12.11
N PRO E 294 13.87 -31.33 -11.59
CA PRO E 294 13.51 -29.90 -11.59
C PRO E 294 13.33 -29.21 -12.96
N SER E 295 13.31 -27.88 -12.94
CA SER E 295 12.92 -27.03 -14.09
C SER E 295 13.52 -27.42 -15.45
N ILE E 296 12.70 -28.09 -16.24
CA ILE E 296 13.03 -28.52 -17.60
C ILE E 296 11.84 -28.25 -18.50
N ARG E 297 11.96 -28.54 -19.79
CA ARG E 297 10.80 -28.50 -20.68
C ARG E 297 9.91 -29.74 -20.52
N VAL E 298 10.26 -30.83 -21.21
CA VAL E 298 9.49 -32.09 -21.15
C VAL E 298 10.39 -33.33 -21.26
N SER E 299 11.64 -33.15 -21.66
CA SER E 299 12.54 -34.24 -22.05
C SER E 299 12.87 -35.29 -20.99
N ASP E 300 12.60 -34.97 -19.72
CA ASP E 300 12.84 -35.91 -18.62
C ASP E 300 12.00 -37.18 -18.74
N ILE E 301 10.79 -37.04 -19.25
CA ILE E 301 9.93 -38.19 -19.56
C ILE E 301 10.64 -39.08 -20.56
N ARG E 302 10.78 -38.61 -21.79
CA ARG E 302 11.29 -39.41 -22.91
C ARG E 302 12.76 -39.88 -22.77
N ALA E 303 13.55 -39.16 -21.96
CA ALA E 303 14.93 -39.57 -21.67
C ALA E 303 14.96 -40.76 -20.71
N LYS E 304 13.83 -41.05 -20.07
CA LYS E 304 13.69 -42.17 -19.16
C LYS E 304 12.51 -43.09 -19.55
N CYS E 305 11.82 -42.75 -20.64
CA CYS E 305 10.65 -43.49 -21.10
C CYS E 305 10.75 -43.96 -22.57
N ARG E 306 11.91 -44.52 -22.93
CA ARG E 306 12.13 -45.07 -24.26
C ARG E 306 12.88 -46.40 -24.16
N ARG E 307 13.83 -46.47 -23.22
CA ARG E 307 14.59 -47.67 -22.94
C ARG E 307 13.73 -48.73 -22.27
N LEU E 308 12.75 -48.27 -21.49
CA LEU E 308 11.88 -49.13 -20.71
C LEU E 308 10.61 -49.54 -21.47
N LYS E 309 10.61 -49.31 -22.78
CA LYS E 309 9.52 -49.76 -23.66
C LYS E 309 9.54 -51.28 -23.78
N GLN E 310 10.76 -51.85 -23.80
CA GLN E 310 10.96 -53.28 -24.00
C GLN E 310 11.11 -54.06 -22.69
N GLU E 311 11.55 -53.36 -21.63
CA GLU E 311 11.91 -54.00 -20.36
C GLU E 311 10.72 -54.36 -19.46
N SER E 312 10.06 -53.37 -18.88
CA SER E 312 8.95 -53.61 -17.94
C SER E 312 7.62 -53.99 -18.60
N GLY E 313 7.23 -53.24 -19.64
CA GLY E 313 5.99 -53.51 -20.37
C GLY E 313 5.21 -52.27 -20.78
N LEU E 314 5.22 -51.27 -19.90
CA LEU E 314 4.52 -49.98 -20.08
C LEU E 314 3.00 -50.10 -20.30
N GLY E 315 2.26 -50.00 -19.20
CA GLY E 315 0.80 -50.08 -19.21
C GLY E 315 0.12 -48.76 -18.90
N MET E 316 0.87 -47.86 -18.29
CA MET E 316 0.47 -46.47 -18.04
C MET E 316 1.70 -45.58 -18.03
N ILE E 317 1.50 -44.29 -18.34
CA ILE E 317 2.53 -43.26 -18.16
C ILE E 317 1.91 -42.17 -17.29
N VAL E 318 2.63 -41.71 -16.27
CA VAL E 318 2.04 -40.85 -15.24
C VAL E 318 2.56 -39.41 -15.29
N ILE E 319 1.64 -38.46 -15.07
CA ILE E 319 1.94 -37.02 -15.06
C ILE E 319 1.17 -36.30 -13.93
N ASP E 320 1.81 -35.30 -13.32
CA ASP E 320 1.20 -34.50 -12.25
C ASP E 320 1.08 -33.03 -12.68
N TYR E 321 1.10 -32.11 -11.72
CA TYR E 321 0.82 -30.67 -11.91
C TYR E 321 1.62 -29.98 -13.04
N LEU E 322 1.16 -28.79 -13.44
CA LEU E 322 1.63 -28.14 -14.67
C LEU E 322 2.36 -26.79 -14.52
N GLN E 323 1.66 -25.79 -13.96
CA GLN E 323 1.95 -24.35 -14.19
C GLN E 323 3.31 -23.76 -13.76
N LEU E 324 4.26 -24.60 -13.35
CA LEU E 324 5.63 -24.14 -13.06
C LEU E 324 6.68 -25.22 -13.43
N ILE E 325 6.56 -25.75 -14.64
CA ILE E 325 7.59 -26.62 -15.22
C ILE E 325 8.24 -25.94 -16.44
N GLN E 326 9.33 -25.24 -16.19
CA GLN E 326 10.04 -24.44 -17.20
C GLN E 326 11.54 -24.72 -17.24
N GLU E 338 4.06 -22.34 -24.45
CA GLU E 338 3.73 -22.11 -23.05
C GLU E 338 3.30 -23.39 -22.37
N VAL E 339 2.15 -23.89 -22.81
CA VAL E 339 1.49 -25.02 -22.18
C VAL E 339 1.21 -26.16 -23.18
N SER E 340 0.78 -25.79 -24.38
CA SER E 340 0.43 -26.77 -25.42
C SER E 340 1.64 -27.47 -26.04
N GLU E 341 2.79 -26.79 -26.10
CA GLU E 341 4.05 -27.40 -26.55
C GLU E 341 4.61 -28.35 -25.48
N ILE E 342 3.96 -28.37 -24.33
CA ILE E 342 4.21 -29.34 -23.27
C ILE E 342 3.03 -30.33 -23.17
N SER E 343 1.86 -29.92 -23.68
CA SER E 343 0.63 -30.73 -23.66
C SER E 343 0.47 -31.64 -24.89
N ARG E 344 0.97 -31.20 -26.03
CA ARG E 344 1.01 -32.00 -27.25
C ARG E 344 2.19 -32.97 -27.20
N SER E 345 3.10 -32.72 -26.25
CA SER E 345 4.23 -33.61 -25.98
C SER E 345 3.80 -34.90 -25.28
N LEU E 346 2.47 -35.12 -25.22
CA LEU E 346 1.89 -36.30 -24.59
C LEU E 346 0.80 -36.93 -25.47
N LYS E 347 0.45 -36.25 -26.56
CA LYS E 347 -0.53 -36.74 -27.54
C LYS E 347 0.09 -37.76 -28.49
N ALA E 348 1.22 -37.40 -29.12
CA ALA E 348 1.91 -38.30 -30.02
C ALA E 348 2.91 -39.21 -29.26
N LEU E 349 2.81 -39.19 -27.93
CA LEU E 349 3.59 -40.05 -27.04
C LEU E 349 2.84 -41.35 -26.73
N ALA E 350 1.56 -41.20 -26.37
CA ALA E 350 0.67 -42.34 -26.20
C ALA E 350 0.34 -42.96 -27.56
N ARG E 351 0.76 -42.28 -28.62
CA ARG E 351 0.66 -42.79 -29.99
C ARG E 351 1.85 -43.69 -30.30
N GLU E 352 3.02 -43.31 -29.78
CA GLU E 352 4.28 -44.00 -30.06
C GLU E 352 4.53 -45.16 -29.11
N LEU E 353 4.21 -44.97 -27.83
CA LEU E 353 4.40 -45.98 -26.80
C LEU E 353 3.18 -46.88 -26.65
N GLU E 354 2.00 -46.33 -26.95
CA GLU E 354 0.74 -47.10 -27.13
C GLU E 354 0.12 -47.69 -25.84
N VAL E 355 -0.48 -46.83 -25.01
CA VAL E 355 -1.11 -47.25 -23.73
C VAL E 355 -1.82 -46.07 -23.02
N PRO E 356 -2.77 -46.35 -22.08
CA PRO E 356 -3.41 -45.22 -21.39
C PRO E 356 -2.47 -44.40 -20.50
N VAL E 357 -2.70 -43.09 -20.44
CA VAL E 357 -1.81 -42.13 -19.79
C VAL E 357 -2.64 -41.12 -18.97
N ILE E 358 -2.10 -40.70 -17.82
CA ILE E 358 -2.78 -39.73 -16.94
C ILE E 358 -2.04 -38.39 -16.90
N ALA E 359 -2.78 -37.30 -17.13
CA ALA E 359 -2.19 -35.96 -17.19
C ALA E 359 -2.97 -34.91 -16.40
N LEU E 360 -2.61 -34.73 -15.13
CA LEU E 360 -3.33 -33.82 -14.22
C LEU E 360 -2.83 -32.37 -14.31
N SER E 361 -3.62 -31.51 -14.94
CA SER E 361 -3.26 -30.10 -15.18
C SER E 361 -3.81 -29.15 -14.10
N GLN E 362 -3.65 -27.84 -14.33
CA GLN E 362 -4.23 -26.81 -13.47
C GLN E 362 -4.71 -25.61 -14.30
N LEU E 363 -5.63 -24.83 -13.72
CA LEU E 363 -6.18 -23.63 -14.35
C LEU E 363 -5.15 -22.52 -14.41
N ARG E 374 -12.20 -24.44 -12.16
CA ARG E 374 -13.29 -24.88 -11.28
C ARG E 374 -13.06 -26.28 -10.69
N PRO E 375 -12.60 -27.27 -11.51
CA PRO E 375 -12.26 -27.20 -12.93
C PRO E 375 -13.41 -27.60 -13.87
N MET E 376 -13.79 -26.65 -14.71
CA MET E 376 -14.61 -26.92 -15.88
C MET E 376 -13.64 -26.92 -17.04
N MET E 377 -14.13 -27.22 -18.23
CA MET E 377 -13.29 -27.11 -19.42
C MET E 377 -12.89 -25.67 -19.63
N SER E 378 -13.83 -24.75 -19.40
CA SER E 378 -13.63 -23.32 -19.66
C SER E 378 -12.47 -22.70 -18.87
N ASP E 379 -12.35 -23.04 -17.59
CA ASP E 379 -11.30 -22.44 -16.76
C ASP E 379 -9.91 -23.10 -16.92
N ILE E 380 -9.89 -24.31 -17.47
CA ILE E 380 -8.65 -24.92 -17.97
C ILE E 380 -8.58 -24.91 -19.50
N ARG E 381 -9.37 -24.04 -20.13
CA ARG E 381 -9.41 -23.94 -21.58
C ARG E 381 -8.52 -22.81 -22.10
N GLU E 382 -7.86 -22.12 -21.17
CA GLU E 382 -6.95 -21.03 -21.50
C GLU E 382 -5.57 -21.24 -20.90
N SER E 383 -5.46 -22.22 -19.99
CA SER E 383 -4.19 -22.59 -19.37
C SER E 383 -3.79 -24.02 -19.77
N GLY E 384 -4.13 -24.39 -20.98
CA GLY E 384 -3.86 -25.73 -21.49
C GLY E 384 -4.72 -26.08 -22.69
N SER E 385 -4.20 -26.95 -23.54
CA SER E 385 -4.94 -27.47 -24.68
C SER E 385 -6.19 -28.19 -24.15
N ILE E 386 -5.96 -29.34 -23.51
CA ILE E 386 -6.95 -30.03 -22.65
C ILE E 386 -8.26 -30.48 -23.32
N GLU E 387 -8.98 -29.56 -23.97
CA GLU E 387 -10.18 -29.93 -24.74
C GLU E 387 -9.80 -30.73 -25.99
N GLN E 388 -8.66 -30.38 -26.57
CA GLN E 388 -8.21 -30.93 -27.84
C GLN E 388 -7.20 -32.07 -27.69
N ASP E 389 -6.10 -31.80 -26.97
CA ASP E 389 -5.08 -32.81 -26.67
C ASP E 389 -5.65 -33.98 -25.87
N ALA E 390 -6.81 -33.73 -25.28
CA ALA E 390 -7.57 -34.75 -24.55
C ALA E 390 -9.06 -34.55 -24.78
N ASP E 391 -9.70 -35.53 -25.40
CA ASP E 391 -11.16 -35.56 -25.41
C ASP E 391 -11.61 -35.72 -23.96
N ILE E 392 -11.05 -36.74 -23.30
CA ILE E 392 -11.34 -37.06 -21.90
C ILE E 392 -10.72 -36.05 -20.91
N VAL E 393 -11.60 -35.39 -20.14
CA VAL E 393 -11.17 -34.45 -19.10
C VAL E 393 -12.08 -34.55 -17.85
N ALA E 394 -11.77 -35.50 -16.99
CA ALA E 394 -12.46 -35.66 -15.70
C ALA E 394 -11.96 -34.60 -14.71
N PHE E 395 -12.67 -34.43 -13.59
CA PHE E 395 -12.32 -33.39 -12.62
C PHE E 395 -12.25 -33.89 -11.17
N LEU E 396 -11.98 -32.98 -10.24
CA LEU E 396 -11.85 -33.34 -8.82
C LEU E 396 -12.53 -32.36 -7.84
N TYR E 397 -13.86 -32.36 -7.89
CA TYR E 397 -14.68 -31.56 -7.01
C TYR E 397 -15.53 -32.48 -6.13
N GLU E 413 -16.02 -36.12 -5.64
CA GLU E 413 -16.52 -36.35 -7.00
C GLU E 413 -15.46 -36.16 -8.08
N ILE E 414 -15.68 -36.81 -9.21
CA ILE E 414 -14.79 -36.73 -10.36
C ILE E 414 -15.60 -36.19 -11.55
N ILE E 415 -15.75 -34.87 -11.60
CA ILE E 415 -16.67 -34.23 -12.56
C ILE E 415 -16.29 -34.53 -14.01
N ILE E 416 -17.28 -34.96 -14.79
CA ILE E 416 -17.10 -35.29 -16.20
C ILE E 416 -17.31 -34.05 -17.07
N ALA E 417 -16.91 -34.12 -18.34
CA ALA E 417 -17.06 -33.01 -19.30
C ALA E 417 -17.18 -33.43 -20.77
N LYS E 418 -16.23 -34.23 -21.26
CA LYS E 418 -16.17 -34.64 -22.66
C LYS E 418 -15.62 -36.06 -22.80
N GLN E 419 -16.50 -37.04 -23.05
CA GLN E 419 -16.09 -38.43 -23.20
C GLN E 419 -16.42 -39.02 -24.58
N ARG E 420 -15.43 -39.68 -25.18
CA ARG E 420 -15.61 -40.34 -26.48
C ARG E 420 -15.17 -41.82 -26.41
N ASN E 421 -15.63 -42.52 -25.37
CA ASN E 421 -15.25 -43.92 -25.12
C ASN E 421 -16.33 -44.81 -24.44
N GLY E 422 -17.24 -44.20 -23.69
CA GLY E 422 -18.30 -44.93 -22.97
C GLY E 422 -19.59 -44.13 -22.70
N PRO E 423 -20.57 -44.74 -22.00
CA PRO E 423 -21.85 -44.09 -21.68
C PRO E 423 -21.77 -42.96 -20.65
N VAL E 424 -22.73 -42.03 -20.69
CA VAL E 424 -22.76 -40.87 -19.78
C VAL E 424 -23.46 -41.19 -18.46
N GLY E 425 -22.86 -42.12 -17.71
CA GLY E 425 -23.28 -42.40 -16.35
C GLY E 425 -22.35 -41.66 -15.41
N THR E 426 -22.94 -40.91 -14.49
CA THR E 426 -22.18 -40.15 -13.50
C THR E 426 -22.05 -40.98 -12.21
N VAL E 427 -21.07 -40.67 -11.37
CA VAL E 427 -20.79 -41.46 -10.14
C VAL E 427 -20.49 -40.58 -8.91
N GLN E 428 -20.50 -41.19 -7.72
CA GLN E 428 -20.08 -40.53 -6.48
C GLN E 428 -19.35 -41.47 -5.52
N LEU E 429 -18.14 -41.06 -5.13
CA LEU E 429 -17.39 -41.68 -4.04
C LEU E 429 -16.94 -40.58 -3.09
N ALA E 430 -17.19 -40.75 -1.80
CA ALA E 430 -16.93 -39.71 -0.80
C ALA E 430 -15.44 -39.59 -0.42
N PHE E 431 -14.96 -38.35 -0.28
CA PHE E 431 -13.57 -38.11 0.12
C PHE E 431 -13.47 -37.60 1.56
N ILE E 432 -12.46 -38.08 2.26
CA ILE E 432 -12.28 -37.83 3.70
C ILE E 432 -11.44 -36.58 3.97
N LYS E 433 -10.23 -36.53 3.41
CA LYS E 433 -9.29 -35.39 3.49
C LYS E 433 -8.16 -35.51 4.53
N GLU E 434 -8.05 -36.68 5.18
CA GLU E 434 -7.00 -36.92 6.19
C GLU E 434 -6.09 -38.12 5.88
N TYR E 435 -6.63 -39.34 6.04
CA TYR E 435 -5.92 -40.59 5.71
C TYR E 435 -5.69 -40.75 4.20
N ASN E 436 -6.24 -39.81 3.42
CA ASN E 436 -6.24 -39.82 1.94
C ASN E 436 -6.87 -41.06 1.31
N LYS E 437 -8.19 -41.07 1.27
CA LYS E 437 -8.97 -42.16 0.69
C LYS E 437 -10.31 -41.69 0.14
N PHE E 438 -10.54 -41.97 -1.15
CA PHE E 438 -11.83 -41.74 -1.79
C PHE E 438 -12.67 -43.02 -1.63
N VAL E 439 -13.20 -43.23 -0.43
CA VAL E 439 -13.93 -44.46 -0.10
C VAL E 439 -15.29 -44.50 -0.80
N ASN E 440 -15.67 -45.70 -1.26
CA ASN E 440 -16.90 -45.91 -2.05
C ASN E 440 -18.19 -45.44 -1.39
N LEU E 441 -19.22 -45.30 -2.23
CA LEU E 441 -20.58 -45.00 -1.78
C LEU E 441 -21.18 -46.17 -0.98
N GLU F 15 23.15 -35.48 -44.78
CA GLU F 15 23.27 -36.95 -44.63
C GLU F 15 22.49 -37.33 -43.39
N ALA F 16 23.02 -36.93 -42.24
CA ALA F 16 22.35 -37.06 -40.95
C ALA F 16 21.12 -36.16 -40.91
N GLU F 17 20.97 -35.36 -41.95
CA GLU F 17 19.81 -34.50 -42.14
C GLU F 17 19.12 -34.83 -43.45
N GLN F 18 19.90 -35.24 -44.44
CA GLN F 18 19.40 -35.52 -45.80
C GLN F 18 18.62 -36.83 -45.90
N ALA F 19 18.22 -37.37 -44.74
CA ALA F 19 17.33 -38.52 -44.64
C ALA F 19 16.61 -38.52 -43.27
N VAL F 20 16.01 -37.40 -42.91
CA VAL F 20 15.39 -37.20 -41.59
C VAL F 20 13.85 -37.13 -41.58
N LEU F 21 13.28 -36.25 -42.41
CA LEU F 21 11.86 -35.86 -42.31
C LEU F 21 10.79 -36.92 -42.65
N GLY F 22 11.21 -38.03 -43.26
CA GLY F 22 10.28 -39.09 -43.70
C GLY F 22 9.36 -39.67 -42.65
N ALA F 23 9.91 -39.92 -41.46
CA ALA F 23 9.16 -40.47 -40.32
C ALA F 23 7.99 -39.59 -39.91
N VAL F 24 8.14 -38.28 -40.10
CA VAL F 24 7.11 -37.31 -39.78
C VAL F 24 5.97 -37.38 -40.80
N PHE F 25 6.10 -38.25 -41.78
CA PHE F 25 5.01 -38.52 -42.72
C PHE F 25 4.60 -39.97 -42.54
N LEU F 26 5.59 -40.80 -42.21
CA LEU F 26 5.39 -42.24 -42.06
C LEU F 26 4.71 -42.58 -40.74
N ASP F 27 4.92 -41.76 -39.73
CA ASP F 27 4.26 -41.94 -38.44
C ASP F 27 2.78 -41.54 -38.53
N PRO F 28 2.47 -40.28 -38.92
CA PRO F 28 3.31 -39.11 -39.15
C PRO F 28 3.55 -38.29 -37.87
N ALA F 29 2.83 -38.64 -36.79
CA ALA F 29 2.91 -37.90 -35.52
C ALA F 29 4.25 -38.05 -34.79
N ALA F 30 5.32 -38.16 -35.57
CA ALA F 30 6.68 -38.22 -35.05
C ALA F 30 7.29 -36.81 -34.97
N LEU F 31 6.57 -35.92 -34.28
CA LEU F 31 7.05 -34.57 -33.99
C LEU F 31 7.49 -34.50 -32.53
N VAL F 32 7.00 -35.46 -31.74
CA VAL F 32 7.34 -35.56 -30.32
C VAL F 32 8.78 -36.00 -30.03
N PRO F 33 9.34 -36.97 -30.82
CA PRO F 33 10.75 -37.27 -30.59
C PRO F 33 11.68 -36.30 -31.33
N ALA F 34 11.11 -35.36 -32.05
CA ALA F 34 11.88 -34.34 -32.76
C ALA F 34 12.14 -33.16 -31.84
N SER F 35 11.09 -32.40 -31.50
CA SER F 35 11.19 -31.34 -30.50
C SER F 35 11.38 -31.95 -29.11
N GLU F 36 11.75 -33.23 -29.09
CA GLU F 36 12.09 -33.98 -27.88
C GLU F 36 13.33 -33.38 -27.22
N ILE F 37 14.50 -33.76 -27.73
CA ILE F 37 15.78 -33.22 -27.25
C ILE F 37 16.13 -31.95 -28.03
N LEU F 38 15.24 -31.56 -28.96
CA LEU F 38 15.51 -30.47 -29.87
C LEU F 38 14.42 -29.39 -29.91
N ILE F 39 14.66 -28.40 -30.77
CA ILE F 39 13.76 -27.27 -31.00
C ILE F 39 13.86 -26.89 -32.51
N PRO F 40 13.13 -25.85 -32.95
CA PRO F 40 13.13 -25.48 -34.37
C PRO F 40 14.41 -24.85 -34.93
N GLU F 41 15.44 -24.65 -34.11
CA GLU F 41 16.62 -23.89 -34.52
C GLU F 41 17.79 -24.75 -35.02
N ASP F 42 17.85 -26.00 -34.58
CA ASP F 42 18.95 -26.92 -34.92
C ASP F 42 18.92 -27.39 -36.37
N PHE F 43 18.80 -26.44 -37.30
CA PHE F 43 18.74 -26.72 -38.72
C PHE F 43 19.41 -25.57 -39.46
N TYR F 44 20.68 -25.73 -39.82
CA TYR F 44 21.32 -24.65 -40.58
C TYR F 44 20.59 -24.43 -41.89
N ARG F 45 20.61 -25.46 -42.75
CA ARG F 45 20.04 -25.34 -44.09
C ARG F 45 18.76 -24.53 -44.02
N ALA F 46 18.77 -23.39 -44.71
CA ALA F 46 17.76 -22.33 -44.58
C ALA F 46 16.30 -22.78 -44.46
N ALA F 47 16.02 -24.02 -44.85
CA ALA F 47 14.65 -24.56 -44.86
C ALA F 47 14.26 -25.33 -43.58
N HIS F 48 14.99 -26.40 -43.27
CA HIS F 48 14.67 -27.33 -42.16
C HIS F 48 14.22 -26.65 -40.88
N GLN F 49 14.79 -25.47 -40.61
CA GLN F 49 14.50 -24.67 -39.43
C GLN F 49 13.04 -24.22 -39.44
N LYS F 50 12.70 -23.38 -40.41
CA LYS F 50 11.33 -22.90 -40.60
C LYS F 50 10.44 -23.96 -41.27
N ILE F 51 11.04 -25.10 -41.62
CA ILE F 51 10.28 -26.31 -41.88
C ILE F 51 9.77 -26.78 -40.51
N PHE F 52 10.67 -26.89 -39.54
CA PHE F 52 10.30 -27.36 -38.21
C PHE F 52 9.48 -26.37 -37.40
N HIS F 53 9.68 -25.09 -37.68
CA HIS F 53 8.84 -24.05 -37.07
C HIS F 53 7.44 -24.16 -37.67
N ALA F 54 7.39 -24.42 -38.97
CA ALA F 54 6.13 -24.76 -39.64
C ALA F 54 5.72 -26.19 -39.32
N MET F 55 6.62 -26.95 -38.69
CA MET F 55 6.30 -28.30 -38.22
C MET F 55 5.69 -28.30 -36.82
N LEU F 56 6.01 -27.28 -36.02
CA LEU F 56 5.45 -27.18 -34.67
C LEU F 56 4.04 -26.61 -34.61
N ARG F 57 3.88 -25.30 -34.88
CA ARG F 57 2.58 -24.62 -34.71
C ARG F 57 1.41 -25.25 -35.49
N VAL F 58 1.72 -26.07 -36.49
CA VAL F 58 0.72 -26.84 -37.21
C VAL F 58 0.16 -27.95 -36.31
N ALA F 59 1.02 -28.86 -35.88
CA ALA F 59 0.62 -29.90 -34.93
C ALA F 59 0.42 -29.30 -33.53
N ASP F 60 0.58 -27.98 -33.42
CA ASP F 60 0.20 -27.22 -32.23
C ASP F 60 -1.26 -26.78 -32.36
N ARG F 61 -2.18 -27.74 -32.49
CA ARG F 61 -3.61 -27.42 -32.54
C ARG F 61 -4.52 -28.34 -31.68
N GLY F 62 -4.82 -29.57 -32.10
CA GLY F 62 -4.40 -30.16 -33.37
C GLY F 62 -3.25 -31.16 -33.25
N GLU F 63 -3.20 -32.15 -34.14
CA GLU F 63 -4.23 -32.39 -35.16
C GLU F 63 -4.35 -33.84 -35.70
N PRO F 64 -3.21 -34.56 -35.92
CA PRO F 64 -1.79 -34.28 -35.68
C PRO F 64 -0.95 -33.79 -36.89
N VAL F 65 -0.60 -34.70 -37.80
CA VAL F 65 0.41 -34.41 -38.86
C VAL F 65 0.16 -35.11 -40.22
N ASP F 66 0.47 -34.39 -41.31
CA ASP F 66 0.66 -34.96 -42.65
C ASP F 66 1.28 -33.96 -43.63
N LEU F 67 2.24 -34.44 -44.42
CA LEU F 67 2.93 -33.64 -45.44
C LEU F 67 2.19 -32.37 -45.87
N VAL F 68 0.94 -32.56 -46.30
CA VAL F 68 0.12 -31.48 -46.81
C VAL F 68 -0.02 -30.35 -45.80
N THR F 69 -0.40 -30.70 -44.57
CA THR F 69 -0.54 -29.73 -43.49
C THR F 69 0.78 -28.98 -43.25
N VAL F 70 1.87 -29.59 -43.67
CA VAL F 70 3.17 -28.95 -43.60
C VAL F 70 3.30 -27.99 -44.79
N THR F 71 2.95 -28.46 -45.98
CA THR F 71 2.98 -27.63 -47.21
C THR F 71 2.08 -26.41 -47.08
N ALA F 72 1.27 -26.39 -46.01
CA ALA F 72 0.33 -25.30 -45.78
C ALA F 72 1.03 -24.03 -45.30
N GLU F 73 1.50 -24.03 -44.04
CA GLU F 73 2.07 -22.83 -43.42
C GLU F 73 3.37 -22.37 -44.07
N LEU F 74 4.06 -23.28 -44.74
CA LEU F 74 5.22 -22.92 -45.54
C LEU F 74 4.77 -22.13 -46.78
N ALA F 75 3.75 -22.62 -47.48
CA ALA F 75 3.15 -21.90 -48.61
C ALA F 75 2.45 -20.63 -48.14
N ALA F 76 2.01 -20.65 -46.88
CA ALA F 76 1.38 -19.49 -46.25
C ALA F 76 2.42 -18.40 -46.02
N SER F 77 3.45 -18.71 -45.23
CA SER F 77 4.61 -17.82 -45.10
C SER F 77 5.34 -17.74 -46.45
N GLU F 78 4.61 -18.10 -47.52
CA GLU F 78 5.15 -18.34 -48.87
C GLU F 78 6.62 -18.77 -48.90
N GLN F 79 7.07 -19.41 -47.82
CA GLN F 79 8.37 -20.05 -47.82
C GLN F 79 8.23 -21.37 -48.58
N LEU F 80 7.51 -21.28 -49.69
CA LEU F 80 7.53 -22.28 -50.75
C LEU F 80 7.82 -21.56 -52.06
N GLU F 81 7.76 -20.23 -52.01
CA GLU F 81 8.40 -19.36 -52.99
C GLU F 81 9.77 -18.99 -52.42
N GLU F 82 9.86 -18.99 -51.09
CA GLU F 82 11.07 -18.60 -50.37
C GLU F 82 11.95 -19.81 -50.00
N ILE F 83 11.33 -20.99 -49.86
CA ILE F 83 12.10 -22.21 -49.60
C ILE F 83 12.34 -23.03 -50.89
N GLY F 84 11.32 -23.13 -51.75
CA GLY F 84 11.49 -23.78 -53.06
C GLY F 84 10.22 -24.32 -53.70
N GLY F 85 9.59 -25.28 -53.01
CA GLY F 85 8.34 -25.87 -53.49
C GLY F 85 8.19 -27.33 -53.12
N VAL F 86 7.26 -27.98 -53.82
CA VAL F 86 6.94 -29.40 -53.60
C VAL F 86 8.05 -30.33 -54.07
N SER F 87 9.00 -29.77 -54.82
CA SER F 87 10.14 -30.50 -55.42
C SER F 87 10.99 -31.25 -54.39
N TYR F 88 10.62 -31.15 -53.11
CA TYR F 88 11.31 -31.83 -52.02
C TYR F 88 10.39 -32.78 -51.27
N LEU F 89 9.10 -32.48 -51.31
CA LEU F 89 8.10 -33.28 -50.60
C LEU F 89 8.11 -34.74 -51.03
N SER F 90 8.10 -34.98 -52.35
CA SER F 90 8.20 -36.33 -52.89
C SER F 90 9.60 -36.90 -52.67
N GLU F 91 10.59 -36.02 -52.61
CA GLU F 91 11.97 -36.41 -52.39
C GLU F 91 12.30 -36.71 -50.92
N LEU F 92 11.39 -36.33 -50.03
CA LEU F 92 11.58 -36.60 -48.60
C LEU F 92 10.52 -37.55 -48.05
N ALA F 93 9.36 -37.61 -48.70
CA ALA F 93 8.40 -38.69 -48.47
C ALA F 93 9.05 -39.97 -48.95
N ASP F 94 9.66 -39.89 -50.13
CA ASP F 94 10.51 -40.96 -50.65
C ASP F 94 11.98 -40.63 -50.37
N ALA F 95 12.39 -40.90 -49.13
CA ALA F 95 13.79 -40.71 -48.70
C ALA F 95 14.17 -41.66 -47.58
N VAL F 96 13.24 -41.86 -46.65
CA VAL F 96 13.49 -42.71 -45.49
C VAL F 96 13.10 -44.16 -45.79
N PRO F 97 14.08 -45.08 -45.69
CA PRO F 97 13.92 -46.49 -45.99
C PRO F 97 13.51 -47.31 -44.78
N THR F 98 13.14 -46.62 -43.70
CA THR F 98 12.70 -47.24 -42.44
C THR F 98 12.53 -46.14 -41.38
N ALA F 99 11.31 -45.96 -40.90
CA ALA F 99 11.00 -44.90 -39.94
C ALA F 99 11.06 -45.36 -38.49
N ALA F 100 12.22 -45.91 -38.12
CA ALA F 100 12.49 -46.36 -36.76
C ALA F 100 13.85 -45.84 -36.27
N ASN F 101 14.60 -45.22 -37.18
CA ASN F 101 15.84 -44.53 -36.82
C ASN F 101 15.50 -43.46 -35.79
N VAL F 102 14.90 -42.38 -36.25
CA VAL F 102 14.25 -41.37 -35.41
C VAL F 102 15.09 -40.94 -34.20
N GLU F 103 15.25 -41.82 -33.21
CA GLU F 103 15.97 -41.51 -31.97
C GLU F 103 16.75 -40.19 -32.05
N TYR F 104 17.90 -40.10 -32.77
CA TYR F 104 18.88 -41.17 -33.05
C TYR F 104 20.32 -40.66 -33.25
N TYR F 105 20.66 -39.86 -34.28
CA TYR F 105 19.84 -39.23 -35.37
C TYR F 105 18.96 -38.06 -34.94
N ALA F 106 18.83 -37.90 -33.64
CA ALA F 106 18.47 -36.66 -32.96
C ALA F 106 19.29 -36.74 -31.68
N ARG F 107 20.02 -37.86 -31.56
CA ARG F 107 21.09 -38.05 -30.56
C ARG F 107 22.37 -38.52 -31.27
N ILE F 108 22.49 -38.13 -32.54
CA ILE F 108 23.70 -38.31 -33.35
C ILE F 108 23.84 -37.11 -34.31
N VAL F 109 22.72 -36.41 -34.54
CA VAL F 109 22.70 -35.16 -35.31
C VAL F 109 22.73 -33.94 -34.38
N GLU F 110 22.74 -34.20 -33.08
CA GLU F 110 22.89 -33.17 -32.05
C GLU F 110 24.23 -32.46 -32.28
N GLU F 111 25.31 -33.23 -32.16
CA GLU F 111 26.68 -32.76 -32.38
C GLU F 111 26.84 -31.95 -33.66
N LYS F 112 26.08 -32.33 -34.69
CA LYS F 112 26.14 -31.69 -36.01
C LYS F 112 25.84 -30.19 -35.95
N SER F 113 24.91 -29.80 -35.07
CA SER F 113 24.64 -28.40 -34.82
C SER F 113 25.20 -27.98 -33.46
N VAL F 114 25.47 -28.96 -32.60
CA VAL F 114 26.21 -28.74 -31.35
C VAL F 114 27.69 -28.47 -31.66
N LEU F 115 28.05 -28.66 -32.94
CA LEU F 115 29.39 -28.31 -33.44
C LEU F 115 29.82 -26.91 -33.04
N ARG F 116 28.86 -26.03 -32.80
CA ARG F 116 29.12 -24.60 -32.65
C ARG F 116 28.39 -23.94 -31.45
N ARG F 117 28.26 -24.68 -30.34
CA ARG F 117 27.68 -24.18 -29.08
C ARG F 117 28.72 -23.37 -28.29
N LEU F 118 29.98 -23.82 -28.37
CA LEU F 118 31.11 -23.14 -27.73
C LEU F 118 32.06 -22.53 -28.77
N ILE F 119 31.65 -22.58 -30.04
CA ILE F 119 32.38 -21.90 -31.13
C ILE F 119 31.88 -20.45 -31.30
N ARG F 120 30.58 -20.24 -31.07
CA ARG F 120 30.02 -18.88 -31.02
C ARG F 120 30.55 -18.12 -29.81
N THR F 121 30.60 -18.82 -28.68
CA THR F 121 31.00 -18.22 -27.41
C THR F 121 32.53 -18.17 -27.23
N ALA F 122 33.27 -18.62 -28.25
CA ALA F 122 34.74 -18.58 -28.27
C ALA F 122 35.33 -17.69 -29.36
N THR F 123 34.73 -17.74 -30.56
CA THR F 123 35.11 -16.83 -31.66
C THR F 123 34.82 -15.39 -31.23
N SER F 124 33.92 -15.25 -30.26
CA SER F 124 33.65 -13.99 -29.60
C SER F 124 34.92 -13.46 -28.91
N ILE F 125 35.28 -14.07 -27.77
CA ILE F 125 36.41 -13.61 -26.94
C ILE F 125 37.71 -13.40 -27.72
N ALA F 126 37.93 -14.22 -28.74
CA ALA F 126 39.09 -14.10 -29.62
C ALA F 126 39.07 -12.78 -30.39
N GLN F 127 37.97 -12.52 -31.09
CA GLN F 127 37.75 -11.23 -31.74
C GLN F 127 37.31 -10.16 -30.73
N ASP F 128 37.39 -10.50 -29.44
CA ASP F 128 37.05 -9.58 -28.37
C ASP F 128 38.18 -9.44 -27.35
N GLY F 129 39.39 -9.79 -27.77
CA GLY F 129 40.58 -9.25 -27.15
C GLY F 129 40.59 -7.79 -27.55
N TYR F 130 39.92 -7.50 -28.67
CA TYR F 130 39.79 -6.16 -29.21
C TYR F 130 38.73 -5.35 -28.47
N THR F 131 38.67 -5.50 -27.15
CA THR F 131 37.69 -4.81 -26.32
C THR F 131 38.16 -4.57 -24.88
N ARG F 132 38.07 -5.59 -24.04
CA ARG F 132 38.35 -5.46 -22.60
C ARG F 132 39.81 -5.15 -22.34
N GLU F 133 40.08 -3.88 -22.04
CA GLU F 133 41.44 -3.36 -22.11
C GLU F 133 41.92 -2.18 -21.20
N ASP F 134 41.10 -1.22 -20.76
CA ASP F 134 39.62 -1.15 -20.64
C ASP F 134 39.11 -1.78 -19.34
N GLU F 135 38.27 -2.81 -19.43
CA GLU F 135 37.76 -3.49 -18.22
C GLU F 135 38.34 -4.90 -18.03
N ILE F 136 39.22 -5.29 -18.96
CA ILE F 136 40.05 -6.48 -18.85
C ILE F 136 39.35 -7.67 -18.22
N ASP F 137 39.64 -7.83 -16.93
CA ASP F 137 39.17 -8.92 -16.07
C ASP F 137 37.86 -9.56 -16.46
N VAL F 138 36.84 -8.74 -16.70
CA VAL F 138 35.44 -9.18 -16.75
C VAL F 138 35.14 -10.35 -17.70
N LEU F 139 35.89 -10.48 -18.79
CA LEU F 139 35.68 -11.54 -19.77
C LEU F 139 35.83 -12.98 -19.22
N LEU F 140 36.09 -13.09 -17.92
CA LEU F 140 36.10 -14.38 -17.23
C LEU F 140 34.70 -14.98 -17.14
N ASP F 141 33.73 -14.12 -16.80
CA ASP F 141 32.39 -14.55 -16.42
C ASP F 141 31.42 -14.65 -17.61
N GLU F 142 31.91 -14.35 -18.80
CA GLU F 142 31.17 -14.60 -20.03
C GLU F 142 31.36 -16.06 -20.45
N ALA F 143 32.55 -16.58 -20.19
CA ALA F 143 32.83 -18.01 -20.39
C ALA F 143 32.09 -18.83 -19.35
N ASP F 144 32.01 -18.29 -18.13
CA ASP F 144 31.29 -18.92 -17.02
C ASP F 144 29.80 -19.07 -17.30
N ARG F 145 29.27 -18.18 -18.13
CA ARG F 145 27.86 -18.22 -18.51
C ARG F 145 27.61 -18.13 -20.03
N LYS F 146 28.54 -18.67 -20.84
CA LYS F 146 28.31 -18.92 -22.28
C LYS F 146 29.21 -20.02 -22.88
N ILE F 147 30.46 -20.11 -22.42
CA ILE F 147 31.33 -21.23 -22.79
C ILE F 147 31.03 -22.43 -21.89
N MET F 148 31.04 -22.21 -20.58
CA MET F 148 30.74 -23.27 -19.59
C MET F 148 29.55 -24.11 -19.98
N GLU F 149 28.41 -23.44 -20.16
CA GLU F 149 27.14 -24.09 -20.47
C GLU F 149 26.96 -24.24 -21.97
N ILE F 183 28.50 -44.59 11.68
CA ILE F 183 29.77 -45.24 11.37
C ILE F 183 29.50 -46.51 10.57
N THR F 184 29.56 -46.38 9.24
CA THR F 184 29.37 -47.53 8.35
C THR F 184 30.52 -47.82 7.36
N GLY F 185 31.21 -46.79 6.85
CA GLY F 185 30.89 -45.38 7.08
C GLY F 185 31.98 -44.55 7.72
N ILE F 186 32.03 -43.29 7.31
CA ILE F 186 32.88 -42.29 7.93
C ILE F 186 31.95 -41.36 8.73
N PRO F 187 31.89 -41.58 10.07
CA PRO F 187 30.99 -41.05 11.11
C PRO F 187 30.14 -39.82 10.81
N THR F 188 28.90 -39.80 11.34
CA THR F 188 27.99 -38.65 11.20
C THR F 188 28.26 -37.52 12.20
N GLY F 189 27.75 -37.68 13.42
CA GLY F 189 27.81 -36.62 14.45
C GLY F 189 27.77 -37.09 15.89
N PHE F 190 26.70 -37.80 16.27
CA PHE F 190 26.53 -38.30 17.65
C PHE F 190 26.31 -39.81 17.63
N THR F 191 26.57 -40.48 18.75
CA THR F 191 26.49 -41.95 18.79
C THR F 191 25.05 -42.46 18.86
N GLU F 192 24.16 -41.65 19.44
CA GLU F 192 22.71 -41.90 19.33
C GLU F 192 22.18 -41.29 18.03
N LEU F 193 23.08 -40.68 17.26
CA LEU F 193 22.78 -40.24 15.90
C LEU F 193 23.63 -41.03 14.90
N ASP F 194 24.35 -42.02 15.43
CA ASP F 194 25.04 -43.04 14.63
C ASP F 194 24.58 -44.45 15.00
N ARG F 195 23.46 -44.51 15.70
CA ARG F 195 22.69 -45.73 15.86
C ARG F 195 21.26 -45.46 15.39
N MET F 196 20.99 -44.18 15.10
CA MET F 196 19.78 -43.75 14.40
C MET F 196 19.92 -44.02 12.90
N THR F 197 20.15 -42.95 12.13
CA THR F 197 20.16 -42.97 10.66
C THR F 197 21.26 -43.83 10.04
N SER F 198 22.46 -43.79 10.63
CA SER F 198 23.67 -44.55 10.20
C SER F 198 24.45 -43.92 9.03
N GLY F 199 25.66 -43.46 9.32
CA GLY F 199 26.55 -42.88 8.29
C GLY F 199 27.84 -42.25 8.83
N PHE F 200 28.50 -41.41 8.02
CA PHE F 200 28.07 -41.07 6.66
C PHE F 200 28.51 -42.14 5.65
N GLN F 201 27.58 -42.56 4.79
CA GLN F 201 27.85 -43.60 3.80
C GLN F 201 28.25 -43.04 2.41
N ARG F 202 28.39 -43.95 1.45
CA ARG F 202 28.88 -43.65 0.11
C ARG F 202 27.89 -42.81 -0.73
N SER F 203 28.14 -41.51 -0.80
CA SER F 203 27.45 -40.57 -1.71
C SER F 203 26.08 -40.04 -1.26
N ASP F 204 26.09 -38.90 -0.54
CA ASP F 204 24.86 -38.22 -0.11
C ASP F 204 25.01 -36.69 -0.06
N LEU F 205 24.07 -35.98 -0.71
CA LEU F 205 23.95 -34.52 -0.53
C LEU F 205 23.15 -34.22 0.73
N ILE F 206 23.75 -33.43 1.62
CA ILE F 206 23.14 -33.13 2.90
C ILE F 206 22.96 -31.62 3.08
N ILE F 207 21.87 -31.24 3.74
CA ILE F 207 21.60 -29.86 4.11
C ILE F 207 20.97 -29.78 5.52
N VAL F 208 21.71 -29.20 6.45
CA VAL F 208 21.21 -29.00 7.81
C VAL F 208 20.78 -27.54 7.96
N ALA F 209 19.57 -27.25 7.51
CA ALA F 209 19.04 -25.88 7.50
C ALA F 209 19.03 -25.27 8.91
N ALA F 210 20.07 -24.49 9.17
CA ALA F 210 20.37 -24.00 10.51
C ALA F 210 19.77 -22.62 10.78
N ARG F 211 19.12 -22.52 11.94
CA ARG F 211 18.46 -21.30 12.38
C ARG F 211 19.44 -20.19 12.73
N PRO F 212 19.01 -18.93 12.51
CA PRO F 212 19.64 -17.79 13.16
C PRO F 212 19.22 -17.74 14.63
N SER F 213 19.66 -16.72 15.36
CA SER F 213 19.27 -16.48 16.77
C SER F 213 19.69 -17.57 17.76
N VAL F 214 19.33 -18.82 17.46
CA VAL F 214 19.66 -19.95 18.32
C VAL F 214 21.13 -20.38 18.13
N GLY F 215 21.47 -20.85 16.93
CA GLY F 215 22.86 -21.21 16.61
C GLY F 215 23.14 -22.22 15.51
N LYS F 216 24.34 -22.13 14.93
CA LYS F 216 24.87 -23.09 13.95
C LYS F 216 26.40 -23.24 14.05
N THR F 217 26.98 -22.58 15.05
CA THR F 217 28.44 -22.55 15.28
C THR F 217 29.00 -23.90 15.78
N ALA F 218 28.46 -24.40 16.89
CA ALA F 218 28.98 -25.60 17.54
C ALA F 218 28.58 -26.91 16.85
N PHE F 219 27.61 -26.82 15.93
CA PHE F 219 27.19 -27.98 15.14
C PHE F 219 28.32 -28.45 14.22
N ALA F 220 29.09 -27.49 13.71
CA ALA F 220 30.30 -27.77 12.96
C ALA F 220 31.42 -28.23 13.89
N LEU F 221 31.34 -27.78 15.14
CA LEU F 221 32.29 -28.20 16.17
C LEU F 221 31.82 -29.52 16.81
N ASN F 222 30.87 -30.18 16.15
CA ASN F 222 30.36 -31.49 16.54
C ASN F 222 29.78 -32.33 15.38
N ILE F 223 30.34 -32.12 14.18
CA ILE F 223 30.13 -33.00 13.03
C ILE F 223 31.46 -33.27 12.34
N ALA F 224 32.38 -32.32 12.48
CA ALA F 224 33.74 -32.44 11.96
C ALA F 224 34.79 -31.83 12.89
N GLN F 225 34.79 -32.28 14.15
CA GLN F 225 35.77 -31.84 15.15
C GLN F 225 36.65 -33.01 15.64
N ASN F 226 36.03 -34.17 15.82
CA ASN F 226 36.72 -35.39 16.25
C ASN F 226 36.94 -36.44 15.15
N VAL F 227 36.27 -36.28 14.01
CA VAL F 227 36.33 -37.25 12.91
C VAL F 227 37.65 -37.21 12.15
N ALA F 228 38.33 -36.06 12.19
CA ALA F 228 39.65 -35.92 11.61
C ALA F 228 40.73 -36.44 12.57
N THR F 229 40.48 -36.28 13.86
CA THR F 229 41.49 -36.56 14.88
C THR F 229 41.42 -37.97 15.48
N LYS F 230 40.97 -38.94 14.68
CA LYS F 230 40.90 -40.35 15.13
C LYS F 230 41.26 -41.41 14.06
N THR F 231 40.69 -41.28 12.86
CA THR F 231 40.99 -42.19 11.74
C THR F 231 41.34 -41.44 10.43
N ASN F 232 42.18 -42.04 9.58
CA ASN F 232 42.79 -41.32 8.44
C ASN F 232 41.91 -41.09 7.19
N GLU F 233 40.60 -40.95 7.41
CA GLU F 233 39.69 -40.43 6.41
C GLU F 233 39.47 -38.94 6.74
N ASN F 234 40.49 -38.15 6.42
CA ASN F 234 40.55 -36.72 6.79
C ASN F 234 39.52 -35.84 6.08
N VAL F 235 39.51 -34.55 6.37
CA VAL F 235 38.45 -33.66 5.88
C VAL F 235 38.92 -32.28 5.39
N ALA F 236 37.98 -31.35 5.28
CA ALA F 236 38.22 -29.95 4.90
C ALA F 236 37.05 -29.07 5.38
N ILE F 237 37.32 -27.79 5.62
CA ILE F 237 36.30 -26.89 6.17
C ILE F 237 36.09 -25.62 5.33
N PHE F 238 34.90 -25.49 4.75
CA PHE F 238 34.54 -24.29 4.00
C PHE F 238 33.92 -23.25 4.93
N SER F 239 34.63 -22.15 5.16
CA SER F 239 34.10 -21.02 5.91
C SER F 239 34.19 -19.75 5.05
N LEU F 240 33.20 -19.61 4.16
CA LEU F 240 33.24 -18.63 3.07
C LEU F 240 33.25 -17.15 3.47
N GLU F 241 32.08 -16.61 3.82
CA GLU F 241 31.89 -15.17 4.02
C GLU F 241 32.79 -14.55 5.09
N MET F 242 33.12 -15.32 6.13
CA MET F 242 34.12 -14.90 7.13
C MET F 242 35.48 -15.51 6.82
N SER F 243 36.54 -14.84 7.26
CA SER F 243 37.88 -15.41 7.15
C SER F 243 37.96 -16.68 7.99
N ALA F 244 38.49 -17.74 7.40
CA ALA F 244 38.57 -19.05 8.03
C ALA F 244 39.19 -19.01 9.43
N GLN F 245 39.99 -17.99 9.70
CA GLN F 245 40.80 -17.89 10.91
C GLN F 245 40.07 -17.39 12.17
N GLN F 246 38.95 -16.67 11.99
CA GLN F 246 38.10 -16.29 13.13
C GLN F 246 37.33 -17.51 13.62
N LEU F 247 37.15 -18.49 12.73
CA LEU F 247 36.50 -19.75 13.03
C LEU F 247 37.44 -20.73 13.77
N VAL F 248 38.70 -20.33 13.92
CA VAL F 248 39.71 -21.12 14.63
C VAL F 248 39.84 -20.65 16.10
N MET F 249 38.81 -19.95 16.57
CA MET F 249 38.64 -19.65 17.98
C MET F 249 37.40 -20.40 18.48
N ARG F 250 36.89 -21.29 17.64
CA ARG F 250 35.64 -22.00 17.88
C ARG F 250 35.81 -23.47 18.26
N MET F 251 36.71 -24.19 17.58
CA MET F 251 36.92 -25.63 17.82
C MET F 251 38.16 -25.99 18.65
N LEU F 252 39.14 -25.10 18.71
CA LEU F 252 40.29 -25.25 19.62
C LEU F 252 39.86 -24.84 21.01
N CYS F 253 38.94 -23.89 21.08
CA CYS F 253 38.28 -23.51 22.31
C CYS F 253 37.11 -24.47 22.62
N ALA F 254 37.08 -25.58 21.88
CA ALA F 254 36.08 -26.64 22.07
C ALA F 254 36.68 -28.05 21.97
N GLU F 255 38.00 -28.12 21.80
CA GLU F 255 38.72 -29.39 21.85
C GLU F 255 39.67 -29.41 23.04
N GLY F 256 40.24 -28.25 23.37
CA GLY F 256 41.07 -28.10 24.56
C GLY F 256 40.30 -27.49 25.71
N ASN F 257 38.97 -27.50 25.61
CA ASN F 257 38.07 -26.91 26.61
C ASN F 257 38.62 -25.67 27.33
N ILE F 258 38.99 -24.66 26.55
CA ILE F 258 39.49 -23.39 27.08
C ILE F 258 38.87 -22.18 26.36
N ASN F 259 37.82 -21.62 26.96
CA ASN F 259 37.12 -20.45 26.42
C ASN F 259 36.35 -19.66 27.49
N ALA F 260 37.06 -19.21 28.52
CA ALA F 260 36.47 -18.39 29.60
C ALA F 260 37.52 -17.62 30.43
N GLN F 261 38.50 -17.01 29.77
CA GLN F 261 39.55 -16.25 30.46
C GLN F 261 40.27 -15.05 29.75
N ASN F 262 40.32 -14.95 28.41
CA ASN F 262 39.59 -15.71 27.39
C ASN F 262 40.52 -15.94 26.19
N LEU F 263 40.19 -16.92 25.34
CA LEU F 263 41.02 -17.26 24.16
C LEU F 263 40.60 -16.60 22.84
N ARG F 264 40.19 -15.33 22.90
CA ARG F 264 39.82 -14.57 21.70
C ARG F 264 40.39 -13.14 21.71
N THR F 265 41.23 -12.85 22.71
CA THR F 265 41.82 -11.51 22.89
C THR F 265 43.07 -11.46 23.80
N GLY F 266 44.19 -11.98 23.31
CA GLY F 266 45.50 -11.74 23.92
C GLY F 266 45.96 -12.53 25.15
N LYS F 267 46.79 -11.87 25.96
CA LYS F 267 47.47 -12.46 27.11
C LYS F 267 46.51 -12.84 28.26
N LEU F 268 46.43 -14.14 28.56
CA LEU F 268 45.60 -14.66 29.65
C LEU F 268 46.26 -14.40 31.01
N THR F 269 45.47 -14.48 32.08
CA THR F 269 46.01 -14.51 33.44
C THR F 269 46.75 -15.84 33.62
N PRO F 270 47.88 -15.83 34.35
CA PRO F 270 48.74 -17.02 34.52
C PRO F 270 47.98 -18.24 35.05
N GLU F 271 47.07 -18.76 34.23
CA GLU F 271 46.17 -19.84 34.63
C GLU F 271 45.61 -20.60 33.42
N ASP F 272 44.93 -19.89 32.52
CA ASP F 272 44.20 -20.53 31.42
C ASP F 272 45.12 -21.15 30.36
N TRP F 273 46.42 -21.14 30.64
CA TRP F 273 47.39 -21.89 29.87
C TRP F 273 47.46 -23.31 30.45
N GLY F 274 46.29 -23.89 30.70
CA GLY F 274 46.17 -25.17 31.39
C GLY F 274 45.77 -26.33 30.49
N LYS F 275 44.56 -26.28 29.95
CA LYS F 275 44.09 -27.32 29.03
C LYS F 275 44.27 -26.87 27.58
N LEU F 276 45.52 -26.63 27.19
CA LEU F 276 45.90 -26.33 25.82
C LEU F 276 46.24 -27.62 25.08
N THR F 277 46.70 -28.63 25.83
CA THR F 277 47.21 -29.90 25.29
C THR F 277 46.14 -30.80 24.65
N MET F 278 44.95 -30.23 24.40
CA MET F 278 43.82 -30.99 23.85
C MET F 278 43.16 -30.27 22.67
N ALA F 279 43.56 -29.03 22.43
CA ALA F 279 43.00 -28.20 21.37
C ALA F 279 43.63 -28.49 20.00
N MET F 280 44.92 -28.19 19.87
CA MET F 280 45.66 -28.40 18.62
C MET F 280 46.47 -29.70 18.66
N GLY F 281 46.49 -30.36 19.83
CA GLY F 281 47.26 -31.58 20.03
C GLY F 281 46.71 -32.83 19.38
N SER F 282 45.66 -32.64 18.57
CA SER F 282 45.06 -33.73 17.79
C SER F 282 44.58 -33.23 16.42
N LEU F 283 44.40 -31.91 16.30
CA LEU F 283 43.89 -31.29 15.07
C LEU F 283 44.97 -30.95 14.03
N SER F 284 46.18 -31.46 14.26
CA SER F 284 47.30 -31.25 13.32
C SER F 284 47.89 -32.57 12.81
N ASN F 285 47.51 -33.68 13.44
CA ASN F 285 47.92 -35.03 13.01
C ASN F 285 46.82 -35.74 12.22
N ALA F 286 46.14 -34.98 11.37
CA ALA F 286 44.98 -35.47 10.60
C ALA F 286 45.07 -35.06 9.12
N GLY F 287 44.55 -33.87 8.80
CA GLY F 287 44.60 -33.32 7.45
C GLY F 287 43.36 -32.51 7.06
N ILE F 288 43.47 -31.19 7.13
CA ILE F 288 42.33 -30.29 6.87
C ILE F 288 42.70 -29.04 6.06
N TYR F 289 41.80 -28.61 5.18
CA TYR F 289 41.93 -27.36 4.44
C TYR F 289 40.76 -26.43 4.78
N ILE F 290 40.99 -25.52 5.73
CA ILE F 290 39.98 -24.52 6.07
C ILE F 290 39.92 -23.47 4.96
N ASP F 291 38.78 -22.77 4.85
CA ASP F 291 38.48 -21.98 3.63
C ASP F 291 37.87 -20.59 3.88
N ASP F 292 38.22 -19.64 3.02
CA ASP F 292 37.50 -18.36 2.86
C ASP F 292 37.73 -17.69 1.49
N THR F 293 37.78 -18.52 0.44
CA THR F 293 37.98 -18.08 -0.96
C THR F 293 36.67 -17.50 -1.54
N PRO F 294 36.74 -16.32 -2.23
CA PRO F 294 35.68 -15.44 -2.76
C PRO F 294 34.22 -15.92 -2.82
N SER F 295 33.31 -15.00 -3.14
CA SER F 295 31.88 -15.32 -3.29
C SER F 295 31.68 -16.34 -4.41
N ILE F 296 31.88 -17.60 -4.08
CA ILE F 296 32.02 -18.67 -5.06
C ILE F 296 30.72 -19.07 -5.74
N ARG F 297 30.85 -19.49 -7.00
CA ARG F 297 29.88 -20.37 -7.64
C ARG F 297 30.15 -21.79 -7.12
N VAL F 298 29.84 -22.82 -7.91
CA VAL F 298 30.03 -24.21 -7.45
C VAL F 298 30.96 -25.06 -8.34
N SER F 299 31.33 -24.56 -9.52
CA SER F 299 32.25 -25.27 -10.43
C SER F 299 33.70 -25.28 -9.89
N ASP F 300 33.92 -24.52 -8.83
CA ASP F 300 35.17 -24.51 -8.07
C ASP F 300 35.37 -25.90 -7.46
N ILE F 301 34.48 -26.28 -6.53
CA ILE F 301 34.50 -27.58 -5.84
C ILE F 301 34.27 -28.76 -6.81
N ARG F 302 34.42 -28.48 -8.11
CA ARG F 302 34.39 -29.49 -9.17
C ARG F 302 35.79 -29.62 -9.78
N ALA F 303 36.43 -28.46 -9.99
CA ALA F 303 37.83 -28.40 -10.41
C ALA F 303 38.74 -28.52 -9.20
N LYS F 304 38.30 -27.95 -8.07
CA LYS F 304 39.00 -28.08 -6.79
C LYS F 304 38.93 -29.51 -6.26
N CYS F 305 37.76 -30.13 -6.39
CA CYS F 305 37.55 -31.49 -5.90
C CYS F 305 37.98 -32.58 -6.90
N ARG F 306 38.54 -32.16 -8.03
CA ARG F 306 39.22 -33.06 -8.96
C ARG F 306 40.70 -33.15 -8.59
N ARG F 307 41.16 -32.16 -7.82
CA ARG F 307 42.50 -32.15 -7.22
C ARG F 307 42.47 -31.73 -5.74
N LEU F 308 41.55 -32.33 -4.98
CA LEU F 308 41.50 -32.24 -3.53
C LEU F 308 41.06 -33.59 -2.99
N LYS F 309 40.46 -34.39 -3.88
CA LYS F 309 40.29 -35.83 -3.70
C LYS F 309 41.67 -36.47 -3.83
N GLN F 310 42.51 -35.85 -4.66
CA GLN F 310 43.89 -36.29 -4.87
C GLN F 310 44.89 -35.41 -4.08
N GLU F 311 44.37 -34.43 -3.33
CA GLU F 311 45.21 -33.52 -2.52
C GLU F 311 45.12 -33.84 -1.03
N SER F 312 43.97 -34.34 -0.58
CA SER F 312 43.71 -34.61 0.84
C SER F 312 43.67 -36.11 1.18
N GLY F 313 42.76 -36.49 2.08
CA GLY F 313 42.54 -37.88 2.47
C GLY F 313 41.07 -38.28 2.34
N LEU F 314 40.19 -37.35 2.70
CA LEU F 314 38.74 -37.39 2.40
C LEU F 314 37.88 -38.38 3.20
N GLY F 315 36.94 -37.80 3.97
CA GLY F 315 35.95 -38.56 4.73
C GLY F 315 34.61 -37.85 4.67
N MET F 316 34.67 -36.52 4.84
CA MET F 316 33.53 -35.63 4.60
C MET F 316 34.08 -34.38 3.91
N ILE F 317 33.18 -33.62 3.28
CA ILE F 317 33.57 -32.34 2.67
C ILE F 317 32.61 -31.25 3.15
N VAL F 318 33.06 -30.49 4.16
CA VAL F 318 32.19 -29.54 4.87
C VAL F 318 32.12 -28.18 4.18
N ILE F 319 31.05 -27.97 3.41
CA ILE F 319 30.81 -26.71 2.69
C ILE F 319 29.85 -25.80 3.46
N ASP F 320 29.99 -24.50 3.22
CA ASP F 320 29.22 -23.42 3.85
C ASP F 320 27.70 -23.60 3.71
N TYR F 321 26.94 -22.81 4.48
CA TYR F 321 25.49 -22.86 4.46
C TYR F 321 24.91 -22.47 3.09
N LEU F 322 23.84 -23.16 2.70
CA LEU F 322 23.31 -23.14 1.32
C LEU F 322 22.67 -21.82 0.87
N GLN F 323 22.87 -20.75 1.64
CA GLN F 323 22.22 -19.46 1.36
C GLN F 323 23.21 -18.28 1.23
N LEU F 324 24.22 -18.47 0.37
CA LEU F 324 25.21 -17.43 -0.01
C LEU F 324 25.74 -17.71 -1.42
N ILE F 325 26.28 -18.92 -1.58
CA ILE F 325 26.79 -19.42 -2.86
C ILE F 325 25.72 -19.28 -3.95
N GLN F 326 26.13 -18.73 -5.08
CA GLN F 326 25.20 -18.38 -6.16
C GLN F 326 25.70 -18.89 -7.50
N GLU F 338 19.50 -16.35 -6.62
CA GLU F 338 20.59 -17.26 -6.93
C GLU F 338 21.04 -18.04 -5.69
N VAL F 339 20.31 -19.12 -5.41
CA VAL F 339 20.49 -19.92 -4.20
C VAL F 339 20.07 -21.36 -4.46
N SER F 340 18.97 -21.51 -5.19
CA SER F 340 18.36 -22.80 -5.52
C SER F 340 19.24 -23.67 -6.42
N GLU F 341 19.89 -23.05 -7.40
CA GLU F 341 20.75 -23.76 -8.37
C GLU F 341 21.89 -24.55 -7.71
N ILE F 342 22.39 -24.03 -6.60
CA ILE F 342 23.56 -24.57 -5.91
C ILE F 342 23.29 -25.95 -5.32
N SER F 343 22.12 -26.12 -4.70
CA SER F 343 21.73 -27.39 -4.09
C SER F 343 21.54 -28.50 -5.12
N ARG F 344 21.02 -28.14 -6.29
CA ARG F 344 20.76 -29.11 -7.36
C ARG F 344 22.04 -29.80 -7.83
N SER F 345 23.11 -29.01 -7.95
CA SER F 345 24.40 -29.54 -8.36
C SER F 345 25.29 -29.88 -7.16
N LEU F 346 24.68 -29.99 -5.98
CA LEU F 346 25.38 -30.42 -4.77
C LEU F 346 25.12 -31.89 -4.44
N LYS F 347 24.20 -32.52 -5.17
CA LYS F 347 23.92 -33.94 -5.02
C LYS F 347 25.04 -34.78 -5.61
N ALA F 348 25.45 -34.41 -6.82
CA ALA F 348 26.49 -35.13 -7.55
C ALA F 348 27.85 -35.08 -6.86
N LEU F 349 28.07 -34.04 -6.05
CA LEU F 349 29.37 -33.79 -5.40
C LEU F 349 29.77 -34.90 -4.43
N ALA F 350 28.79 -35.58 -3.84
CA ALA F 350 29.05 -36.70 -2.95
C ALA F 350 29.39 -37.97 -3.74
N ARG F 351 29.17 -37.92 -5.05
CA ARG F 351 29.31 -39.07 -5.92
C ARG F 351 30.60 -39.05 -6.77
N GLU F 352 31.37 -37.96 -6.67
CA GLU F 352 32.63 -37.81 -7.42
C GLU F 352 33.87 -38.24 -6.63
N LEU F 353 34.11 -37.57 -5.50
CA LEU F 353 35.27 -37.83 -4.65
C LEU F 353 35.14 -39.13 -3.86
N GLU F 354 33.95 -39.72 -3.97
CA GLU F 354 33.57 -40.96 -3.27
C GLU F 354 33.55 -40.78 -1.76
N VAL F 355 32.78 -39.76 -1.34
CA VAL F 355 32.61 -39.31 0.04
C VAL F 355 31.41 -38.37 0.12
N PRO F 356 30.55 -38.52 1.16
CA PRO F 356 29.36 -37.68 1.33
C PRO F 356 29.73 -36.23 1.63
N VAL F 357 28.97 -35.30 1.05
CA VAL F 357 29.31 -33.87 1.09
C VAL F 357 28.23 -33.05 1.83
N ILE F 358 28.68 -32.06 2.61
CA ILE F 358 27.80 -31.28 3.48
C ILE F 358 27.69 -29.81 3.03
N ALA F 359 26.46 -29.29 3.06
CA ALA F 359 26.20 -27.87 2.83
C ALA F 359 24.93 -27.47 3.58
N LEU F 360 25.10 -26.79 4.71
CA LEU F 360 24.01 -26.41 5.62
C LEU F 360 23.04 -25.38 5.00
N SER F 361 22.48 -24.50 5.85
CA SER F 361 21.61 -23.41 5.40
C SER F 361 21.32 -22.33 6.47
N GLN F 362 21.04 -21.13 5.98
CA GLN F 362 20.45 -20.05 6.79
C GLN F 362 19.27 -19.50 6.00
N LEU F 363 18.09 -20.05 6.28
CA LEU F 363 16.86 -19.80 5.52
C LEU F 363 16.64 -18.34 5.15
N ARG F 374 11.27 -22.56 12.10
CA ARG F 374 10.28 -23.37 12.82
C ARG F 374 10.91 -24.57 13.55
N PRO F 375 11.87 -25.28 12.91
CA PRO F 375 12.30 -25.22 11.51
C PRO F 375 11.91 -26.46 10.69
N MET F 376 11.18 -26.27 9.58
CA MET F 376 10.84 -27.39 8.70
C MET F 376 11.26 -27.19 7.23
N MET F 377 10.87 -28.16 6.39
CA MET F 377 11.39 -28.27 5.02
C MET F 377 10.83 -27.22 4.04
N SER F 378 9.96 -26.34 4.55
CA SER F 378 9.34 -25.30 3.72
C SER F 378 9.81 -23.87 4.05
N ASP F 379 10.97 -23.76 4.69
CA ASP F 379 11.61 -22.47 4.95
C ASP F 379 12.93 -22.29 4.20
N ILE F 380 13.60 -23.42 3.92
CA ILE F 380 14.70 -23.44 2.94
C ILE F 380 14.13 -23.32 1.53
N ARG F 381 12.80 -23.29 1.46
CA ARG F 381 12.04 -23.15 0.21
C ARG F 381 11.77 -21.69 -0.11
N GLU F 382 11.55 -20.88 0.93
CA GLU F 382 11.43 -19.42 0.78
C GLU F 382 12.81 -18.79 0.50
N SER F 383 13.68 -19.61 -0.11
CA SER F 383 15.04 -19.24 -0.55
C SER F 383 15.78 -20.50 -1.00
N GLY F 384 15.33 -21.09 -2.12
CA GLY F 384 15.97 -22.29 -2.68
C GLY F 384 15.07 -23.24 -3.48
N SER F 385 15.49 -24.50 -3.56
CA SER F 385 14.73 -25.58 -4.23
C SER F 385 14.79 -26.88 -3.40
N ILE F 386 15.91 -27.59 -3.51
CA ILE F 386 16.36 -28.60 -2.53
C ILE F 386 15.65 -29.98 -2.49
N GLU F 387 14.32 -30.01 -2.41
CA GLU F 387 13.60 -31.27 -2.13
C GLU F 387 13.89 -32.41 -3.12
N GLN F 388 13.81 -32.10 -4.41
CA GLN F 388 14.06 -33.08 -5.46
C GLN F 388 15.54 -33.47 -5.52
N ASP F 389 16.36 -32.69 -4.84
CA ASP F 389 17.81 -32.84 -4.86
C ASP F 389 18.33 -33.53 -3.59
N ALA F 390 18.45 -32.76 -2.51
CA ALA F 390 18.90 -33.30 -1.21
C ALA F 390 17.86 -34.26 -0.63
N ASP F 391 18.26 -35.51 -0.40
CA ASP F 391 17.35 -36.52 0.14
C ASP F 391 17.63 -36.94 1.60
N ILE F 392 18.16 -36.01 2.39
CA ILE F 392 18.26 -36.14 3.86
C ILE F 392 18.48 -34.76 4.52
N VAL F 393 17.37 -34.15 4.96
CA VAL F 393 17.42 -32.79 5.49
C VAL F 393 17.30 -32.77 7.02
N ALA F 394 18.45 -32.63 7.69
CA ALA F 394 18.50 -32.42 9.13
C ALA F 394 18.29 -30.94 9.45
N PHE F 395 18.11 -30.60 10.73
CA PHE F 395 17.81 -29.22 11.12
C PHE F 395 18.47 -28.75 12.41
N LEU F 396 18.19 -27.51 12.79
CA LEU F 396 18.63 -26.92 14.05
C LEU F 396 17.60 -25.89 14.53
N TYR F 397 17.03 -26.13 15.71
CA TYR F 397 15.98 -25.29 16.28
C TYR F 397 16.55 -23.99 16.84
N GLU F 413 17.05 -28.71 17.45
CA GLU F 413 16.43 -29.98 17.12
C GLU F 413 16.82 -30.44 15.72
N ILE F 414 17.65 -31.48 15.65
CA ILE F 414 18.10 -32.06 14.38
C ILE F 414 16.97 -32.88 13.77
N ILE F 415 16.05 -32.17 13.12
CA ILE F 415 14.87 -32.81 12.52
C ILE F 415 15.25 -33.54 11.24
N ILE F 416 15.99 -34.63 11.41
CA ILE F 416 16.30 -35.54 10.32
C ILE F 416 15.00 -36.25 9.97
N ALA F 417 14.25 -35.66 9.04
CA ALA F 417 12.96 -36.18 8.63
C ALA F 417 12.96 -36.54 7.15
N LYS F 418 13.94 -37.35 6.72
CA LYS F 418 14.12 -37.73 5.31
C LYS F 418 15.13 -38.88 5.08
N GLN F 419 14.67 -39.96 4.43
CA GLN F 419 15.51 -41.06 3.90
C GLN F 419 14.74 -42.34 3.48
N ARG F 420 15.47 -43.36 3.02
CA ARG F 420 14.91 -44.69 2.72
C ARG F 420 15.53 -45.77 3.62
N ASN F 421 16.57 -45.38 4.36
CA ASN F 421 17.31 -46.27 5.24
C ASN F 421 16.50 -46.77 6.44
N GLY F 422 15.52 -45.97 6.87
CA GLY F 422 14.65 -46.33 7.98
C GLY F 422 14.46 -45.26 9.05
N PRO F 423 15.52 -44.97 9.82
CA PRO F 423 15.41 -44.12 11.03
C PRO F 423 15.30 -42.61 10.77
N VAL F 424 14.32 -42.00 11.42
CA VAL F 424 14.00 -40.58 11.35
C VAL F 424 13.36 -40.20 12.69
N GLY F 425 13.89 -39.19 13.39
CA GLY F 425 13.43 -38.90 14.74
C GLY F 425 13.42 -37.45 15.22
N THR F 426 12.85 -37.25 16.39
CA THR F 426 12.78 -35.95 17.04
C THR F 426 13.82 -35.89 18.16
N VAL F 427 14.90 -35.15 17.93
CA VAL F 427 16.04 -35.08 18.87
C VAL F 427 16.67 -33.68 18.95
N GLN F 428 16.64 -33.07 20.14
CA GLN F 428 17.50 -31.91 20.45
C GLN F 428 18.55 -32.33 21.48
N LEU F 429 19.58 -31.49 21.67
CA LEU F 429 20.65 -31.78 22.61
C LEU F 429 20.96 -30.59 23.51
N ALA F 430 21.48 -30.89 24.70
CA ALA F 430 21.83 -29.86 25.70
C ALA F 430 23.07 -29.06 25.29
N PHE F 431 23.23 -27.90 25.92
CA PHE F 431 24.26 -26.94 25.54
C PHE F 431 24.94 -26.33 26.78
N ILE F 432 26.21 -25.95 26.65
CA ILE F 432 26.96 -25.36 27.77
C ILE F 432 27.39 -23.91 27.48
N LYS F 433 27.82 -23.65 26.24
CA LYS F 433 28.20 -22.31 25.74
C LYS F 433 29.29 -21.53 26.49
N GLU F 434 29.93 -22.16 27.47
CA GLU F 434 31.19 -21.63 28.01
C GLU F 434 32.34 -22.38 27.34
N TYR F 435 31.99 -23.46 26.65
CA TYR F 435 32.92 -24.28 25.89
C TYR F 435 32.32 -24.70 24.54
N ASN F 436 31.06 -24.34 24.31
CA ASN F 436 30.29 -24.74 23.10
C ASN F 436 30.16 -26.26 22.92
N LYS F 437 29.56 -26.92 23.91
CA LYS F 437 29.50 -28.39 23.96
C LYS F 437 28.10 -29.00 23.75
N PHE F 438 28.04 -30.01 22.89
CA PHE F 438 26.82 -30.81 22.66
C PHE F 438 26.73 -32.00 23.62
N VAL F 439 25.51 -32.43 23.96
CA VAL F 439 25.27 -33.52 24.93
C VAL F 439 24.17 -34.50 24.50
N ASN F 440 24.49 -35.80 24.49
CA ASN F 440 23.54 -36.87 24.13
C ASN F 440 23.25 -37.82 25.29
N LEU F 441 22.03 -38.37 25.34
CA LEU F 441 21.63 -39.34 26.37
C LEU F 441 20.43 -40.18 25.92
N LEU G 2 -7.33 31.50 -64.37
CA LEU G 2 -6.46 32.68 -64.13
C LEU G 2 -7.18 33.99 -64.53
N LEU G 3 -8.38 34.17 -64.00
CA LEU G 3 -9.26 35.29 -64.36
C LEU G 3 -9.36 36.35 -63.25
N PRO G 4 -9.48 37.64 -63.62
CA PRO G 4 -9.74 38.71 -62.65
C PRO G 4 -11.08 38.58 -61.94
N ALA G 5 -11.26 39.36 -60.88
CA ALA G 5 -12.40 39.26 -59.95
C ALA G 5 -13.80 39.34 -60.58
N PHE G 6 -13.97 40.23 -61.55
CA PHE G 6 -15.28 40.45 -62.17
C PHE G 6 -15.73 39.26 -63.02
N GLN G 7 -14.77 38.59 -63.66
CA GLN G 7 -15.05 37.37 -64.42
C GLN G 7 -15.20 36.16 -63.49
N ASN G 8 -15.53 36.47 -62.24
CA ASN G 8 -15.85 35.48 -61.22
C ASN G 8 -17.11 35.92 -60.44
N ALA G 9 -17.56 37.15 -60.70
CA ALA G 9 -18.78 37.70 -60.10
C ALA G 9 -19.86 38.02 -61.17
N GLU G 10 -19.43 38.63 -62.27
CA GLU G 10 -20.29 38.89 -63.43
C GLU G 10 -20.58 37.59 -64.20
N ARG G 11 -19.59 36.69 -64.20
CA ARG G 11 -19.72 35.35 -64.76
C ARG G 11 -20.74 34.54 -63.99
N LEU G 12 -20.79 34.76 -62.68
CA LEU G 12 -21.79 34.15 -61.80
C LEU G 12 -23.05 35.00 -61.70
N LEU G 13 -23.64 35.27 -62.86
CA LEU G 13 -24.90 35.99 -62.96
C LEU G 13 -25.70 35.46 -64.15
N LEU G 14 -25.17 34.40 -64.76
CA LEU G 14 -25.86 33.63 -65.80
C LEU G 14 -25.67 32.14 -65.52
N ALA G 15 -26.15 31.71 -64.36
CA ALA G 15 -26.00 30.33 -63.90
C ALA G 15 -27.06 29.98 -62.84
N HIS G 16 -27.54 31.00 -62.15
CA HIS G 16 -28.68 30.88 -61.23
C HIS G 16 -29.99 31.35 -61.87
N ARG G 19 -31.08 27.84 -64.64
CA ARG G 19 -31.58 26.62 -63.98
C ARG G 19 -33.06 26.68 -63.58
N SER G 20 -33.49 27.82 -63.05
CA SER G 20 -34.85 27.98 -62.52
C SER G 20 -35.52 29.27 -62.98
N ARG G 21 -36.81 29.17 -63.26
CA ARG G 21 -37.60 30.33 -63.71
C ARG G 21 -38.37 31.03 -62.60
N ASP G 22 -37.77 31.04 -61.41
CA ASP G 22 -38.22 31.85 -60.29
C ASP G 22 -37.00 32.47 -59.60
N VAL G 23 -35.83 32.05 -60.06
CA VAL G 23 -34.55 32.63 -59.66
C VAL G 23 -33.95 33.35 -60.88
N ALA G 24 -34.78 33.52 -61.91
CA ALA G 24 -34.42 34.26 -63.12
C ALA G 24 -35.23 35.54 -63.23
N LEU G 25 -36.31 35.63 -62.46
CA LEU G 25 -37.18 36.80 -62.41
C LEU G 25 -36.41 38.01 -61.88
N VAL G 26 -35.78 37.82 -60.72
CA VAL G 26 -35.05 38.88 -60.02
C VAL G 26 -33.76 39.27 -60.73
N VAL G 27 -33.30 38.41 -61.65
CA VAL G 27 -32.10 38.69 -62.45
C VAL G 27 -32.29 39.95 -63.29
N GLN G 28 -33.42 40.05 -63.97
CA GLN G 28 -33.75 41.23 -64.78
C GLN G 28 -34.43 42.31 -63.94
N GLU G 29 -34.76 41.97 -62.70
CA GLU G 29 -35.32 42.93 -61.74
C GLU G 29 -34.26 43.93 -61.28
N ARG G 30 -33.30 43.46 -60.49
CA ARG G 30 -32.29 44.32 -59.86
C ARG G 30 -31.20 44.75 -60.85
N ILE G 31 -30.56 43.76 -61.48
CA ILE G 31 -29.47 44.03 -62.42
C ILE G 31 -29.84 43.59 -63.84
N GLY G 32 -30.33 44.55 -64.62
CA GLY G 32 -30.68 44.35 -66.04
C GLY G 32 -30.33 42.98 -66.61
N GLY G 33 -29.07 42.77 -66.98
CA GLY G 33 -28.01 43.77 -66.84
C GLY G 33 -27.82 44.59 -68.10
N ARG G 34 -26.80 45.48 -68.16
CA ARG G 34 -25.79 45.75 -67.10
C ARG G 34 -24.71 44.66 -66.93
N PHE G 35 -24.06 44.31 -68.04
CA PHE G 35 -23.01 43.27 -68.08
C PHE G 35 -21.71 43.71 -68.79
N ASN G 36 -20.57 43.21 -68.30
CA ASN G 36 -19.23 43.73 -68.65
C ASN G 36 -18.65 43.39 -70.03
N ILE G 37 -18.72 42.12 -70.43
CA ILE G 37 -18.21 41.72 -71.74
C ILE G 37 -19.41 41.46 -72.66
N GLU G 38 -19.18 41.55 -73.98
CA GLU G 38 -20.22 41.25 -74.97
C GLU G 38 -20.80 39.85 -74.76
N GLU G 39 -19.94 38.90 -74.40
CA GLU G 39 -20.38 37.53 -74.13
C GLU G 39 -21.04 37.39 -72.76
N HIS G 40 -21.16 38.51 -72.07
CA HIS G 40 -22.02 38.62 -70.91
C HIS G 40 -23.23 39.47 -71.27
N ARG G 41 -23.17 40.10 -72.45
CA ARG G 41 -24.27 40.90 -72.99
C ARG G 41 -25.12 40.12 -74.01
N ALA G 42 -24.46 39.38 -74.90
CA ALA G 42 -25.11 38.66 -76.00
C ALA G 42 -26.00 37.51 -75.53
N LEU G 43 -25.76 37.05 -74.31
CA LEU G 43 -26.62 36.06 -73.67
C LEU G 43 -27.69 36.72 -72.81
N ALA G 44 -27.32 37.81 -72.12
CA ALA G 44 -28.21 38.53 -71.20
C ALA G 44 -29.63 38.73 -71.73
N ALA G 45 -29.79 39.71 -72.63
CA ALA G 45 -31.10 40.04 -73.20
C ALA G 45 -31.67 38.93 -74.09
N TYR G 46 -30.84 37.91 -74.38
CA TYR G 46 -31.28 36.74 -75.13
C TYR G 46 -31.83 35.65 -74.20
N ILE G 47 -31.23 35.49 -73.03
CA ILE G 47 -31.79 34.63 -71.97
C ILE G 47 -33.01 35.32 -71.36
N TYR G 48 -33.06 36.65 -71.49
CA TYR G 48 -34.25 37.42 -71.16
C TYR G 48 -35.31 37.24 -72.25
N ALA G 49 -35.28 36.08 -72.92
CA ALA G 49 -36.19 35.73 -74.01
C ALA G 49 -36.29 34.21 -74.25
N PHE G 50 -37.02 33.52 -73.37
CA PHE G 50 -37.24 32.08 -73.49
C PHE G 50 -38.60 31.67 -72.90
N TYR G 51 -38.73 31.79 -71.58
CA TYR G 51 -40.04 31.73 -70.90
C TYR G 51 -40.95 32.70 -71.64
N GLU G 52 -40.30 33.63 -72.33
CA GLU G 52 -40.94 34.57 -73.26
C GLU G 52 -41.83 33.88 -74.29
N GLU G 53 -41.29 32.88 -74.99
CA GLU G 53 -42.07 32.12 -75.97
C GLU G 53 -43.24 31.40 -75.28
N GLY G 54 -43.10 31.24 -73.96
CA GLY G 54 -44.08 30.59 -73.11
C GLY G 54 -43.42 29.58 -72.19
N HIS G 55 -42.09 29.51 -72.28
CA HIS G 55 -41.30 28.41 -71.72
C HIS G 55 -41.17 28.37 -70.18
N GLU G 56 -40.23 27.55 -69.69
CA GLU G 56 -40.12 27.20 -68.27
C GLU G 56 -38.66 27.06 -67.80
N ALA G 57 -38.37 26.05 -66.97
CA ALA G 57 -37.09 25.95 -66.28
C ALA G 57 -36.32 24.62 -66.40
N ASP G 58 -35.85 24.33 -67.60
CA ASP G 58 -34.87 23.25 -67.86
C ASP G 58 -34.00 23.61 -69.07
N PRO G 59 -32.66 23.62 -68.90
CA PRO G 59 -31.73 24.10 -69.93
C PRO G 59 -31.28 23.00 -70.91
N GLY G 60 -32.25 22.43 -71.62
CA GLY G 60 -31.99 21.42 -72.65
C GLY G 60 -32.30 21.94 -74.04
N ALA G 61 -33.46 22.56 -74.20
CA ALA G 61 -33.89 23.18 -75.45
C ALA G 61 -33.04 24.42 -75.77
N LEU G 62 -32.16 24.75 -74.83
CA LEU G 62 -31.24 25.87 -74.96
C LEU G 62 -29.81 25.38 -75.22
N ILE G 63 -29.61 24.73 -76.37
CA ILE G 63 -28.26 24.30 -76.80
C ILE G 63 -27.85 24.84 -78.18
N SER G 64 -28.63 24.52 -79.22
CA SER G 64 -28.41 25.03 -80.57
C SER G 64 -29.52 26.01 -80.96
N ARG G 65 -29.27 27.29 -80.69
CA ARG G 65 -30.30 28.33 -80.80
C ARG G 65 -29.94 29.69 -81.45
N ILE G 66 -28.75 30.29 -81.26
CA ILE G 66 -27.47 29.79 -80.68
C ILE G 66 -26.67 28.87 -81.64
N PRO G 67 -25.58 29.42 -82.23
CA PRO G 67 -24.84 28.81 -83.34
C PRO G 67 -23.46 28.20 -83.00
N GLY G 68 -22.42 29.02 -82.91
CA GLY G 68 -21.03 28.53 -82.85
C GLY G 68 -20.01 29.30 -82.00
N GLU G 69 -20.00 30.62 -82.13
CA GLU G 69 -19.12 31.47 -81.32
C GLU G 69 -19.60 31.54 -79.86
N LEU G 70 -20.91 31.38 -79.70
CA LEU G 70 -21.60 31.49 -78.41
C LEU G 70 -22.04 30.14 -77.81
N GLN G 71 -21.70 29.03 -78.47
CA GLN G 71 -22.04 27.68 -77.99
C GLN G 71 -21.11 27.09 -76.93
N PRO G 72 -19.78 27.38 -77.01
CA PRO G 72 -18.88 26.87 -75.96
C PRO G 72 -19.22 27.39 -74.56
N LEU G 73 -19.51 28.69 -74.45
CA LEU G 73 -19.82 29.31 -73.16
C LEU G 73 -21.23 28.98 -72.64
N ALA G 74 -22.17 28.77 -73.56
CA ALA G 74 -23.54 28.34 -73.20
C ALA G 74 -23.48 27.13 -72.28
N SER G 75 -22.54 26.24 -72.57
CA SER G 75 -22.24 25.10 -71.72
C SER G 75 -21.58 25.53 -70.40
N GLU G 76 -20.65 26.47 -70.49
CA GLU G 76 -19.86 26.88 -69.33
C GLU G 76 -20.61 27.84 -68.42
N LEU G 77 -21.69 28.41 -68.95
CA LEU G 77 -22.62 29.20 -68.14
C LEU G 77 -23.69 28.28 -67.56
N SER G 78 -24.00 27.20 -68.26
CA SER G 78 -24.96 26.23 -67.77
C SER G 78 -24.35 25.30 -66.71
N LEU G 79 -23.17 24.74 -67.02
CA LEU G 79 -22.43 23.93 -66.05
C LEU G 79 -21.79 24.84 -65.01
N LEU G 80 -22.16 24.67 -63.73
CA LEU G 80 -21.61 25.51 -62.65
C LEU G 80 -21.58 24.86 -61.26
N LEU G 81 -20.66 25.38 -60.43
CA LEU G 81 -20.43 24.89 -59.08
C LEU G 81 -21.34 25.61 -58.07
N ILE G 82 -22.61 25.21 -58.08
CA ILE G 82 -23.65 25.81 -57.25
C ILE G 82 -24.82 24.85 -57.04
N ALA G 83 -25.74 25.26 -56.17
CA ALA G 83 -27.05 24.61 -56.00
C ALA G 83 -28.07 25.70 -55.67
N ASP G 84 -29.36 25.40 -55.86
CA ASP G 84 -30.39 26.44 -55.81
C ASP G 84 -31.34 26.43 -54.59
N ASP G 85 -30.92 27.12 -53.53
CA ASP G 85 -31.82 27.59 -52.48
C ASP G 85 -31.24 28.90 -51.95
N VAL G 86 -31.19 29.88 -52.85
CA VAL G 86 -30.65 31.20 -52.55
C VAL G 86 -31.50 31.88 -51.49
N SER G 87 -30.97 31.99 -50.28
CA SER G 87 -31.57 32.79 -49.23
C SER G 87 -31.16 34.24 -49.44
N GLU G 88 -31.59 35.14 -48.56
CA GLU G 88 -31.18 36.54 -48.64
C GLU G 88 -29.69 36.70 -48.28
N GLN G 89 -28.88 35.77 -48.79
CA GLN G 89 -27.48 35.61 -48.38
C GLN G 89 -26.57 35.06 -49.50
N GLU G 90 -27.08 34.10 -50.26
CA GLU G 90 -26.31 33.44 -51.33
C GLU G 90 -25.86 34.37 -52.45
N LEU G 91 -26.78 34.68 -53.37
CA LEU G 91 -26.52 35.61 -54.47
C LEU G 91 -26.78 37.05 -54.01
N GLU G 92 -26.05 37.45 -52.97
CA GLU G 92 -26.19 38.76 -52.33
C GLU G 92 -24.96 39.64 -52.54
N ASP G 93 -23.77 39.07 -52.37
CA ASP G 93 -22.51 39.80 -52.49
C ASP G 93 -22.22 40.27 -53.93
N TYR G 94 -23.06 39.83 -54.86
CA TYR G 94 -22.91 40.12 -56.30
C TYR G 94 -23.61 41.42 -56.71
N ILE G 95 -24.75 41.71 -56.12
CA ILE G 95 -25.51 42.92 -56.42
C ILE G 95 -24.63 44.16 -56.20
N ARG G 96 -23.93 44.19 -55.07
CA ARG G 96 -23.01 45.28 -54.79
C ARG G 96 -21.60 44.95 -55.32
N HIS G 97 -21.55 44.23 -56.44
CA HIS G 97 -20.27 43.81 -57.04
C HIS G 97 -20.28 43.87 -58.57
N VAL G 98 -21.40 43.55 -59.19
CA VAL G 98 -21.54 43.60 -60.66
C VAL G 98 -22.17 44.93 -61.09
N LEU G 99 -23.00 45.50 -60.22
CA LEU G 99 -23.53 46.85 -60.41
C LEU G 99 -22.43 47.89 -60.33
N ASN G 100 -21.65 47.87 -59.24
CA ASN G 100 -20.60 48.86 -59.01
C ASN G 100 -19.15 48.42 -59.30
N ARG G 101 -18.98 47.56 -60.31
CA ARG G 101 -17.64 47.20 -60.81
C ARG G 101 -17.04 48.29 -61.73
N PRO G 102 -17.82 48.82 -62.70
CA PRO G 102 -17.30 49.92 -63.52
C PRO G 102 -16.93 51.19 -62.73
N LYS G 103 -17.23 51.19 -61.44
CA LYS G 103 -16.86 52.28 -60.54
C LYS G 103 -15.67 51.94 -59.65
N TRP G 104 -15.23 50.68 -59.70
CA TRP G 104 -13.91 50.29 -59.20
C TRP G 104 -12.89 50.52 -60.31
N LEU G 105 -13.41 50.69 -61.53
CA LEU G 105 -12.65 51.26 -62.64
C LEU G 105 -13.06 52.74 -62.78
N LEU G 107 -11.87 54.61 -59.80
CA LEU G 107 -10.64 54.96 -59.09
C LEU G 107 -9.47 54.79 -60.06
N LYS G 108 -9.73 54.07 -61.15
CA LYS G 108 -8.81 53.88 -62.25
C LYS G 108 -9.12 54.87 -63.38
N VAL G 109 -10.09 55.76 -63.13
CA VAL G 109 -10.38 56.88 -64.03
C VAL G 109 -9.54 58.10 -63.64
N LYS G 110 -9.40 58.33 -62.33
CA LYS G 110 -8.60 59.43 -61.80
C LYS G 110 -7.18 59.00 -61.36
N GLU G 111 -6.85 57.74 -61.64
CA GLU G 111 -5.51 57.20 -61.45
C GLU G 111 -4.55 57.75 -62.50
N GLN G 112 -5.10 58.04 -63.69
CA GLN G 112 -4.34 58.50 -64.86
C GLN G 112 -3.86 59.96 -64.73
N GLU G 113 -4.68 60.78 -64.10
CA GLU G 113 -4.40 62.22 -63.95
C GLU G 113 -3.69 62.48 -62.62
N LYS G 114 -3.56 61.40 -61.85
CA LYS G 114 -2.68 61.36 -60.70
C LYS G 114 -1.24 61.14 -61.17
N THR G 115 -1.07 60.30 -62.20
CA THR G 115 0.25 60.05 -62.81
C THR G 115 0.64 61.11 -63.84
N GLU G 116 -0.34 61.94 -64.22
CA GLU G 116 -0.06 63.16 -64.97
C GLU G 116 0.21 64.27 -63.95
N ALA G 117 -0.47 64.18 -62.82
CA ALA G 117 -0.20 65.05 -61.67
C ALA G 117 1.13 64.68 -61.03
N GLU G 118 1.54 63.43 -61.23
CA GLU G 118 2.81 62.89 -60.75
C GLU G 118 3.97 63.56 -61.47
N ARG G 119 4.12 63.22 -62.76
CA ARG G 119 5.18 63.78 -63.59
C ARG G 119 4.84 65.17 -64.09
N ARG G 120 4.82 66.15 -63.18
CA ARG G 120 4.59 67.55 -63.54
C ARG G 120 5.21 68.54 -62.55
N LYS G 121 6.08 68.04 -61.67
CA LYS G 121 6.76 68.83 -60.64
C LYS G 121 5.78 69.51 -59.68
N ASP G 122 4.51 69.54 -60.04
CA ASP G 122 3.44 69.91 -59.13
C ASP G 122 2.98 68.63 -58.46
N PHE G 123 3.58 68.35 -57.31
CA PHE G 123 3.24 67.18 -56.52
C PHE G 123 2.19 67.57 -55.49
N LEU G 124 1.65 68.77 -55.65
CA LEU G 124 0.77 69.41 -54.68
C LEU G 124 -0.66 68.91 -54.80
N THR G 125 -1.37 69.40 -55.81
CA THR G 125 -2.73 68.94 -56.10
C THR G 125 -2.69 67.46 -56.47
N ALA G 126 -1.50 66.97 -56.81
CA ALA G 126 -1.24 65.55 -57.03
C ALA G 126 -1.43 64.75 -55.75
N ALA G 127 -0.90 65.28 -54.66
CA ALA G 127 -1.07 64.70 -53.33
C ALA G 127 -2.48 64.94 -52.79
N ARG G 128 -3.25 65.75 -53.50
CA ARG G 128 -4.62 66.07 -53.09
C ARG G 128 -5.66 65.15 -53.71
N ILE G 129 -5.41 64.72 -54.95
CA ILE G 129 -6.25 63.72 -55.61
C ILE G 129 -6.32 62.49 -54.72
N ALA G 130 -5.16 62.03 -54.28
CA ALA G 130 -5.02 60.78 -53.52
C ALA G 130 -5.69 60.78 -52.15
N LYS G 131 -5.87 61.96 -51.55
CA LYS G 131 -6.46 62.04 -50.20
C LYS G 131 -7.95 61.76 -50.20
N GLU G 132 -8.65 62.16 -51.26
CA GLU G 132 -10.11 62.01 -51.32
C GLU G 132 -10.59 60.88 -52.26
N ILE G 134 -9.68 57.92 -51.34
CA ILE G 134 -9.72 56.89 -50.29
C ILE G 134 -11.15 56.44 -49.94
N GLU G 135 -12.08 57.39 -49.98
CA GLU G 135 -13.47 57.17 -49.55
C GLU G 135 -14.18 56.11 -50.39
N LYS G 137 -12.70 53.66 -52.14
CA LYS G 137 -12.02 52.35 -52.07
C LYS G 137 -12.41 51.54 -50.83
N LYS G 138 -13.38 52.04 -50.08
CA LYS G 138 -13.81 51.41 -48.83
C LYS G 138 -15.10 50.59 -49.04
N LEU H 2 64.90 18.57 -36.57
CA LEU H 2 64.28 19.81 -36.01
C LEU H 2 65.01 20.31 -34.76
N LEU H 3 64.30 21.06 -33.92
CA LEU H 3 64.86 21.68 -32.72
C LEU H 3 64.80 20.72 -31.53
N PRO H 4 65.97 20.28 -31.02
CA PRO H 4 65.97 19.60 -29.73
C PRO H 4 65.89 20.61 -28.58
N ALA H 5 66.21 20.17 -27.36
CA ALA H 5 66.13 21.00 -26.17
C ALA H 5 66.93 22.30 -26.26
N PHE H 6 68.09 22.24 -26.93
CA PHE H 6 69.03 23.37 -26.97
C PHE H 6 68.60 24.55 -27.84
N GLN H 7 67.53 24.36 -28.60
CA GLN H 7 66.96 25.43 -29.42
C GLN H 7 65.68 26.00 -28.79
N ASN H 8 65.38 25.55 -27.57
CA ASN H 8 64.18 25.96 -26.85
C ASN H 8 64.40 26.11 -25.32
N ALA H 9 65.50 26.74 -24.94
CA ALA H 9 65.86 26.95 -23.53
C ALA H 9 66.84 28.13 -23.36
N GLU H 10 67.54 28.43 -24.46
CA GLU H 10 68.69 29.32 -24.46
C GLU H 10 68.33 30.74 -24.87
N ARG H 11 67.10 30.92 -25.35
CA ARG H 11 66.72 32.13 -26.09
C ARG H 11 65.89 33.15 -25.30
N LEU H 12 64.80 32.71 -24.70
CA LEU H 12 63.89 33.60 -23.97
C LEU H 12 64.37 33.99 -22.56
N LEU H 13 65.37 33.27 -22.04
CA LEU H 13 66.01 33.68 -20.79
C LEU H 13 66.77 34.97 -21.05
N LEU H 14 67.29 35.11 -22.27
CA LEU H 14 67.81 36.39 -22.77
C LEU H 14 66.69 37.42 -22.91
N ALA H 15 65.47 36.95 -23.20
CA ALA H 15 64.31 37.82 -23.36
C ALA H 15 63.58 38.09 -22.05
N HIS H 16 63.94 37.34 -21.01
CA HIS H 16 63.44 37.59 -19.66
C HIS H 16 64.17 38.79 -19.07
N ARG H 19 64.56 43.00 -20.21
CA ARG H 19 63.75 44.01 -19.55
C ARG H 19 64.47 44.66 -18.36
N SER H 20 64.34 44.06 -17.18
CA SER H 20 64.75 44.68 -15.92
C SER H 20 65.96 43.99 -15.24
N ARG H 21 66.27 44.44 -14.01
CA ARG H 21 67.60 44.20 -13.44
C ARG H 21 67.80 42.90 -12.67
N ASP H 22 67.15 42.71 -11.52
CA ASP H 22 67.36 41.50 -10.70
C ASP H 22 67.12 40.22 -11.49
N VAL H 23 66.44 40.36 -12.64
CA VAL H 23 66.31 39.28 -13.59
C VAL H 23 67.67 39.04 -14.26
N ALA H 24 68.23 40.11 -14.81
CA ALA H 24 69.51 40.06 -15.54
C ALA H 24 70.73 39.88 -14.63
N LEU H 25 70.59 40.26 -13.37
CA LEU H 25 71.72 40.30 -12.43
C LEU H 25 72.41 38.95 -12.24
N VAL H 26 71.73 38.03 -11.55
CA VAL H 26 72.30 36.73 -11.21
C VAL H 26 72.20 35.77 -12.41
N VAL H 27 72.98 36.07 -13.45
CA VAL H 27 72.97 35.27 -14.67
C VAL H 27 74.38 34.92 -15.14
N GLN H 28 75.22 35.95 -15.33
CA GLN H 28 76.61 35.74 -15.73
C GLN H 28 77.41 35.04 -14.63
N GLU H 29 77.04 35.30 -13.38
CA GLU H 29 77.65 34.62 -12.24
C GLU H 29 77.37 33.12 -12.30
N ARG H 30 76.27 32.76 -12.96
CA ARG H 30 75.95 31.37 -13.30
C ARG H 30 76.39 31.03 -14.73
N ILE H 31 76.58 32.06 -15.56
CA ILE H 31 77.01 31.88 -16.96
C ILE H 31 78.13 32.84 -17.33
N GLY H 32 79.36 32.49 -16.93
CA GLY H 32 80.58 33.28 -17.15
C GLY H 32 80.78 33.98 -18.48
N GLY H 33 80.80 33.24 -19.61
CA GLY H 33 80.53 31.81 -19.62
C GLY H 33 81.46 30.95 -20.47
N ARG H 34 81.09 29.69 -20.74
CA ARG H 34 79.85 29.02 -20.28
C ARG H 34 78.63 29.11 -21.22
N PHE H 35 78.81 29.73 -22.38
CA PHE H 35 77.72 29.80 -23.38
C PHE H 35 77.85 28.65 -24.38
N ASN H 36 76.83 27.81 -24.44
CA ASN H 36 76.85 26.58 -25.25
C ASN H 36 77.12 26.78 -26.75
N ILE H 37 76.19 27.41 -27.45
CA ILE H 37 76.29 27.54 -28.91
C ILE H 37 77.27 28.63 -29.34
N GLU H 38 78.00 28.34 -30.42
CA GLU H 38 79.07 29.18 -30.98
C GLU H 38 78.85 30.68 -30.84
N GLU H 39 77.77 31.17 -31.46
CA GLU H 39 77.45 32.60 -31.46
C GLU H 39 76.46 33.00 -30.37
N HIS H 40 75.99 32.02 -29.59
CA HIS H 40 75.22 32.32 -28.38
C HIS H 40 76.14 32.92 -27.32
N ARG H 41 77.36 33.24 -27.75
CA ARG H 41 78.34 33.97 -26.96
C ARG H 41 78.67 35.29 -27.65
N ALA H 42 78.53 35.32 -28.98
CA ALA H 42 78.86 36.50 -29.79
C ALA H 42 77.97 37.69 -29.46
N LEU H 43 76.72 37.43 -29.11
CA LEU H 43 75.80 38.47 -28.64
C LEU H 43 76.03 38.82 -27.18
N ALA H 44 76.53 37.87 -26.41
CA ALA H 44 76.81 38.04 -24.98
C ALA H 44 77.99 38.99 -24.70
N ALA H 45 78.44 39.68 -25.75
CA ALA H 45 79.41 40.76 -25.63
C ALA H 45 78.69 42.10 -25.55
N TYR H 46 77.43 42.11 -25.96
CA TYR H 46 76.59 43.31 -25.91
C TYR H 46 75.32 43.05 -25.07
N ILE H 47 75.31 41.94 -24.34
CA ILE H 47 74.20 41.62 -23.42
C ILE H 47 74.53 42.09 -21.99
N TYR H 48 75.76 41.83 -21.55
CA TYR H 48 76.24 42.24 -20.23
C TYR H 48 76.93 43.61 -20.26
N ALA H 49 77.83 43.78 -21.23
CA ALA H 49 78.62 45.02 -21.37
C ALA H 49 77.79 46.23 -21.83
N PHE H 50 76.46 46.10 -21.73
CA PHE H 50 75.54 47.19 -22.05
C PHE H 50 74.47 47.41 -20.96
N TYR H 51 74.84 47.06 -19.74
CA TYR H 51 74.22 47.61 -18.52
C TYR H 51 75.38 47.87 -17.56
N GLU H 52 76.49 47.18 -17.86
CA GLU H 52 77.81 47.48 -17.31
C GLU H 52 78.01 49.00 -17.29
N GLU H 53 77.67 49.64 -18.41
CA GLU H 53 77.77 51.09 -18.60
C GLU H 53 76.88 51.91 -17.66
N GLY H 54 75.75 51.33 -17.25
CA GLY H 54 74.81 52.01 -16.37
C GLY H 54 73.54 52.41 -17.08
N HIS H 55 72.89 51.43 -17.71
CA HIS H 55 71.61 51.62 -18.39
C HIS H 55 70.46 51.65 -17.37
N GLU H 56 69.23 51.43 -17.85
CA GLU H 56 68.06 51.48 -16.96
C GLU H 56 67.09 50.29 -17.09
N ALA H 57 66.62 50.00 -18.31
CA ALA H 57 65.73 48.85 -18.57
C ALA H 57 65.28 48.67 -20.03
N ASP H 58 64.58 47.56 -20.27
CA ASP H 58 63.75 47.31 -21.48
C ASP H 58 64.43 46.99 -22.82
N PRO H 59 63.75 46.17 -23.66
CA PRO H 59 64.22 45.79 -24.99
C PRO H 59 63.78 46.74 -26.09
N GLY H 60 63.57 48.01 -25.75
CA GLY H 60 63.27 49.03 -26.76
C GLY H 60 64.46 49.19 -27.68
N ALA H 61 65.61 49.51 -27.09
CA ALA H 61 66.89 49.54 -27.80
C ALA H 61 67.53 48.16 -27.75
N LEU H 62 66.99 47.29 -26.90
CA LEU H 62 67.49 45.93 -26.76
C LEU H 62 66.64 44.92 -27.57
N ILE H 63 66.50 45.21 -28.85
CA ILE H 63 65.94 44.25 -29.82
C ILE H 63 66.94 43.94 -30.93
N SER H 64 67.77 44.94 -31.24
CA SER H 64 68.87 44.79 -32.20
C SER H 64 69.99 45.83 -32.02
N ARG H 65 70.87 45.58 -31.05
CA ARG H 65 72.12 46.34 -30.85
C ARG H 65 73.23 45.61 -30.05
N ILE H 66 73.73 44.43 -30.46
CA ILE H 66 73.36 43.60 -31.64
C ILE H 66 73.70 44.21 -33.02
N PRO H 67 74.53 43.48 -33.82
CA PRO H 67 75.17 44.06 -35.01
C PRO H 67 74.49 43.86 -36.38
N GLY H 68 74.50 42.63 -36.90
CA GLY H 68 74.06 42.36 -38.28
C GLY H 68 73.51 40.97 -38.55
N GLU H 69 74.39 39.97 -38.52
CA GLU H 69 74.00 38.57 -38.75
C GLU H 69 73.43 37.95 -37.48
N LEU H 70 73.62 38.66 -36.36
CA LEU H 70 73.09 38.25 -35.08
C LEU H 70 71.80 39.02 -34.78
N GLN H 71 71.18 39.55 -35.84
CA GLN H 71 69.90 40.26 -35.77
C GLN H 71 68.68 39.40 -36.12
N PRO H 72 68.77 38.54 -37.16
CA PRO H 72 67.64 37.67 -37.56
C PRO H 72 67.19 36.67 -36.48
N LEU H 73 67.75 36.79 -35.28
CA LEU H 73 67.27 36.06 -34.10
C LEU H 73 67.00 37.03 -32.96
N ALA H 74 67.81 38.09 -32.87
CA ALA H 74 67.68 39.13 -31.83
C ALA H 74 66.30 39.75 -31.78
N SER H 75 65.71 39.98 -32.95
CA SER H 75 64.32 40.38 -33.06
C SER H 75 63.40 39.23 -32.66
N GLU H 76 63.66 38.05 -33.22
CA GLU H 76 62.81 36.87 -33.02
C GLU H 76 63.18 36.10 -31.74
N LEU H 77 63.87 36.76 -30.82
CA LEU H 77 64.17 36.22 -29.50
C LEU H 77 63.03 36.53 -28.53
N SER H 78 62.68 37.81 -28.46
CA SER H 78 61.72 38.32 -27.48
C SER H 78 60.27 37.89 -27.70
N LEU H 79 59.89 37.74 -28.97
CA LEU H 79 58.51 37.40 -29.33
C LEU H 79 58.11 36.01 -28.86
N LEU H 80 57.28 35.97 -27.83
CA LEU H 80 56.64 34.76 -27.31
C LEU H 80 56.25 34.99 -25.85
N LEU H 81 55.79 33.92 -25.19
CA LEU H 81 55.35 34.02 -23.81
C LEU H 81 56.51 34.08 -22.83
N ILE H 82 56.74 35.30 -22.33
CA ILE H 82 57.67 35.54 -21.24
C ILE H 82 56.91 36.24 -20.12
N ALA H 83 56.27 35.43 -19.28
CA ALA H 83 55.56 35.92 -18.11
C ALA H 83 56.60 36.43 -17.11
N ASP H 84 56.75 37.76 -17.06
CA ASP H 84 57.83 38.41 -16.30
C ASP H 84 57.70 38.25 -14.78
N ASP H 85 56.71 37.47 -14.36
CA ASP H 85 56.65 36.98 -12.99
C ASP H 85 57.53 35.73 -12.97
N VAL H 86 58.84 35.95 -13.12
CA VAL H 86 59.83 34.89 -13.37
C VAL H 86 59.73 33.77 -12.36
N SER H 87 59.47 32.57 -12.87
CA SER H 87 59.26 31.39 -12.03
C SER H 87 60.52 31.02 -11.24
N GLU H 88 60.33 30.93 -9.93
CA GLU H 88 61.36 30.45 -9.01
C GLU H 88 61.66 28.96 -9.25
N GLN H 89 60.83 28.34 -10.10
CA GLN H 89 61.00 26.94 -10.49
C GLN H 89 61.49 26.86 -11.95
N GLU H 90 61.64 28.02 -12.58
CA GLU H 90 62.39 28.16 -13.84
C GLU H 90 63.86 28.37 -13.52
N LEU H 91 64.15 28.49 -12.22
CA LEU H 91 65.48 28.90 -11.71
C LEU H 91 66.65 27.97 -12.06
N GLU H 92 66.93 27.01 -11.18
CA GLU H 92 68.09 26.12 -11.32
C GLU H 92 68.20 25.47 -12.70
N ASP H 93 67.05 25.38 -13.39
CA ASP H 93 66.90 24.72 -14.70
C ASP H 93 67.87 25.21 -15.77
N TYR H 94 67.51 26.31 -16.45
CA TYR H 94 68.26 26.82 -17.59
C TYR H 94 69.77 26.71 -17.42
N ILE H 95 70.26 27.20 -16.27
CA ILE H 95 71.70 27.26 -16.06
C ILE H 95 72.30 25.88 -15.79
N ARG H 96 71.52 24.98 -15.18
CA ARG H 96 71.92 23.58 -15.09
C ARG H 96 71.77 22.91 -16.46
N HIS H 97 70.71 23.25 -17.19
CA HIS H 97 70.50 22.79 -18.57
C HIS H 97 71.68 23.19 -19.46
N VAL H 98 72.20 24.39 -19.23
CA VAL H 98 73.32 24.93 -20.00
C VAL H 98 74.66 24.36 -19.54
N LEU H 99 74.94 24.47 -18.24
CA LEU H 99 76.27 24.14 -17.71
C LEU H 99 76.62 22.65 -17.66
N ASN H 100 75.63 21.79 -17.45
CA ASN H 100 75.90 20.35 -17.49
C ASN H 100 75.68 19.69 -18.85
N ARG H 101 75.59 20.51 -19.90
CA ARG H 101 75.66 20.04 -21.28
C ARG H 101 77.11 19.74 -21.71
N PRO H 102 78.06 20.63 -21.38
CA PRO H 102 79.48 20.26 -21.51
C PRO H 102 79.97 19.34 -20.38
N LYS H 103 79.10 19.07 -19.41
CA LYS H 103 79.32 18.00 -18.45
C LYS H 103 78.78 16.68 -19.02
N TRP H 104 77.55 16.71 -19.53
CA TRP H 104 76.93 15.57 -20.22
C TRP H 104 77.65 15.21 -21.51
N LEU H 105 78.32 16.19 -22.12
CA LEU H 105 78.95 16.05 -23.44
C LEU H 105 80.03 14.96 -23.52
N LEU H 107 79.36 12.00 -22.81
CA LEU H 107 78.56 10.80 -23.06
C LEU H 107 78.43 10.51 -24.55
N LYS H 108 78.55 11.57 -25.36
CA LYS H 108 78.84 11.42 -26.79
C LYS H 108 80.34 11.20 -26.95
N VAL H 109 80.93 10.57 -25.93
CA VAL H 109 82.37 10.26 -25.84
C VAL H 109 82.62 8.84 -25.26
N LYS H 110 82.12 8.58 -24.05
CA LYS H 110 82.38 7.31 -23.34
C LYS H 110 81.63 6.12 -23.93
N GLU H 111 80.42 6.39 -24.42
CA GLU H 111 79.67 5.44 -25.22
C GLU H 111 80.49 5.06 -26.44
N GLN H 112 81.25 6.03 -26.95
CA GLN H 112 82.01 5.88 -28.17
C GLN H 112 83.41 5.26 -27.96
N GLU H 113 83.85 5.15 -26.72
CA GLU H 113 84.99 4.29 -26.38
C GLU H 113 84.51 3.00 -25.71
N LYS H 114 83.21 2.91 -25.49
CA LYS H 114 82.59 1.64 -25.16
C LYS H 114 82.35 0.87 -26.46
N THR H 115 82.11 1.62 -27.53
CA THR H 115 81.83 1.03 -28.86
C THR H 115 83.01 1.14 -29.86
N GLU H 116 84.20 1.45 -29.36
CA GLU H 116 85.41 1.50 -30.19
C GLU H 116 86.29 0.27 -29.94
N ALA H 117 86.46 -0.08 -28.67
CA ALA H 117 87.10 -1.33 -28.26
C ALA H 117 86.17 -2.50 -28.58
N GLU H 118 84.93 -2.15 -28.95
CA GLU H 118 83.88 -3.10 -29.30
C GLU H 118 84.24 -3.97 -30.50
N ARG H 119 83.85 -3.54 -31.71
CA ARG H 119 84.08 -4.31 -32.94
C ARG H 119 85.49 -4.91 -33.04
N ARG H 120 86.48 -4.18 -32.52
CA ARG H 120 87.88 -4.64 -32.49
C ARG H 120 88.11 -5.77 -31.47
N LYS H 121 87.01 -6.24 -30.88
CA LYS H 121 86.95 -7.42 -30.01
C LYS H 121 87.30 -7.17 -28.53
N ASP H 122 86.46 -6.36 -27.89
CA ASP H 122 86.37 -6.24 -26.43
C ASP H 122 85.01 -5.65 -26.06
N PHE H 123 84.30 -6.33 -25.15
CA PHE H 123 82.88 -6.07 -24.96
C PHE H 123 82.36 -6.00 -23.51
N LEU H 124 82.81 -6.92 -22.66
CA LEU H 124 82.19 -7.11 -21.33
C LEU H 124 82.91 -6.42 -20.16
N THR H 125 84.08 -5.85 -20.47
CA THR H 125 84.73 -4.87 -19.61
C THR H 125 84.24 -3.50 -20.08
N ALA H 126 83.85 -3.43 -21.36
CA ALA H 126 83.10 -2.29 -21.89
C ALA H 126 81.66 -2.36 -21.39
N ALA H 127 81.22 -3.57 -21.05
CA ALA H 127 79.99 -3.77 -20.28
C ALA H 127 80.26 -3.47 -18.80
N ARG H 128 81.06 -2.43 -18.59
CA ARG H 128 81.32 -1.85 -17.28
C ARG H 128 81.42 -0.33 -17.48
N ILE H 129 81.74 0.06 -18.71
CA ILE H 129 81.74 1.46 -19.13
C ILE H 129 80.35 2.05 -18.97
N ALA H 130 79.34 1.24 -19.29
CA ALA H 130 77.94 1.63 -19.14
C ALA H 130 77.56 1.98 -17.70
N LYS H 131 78.08 1.22 -16.74
CA LYS H 131 77.83 1.50 -15.32
C LYS H 131 78.35 2.89 -14.96
N GLU H 132 79.46 3.27 -15.60
CA GLU H 132 79.97 4.64 -15.53
C GLU H 132 78.97 5.57 -16.24
N ILE H 134 75.74 5.19 -17.12
CA ILE H 134 74.41 5.24 -16.52
C ILE H 134 74.26 6.37 -15.50
N GLU H 135 75.21 6.49 -14.59
CA GLU H 135 75.04 7.32 -13.39
C GLU H 135 74.97 8.84 -13.62
N LYS H 137 73.80 10.28 -16.11
CA LYS H 137 72.62 10.60 -16.89
C LYS H 137 71.52 11.18 -15.97
N LYS H 138 71.78 11.14 -14.67
CA LYS H 138 70.88 11.68 -13.64
C LYS H 138 70.73 13.20 -13.72
N LEU I 2 20.19 -38.11 -55.71
CA LEU I 2 18.70 -38.16 -55.82
C LEU I 2 18.15 -39.59 -55.71
N LEU I 3 18.62 -40.31 -54.70
CA LEU I 3 18.21 -41.69 -54.44
C LEU I 3 16.89 -41.76 -53.66
N PRO I 4 15.89 -42.49 -54.22
CA PRO I 4 14.53 -42.66 -53.66
C PRO I 4 14.44 -43.42 -52.32
N ALA I 5 13.22 -43.74 -51.91
CA ALA I 5 12.94 -44.33 -50.59
C ALA I 5 13.47 -45.74 -50.39
N PHE I 6 13.11 -46.65 -51.30
CA PHE I 6 13.38 -48.07 -51.12
C PHE I 6 14.83 -48.48 -51.41
N GLN I 7 15.49 -47.76 -52.31
CA GLN I 7 16.86 -48.10 -52.75
C GLN I 7 17.81 -48.24 -51.56
N ASN I 8 17.45 -47.60 -50.45
CA ASN I 8 18.25 -47.63 -49.23
C ASN I 8 17.81 -48.73 -48.26
N ALA I 9 16.58 -49.21 -48.43
CA ALA I 9 16.04 -50.31 -47.62
C ALA I 9 16.53 -51.66 -48.14
N GLU I 10 16.88 -51.69 -49.42
CA GLU I 10 17.58 -52.81 -50.03
C GLU I 10 19.04 -52.77 -49.59
N ARG I 11 19.53 -51.55 -49.34
CA ARG I 11 20.86 -51.34 -48.76
C ARG I 11 20.85 -51.63 -47.25
N LEU I 12 19.66 -51.70 -46.65
CA LEU I 12 19.50 -52.13 -45.25
C LEU I 12 19.73 -53.64 -45.15
N LEU I 13 20.70 -54.12 -45.93
CA LEU I 13 21.04 -55.53 -46.01
C LEU I 13 22.49 -55.70 -46.46
N LEU I 14 22.85 -55.06 -47.57
CA LEU I 14 24.21 -55.11 -48.11
C LEU I 14 25.19 -54.22 -47.33
N ALA I 15 24.90 -54.11 -46.02
CA ALA I 15 25.71 -53.40 -45.05
C ALA I 15 25.44 -53.99 -43.66
N HIS I 16 24.22 -54.50 -43.47
CA HIS I 16 23.86 -55.25 -42.26
C HIS I 16 24.28 -56.72 -42.36
N ARG I 19 28.82 -56.74 -42.29
CA ARG I 19 29.38 -56.49 -40.95
C ARG I 19 28.85 -57.42 -39.85
N SER I 20 27.75 -58.13 -40.15
CA SER I 20 27.19 -59.14 -39.23
C SER I 20 26.47 -60.24 -40.02
N ARG I 21 27.02 -61.45 -40.00
CA ARG I 21 26.52 -62.57 -40.83
C ARG I 21 25.50 -63.51 -40.15
N ASP I 22 25.39 -63.44 -38.82
CA ASP I 22 24.27 -64.06 -38.13
C ASP I 22 23.10 -63.07 -38.10
N VAL I 23 23.37 -61.88 -38.65
CA VAL I 23 22.36 -60.94 -39.09
C VAL I 23 22.37 -60.97 -40.64
N ALA I 24 22.38 -62.20 -41.17
CA ALA I 24 22.43 -62.47 -42.62
C ALA I 24 21.94 -63.89 -42.95
N LEU I 25 22.01 -64.79 -41.97
CA LEU I 25 21.49 -66.15 -42.11
C LEU I 25 19.97 -66.18 -42.23
N VAL I 26 19.31 -65.25 -41.54
CA VAL I 26 17.86 -65.13 -41.56
C VAL I 26 17.38 -64.53 -42.90
N VAL I 27 18.28 -63.87 -43.62
CA VAL I 27 17.95 -63.33 -44.94
C VAL I 27 17.72 -64.46 -45.94
N GLN I 28 18.52 -65.51 -45.83
CA GLN I 28 18.29 -66.76 -46.56
C GLN I 28 16.85 -67.24 -46.40
N GLU I 29 16.37 -67.20 -45.15
CA GLU I 29 14.98 -67.51 -44.81
C GLU I 29 14.04 -66.42 -45.37
N ARG I 30 14.39 -65.15 -45.12
CA ARG I 30 13.55 -64.01 -45.52
C ARG I 30 13.74 -63.64 -47.00
N ILE I 31 14.74 -62.81 -47.32
CA ILE I 31 15.00 -62.41 -48.70
C ILE I 31 15.96 -63.39 -49.37
N GLY I 32 15.38 -64.36 -50.08
CA GLY I 32 16.12 -65.40 -50.80
C GLY I 32 17.28 -64.88 -51.65
N GLY I 33 16.99 -64.18 -52.74
CA GLY I 33 15.62 -63.83 -53.17
C GLY I 33 15.37 -64.01 -54.66
N ARG I 34 14.33 -63.38 -55.23
CA ARG I 34 13.39 -62.45 -54.56
C ARG I 34 13.88 -60.99 -54.50
N PHE I 35 15.18 -60.78 -54.71
CA PHE I 35 15.80 -59.45 -54.69
C PHE I 35 15.27 -58.52 -55.78
N ASN I 36 15.43 -57.22 -55.59
CA ASN I 36 14.93 -56.22 -56.53
C ASN I 36 15.85 -55.92 -57.72
N ILE I 37 17.01 -55.34 -57.45
CA ILE I 37 17.88 -54.79 -58.49
C ILE I 37 18.65 -55.87 -59.30
N GLU I 38 18.98 -55.52 -60.55
CA GLU I 38 19.56 -56.44 -61.55
C GLU I 38 20.99 -56.95 -61.26
N GLU I 39 21.75 -56.20 -60.46
CA GLU I 39 23.09 -56.61 -60.04
C GLU I 39 23.17 -56.93 -58.54
N HIS I 40 22.09 -56.64 -57.81
CA HIS I 40 22.00 -56.86 -56.35
C HIS I 40 21.56 -58.28 -55.96
N ARG I 41 21.31 -59.14 -56.95
CA ARG I 41 21.02 -60.56 -56.73
C ARG I 41 22.30 -61.38 -56.59
N ALA I 42 23.26 -61.12 -57.47
CA ALA I 42 24.56 -61.81 -57.49
C ALA I 42 25.44 -61.42 -56.31
N LEU I 43 25.19 -60.24 -55.77
CA LEU I 43 25.87 -59.77 -54.56
C LEU I 43 25.50 -60.65 -53.38
N ALA I 44 24.21 -60.92 -53.22
CA ALA I 44 23.73 -61.88 -52.22
C ALA I 44 24.27 -63.28 -52.48
N ALA I 45 24.37 -63.63 -53.76
CA ALA I 45 24.92 -64.92 -54.18
C ALA I 45 26.39 -65.08 -53.80
N TYR I 46 27.07 -63.97 -53.54
CA TYR I 46 28.46 -63.99 -53.04
C TYR I 46 28.57 -63.75 -51.52
N ILE I 47 27.43 -63.52 -50.87
CA ILE I 47 27.40 -63.29 -49.41
C ILE I 47 27.32 -64.61 -48.64
N TYR I 48 26.26 -65.36 -48.88
CA TYR I 48 25.98 -66.60 -48.15
C TYR I 48 27.05 -67.67 -48.36
N ALA I 49 27.77 -67.58 -49.47
CA ALA I 49 28.81 -68.56 -49.83
C ALA I 49 30.11 -68.38 -49.03
N PHE I 50 30.20 -67.28 -48.29
CA PHE I 50 31.34 -67.03 -47.41
C PHE I 50 31.13 -67.66 -46.04
N TYR I 51 29.86 -67.80 -45.65
CA TYR I 51 29.44 -68.39 -44.37
C TYR I 51 29.91 -69.85 -44.17
N GLU I 52 30.26 -70.54 -45.27
CA GLU I 52 30.63 -71.96 -45.20
C GLU I 52 32.11 -72.24 -44.91
N GLU I 53 33.02 -71.47 -45.51
CA GLU I 53 34.46 -71.76 -45.43
C GLU I 53 35.12 -71.33 -44.11
N GLY I 54 34.69 -70.19 -43.57
CA GLY I 54 35.12 -69.75 -42.25
C GLY I 54 36.47 -69.08 -42.21
N HIS I 55 36.47 -67.77 -42.47
CA HIS I 55 37.68 -66.96 -42.36
C HIS I 55 37.36 -65.60 -41.73
N GLU I 56 38.29 -64.66 -41.80
CA GLU I 56 38.17 -63.38 -41.09
C GLU I 56 37.19 -62.40 -41.77
N ALA I 57 36.00 -62.29 -41.19
CA ALA I 57 34.91 -61.50 -41.75
C ALA I 57 34.88 -60.07 -41.21
N ASP I 58 34.87 -59.12 -42.14
CA ASP I 58 34.99 -57.70 -41.81
C ASP I 58 34.29 -56.83 -42.86
N PRO I 59 34.29 -55.49 -42.67
CA PRO I 59 33.69 -54.59 -43.66
C PRO I 59 34.35 -54.64 -45.05
N GLY I 60 35.68 -54.80 -45.08
CA GLY I 60 36.44 -54.72 -46.33
C GLY I 60 37.16 -55.97 -46.78
N ALA I 61 37.23 -56.97 -45.91
CA ALA I 61 37.87 -58.26 -46.22
C ALA I 61 36.99 -59.08 -47.15
N LEU I 62 35.68 -58.89 -47.02
CA LEU I 62 34.69 -59.60 -47.83
C LEU I 62 34.63 -59.05 -49.25
N ILE I 63 34.64 -57.72 -49.38
CA ILE I 63 34.38 -57.03 -50.65
C ILE I 63 35.49 -57.19 -51.71
N SER I 64 36.30 -58.24 -51.56
CA SER I 64 37.33 -58.56 -52.52
C SER I 64 37.25 -60.04 -52.92
N ARG I 65 36.15 -60.43 -53.57
CA ARG I 65 35.86 -61.84 -53.87
C ARG I 65 35.25 -62.27 -55.23
N ILE I 66 34.42 -61.48 -55.94
CA ILE I 66 34.23 -60.01 -55.86
C ILE I 66 35.46 -59.28 -56.39
N PRO I 67 35.61 -59.23 -57.73
CA PRO I 67 36.82 -58.74 -58.39
C PRO I 67 36.88 -57.22 -58.57
N GLY I 68 36.23 -56.71 -59.62
CA GLY I 68 36.37 -55.30 -60.00
C GLY I 68 35.14 -54.45 -59.73
N GLU I 69 34.34 -54.27 -60.77
CA GLU I 69 33.10 -53.47 -60.75
C GLU I 69 32.38 -53.47 -59.40
N LEU I 70 32.34 -54.64 -58.75
CA LEU I 70 31.67 -54.84 -57.48
C LEU I 70 32.43 -54.23 -56.29
N GLN I 71 33.23 -53.21 -56.57
CA GLN I 71 34.02 -52.55 -55.52
C GLN I 71 33.86 -51.02 -55.53
N PRO I 72 33.91 -50.37 -56.70
CA PRO I 72 33.35 -49.02 -56.69
C PRO I 72 31.82 -49.11 -56.63
N LEU I 73 31.33 -49.93 -55.70
CA LEU I 73 29.91 -50.21 -55.52
C LEU I 73 29.67 -50.76 -54.12
N ALA I 74 30.46 -51.76 -53.74
CA ALA I 74 30.40 -52.34 -52.41
C ALA I 74 31.29 -51.57 -51.41
N SER I 75 32.30 -50.90 -51.95
CA SER I 75 33.12 -49.95 -51.18
C SER I 75 32.31 -48.68 -50.93
N GLU I 76 31.53 -48.28 -51.93
CA GLU I 76 30.61 -47.17 -51.79
C GLU I 76 29.37 -47.63 -51.01
N LEU I 77 29.28 -48.94 -50.78
CA LEU I 77 28.36 -49.52 -49.79
C LEU I 77 29.00 -49.59 -48.39
N SER I 78 30.23 -49.09 -48.28
CA SER I 78 30.92 -49.00 -46.98
C SER I 78 31.29 -47.56 -46.60
N LEU I 79 30.95 -46.61 -47.47
CA LEU I 79 31.04 -45.19 -47.16
C LEU I 79 29.70 -44.72 -46.59
N LEU I 80 29.26 -45.43 -45.54
CA LEU I 80 27.93 -45.23 -44.96
C LEU I 80 27.99 -44.70 -43.52
N LEU I 81 26.82 -44.42 -42.94
CA LEU I 81 26.72 -43.70 -41.66
C LEU I 81 25.78 -44.39 -40.64
N ILE I 82 26.00 -45.68 -40.37
CA ILE I 82 25.21 -46.42 -39.37
C ILE I 82 26.06 -47.19 -38.33
N ALA I 83 25.43 -48.12 -37.61
CA ALA I 83 26.08 -48.90 -36.55
C ALA I 83 25.48 -50.31 -36.39
N ASP I 84 26.04 -51.09 -35.46
CA ASP I 84 25.60 -52.47 -35.19
C ASP I 84 24.77 -52.63 -33.91
N ASP I 85 23.77 -51.75 -33.75
CA ASP I 85 22.73 -51.90 -32.71
C ASP I 85 21.36 -51.97 -33.41
N VAL I 86 20.95 -53.19 -33.75
CA VAL I 86 19.78 -53.43 -34.63
C VAL I 86 18.58 -54.07 -33.92
N SER I 87 17.40 -53.55 -34.22
CA SER I 87 16.14 -53.87 -33.52
C SER I 87 15.45 -55.15 -34.02
N GLU I 88 14.39 -55.56 -33.31
CA GLU I 88 13.53 -56.64 -33.77
C GLU I 88 12.44 -56.11 -34.71
N GLN I 89 12.09 -54.83 -34.57
CA GLN I 89 11.12 -54.18 -35.46
C GLN I 89 11.82 -53.23 -36.43
N GLU I 90 13.10 -53.49 -36.66
CA GLU I 90 13.83 -53.00 -37.83
C GLU I 90 14.21 -54.23 -38.65
N LEU I 91 14.14 -55.38 -37.99
CA LEU I 91 14.28 -56.69 -38.63
C LEU I 91 12.94 -57.18 -39.21
N GLU I 92 11.83 -56.69 -38.65
CA GLU I 92 10.49 -56.98 -39.18
C GLU I 92 10.00 -55.87 -40.12
N ASP I 93 10.87 -54.92 -40.41
CA ASP I 93 10.56 -53.78 -41.27
C ASP I 93 10.91 -54.00 -42.74
N TYR I 94 12.17 -54.33 -43.02
CA TYR I 94 12.62 -54.54 -44.40
C TYR I 94 12.04 -55.84 -44.99
N ILE I 95 11.15 -56.49 -44.23
CA ILE I 95 10.40 -57.67 -44.70
C ILE I 95 9.49 -57.30 -45.88
N ARG I 96 8.81 -56.17 -45.78
CA ARG I 96 8.01 -55.64 -46.88
C ARG I 96 8.92 -54.95 -47.90
N HIS I 97 9.51 -53.82 -47.48
CA HIS I 97 10.44 -53.00 -48.28
C HIS I 97 10.83 -53.47 -49.69
N VAL I 98 11.76 -54.42 -49.75
CA VAL I 98 12.38 -54.84 -51.01
C VAL I 98 11.42 -55.69 -51.84
N LEU I 99 11.08 -56.87 -51.31
CA LEU I 99 10.27 -57.88 -52.01
C LEU I 99 8.90 -57.38 -52.46
N ASN I 100 8.46 -56.25 -51.89
CA ASN I 100 7.14 -55.71 -52.21
C ASN I 100 7.19 -54.46 -53.10
N ARG I 101 8.38 -53.89 -53.30
CA ARG I 101 8.54 -52.81 -54.26
C ARG I 101 8.06 -53.25 -55.66
N PRO I 102 8.22 -54.56 -55.98
CA PRO I 102 7.48 -55.18 -57.08
C PRO I 102 5.99 -54.86 -57.14
N LYS I 103 5.31 -54.80 -56.00
CA LYS I 103 3.86 -54.53 -55.99
C LYS I 103 3.53 -53.06 -56.29
N TRP I 104 4.50 -52.17 -56.10
CA TRP I 104 4.39 -50.79 -56.57
C TRP I 104 4.48 -50.76 -58.09
N LEU I 105 5.20 -51.73 -58.64
CA LEU I 105 5.27 -51.93 -60.08
C LEU I 105 3.92 -52.38 -60.63
N LEU I 107 1.20 -51.33 -60.44
CA LEU I 107 0.33 -50.22 -60.75
C LEU I 107 0.99 -49.33 -61.81
N LYS I 108 1.75 -49.98 -62.71
CA LYS I 108 2.46 -49.31 -63.80
C LYS I 108 2.31 -50.02 -65.15
N VAL I 109 2.79 -51.26 -65.25
CA VAL I 109 2.75 -52.02 -66.52
C VAL I 109 1.32 -52.36 -66.94
N LYS I 110 0.44 -52.54 -65.97
CA LYS I 110 -0.99 -52.80 -66.25
C LYS I 110 -1.79 -51.51 -66.43
N GLU I 111 -1.21 -50.39 -66.01
CA GLU I 111 -1.81 -49.08 -66.29
C GLU I 111 -1.64 -48.76 -67.77
N GLN I 112 -0.54 -49.22 -68.37
CA GLN I 112 -0.32 -49.06 -69.80
C GLN I 112 -1.53 -49.63 -70.54
N GLU I 113 -2.05 -50.74 -70.02
CA GLU I 113 -3.30 -51.33 -70.48
C GLU I 113 -4.50 -50.54 -69.99
N LYS I 114 -4.47 -50.18 -68.70
CA LYS I 114 -5.53 -49.41 -68.07
C LYS I 114 -5.73 -48.07 -68.79
N THR I 115 -4.61 -47.40 -69.11
CA THR I 115 -4.63 -46.10 -69.78
C THR I 115 -4.88 -46.22 -71.29
N GLU I 116 -4.82 -47.44 -71.81
CA GLU I 116 -5.12 -47.68 -73.22
C GLU I 116 -6.61 -47.96 -73.40
N ALA I 117 -7.29 -48.20 -72.28
CA ALA I 117 -8.75 -48.24 -72.25
C ALA I 117 -9.29 -46.80 -72.15
N GLU I 118 -8.41 -45.88 -71.78
CA GLU I 118 -8.68 -44.45 -71.77
C GLU I 118 -8.84 -43.90 -73.19
N ARG I 119 -7.97 -44.36 -74.09
CA ARG I 119 -7.93 -43.90 -75.47
C ARG I 119 -9.15 -44.36 -76.30
N ARG I 120 -9.79 -45.45 -75.87
CA ARG I 120 -11.00 -45.96 -76.54
C ARG I 120 -12.29 -45.42 -75.92
N LYS I 121 -12.12 -44.49 -74.97
CA LYS I 121 -13.23 -43.85 -74.25
C LYS I 121 -14.02 -44.80 -73.35
N ASP I 122 -13.38 -45.89 -72.93
CA ASP I 122 -14.00 -46.83 -71.99
C ASP I 122 -13.87 -46.30 -70.57
N PHE I 123 -15.02 -46.11 -69.92
CA PHE I 123 -15.07 -45.69 -68.52
C PHE I 123 -16.10 -46.53 -67.75
N LEU I 124 -16.63 -47.55 -68.43
CA LEU I 124 -17.63 -48.44 -67.86
C LEU I 124 -16.93 -49.51 -67.05
N THR I 125 -15.94 -50.14 -67.68
CA THR I 125 -15.19 -51.23 -67.10
C THR I 125 -13.77 -50.79 -66.79
N ALA I 126 -13.28 -49.81 -67.55
CA ALA I 126 -11.98 -49.19 -67.27
C ALA I 126 -12.04 -48.40 -65.97
N ALA I 127 -13.25 -48.11 -65.52
CA ALA I 127 -13.47 -47.56 -64.18
C ALA I 127 -13.89 -48.68 -63.23
N ARG I 128 -13.05 -49.70 -63.14
CA ARG I 128 -13.19 -50.79 -62.17
C ARG I 128 -11.80 -51.26 -61.70
N ILE I 129 -10.84 -51.24 -62.61
CA ILE I 129 -9.46 -51.65 -62.32
C ILE I 129 -8.87 -50.79 -61.19
N ALA I 130 -9.54 -49.66 -60.93
CA ALA I 130 -9.25 -48.84 -59.76
C ALA I 130 -9.39 -49.64 -58.46
N LYS I 131 -10.47 -50.41 -58.35
CA LYS I 131 -10.66 -51.30 -57.19
C LYS I 131 -9.63 -52.44 -57.19
N GLU I 132 -9.27 -52.92 -58.38
CA GLU I 132 -8.17 -53.87 -58.52
C GLU I 132 -6.82 -53.15 -58.53
N ILE I 134 -6.56 -49.57 -56.10
CA ILE I 134 -6.71 -48.83 -54.83
C ILE I 134 -6.90 -49.78 -53.65
N GLU I 135 -7.88 -50.68 -53.80
CA GLU I 135 -8.22 -51.65 -52.76
C GLU I 135 -7.46 -52.96 -52.98
N LYS I 137 -3.92 -52.30 -52.83
CA LYS I 137 -2.80 -51.82 -52.00
C LYS I 137 -3.18 -51.81 -50.51
N LYS I 138 -4.39 -52.26 -50.21
CA LYS I 138 -4.92 -52.25 -48.84
C LYS I 138 -4.77 -53.62 -48.18
N GLN J 32 -41.69 53.49 4.26
CA GLN J 32 -42.43 53.45 5.50
C GLN J 32 -42.16 52.17 6.28
N ASP J 33 -41.97 51.06 5.57
CA ASP J 33 -41.70 49.78 6.21
C ASP J 33 -40.34 49.82 6.86
N VAL J 34 -39.39 50.43 6.14
CA VAL J 34 -38.05 50.61 6.63
C VAL J 34 -38.03 51.37 7.95
N GLN J 35 -38.82 52.43 8.03
CA GLN J 35 -38.93 53.22 9.27
C GLN J 35 -39.33 52.32 10.43
N ALA J 36 -40.39 51.54 10.20
CA ALA J 36 -40.91 50.64 11.22
C ALA J 36 -39.84 49.63 11.66
N PHE J 37 -39.21 48.98 10.69
CA PHE J 37 -38.19 47.99 10.99
C PHE J 37 -36.99 48.61 11.70
N LEU J 38 -36.59 49.79 11.24
CA LEU J 38 -35.44 50.48 11.81
C LEU J 38 -35.60 50.68 13.29
N LYS J 39 -36.72 51.24 13.70
CA LYS J 39 -36.96 51.52 15.12
C LYS J 39 -37.25 50.24 15.89
N GLU J 40 -37.75 49.24 15.18
CA GLU J 40 -38.03 47.95 15.79
C GLU J 40 -36.74 47.31 16.30
N ASN J 41 -35.73 47.35 15.44
CA ASN J 41 -34.45 46.71 15.77
C ASN J 41 -33.34 47.75 15.89
N GLU J 42 -33.69 48.99 16.20
CA GLU J 42 -32.72 50.06 16.33
C GLU J 42 -31.48 49.62 17.11
N GLU J 43 -31.69 48.99 18.26
CA GLU J 43 -30.60 48.57 19.13
C GLU J 43 -29.63 47.63 18.41
N VAL J 44 -30.11 46.95 17.39
CA VAL J 44 -29.30 46.00 16.64
C VAL J 44 -28.77 46.62 15.36
N ILE J 45 -29.63 47.35 14.67
CA ILE J 45 -29.31 47.92 13.36
C ILE J 45 -28.48 49.19 13.51
N ASP J 46 -27.55 49.38 12.58
CA ASP J 46 -26.75 50.60 12.53
C ASP J 46 -27.07 51.38 11.28
N GLN J 47 -26.82 52.63 11.24
CA GLN J 47 -27.11 53.48 10.10
C GLN J 47 -26.56 52.89 8.81
N LYS J 48 -25.35 52.36 8.88
CA LYS J 48 -24.69 51.79 7.72
C LYS J 48 -25.37 50.49 7.29
N MET J 49 -25.82 49.72 8.28
CA MET J 49 -26.59 48.51 8.02
C MET J 49 -27.82 48.82 7.17
N ILE J 50 -28.45 49.96 7.46
CA ILE J 50 -29.60 50.42 6.70
C ILE J 50 -29.25 50.64 5.24
N GLU J 51 -28.14 51.33 5.00
CA GLU J 51 -27.72 51.64 3.63
C GLU J 51 -27.21 50.38 2.91
N LYS J 52 -26.64 49.46 3.67
CA LYS J 52 -26.22 48.18 3.09
C LYS J 52 -27.41 47.32 2.71
N SER J 53 -28.41 47.28 3.58
CA SER J 53 -29.61 46.48 3.34
C SER J 53 -30.69 47.33 2.68
N LEU J 54 -30.27 48.44 2.09
CA LEU J 54 -31.17 49.38 1.42
C LEU J 54 -32.07 48.67 0.44
N ASN J 55 -31.44 47.90 -0.44
CA ASN J 55 -32.14 47.13 -1.47
C ASN J 55 -33.25 46.28 -0.86
N LYS J 56 -32.91 45.61 0.24
CA LYS J 56 -33.87 44.77 0.94
C LYS J 56 -35.03 45.58 1.49
N LEU J 57 -34.72 46.62 2.26
CA LEU J 57 -35.73 47.44 2.89
C LEU J 57 -36.60 48.15 1.86
N TYR J 58 -36.02 48.53 0.73
CA TYR J 58 -36.77 49.19 -0.32
C TYR J 58 -37.67 48.19 -1.04
N GLU J 59 -37.15 47.00 -1.29
CA GLU J 59 -37.93 45.94 -1.91
C GLU J 59 -39.05 45.50 -0.98
N TYR J 60 -38.77 45.57 0.31
CA TYR J 60 -39.72 45.23 1.36
C TYR J 60 -40.97 46.10 1.28
N ILE J 61 -40.77 47.41 1.22
CA ILE J 61 -41.86 48.37 1.21
C ILE J 61 -42.58 48.41 -0.14
N GLU J 62 -41.84 48.10 -1.20
CA GLU J 62 -42.35 48.19 -2.55
C GLU J 62 -43.33 47.05 -2.84
N GLN J 63 -43.10 45.88 -2.25
CA GLN J 63 -43.94 44.72 -2.49
C GLN J 63 -45.22 44.78 -1.65
N SER J 64 -46.06 43.77 -1.80
CA SER J 64 -47.31 43.69 -1.05
C SER J 64 -47.02 43.49 0.44
N LYS J 65 -47.43 44.45 1.24
CA LYS J 65 -47.27 44.37 2.68
C LYS J 65 -48.30 43.41 3.27
N ASN J 66 -49.42 43.28 2.57
CA ASN J 66 -50.49 42.39 2.98
C ASN J 66 -50.46 41.12 2.14
N CYS J 67 -51.56 40.40 2.11
CA CYS J 67 -51.64 39.19 1.28
C CYS J 67 -53.09 38.91 0.92
N SER J 68 -53.30 38.17 -0.15
CA SER J 68 -54.65 37.98 -0.68
C SER J 68 -55.39 36.91 0.14
N GLY J 82 -50.27 33.83 1.40
CA GLY J 82 -50.58 33.21 2.66
C GLY J 82 -49.67 33.72 3.75
N TYR J 83 -48.64 34.46 3.36
CA TYR J 83 -47.67 35.02 4.30
C TYR J 83 -47.58 36.53 4.13
N HIS J 84 -46.86 37.18 5.04
CA HIS J 84 -46.53 38.61 4.91
C HIS J 84 -45.04 38.80 5.14
N PRO J 85 -44.42 39.78 4.47
CA PRO J 85 -43.01 40.08 4.65
C PRO J 85 -42.73 40.85 5.93
N LYS J 86 -41.69 40.43 6.65
CA LYS J 86 -41.22 41.17 7.82
C LYS J 86 -39.69 41.23 7.80
N LEU J 87 -39.15 42.32 8.30
CA LEU J 87 -37.70 42.51 8.32
C LEU J 87 -37.09 41.77 9.50
N VAL J 88 -35.91 41.21 9.29
CA VAL J 88 -35.16 40.55 10.35
C VAL J 88 -33.68 40.87 10.22
N VAL J 89 -33.01 41.08 11.35
CA VAL J 89 -31.59 41.37 11.33
C VAL J 89 -30.77 40.09 11.49
N ASN J 90 -30.04 39.76 10.44
CA ASN J 90 -29.22 38.56 10.44
C ASN J 90 -27.76 38.94 10.33
N GLY J 91 -27.09 39.00 11.46
CA GLY J 91 -25.70 39.41 11.49
C GLY J 91 -25.55 40.89 11.18
N ARG J 92 -24.95 41.20 10.04
CA ARG J 92 -24.72 42.58 9.65
C ARG J 92 -25.66 43.00 8.52
N SER J 93 -26.52 42.08 8.11
CA SER J 93 -27.44 42.33 7.01
C SER J 93 -28.88 42.14 7.46
N ILE J 94 -29.78 42.91 6.87
CA ILE J 94 -31.20 42.82 7.18
C ILE J 94 -31.93 42.08 6.07
N ASP J 95 -32.63 41.02 6.44
CA ASP J 95 -33.31 40.17 5.47
C ASP J 95 -34.81 40.33 5.55
N ILE J 96 -35.52 39.64 4.67
CA ILE J 96 -36.96 39.72 4.61
C ILE J 96 -37.57 38.32 4.69
N GLU J 97 -38.15 38.00 5.84
CA GLU J 97 -38.75 36.71 6.07
C GLU J 97 -40.26 36.81 6.02
N TYR J 98 -40.91 35.75 5.62
CA TYR J 98 -42.35 35.71 5.55
C TYR J 98 -42.94 34.99 6.75
N TYR J 99 -43.87 35.66 7.43
CA TYR J 99 -44.61 35.03 8.50
C TYR J 99 -46.01 34.72 8.01
N GLU J 100 -46.58 33.61 8.45
CA GLU J 100 -47.90 33.22 7.98
C GLU J 100 -48.96 34.24 8.40
N CYS J 101 -49.87 34.52 7.47
CA CYS J 101 -50.97 35.43 7.73
C CYS J 101 -51.78 34.97 8.93
N LYS J 111 -62.13 42.79 17.88
CA LYS J 111 -60.93 43.50 17.35
C LYS J 111 -59.83 42.55 16.85
N LYS J 112 -58.75 43.13 16.35
CA LYS J 112 -57.54 42.40 15.96
C LYS J 112 -56.82 41.90 17.21
N GLN J 113 -56.83 40.60 17.43
CA GLN J 113 -56.15 40.00 18.60
C GLN J 113 -55.50 38.61 18.33
N GLN J 114 -55.93 37.94 17.26
CA GLN J 114 -55.44 36.59 16.92
C GLN J 114 -54.48 36.53 15.73
N SER J 115 -54.86 37.19 14.63
CA SER J 115 -54.06 37.20 13.40
C SER J 115 -52.65 37.72 13.65
N LEU J 116 -52.55 38.70 14.55
CA LEU J 116 -51.28 39.30 14.96
C LEU J 116 -50.77 38.57 16.21
N MET J 117 -50.89 37.25 16.19
CA MET J 117 -50.45 36.39 17.29
C MET J 117 -50.34 34.95 16.79
N LYS J 118 -49.24 34.29 17.15
CA LYS J 118 -49.00 32.92 16.73
C LYS J 118 -48.38 32.08 17.85
N SER J 119 -48.14 30.79 17.58
CA SER J 119 -47.55 29.87 18.54
C SER J 119 -46.86 28.68 17.87
N MET J 120 -45.68 28.31 18.36
CA MET J 120 -44.89 27.25 17.74
C MET J 120 -44.85 25.98 18.62
N TYR J 121 -45.57 24.95 18.16
CA TYR J 121 -45.58 23.60 18.77
C TYR J 121 -46.40 23.43 20.07
N ILE J 122 -47.52 24.15 20.15
CA ILE J 122 -48.55 23.95 21.19
C ILE J 122 -49.96 24.18 20.63
N GLN J 123 -50.99 23.77 21.37
CA GLN J 123 -52.39 23.98 20.99
C GLN J 123 -52.95 25.30 21.54
N GLN J 124 -53.77 25.98 20.73
CA GLN J 124 -54.34 27.29 21.07
C GLN J 124 -55.68 27.22 21.83
N ASP J 125 -55.93 26.09 22.50
CA ASP J 125 -57.15 25.87 23.29
C ASP J 125 -57.10 26.64 24.61
N LEU J 126 -56.06 26.37 25.40
CA LEU J 126 -55.86 26.99 26.70
C LEU J 126 -54.70 27.97 26.64
N LEU J 127 -54.99 29.14 26.06
CA LEU J 127 -54.06 30.27 26.03
C LEU J 127 -54.87 31.56 26.10
N GLY J 128 -56.18 31.40 26.33
CA GLY J 128 -57.09 32.53 26.48
C GLY J 128 -56.85 33.27 27.78
N ALA J 129 -55.66 33.89 27.87
CA ALA J 129 -55.24 34.62 29.06
C ALA J 129 -54.89 36.07 28.73
N THR J 130 -54.90 36.92 29.75
CA THR J 130 -54.68 38.37 29.62
C THR J 130 -54.07 39.01 30.88
N PHE J 131 -53.92 40.33 30.87
CA PHE J 131 -53.46 41.08 32.06
C PHE J 131 -54.64 41.69 32.80
N GLN J 132 -54.33 42.43 33.87
CA GLN J 132 -55.31 43.18 34.67
C GLN J 132 -56.40 42.35 35.35
N GLN J 133 -57.34 41.83 34.55
CA GLN J 133 -58.57 41.21 35.06
C GLN J 133 -58.43 39.91 35.87
N VAL J 134 -57.33 39.17 35.64
CA VAL J 134 -57.08 37.91 36.35
C VAL J 134 -57.14 38.12 37.88
N ASP J 135 -57.98 37.33 38.56
CA ASP J 135 -58.06 37.37 40.02
C ASP J 135 -56.70 37.13 40.65
N ILE J 136 -56.06 38.23 41.05
CA ILE J 136 -54.71 38.24 41.62
C ILE J 136 -54.71 37.53 42.99
N SER J 137 -53.75 36.62 43.19
CA SER J 137 -53.73 35.79 44.41
C SER J 137 -52.90 36.39 45.56
N ASP J 138 -51.58 36.26 45.48
CA ASP J 138 -50.67 36.68 46.55
C ASP J 138 -49.40 37.30 45.95
N PRO J 139 -48.27 37.32 46.70
CA PRO J 139 -47.00 37.67 46.05
C PRO J 139 -46.65 36.76 44.87
N SER J 140 -47.61 35.94 44.45
CA SER J 140 -47.50 35.13 43.24
C SER J 140 -47.88 35.94 42.01
N ARG J 141 -48.76 36.91 42.20
CA ARG J 141 -49.22 37.78 41.12
C ARG J 141 -49.37 39.24 41.57
N LEU J 142 -48.95 39.54 42.80
CA LEU J 142 -48.86 40.93 43.30
C LEU J 142 -47.82 41.72 42.51
N ALA J 143 -46.81 41.01 42.01
CA ALA J 143 -45.78 41.60 41.17
C ALA J 143 -45.56 40.76 39.91
N MET J 144 -46.65 40.54 39.17
CA MET J 144 -46.60 39.83 37.88
C MET J 144 -47.23 40.62 36.73
N PHE J 145 -48.28 41.39 37.04
CA PHE J 145 -48.92 42.26 36.06
C PHE J 145 -48.39 43.70 36.18
N GLN J 146 -47.15 43.82 36.68
CA GLN J 146 -46.44 45.09 36.82
C GLN J 146 -45.36 45.29 35.75
N HIS J 147 -44.92 44.18 35.14
CA HIS J 147 -43.86 44.24 34.13
C HIS J 147 -44.28 43.65 32.80
N VAL J 148 -45.58 43.72 32.52
CA VAL J 148 -46.13 43.30 31.23
C VAL J 148 -47.21 44.30 30.79
N THR J 149 -47.52 45.25 31.67
CA THR J 149 -48.43 46.36 31.36
C THR J 149 -47.73 47.72 31.44
N ASP J 150 -46.77 47.83 32.37
CA ASP J 150 -45.92 49.02 32.50
C ASP J 150 -45.08 49.28 31.26
N PHE J 151 -44.86 48.22 30.48
CA PHE J 151 -43.93 48.27 29.36
C PHE J 151 -44.55 47.90 28.01
N LEU J 152 -45.86 48.10 27.87
CA LEU J 152 -46.56 47.86 26.59
C LEU J 152 -46.14 48.88 25.52
N LYS J 153 -45.28 49.82 25.91
CA LYS J 153 -44.67 50.79 25.01
C LYS J 153 -43.15 50.91 25.26
N SER J 154 -42.61 50.03 26.11
CA SER J 154 -41.17 49.94 26.34
C SER J 154 -40.60 48.56 25.95
N TYR J 155 -41.35 47.83 25.13
CA TYR J 155 -40.83 46.66 24.46
C TYR J 155 -39.91 47.18 23.35
N ASN J 156 -39.38 48.39 23.56
CA ASN J 156 -38.53 49.08 22.61
C ASN J 156 -38.02 48.21 21.46
N GLU J 157 -38.09 48.75 20.24
CA GLU J 157 -37.65 48.01 19.05
C GLU J 157 -36.19 47.52 19.11
N THR J 158 -35.29 48.42 19.50
CA THR J 158 -33.86 48.09 19.70
C THR J 158 -33.27 48.80 20.93
N GLY J 159 -34.15 49.48 21.67
CA GLY J 159 -33.75 50.22 22.88
C GLY J 159 -34.06 49.48 24.17
N LYS J 160 -33.05 48.68 24.54
CA LYS J 160 -33.09 47.69 25.61
C LYS J 160 -34.40 47.68 26.33
N GLY J 161 -35.32 46.81 25.92
CA GLY J 161 -36.51 46.68 26.74
C GLY J 161 -36.47 45.33 27.41
N LYS J 162 -35.85 45.27 28.59
CA LYS J 162 -35.61 44.03 29.34
C LYS J 162 -36.81 43.09 29.43
N GLY J 163 -36.53 41.79 29.63
CA GLY J 163 -37.56 40.76 29.62
C GLY J 163 -37.94 40.13 30.95
N LEU J 164 -38.67 39.01 30.86
CA LEU J 164 -39.13 38.25 32.03
C LEU J 164 -38.66 36.78 31.88
N TYR J 165 -38.69 36.04 32.99
CA TYR J 165 -38.36 34.60 32.98
C TYR J 165 -39.30 33.79 33.90
N LEU J 166 -40.36 33.23 33.31
CA LEU J 166 -41.46 32.57 34.06
C LEU J 166 -41.18 31.11 34.39
N TYR J 167 -40.78 30.86 35.62
CA TYR J 167 -40.39 29.53 36.08
C TYR J 167 -41.36 29.00 37.15
N GLY J 168 -40.88 28.11 38.01
CA GLY J 168 -41.63 27.71 39.21
C GLY J 168 -42.33 26.37 39.19
N LYS J 169 -43.66 26.40 39.23
CA LYS J 169 -44.48 25.20 39.30
C LYS J 169 -45.71 25.24 38.36
N PHE J 170 -46.22 24.05 38.04
CA PHE J 170 -47.23 23.85 36.98
C PHE J 170 -48.59 24.52 37.25
N GLY J 171 -49.38 24.66 36.19
CA GLY J 171 -50.77 25.12 36.28
C GLY J 171 -50.98 26.55 36.76
N VAL J 172 -49.88 27.19 37.15
CA VAL J 172 -49.92 28.54 37.69
C VAL J 172 -49.21 29.53 36.79
N GLY J 173 -47.93 29.29 36.50
CA GLY J 173 -47.13 30.26 35.75
C GLY J 173 -45.85 29.77 35.12
N LYS J 174 -45.87 29.72 33.79
CA LYS J 174 -44.69 29.52 32.95
C LYS J 174 -45.06 29.93 31.52
N THR J 175 -46.30 29.65 31.15
CA THR J 175 -46.75 29.81 29.76
C THR J 175 -48.07 30.61 29.57
N PHE J 176 -48.90 30.67 30.61
CA PHE J 176 -50.17 31.44 30.57
C PHE J 176 -49.98 32.93 30.83
N MET J 177 -48.89 33.29 31.52
CA MET J 177 -48.47 34.67 31.67
C MET J 177 -47.88 35.21 30.36
N LEU J 178 -47.60 34.29 29.43
CA LEU J 178 -47.23 34.62 28.05
C LEU J 178 -48.44 34.44 27.12
N ALA J 179 -49.43 33.68 27.58
CA ALA J 179 -50.75 33.62 26.93
C ALA J 179 -51.52 34.88 27.30
N ALA J 180 -51.13 35.48 28.42
CA ALA J 180 -51.65 36.75 28.88
C ALA J 180 -51.31 37.88 27.92
N ILE J 181 -50.07 37.90 27.45
CA ILE J 181 -49.62 38.87 26.45
C ILE J 181 -50.20 38.53 25.08
N ALA J 182 -50.49 37.25 24.88
CA ALA J 182 -51.01 36.76 23.60
C ALA J 182 -52.38 37.35 23.24
N ASN J 183 -53.12 37.80 24.25
CA ASN J 183 -54.39 38.48 24.02
C ASN J 183 -54.41 39.90 24.57
N GLU J 184 -53.25 40.37 25.00
CA GLU J 184 -53.10 41.75 25.50
C GLU J 184 -52.26 42.61 24.59
N LEU J 185 -51.00 42.21 24.38
CA LEU J 185 -50.24 42.69 23.22
C LEU J 185 -50.85 41.99 22.01
N ALA J 186 -51.95 42.55 21.50
CA ALA J 186 -52.75 41.89 20.47
C ALA J 186 -53.48 42.87 19.54
N GLU J 187 -53.99 43.97 20.10
CA GLU J 187 -54.78 44.96 19.36
C GLU J 187 -53.96 45.88 18.44
N LYS J 188 -52.69 46.06 18.77
CA LYS J 188 -51.81 47.06 18.14
C LYS J 188 -51.21 46.67 16.77
N GLU J 189 -51.21 45.36 16.48
CA GLU J 189 -50.87 44.80 15.15
C GLU J 189 -49.52 44.05 15.02
N TYR J 190 -48.83 43.80 16.14
CA TYR J 190 -47.62 42.98 16.15
C TYR J 190 -47.94 41.51 16.35
N SER J 191 -47.13 40.64 15.75
CA SER J 191 -47.21 39.20 16.02
C SER J 191 -46.49 38.87 17.33
N SER J 192 -46.85 37.74 17.94
CA SER J 192 -46.20 37.28 19.15
C SER J 192 -46.28 35.75 19.26
N MET J 193 -45.27 35.09 18.70
CA MET J 193 -45.25 33.63 18.56
C MET J 193 -44.92 32.89 19.86
N ILE J 194 -45.84 32.02 20.28
CA ILE J 194 -45.68 31.23 21.51
C ILE J 194 -44.99 29.89 21.23
N VAL J 195 -43.66 29.92 21.18
CA VAL J 195 -42.83 28.75 20.91
C VAL J 195 -42.84 27.78 22.11
N TYR J 196 -43.00 26.49 21.80
CA TYR J 196 -42.90 25.43 22.82
C TYR J 196 -41.69 24.53 22.59
N VAL J 197 -40.98 24.21 23.67
CA VAL J 197 -39.66 23.55 23.59
C VAL J 197 -39.71 22.01 23.42
N PRO J 198 -40.28 21.26 24.40
CA PRO J 198 -40.32 19.81 24.18
C PRO J 198 -40.74 19.40 22.75
N GLU J 199 -41.67 20.13 22.16
CA GLU J 199 -42.21 19.81 20.83
C GLU J 199 -41.31 20.17 19.64
N PHE J 200 -40.29 21.01 19.88
CA PHE J 200 -39.31 21.37 18.85
C PHE J 200 -38.32 20.24 18.58
N VAL J 201 -37.45 19.97 19.57
CA VAL J 201 -36.31 19.06 19.39
C VAL J 201 -36.70 17.58 19.53
N ARG J 202 -37.52 17.13 18.58
CA ARG J 202 -37.90 15.74 18.42
C ARG J 202 -37.87 15.44 16.92
N GLU J 203 -38.05 16.52 16.14
CA GLU J 203 -37.79 16.53 14.71
C GLU J 203 -36.42 17.18 14.48
N LEU J 204 -35.86 17.75 15.55
CA LEU J 204 -34.53 18.38 15.54
C LEU J 204 -33.48 17.67 16.42
N LYS J 205 -33.89 16.57 17.06
CA LYS J 205 -32.97 15.61 17.66
C LYS J 205 -32.75 14.45 16.69
N ASN J 206 -33.60 14.40 15.66
CA ASN J 206 -33.64 13.30 14.69
C ASN J 206 -33.70 13.77 13.23
N SER J 207 -32.55 13.70 12.54
CA SER J 207 -32.45 13.92 11.09
C SER J 207 -31.00 13.79 10.63
N GLN J 211 -37.71 16.54 4.16
CA GLN J 211 -38.05 17.96 4.27
C GLN J 211 -36.86 18.78 4.77
N THR J 212 -36.96 20.10 4.64
CA THR J 212 -35.84 21.03 4.91
C THR J 212 -35.45 21.14 6.39
N LEU J 213 -34.38 21.89 6.66
CA LEU J 213 -33.86 22.05 8.03
C LEU J 213 -33.47 23.48 8.44
N GLU J 214 -32.46 24.06 7.80
CA GLU J 214 -32.00 25.40 8.19
C GLU J 214 -32.95 26.48 7.64
N GLU J 215 -34.14 26.55 8.23
CA GLU J 215 -35.19 27.48 7.79
C GLU J 215 -35.90 28.22 8.94
N LYS J 216 -36.33 27.49 9.98
CA LYS J 216 -37.06 28.08 11.11
C LYS J 216 -36.20 28.36 12.36
N LEU J 217 -35.09 29.07 12.13
CA LEU J 217 -34.27 29.61 13.20
C LEU J 217 -34.08 31.11 12.91
N ASN J 218 -34.96 31.65 12.06
CA ASN J 218 -34.79 33.01 11.54
C ASN J 218 -36.07 33.87 11.53
N MET J 219 -37.22 33.27 11.25
CA MET J 219 -38.51 33.93 11.51
C MET J 219 -38.96 33.62 12.95
N VAL J 220 -38.05 32.99 13.68
CA VAL J 220 -38.09 32.95 15.13
C VAL J 220 -37.20 34.09 15.63
N LYS J 221 -36.52 34.77 14.68
CA LYS J 221 -35.56 35.83 15.00
C LYS J 221 -35.63 37.07 14.08
N THR J 222 -36.78 37.29 13.44
CA THR J 222 -37.02 38.50 12.63
C THR J 222 -38.43 39.09 12.82
N THR J 223 -38.91 39.07 14.06
CA THR J 223 -40.20 39.68 14.45
C THR J 223 -40.13 40.22 15.89
N PRO J 224 -40.80 41.37 16.16
CA PRO J 224 -40.63 42.18 17.38
C PRO J 224 -40.99 41.57 18.75
N VAL J 225 -41.98 40.69 18.79
CA VAL J 225 -42.43 40.08 20.07
C VAL J 225 -42.47 38.55 19.99
N LEU J 226 -41.87 37.90 20.99
CA LEU J 226 -41.75 36.43 21.04
C LEU J 226 -42.15 35.89 22.42
N MET J 227 -42.37 34.57 22.52
CA MET J 227 -42.62 33.91 23.81
C MET J 227 -42.26 32.41 23.84
N LEU J 228 -41.19 32.09 24.57
CA LEU J 228 -40.69 30.70 24.70
C LEU J 228 -41.18 30.01 25.97
N ASP J 229 -41.41 28.71 25.87
CA ASP J 229 -42.03 27.91 26.94
C ASP J 229 -41.16 26.71 27.37
N ASP J 230 -40.88 26.61 28.68
CA ASP J 230 -40.10 25.50 29.28
C ASP J 230 -38.63 25.39 28.83
N ILE J 231 -37.72 26.14 29.48
CA ILE J 231 -36.27 25.98 29.25
C ILE J 231 -35.73 24.85 30.13
N GLY J 232 -34.96 23.96 29.52
CA GLY J 232 -34.37 22.83 30.23
C GLY J 232 -35.24 21.59 30.25
N ALA J 233 -36.18 21.50 29.31
CA ALA J 233 -37.12 20.39 29.24
C ALA J 233 -36.72 19.34 28.20
N GLU J 234 -36.42 18.13 28.68
CA GLU J 234 -36.04 16.98 27.86
C GLU J 234 -34.67 17.13 27.18
N SER J 238 -21.25 21.15 26.75
CA SER J 238 -21.54 20.65 25.42
C SER J 238 -22.71 19.67 25.42
N TRP J 239 -23.37 19.56 24.26
CA TRP J 239 -24.52 18.69 24.09
C TRP J 239 -24.88 18.56 22.59
N VAL J 240 -26.16 18.39 22.29
CA VAL J 240 -26.66 18.25 20.92
C VAL J 240 -27.88 19.17 20.68
N ARG J 241 -28.51 19.65 21.76
CA ARG J 241 -29.51 20.71 21.66
C ARG J 241 -28.77 22.01 21.34
N ASP J 242 -28.21 22.07 20.13
CA ASP J 242 -27.22 23.10 19.82
C ASP J 242 -27.73 24.27 18.96
N GLU J 243 -28.11 24.00 17.70
CA GLU J 243 -28.61 25.03 16.79
C GLU J 243 -30.14 25.20 16.83
N VAL J 244 -30.68 25.43 18.02
CA VAL J 244 -32.13 25.67 18.20
C VAL J 244 -32.42 26.78 19.22
N ILE J 245 -31.92 26.60 20.44
CA ILE J 245 -32.26 27.45 21.58
C ILE J 245 -31.01 28.09 22.20
N GLY J 246 -29.89 27.37 22.16
CA GLY J 246 -28.64 27.84 22.75
C GLY J 246 -28.11 29.12 22.15
N THR J 247 -28.20 29.23 20.83
CA THR J 247 -27.73 30.40 20.09
C THR J 247 -28.58 31.65 20.36
N VAL J 248 -29.86 31.44 20.63
CA VAL J 248 -30.84 32.52 20.85
C VAL J 248 -30.39 33.53 21.92
N LEU J 249 -29.64 33.05 22.91
CA LEU J 249 -29.21 33.87 24.04
C LEU J 249 -27.95 34.72 23.76
N GLN J 250 -27.03 34.18 22.95
CA GLN J 250 -25.76 34.84 22.63
C GLN J 250 -25.89 36.08 21.75
N HIS J 251 -26.77 36.00 20.75
CA HIS J 251 -26.88 36.97 19.66
C HIS J 251 -27.03 38.43 20.09
N ARG J 252 -28.15 38.73 20.74
CA ARG J 252 -28.63 40.10 20.87
C ARG J 252 -28.04 40.89 22.04
N MET J 253 -26.70 40.90 22.10
CA MET J 253 -25.94 41.87 22.87
C MET J 253 -25.52 43.01 21.94
N SER J 254 -25.68 42.77 20.63
CA SER J 254 -25.38 43.75 19.59
C SER J 254 -26.61 44.06 18.73
N GLN J 255 -27.79 43.66 19.19
CA GLN J 255 -29.05 43.92 18.49
C GLN J 255 -30.14 44.49 19.43
N GLN J 256 -30.52 43.71 20.44
CA GLN J 256 -31.34 44.15 21.59
C GLN J 256 -32.81 44.56 21.31
N LEU J 257 -33.72 43.95 22.08
CA LEU J 257 -35.19 44.13 21.98
C LEU J 257 -35.85 43.75 23.33
N PRO J 258 -37.06 43.10 23.32
CA PRO J 258 -37.46 42.40 24.53
C PRO J 258 -37.34 40.87 24.44
N THR J 259 -36.44 40.29 25.23
CA THR J 259 -36.17 38.85 25.23
C THR J 259 -37.21 38.04 26.02
N PHE J 260 -37.50 36.82 25.57
CA PHE J 260 -38.47 35.95 26.23
C PHE J 260 -38.05 34.48 26.31
N PHE J 261 -38.02 33.98 27.54
CA PHE J 261 -37.84 32.57 27.86
C PHE J 261 -38.72 32.28 29.07
N SER J 262 -39.02 31.01 29.32
CA SER J 262 -39.79 30.60 30.50
C SER J 262 -39.68 29.11 30.72
N SER J 263 -39.90 28.65 31.97
CA SER J 263 -39.80 27.23 32.30
C SER J 263 -40.56 26.82 33.55
N ASN J 264 -40.02 25.81 34.21
CA ASN J 264 -40.45 25.37 35.51
C ASN J 264 -39.29 25.53 36.48
N PHE J 265 -38.08 25.62 35.92
CA PHE J 265 -36.85 25.71 36.71
C PHE J 265 -36.32 27.14 36.74
N SER J 266 -36.07 27.65 37.94
CA SER J 266 -35.52 28.99 38.16
C SER J 266 -34.06 29.15 37.63
N PRO J 267 -33.45 30.34 37.78
CA PRO J 267 -32.04 30.49 37.37
C PRO J 267 -31.03 29.61 38.16
N ASP J 268 -31.44 29.08 39.31
CA ASP J 268 -30.64 28.11 40.07
C ASP J 268 -31.11 26.66 39.88
N GLU J 269 -32.03 26.44 38.94
CA GLU J 269 -32.56 25.10 38.65
C GLU J 269 -32.69 24.77 37.15
N LEU J 270 -32.45 25.76 36.27
CA LEU J 270 -32.49 25.55 34.81
C LEU J 270 -31.49 24.52 34.32
N LYS J 271 -30.51 24.19 35.17
CA LYS J 271 -29.33 23.44 34.77
C LYS J 271 -29.08 22.12 35.54
N HIS J 272 -30.08 21.24 35.55
CA HIS J 272 -29.89 19.84 35.96
C HIS J 272 -30.37 18.92 34.84
N HIS J 273 -30.67 19.51 33.68
CA HIS J 273 -31.37 18.83 32.59
C HIS J 273 -30.83 19.15 31.18
N PHE J 274 -30.24 20.33 31.00
CA PHE J 274 -29.59 20.71 29.73
C PHE J 274 -28.30 19.92 29.44
N THR J 275 -28.07 18.91 30.28
CA THR J 275 -27.10 17.84 30.04
C THR J 275 -25.61 18.18 30.18
N TYR J 276 -24.89 17.26 30.80
CA TYR J 276 -23.50 17.43 31.23
C TYR J 276 -22.47 17.44 30.11
N SER J 277 -21.27 17.89 30.49
CA SER J 277 -20.05 17.70 29.70
C SER J 277 -18.88 17.69 30.69
N GLN J 278 -18.16 16.58 30.73
CA GLN J 278 -17.07 16.37 31.68
C GLN J 278 -15.83 15.78 31.00
N GLU J 284 -16.77 20.65 33.07
CA GLU J 284 -16.16 21.50 32.05
C GLU J 284 -16.42 22.99 32.30
N VAL J 285 -15.72 23.83 31.54
CA VAL J 285 -16.01 25.26 31.45
C VAL J 285 -16.40 25.55 29.99
N LYS J 286 -17.56 25.01 29.58
CA LYS J 286 -18.00 25.00 28.18
C LYS J 286 -19.55 25.02 28.03
N ALA J 287 -20.24 25.63 28.99
CA ALA J 287 -21.71 25.65 29.00
C ALA J 287 -22.35 26.97 29.48
N ALA J 288 -21.56 27.82 30.12
CA ALA J 288 -22.04 29.10 30.64
C ALA J 288 -21.84 30.27 29.67
N ARG J 289 -21.96 29.97 28.37
CA ARG J 289 -21.80 30.95 27.29
C ARG J 289 -23.10 31.67 26.93
N LEU J 290 -24.18 31.31 27.63
CA LEU J 290 -25.51 31.83 27.31
C LEU J 290 -26.31 32.15 28.57
N MET J 291 -25.67 31.99 29.74
CA MET J 291 -26.34 32.16 31.04
C MET J 291 -26.03 33.47 31.77
N GLU J 292 -25.11 34.26 31.24
CA GLU J 292 -24.98 35.66 31.64
C GLU J 292 -25.70 36.57 30.63
N ARG J 293 -26.82 36.06 30.14
CA ARG J 293 -27.71 36.75 29.22
C ARG J 293 -29.17 36.58 29.70
N ILE J 294 -29.30 35.98 30.89
CA ILE J 294 -30.56 35.90 31.63
C ILE J 294 -30.42 36.76 32.89
N LEU J 295 -29.25 36.67 33.52
CA LEU J 295 -28.92 37.44 34.72
C LEU J 295 -28.79 38.93 34.43
N TYR J 296 -28.86 39.28 33.14
CA TYR J 296 -28.80 40.68 32.72
C TYR J 296 -29.91 41.00 31.71
N LEU J 297 -31.06 40.35 31.89
CA LEU J 297 -32.28 40.63 31.13
C LEU J 297 -33.59 40.42 31.92
N ALA J 298 -33.46 40.19 33.24
CA ALA J 298 -34.61 40.11 34.18
C ALA J 298 -34.21 39.93 35.65
N ALA J 299 -34.93 39.06 36.37
CA ALA J 299 -34.70 38.77 37.79
C ALA J 299 -35.11 37.32 38.14
N PRO J 300 -34.53 36.74 39.22
CA PRO J 300 -34.88 35.37 39.61
C PRO J 300 -36.32 35.23 40.10
N ILE J 301 -37.24 35.01 39.15
CA ILE J 301 -38.67 35.01 39.45
C ILE J 301 -39.33 33.67 39.10
N ARG J 302 -40.31 33.29 39.93
CA ARG J 302 -41.12 32.09 39.72
C ARG J 302 -42.62 32.43 39.79
N LEU J 303 -43.46 31.41 39.94
CA LEU J 303 -44.92 31.59 40.09
C LEU J 303 -45.59 30.44 40.88
N ASP J 304 -46.11 30.78 42.06
CA ASP J 304 -46.84 29.83 42.91
C ASP J 304 -48.20 30.42 43.34
N GLY J 305 -49.25 30.13 42.57
CA GLY J 305 -50.56 30.77 42.78
C GLY J 305 -51.79 29.87 42.67
N GLU J 306 -52.36 29.78 41.47
CA GLU J 306 -53.63 29.08 41.28
C GLU J 306 -53.65 28.11 40.10
N ASN J 307 -54.19 26.92 40.35
CA ASN J 307 -54.28 25.88 39.34
C ASN J 307 -55.32 26.22 38.28
N ARG J 308 -54.94 26.05 37.03
CA ARG J 308 -55.82 26.30 35.90
C ARG J 308 -55.66 25.17 34.86
N ARG J 309 -55.80 23.93 35.34
CA ARG J 309 -55.62 22.73 34.52
C ARG J 309 -56.90 21.91 34.45
N GLN K 32 -52.73 -28.72 19.83
CA GLN K 32 -54.03 -29.31 20.09
C GLN K 32 -55.16 -28.40 19.61
N ASP K 33 -54.81 -27.15 19.29
CA ASP K 33 -55.79 -26.19 18.81
C ASP K 33 -55.50 -25.86 17.37
N VAL K 34 -54.22 -25.74 17.07
CA VAL K 34 -53.75 -25.47 15.72
C VAL K 34 -54.22 -26.56 14.76
N GLN K 35 -54.12 -27.81 15.18
CA GLN K 35 -54.58 -28.94 14.35
C GLN K 35 -56.05 -28.75 13.98
N ALA K 36 -56.86 -28.48 15.00
CA ALA K 36 -58.29 -28.28 14.82
C ALA K 36 -58.58 -27.13 13.86
N PHE K 37 -57.94 -25.99 14.09
CA PHE K 37 -58.15 -24.82 13.24
C PHE K 37 -57.67 -25.08 11.83
N LEU K 38 -56.52 -25.74 11.69
CA LEU K 38 -55.94 -26.02 10.40
C LEU K 38 -56.92 -26.77 9.50
N LYS K 39 -57.48 -27.85 10.02
CA LYS K 39 -58.39 -28.67 9.22
C LYS K 39 -59.75 -27.99 9.08
N GLU K 40 -60.08 -27.11 10.02
CA GLU K 40 -61.30 -26.35 9.97
C GLU K 40 -61.32 -25.45 8.75
N ASN K 41 -60.21 -24.75 8.55
CA ASN K 41 -60.10 -23.79 7.47
C ASN K 41 -59.06 -24.22 6.43
N GLU K 42 -58.81 -25.52 6.32
CA GLU K 42 -57.76 -26.01 5.41
C GLU K 42 -58.14 -25.78 3.94
N GLU K 43 -59.41 -25.54 3.69
CA GLU K 43 -59.88 -25.21 2.35
C GLU K 43 -59.46 -23.78 2.00
N VAL K 44 -59.29 -22.96 3.02
CA VAL K 44 -58.97 -21.55 2.84
C VAL K 44 -57.49 -21.30 3.03
N ILE K 45 -56.92 -21.88 4.09
CA ILE K 45 -55.53 -21.69 4.44
C ILE K 45 -54.56 -22.29 3.43
N ASP K 46 -54.12 -21.50 2.46
CA ASP K 46 -53.17 -21.98 1.49
C ASP K 46 -52.09 -22.71 2.27
N GLN K 47 -51.26 -23.46 1.57
CA GLN K 47 -50.31 -24.37 2.20
C GLN K 47 -48.92 -23.75 2.39
N LYS K 48 -47.93 -24.62 2.62
CA LYS K 48 -46.57 -24.18 2.86
C LYS K 48 -46.55 -23.12 3.95
N MET K 49 -45.84 -22.03 3.71
CA MET K 49 -45.79 -20.92 4.64
C MET K 49 -45.08 -21.29 5.94
N ILE K 50 -45.35 -22.49 6.46
CA ILE K 50 -44.75 -22.89 7.73
C ILE K 50 -43.37 -22.30 7.90
N GLU K 51 -42.55 -22.40 6.86
CA GLU K 51 -41.18 -21.89 6.91
C GLU K 51 -41.15 -20.36 6.91
N LYS K 52 -42.14 -19.74 6.26
CA LYS K 52 -42.25 -18.29 6.28
C LYS K 52 -42.67 -17.79 7.66
N SER K 53 -43.64 -18.47 8.26
CA SER K 53 -44.15 -18.09 9.57
C SER K 53 -43.40 -18.85 10.67
N LEU K 54 -42.22 -19.36 10.32
CA LEU K 54 -41.38 -20.13 11.24
C LEU K 54 -41.16 -19.37 12.55
N ASN K 55 -40.72 -18.13 12.40
CA ASN K 55 -40.45 -17.25 13.54
C ASN K 55 -41.65 -17.19 14.46
N LYS K 56 -42.84 -17.04 13.87
CA LYS K 56 -44.08 -16.96 14.63
C LYS K 56 -44.35 -18.27 15.37
N LEU K 57 -44.35 -19.37 14.63
CA LEU K 57 -44.66 -20.67 15.21
C LEU K 57 -43.63 -21.07 16.27
N TYR K 58 -42.38 -20.67 16.07
CA TYR K 58 -41.34 -20.99 17.04
C TYR K 58 -41.50 -20.12 18.29
N GLU K 59 -41.81 -18.85 18.09
CA GLU K 59 -42.05 -17.94 19.20
C GLU K 59 -43.31 -18.37 19.97
N TYR K 60 -44.26 -18.92 19.22
CA TYR K 60 -45.50 -19.43 19.77
C TYR K 60 -45.25 -20.52 20.81
N ILE K 61 -44.45 -21.51 20.44
CA ILE K 61 -44.18 -22.66 21.30
C ILE K 61 -43.22 -22.31 22.43
N GLU K 62 -42.35 -21.32 22.19
CA GLU K 62 -41.33 -20.95 23.12
C GLU K 62 -41.91 -20.19 24.32
N GLN K 63 -42.97 -19.42 24.07
CA GLN K 63 -43.60 -18.62 25.12
C GLN K 63 -44.54 -19.47 25.98
N SER K 64 -45.16 -18.83 26.97
CA SER K 64 -46.08 -19.52 27.86
C SER K 64 -47.43 -19.75 27.18
N LYS K 65 -47.97 -18.69 26.58
CA LYS K 65 -49.25 -18.77 25.90
C LYS K 65 -50.33 -19.36 26.80
N ASN K 66 -51.55 -19.47 26.27
CA ASN K 66 -52.66 -20.03 27.02
C ASN K 66 -53.62 -18.96 27.51
N CYS K 67 -54.80 -19.38 27.95
CA CYS K 67 -55.81 -18.45 28.45
C CYS K 67 -57.11 -19.16 28.78
N SER K 68 -57.78 -18.73 29.84
CA SER K 68 -59.03 -19.33 30.27
C SER K 68 -59.48 -20.41 29.30
N GLY K 82 -61.56 -10.78 29.88
CA GLY K 82 -62.96 -10.96 29.62
C GLY K 82 -63.21 -11.54 28.24
N TYR K 83 -62.15 -11.59 27.44
CA TYR K 83 -62.24 -12.12 26.08
C TYR K 83 -61.21 -13.24 25.90
N HIS K 84 -61.30 -13.91 24.76
CA HIS K 84 -60.28 -14.90 24.35
C HIS K 84 -59.85 -14.61 22.92
N PRO K 85 -58.60 -14.88 22.58
CA PRO K 85 -58.09 -14.68 21.22
C PRO K 85 -58.54 -15.80 20.27
N LYS K 86 -58.97 -15.41 19.08
CA LYS K 86 -59.28 -16.36 18.02
C LYS K 86 -58.74 -15.85 16.69
N LEU K 87 -58.31 -16.77 15.84
CA LEU K 87 -57.76 -16.40 14.55
C LEU K 87 -58.87 -16.12 13.55
N VAL K 88 -58.64 -15.13 12.70
CA VAL K 88 -59.57 -14.80 11.63
C VAL K 88 -58.80 -14.46 10.36
N VAL K 89 -59.32 -14.90 9.22
CA VAL K 89 -58.67 -14.62 7.95
C VAL K 89 -59.25 -13.35 7.33
N ASN K 90 -58.41 -12.33 7.22
CA ASN K 90 -58.81 -11.05 6.66
C ASN K 90 -58.04 -10.78 5.39
N GLY K 91 -58.65 -11.11 4.25
CA GLY K 91 -57.98 -10.94 2.99
C GLY K 91 -56.86 -11.95 2.82
N ARG K 92 -55.62 -11.47 2.80
CA ARG K 92 -54.47 -12.34 2.61
C ARG K 92 -53.68 -12.50 3.91
N SER K 93 -54.18 -11.87 4.97
CA SER K 93 -53.50 -11.91 6.26
C SER K 93 -54.42 -12.49 7.33
N ILE K 94 -53.83 -13.18 8.30
CA ILE K 94 -54.59 -13.77 9.38
C ILE K 94 -54.41 -12.93 10.65
N ASP K 95 -55.52 -12.48 11.22
CA ASP K 95 -55.48 -11.61 12.37
C ASP K 95 -55.95 -12.32 13.62
N ILE K 96 -55.91 -11.61 14.74
CA ILE K 96 -56.29 -12.17 16.02
C ILE K 96 -57.35 -11.29 16.68
N GLU K 97 -58.58 -11.77 16.68
CA GLU K 97 -59.68 -11.04 17.27
C GLU K 97 -60.09 -11.66 18.59
N TYR K 98 -60.60 -10.85 19.48
CA TYR K 98 -61.05 -11.31 20.78
C TYR K 98 -62.55 -11.49 20.81
N TYR K 99 -62.99 -12.66 21.21
CA TYR K 99 -64.40 -12.91 21.43
C TYR K 99 -64.66 -12.96 22.93
N GLU K 100 -65.81 -12.46 23.35
CA GLU K 100 -66.11 -12.41 24.77
C GLU K 100 -66.19 -13.81 25.37
N CYS K 101 -65.63 -13.94 26.56
CA CYS K 101 -65.67 -15.20 27.29
C CYS K 101 -67.11 -15.67 27.47
N PRO K 102 -67.44 -16.89 27.02
CA PRO K 102 -68.81 -17.44 27.12
C PRO K 102 -69.25 -17.61 28.57
N VAL K 103 -68.28 -17.61 29.48
CA VAL K 103 -68.55 -17.75 30.90
C VAL K 103 -69.25 -16.51 31.44
N LYS K 104 -69.21 -15.41 30.69
CA LYS K 104 -69.95 -14.21 31.04
C LYS K 104 -71.44 -14.49 30.94
N LYS K 112 -67.97 -1.23 40.95
CA LYS K 112 -68.78 -0.07 40.47
C LYS K 112 -67.99 0.81 39.49
N GLN K 113 -67.08 0.18 38.75
CA GLN K 113 -66.31 0.87 37.72
C GLN K 113 -66.49 0.24 36.35
N GLN K 114 -67.48 0.75 35.61
CA GLN K 114 -67.63 0.54 34.17
C GLN K 114 -68.53 1.63 33.56
N SER K 115 -68.98 2.55 34.42
CA SER K 115 -69.53 3.82 33.96
C SER K 115 -68.34 4.74 33.68
N LEU K 116 -67.26 4.48 34.42
CA LEU K 116 -65.95 5.05 34.13
C LEU K 116 -65.25 4.25 33.02
N MET K 117 -65.25 2.92 33.18
CA MET K 117 -64.50 2.01 32.29
C MET K 117 -65.31 1.57 31.05
N LYS K 118 -65.85 2.53 30.32
CA LYS K 118 -66.48 2.24 29.04
C LYS K 118 -65.57 2.58 27.86
N SER K 119 -65.13 1.54 27.17
CA SER K 119 -64.24 1.67 26.02
C SER K 119 -64.97 1.26 24.74
N MET K 120 -64.75 2.03 23.67
CA MET K 120 -65.41 1.76 22.40
C MET K 120 -64.54 0.88 21.49
N TYR K 121 -65.20 0.24 20.52
CA TYR K 121 -64.57 -0.66 19.55
C TYR K 121 -63.97 -1.92 20.20
N ILE K 122 -64.36 -2.17 21.44
CA ILE K 122 -64.20 -3.45 22.12
C ILE K 122 -65.30 -3.57 23.18
N GLN K 123 -65.65 -4.81 23.56
CA GLN K 123 -66.86 -5.08 24.37
C GLN K 123 -66.68 -5.00 25.91
N GLN K 124 -67.80 -5.03 26.63
CA GLN K 124 -67.83 -4.87 28.10
C GLN K 124 -67.85 -6.18 28.89
N ASP K 125 -67.91 -7.30 28.18
CA ASP K 125 -67.78 -8.63 28.78
C ASP K 125 -66.34 -8.91 29.18
N LEU K 126 -65.42 -8.27 28.48
CA LEU K 126 -63.99 -8.60 28.57
C LEU K 126 -63.14 -7.49 29.21
N LEU K 127 -63.79 -6.57 29.94
CA LEU K 127 -63.09 -5.55 30.72
C LEU K 127 -63.32 -5.75 32.22
N GLY K 128 -62.50 -6.60 32.83
CA GLY K 128 -62.61 -6.90 34.25
C GLY K 128 -61.45 -7.70 34.80
N ALA K 129 -60.41 -6.99 35.27
CA ALA K 129 -59.24 -7.60 35.91
C ALA K 129 -58.62 -6.63 36.91
N THR K 130 -58.29 -7.15 38.09
CA THR K 130 -57.75 -6.31 39.17
C THR K 130 -56.28 -6.60 39.50
N PHE K 131 -55.97 -6.55 40.79
CA PHE K 131 -54.60 -6.50 41.29
C PHE K 131 -54.44 -7.43 42.48
N GLN K 132 -55.59 -7.84 43.03
CA GLN K 132 -55.64 -8.89 44.03
C GLN K 132 -56.01 -10.20 43.33
N GLN K 133 -56.53 -10.08 42.11
CA GLN K 133 -56.58 -11.19 41.15
C GLN K 133 -55.15 -11.41 40.65
N VAL K 134 -54.32 -11.95 41.53
CA VAL K 134 -52.87 -12.03 41.29
C VAL K 134 -52.30 -13.42 41.66
N ASP K 135 -51.85 -14.14 40.63
CA ASP K 135 -51.15 -15.42 40.75
C ASP K 135 -49.87 -15.40 39.89
N ILE K 136 -48.95 -14.50 40.20
CA ILE K 136 -47.80 -14.19 39.33
C ILE K 136 -46.84 -15.37 39.10
N SER K 137 -46.86 -15.89 37.88
CA SER K 137 -46.02 -17.03 37.50
C SER K 137 -44.76 -16.64 36.71
N ASP K 138 -44.94 -15.89 35.62
CA ASP K 138 -43.81 -15.47 34.76
C ASP K 138 -43.13 -14.18 35.26
N PRO K 139 -41.81 -14.02 34.95
CA PRO K 139 -41.03 -12.84 35.36
C PRO K 139 -41.48 -11.54 34.68
N SER K 140 -41.01 -10.41 35.18
CA SER K 140 -41.40 -9.06 34.73
C SER K 140 -42.91 -8.75 34.82
N ARG K 141 -43.71 -9.78 35.09
CA ARG K 141 -45.08 -9.61 35.56
C ARG K 141 -44.99 -9.34 37.06
N LEU K 142 -43.79 -9.60 37.60
CA LEU K 142 -43.42 -9.31 38.97
C LEU K 142 -42.79 -7.91 39.08
N ALA K 143 -42.03 -7.50 38.07
CA ALA K 143 -41.36 -6.20 38.05
C ALA K 143 -42.32 -5.06 37.71
N MET K 144 -43.55 -5.18 38.22
CA MET K 144 -44.63 -4.23 37.94
C MET K 144 -45.38 -3.84 39.22
N PHE K 145 -44.80 -4.13 40.39
CA PHE K 145 -45.45 -3.84 41.68
C PHE K 145 -45.10 -2.48 42.27
N GLN K 146 -44.58 -1.60 41.42
CA GLN K 146 -44.39 -0.19 41.74
C GLN K 146 -44.70 0.69 40.52
N HIS K 147 -45.30 0.08 39.49
CA HIS K 147 -45.79 0.78 38.30
C HIS K 147 -47.32 0.72 38.20
N VAL K 148 -47.95 0.41 39.33
CA VAL K 148 -49.41 0.39 39.44
C VAL K 148 -49.84 1.23 40.63
N THR K 149 -49.44 0.81 41.83
CA THR K 149 -49.76 1.50 43.08
C THR K 149 -49.17 2.90 43.14
N ASP K 150 -48.04 3.09 42.46
CA ASP K 150 -47.36 4.38 42.36
C ASP K 150 -47.55 4.97 40.97
N PHE K 151 -48.52 4.42 40.23
CA PHE K 151 -48.97 4.99 38.96
C PHE K 151 -50.42 5.45 39.08
N LEU K 152 -50.77 5.91 40.28
CA LEU K 152 -52.08 6.50 40.58
C LEU K 152 -51.96 7.59 41.65
N LYS K 153 -50.85 7.58 42.39
CA LYS K 153 -50.63 8.52 43.49
C LYS K 153 -50.13 9.90 43.04
N SER K 154 -49.70 9.99 41.79
CA SER K 154 -49.27 11.26 41.19
C SER K 154 -49.55 11.37 39.68
N TYR K 155 -50.60 10.69 39.21
CA TYR K 155 -51.11 10.83 37.83
C TYR K 155 -52.42 11.63 37.81
N ASN K 156 -52.32 12.91 38.16
CA ASN K 156 -53.49 13.79 38.27
C ASN K 156 -54.00 14.28 36.91
N GLU K 157 -54.12 15.60 36.78
CA GLU K 157 -54.50 16.26 35.53
C GLU K 157 -53.30 17.12 35.08
N THR K 158 -52.67 16.73 33.98
CA THR K 158 -51.38 17.28 33.49
C THR K 158 -50.23 17.06 34.48
N GLY K 159 -49.97 15.78 34.78
CA GLY K 159 -48.93 15.37 35.76
C GLY K 159 -47.57 15.10 35.12
N LYS K 160 -47.61 14.48 33.94
CA LYS K 160 -46.44 14.37 33.04
C LYS K 160 -45.36 13.37 33.49
N GLY K 161 -44.68 12.78 32.51
CA GLY K 161 -43.59 11.85 32.78
C GLY K 161 -43.58 10.65 31.84
N LYS K 162 -43.59 9.46 32.43
CA LYS K 162 -43.41 8.22 31.68
C LYS K 162 -44.25 7.05 32.22
N GLY K 163 -45.20 6.58 31.40
CA GLY K 163 -45.99 5.37 31.68
C GLY K 163 -45.25 4.09 31.28
N LEU K 164 -45.85 3.32 30.36
CA LEU K 164 -45.31 2.01 29.92
C LEU K 164 -45.58 1.70 28.43
N TYR K 165 -44.92 0.67 27.89
CA TYR K 165 -45.19 0.17 26.52
C TYR K 165 -45.38 -1.34 26.47
N LEU K 166 -46.61 -1.79 26.71
CA LEU K 166 -46.93 -3.21 26.73
C LEU K 166 -46.78 -3.83 25.34
N TYR K 167 -46.35 -5.10 25.33
CA TYR K 167 -46.15 -5.87 24.10
C TYR K 167 -46.20 -7.37 24.35
N GLY K 168 -45.78 -8.15 23.35
CA GLY K 168 -45.77 -9.60 23.43
C GLY K 168 -45.89 -10.20 22.04
N LYS K 169 -46.96 -10.97 21.83
CA LYS K 169 -47.27 -11.51 20.52
C LYS K 169 -48.67 -11.08 20.14
N PHE K 170 -49.64 -11.97 20.40
CA PHE K 170 -51.05 -11.75 20.07
C PHE K 170 -51.97 -12.35 21.16
N GLY K 171 -51.67 -12.08 22.44
CA GLY K 171 -52.54 -12.48 23.55
C GLY K 171 -51.92 -12.83 24.91
N VAL K 172 -50.81 -12.19 25.24
CA VAL K 172 -50.08 -12.46 26.50
C VAL K 172 -50.62 -11.63 27.65
N GLY K 173 -51.81 -12.00 28.15
CA GLY K 173 -52.47 -11.32 29.25
C GLY K 173 -52.35 -9.81 29.24
N LYS K 174 -52.48 -9.22 28.04
CA LYS K 174 -52.34 -7.78 27.85
C LYS K 174 -53.62 -7.06 28.25
N THR K 175 -54.76 -7.68 27.95
CA THR K 175 -56.08 -7.12 28.26
C THR K 175 -56.47 -7.32 29.73
N PHE K 176 -55.50 -7.70 30.56
CA PHE K 176 -55.67 -7.83 32.02
C PHE K 176 -54.71 -6.92 32.77
N MET K 177 -53.78 -6.31 32.03
CA MET K 177 -52.83 -5.33 32.58
C MET K 177 -53.17 -3.93 32.10
N LEU K 178 -53.72 -3.85 30.90
CA LEU K 178 -54.36 -2.63 30.40
C LEU K 178 -55.75 -2.50 31.03
N ALA K 179 -56.15 -3.55 31.74
CA ALA K 179 -57.38 -3.54 32.53
C ALA K 179 -57.06 -3.51 34.02
N ALA K 180 -55.82 -3.84 34.38
CA ALA K 180 -55.36 -3.72 35.76
C ALA K 180 -54.99 -2.27 36.08
N ILE K 181 -53.73 -1.91 35.84
CA ILE K 181 -53.14 -0.61 36.18
C ILE K 181 -54.10 0.59 36.10
N ALA K 182 -54.96 0.57 35.08
CA ALA K 182 -55.88 1.67 34.80
C ALA K 182 -57.05 1.81 35.80
N ASN K 183 -57.73 0.70 36.10
CA ASN K 183 -58.89 0.69 37.00
C ASN K 183 -58.72 1.55 38.24
N GLU K 184 -57.58 1.38 38.93
CA GLU K 184 -57.27 2.13 40.15
C GLU K 184 -57.20 3.64 39.94
N LEU K 185 -56.75 4.08 38.77
CA LEU K 185 -56.78 5.50 38.42
C LEU K 185 -58.22 5.98 38.35
N ALA K 186 -59.07 5.21 37.67
CA ALA K 186 -60.49 5.53 37.54
C ALA K 186 -61.32 5.03 38.74
N GLU K 187 -60.67 4.27 39.63
CA GLU K 187 -61.26 3.95 40.94
C GLU K 187 -61.38 5.25 41.73
N LYS K 188 -60.53 6.20 41.36
CA LYS K 188 -60.57 7.56 41.85
C LYS K 188 -61.07 8.42 40.71
N GLU K 189 -60.89 9.74 40.82
CA GLU K 189 -61.22 10.63 39.72
C GLU K 189 -59.96 10.99 38.92
N TYR K 190 -59.12 9.98 38.70
CA TYR K 190 -57.94 10.12 37.83
C TYR K 190 -58.12 9.37 36.52
N SER K 191 -57.05 9.25 35.75
CA SER K 191 -57.17 9.05 34.30
C SER K 191 -56.40 7.91 33.62
N SER K 192 -57.08 7.24 32.69
CA SER K 192 -56.52 6.26 31.74
C SER K 192 -57.59 5.62 30.84
N MET K 193 -57.94 6.31 29.75
CA MET K 193 -59.02 5.89 28.83
C MET K 193 -58.68 4.66 27.99
N ILE K 194 -59.63 3.74 27.86
CA ILE K 194 -59.47 2.56 27.01
C ILE K 194 -60.12 2.79 25.63
N VAL K 195 -59.42 2.35 24.59
CA VAL K 195 -59.77 2.59 23.18
C VAL K 195 -59.24 1.41 22.35
N TYR K 196 -59.94 1.05 21.27
CA TYR K 196 -59.47 -0.05 20.42
C TYR K 196 -59.14 0.34 18.97
N VAL K 197 -57.84 0.53 18.69
CA VAL K 197 -57.34 1.08 17.43
C VAL K 197 -57.63 0.26 16.16
N PRO K 198 -57.26 -1.04 16.13
CA PRO K 198 -57.57 -1.82 14.93
C PRO K 198 -59.04 -1.83 14.54
N GLU K 199 -59.93 -1.59 15.52
CA GLU K 199 -61.37 -1.44 15.26
C GLU K 199 -61.77 0.03 15.08
N PHE K 200 -61.14 0.92 15.83
CA PHE K 200 -61.41 2.36 15.73
C PHE K 200 -61.23 2.89 14.31
N VAL K 201 -60.03 2.69 13.75
CA VAL K 201 -59.62 3.30 12.47
C VAL K 201 -60.40 2.83 11.22
N ARG K 202 -60.98 1.62 11.28
CA ARG K 202 -61.68 0.99 10.14
C ARG K 202 -62.63 1.91 9.35
N GLU K 203 -63.15 2.94 10.01
CA GLU K 203 -63.94 3.97 9.36
C GLU K 203 -63.47 5.38 9.72
N LEU K 204 -62.44 5.48 10.57
CA LEU K 204 -61.85 6.79 10.89
C LEU K 204 -60.96 7.29 9.75
N LYS K 205 -61.05 6.60 8.61
CA LYS K 205 -60.66 7.12 7.32
C LYS K 205 -61.89 7.83 6.75
N ASN K 206 -62.99 7.07 6.65
CA ASN K 206 -64.25 7.54 6.06
C ASN K 206 -65.36 7.81 7.09
N SER K 207 -65.04 8.62 8.10
CA SER K 207 -66.01 9.09 9.08
C SER K 207 -65.58 10.42 9.69
N LEU K 208 -64.38 10.86 9.30
CA LEU K 208 -63.88 12.20 9.62
C LEU K 208 -64.70 13.22 8.82
N GLN K 209 -66.02 13.14 8.95
CA GLN K 209 -66.94 13.83 8.04
C GLN K 209 -68.17 14.38 8.75
N ASP K 210 -68.78 15.40 8.14
CA ASP K 210 -70.07 15.99 8.57
C ASP K 210 -70.48 15.72 10.02
N GLN K 211 -69.64 16.12 10.97
CA GLN K 211 -69.86 15.92 12.41
C GLN K 211 -70.01 14.44 12.82
N THR K 212 -70.30 13.58 11.85
CA THR K 212 -70.60 12.15 12.07
C THR K 212 -69.78 11.52 13.19
N LEU K 213 -68.51 11.22 12.91
CA LEU K 213 -67.58 10.79 13.93
C LEU K 213 -66.58 11.91 14.26
N GLU K 214 -66.58 12.95 13.42
CA GLU K 214 -65.83 14.19 13.68
C GLU K 214 -65.88 14.57 15.15
N GLU K 215 -67.05 14.41 15.75
CA GLU K 215 -67.31 14.88 17.11
C GLU K 215 -67.00 13.86 18.20
N LYS K 216 -66.82 12.61 17.81
CA LYS K 216 -66.35 11.56 18.73
C LYS K 216 -64.83 11.43 18.68
N LEU K 217 -64.18 12.26 17.86
CA LEU K 217 -62.77 12.07 17.54
C LEU K 217 -61.83 13.25 17.83
N ASN K 218 -62.24 14.12 18.75
CA ASN K 218 -61.33 15.12 19.33
C ASN K 218 -60.96 14.78 20.77
N MET K 219 -61.60 13.74 21.32
CA MET K 219 -61.36 13.28 22.69
C MET K 219 -60.22 12.26 22.81
N VAL K 220 -59.59 11.95 21.68
CA VAL K 220 -58.37 11.16 21.65
C VAL K 220 -57.18 12.11 21.86
N LYS K 221 -57.50 13.40 22.00
CA LYS K 221 -56.50 14.47 22.15
C LYS K 221 -56.60 15.23 23.48
N THR K 222 -57.74 15.10 24.16
CA THR K 222 -58.04 15.97 25.33
C THR K 222 -58.38 15.33 26.68
N THR K 223 -58.80 14.07 26.69
CA THR K 223 -58.96 13.34 27.96
C THR K 223 -57.63 13.28 28.69
N PRO K 224 -57.59 13.69 29.97
CA PRO K 224 -56.36 13.76 30.76
C PRO K 224 -55.36 12.62 30.48
N VAL K 225 -55.86 11.42 30.23
CA VAL K 225 -55.06 10.29 29.73
C VAL K 225 -55.91 9.45 28.74
N LEU K 226 -55.25 8.75 27.82
CA LEU K 226 -55.93 7.78 26.93
C LEU K 226 -54.93 6.79 26.29
N MET K 227 -55.36 5.53 26.19
CA MET K 227 -54.53 4.45 25.64
C MET K 227 -54.82 4.18 24.16
N LEU K 228 -53.87 3.55 23.48
CA LEU K 228 -54.07 3.06 22.11
C LEU K 228 -53.54 1.63 22.00
N ASP K 229 -54.36 0.73 21.47
CA ASP K 229 -54.11 -0.72 21.55
C ASP K 229 -53.24 -1.34 20.44
N ASP K 230 -53.66 -2.51 19.94
CA ASP K 230 -52.84 -3.33 19.04
C ASP K 230 -52.76 -2.80 17.60
N ILE K 231 -52.18 -1.62 17.43
CA ILE K 231 -51.89 -1.08 16.10
C ILE K 231 -50.75 -1.88 15.49
N GLY K 232 -50.58 -1.75 14.17
CA GLY K 232 -49.74 -2.67 13.41
C GLY K 232 -50.66 -3.66 12.72
N ALA K 233 -51.93 -3.65 13.15
CA ALA K 233 -53.00 -4.39 12.51
C ALA K 233 -53.56 -3.55 11.37
N GLU K 234 -53.34 -4.03 10.15
CA GLU K 234 -53.56 -3.27 8.91
C GLU K 234 -52.68 -2.00 8.84
N SER K 235 -52.82 -1.23 7.76
CA SER K 235 -51.99 -0.05 7.49
C SER K 235 -50.49 -0.35 7.50
N THR K 237 -54.47 4.21 3.37
CA THR K 237 -53.88 5.54 3.39
C THR K 237 -53.04 5.75 4.65
N SER K 238 -51.94 6.48 4.50
CA SER K 238 -50.98 6.71 5.59
C SER K 238 -51.18 8.05 6.33
N TRP K 239 -52.37 8.64 6.18
CA TRP K 239 -52.69 9.90 6.84
C TRP K 239 -53.00 9.72 8.33
N VAL K 240 -53.71 8.63 8.66
CA VAL K 240 -54.05 8.27 10.03
C VAL K 240 -52.82 8.22 10.97
N ARG K 241 -51.64 7.97 10.41
CA ARG K 241 -50.36 8.03 11.13
C ARG K 241 -50.11 9.40 11.74
N ASP K 242 -50.67 10.42 11.10
CA ASP K 242 -50.45 11.82 11.46
C ASP K 242 -51.75 12.63 11.35
N GLU K 243 -52.89 11.95 11.46
CA GLU K 243 -54.22 12.59 11.35
C GLU K 243 -55.27 12.06 12.32
N VAL K 244 -55.17 10.78 12.69
CA VAL K 244 -56.21 10.13 13.52
C VAL K 244 -55.65 9.54 14.81
N ILE K 245 -54.55 8.78 14.70
CA ILE K 245 -53.91 8.16 15.86
C ILE K 245 -52.41 8.53 15.95
N GLY K 246 -51.99 9.39 15.02
CA GLY K 246 -50.74 10.12 15.13
C GLY K 246 -51.02 11.56 15.53
N THR K 247 -52.30 11.89 15.72
CA THR K 247 -52.72 13.16 16.31
C THR K 247 -52.92 12.98 17.82
N VAL K 248 -52.39 11.88 18.34
CA VAL K 248 -52.46 11.53 19.76
C VAL K 248 -51.10 11.80 20.42
N LEU K 249 -50.10 12.11 19.61
CA LEU K 249 -48.70 12.16 20.06
C LEU K 249 -48.09 13.57 20.16
N GLN K 250 -48.64 14.52 19.40
CA GLN K 250 -48.18 15.93 19.43
C GLN K 250 -48.98 16.82 20.37
N HIS K 251 -50.28 16.53 20.51
CA HIS K 251 -51.15 17.30 21.42
C HIS K 251 -51.18 16.70 22.82
N ARG K 252 -50.19 15.85 23.11
CA ARG K 252 -50.07 15.19 24.41
C ARG K 252 -48.65 15.22 24.96
N MET K 253 -47.75 15.88 24.23
CA MET K 253 -46.44 16.23 24.76
C MET K 253 -46.16 17.72 24.54
N SER K 254 -47.20 18.44 24.09
CA SER K 254 -47.18 19.90 23.98
C SER K 254 -47.74 20.55 25.25
N GLN K 255 -48.81 19.96 25.78
CA GLN K 255 -49.29 20.30 27.12
C GLN K 255 -48.85 19.22 28.11
N GLN K 256 -48.39 18.10 27.56
CA GLN K 256 -47.84 16.94 28.31
C GLN K 256 -48.82 16.24 29.27
N LEU K 257 -49.07 14.95 28.99
CA LEU K 257 -50.04 14.15 29.74
C LEU K 257 -49.54 12.72 30.01
N PRO K 258 -49.92 12.13 31.16
CA PRO K 258 -49.39 10.82 31.54
C PRO K 258 -50.12 9.65 30.88
N THR K 259 -50.01 9.55 29.56
CA THR K 259 -50.80 8.58 28.79
C THR K 259 -50.13 7.21 28.65
N PHE K 260 -50.96 6.17 28.65
CA PHE K 260 -50.54 4.79 28.44
C PHE K 260 -50.46 4.49 26.93
N PHE K 261 -49.55 3.60 26.55
CA PHE K 261 -49.39 3.20 25.13
C PHE K 261 -49.04 1.72 25.01
N SER K 262 -49.93 0.95 24.39
CA SER K 262 -49.72 -0.48 24.19
C SER K 262 -49.60 -0.85 22.72
N SER K 263 -49.27 -2.11 22.45
CA SER K 263 -49.07 -2.61 21.09
C SER K 263 -48.93 -4.13 21.06
N ASN K 264 -49.06 -4.72 19.87
CA ASN K 264 -48.75 -6.13 19.66
C ASN K 264 -47.28 -6.43 19.95
N PHE K 265 -46.41 -5.47 19.63
CA PHE K 265 -44.96 -5.60 19.79
C PHE K 265 -44.32 -4.31 20.37
N SER K 266 -43.00 -4.20 20.32
CA SER K 266 -42.25 -3.19 21.09
C SER K 266 -41.71 -1.99 20.28
N PRO K 267 -41.63 -0.79 20.91
CA PRO K 267 -41.10 0.43 20.30
C PRO K 267 -39.68 0.33 19.71
N ASP K 268 -38.76 -0.36 20.37
CA ASP K 268 -37.39 -0.49 19.88
C ASP K 268 -37.24 -1.31 18.59
N GLU K 269 -38.28 -2.09 18.27
CA GLU K 269 -38.31 -2.86 17.02
C GLU K 269 -39.52 -2.52 16.14
N LEU K 270 -40.45 -1.73 16.65
CA LEU K 270 -41.55 -1.17 15.86
C LEU K 270 -41.07 0.00 15.00
N LYS K 271 -39.74 0.09 14.89
CA LYS K 271 -39.07 1.18 14.19
C LYS K 271 -38.68 0.82 12.76
N HIS K 272 -38.90 -0.45 12.39
CA HIS K 272 -38.49 -0.96 11.07
C HIS K 272 -39.53 -1.89 10.45
N HIS K 273 -40.75 -1.89 10.99
CA HIS K 273 -41.79 -2.86 10.59
C HIS K 273 -42.36 -2.65 9.19
N PHE K 274 -42.98 -1.50 8.95
CA PHE K 274 -43.74 -1.27 7.72
C PHE K 274 -42.92 -0.74 6.54
N THR K 275 -42.35 -1.68 5.79
CA THR K 275 -41.71 -1.42 4.49
C THR K 275 -42.09 -2.56 3.53
N TYR K 276 -43.38 -2.62 3.16
CA TYR K 276 -43.95 -3.67 2.31
C TYR K 276 -43.39 -3.63 0.88
N GLU K 281 -33.16 7.34 1.03
CA GLU K 281 -34.16 6.29 1.28
C GLU K 281 -35.07 6.65 2.48
N LYS K 282 -36.17 5.90 2.64
CA LYS K 282 -37.31 6.32 3.51
C LYS K 282 -37.41 5.73 4.94
N GLU K 283 -38.58 5.17 5.27
CA GLU K 283 -38.96 4.80 6.64
C GLU K 283 -38.16 3.66 7.27
N GLU K 284 -36.92 3.98 7.65
CA GLU K 284 -36.04 3.11 8.39
C GLU K 284 -35.44 4.00 9.48
N VAL K 285 -34.60 4.93 9.04
CA VAL K 285 -34.26 6.11 9.82
C VAL K 285 -35.35 7.15 9.53
N LYS K 286 -36.61 6.71 9.66
CA LYS K 286 -37.81 7.55 9.48
C LYS K 286 -39.06 6.85 10.03
N ALA K 287 -38.97 5.55 10.26
CA ALA K 287 -40.04 4.77 10.91
C ALA K 287 -39.75 4.58 12.40
N ALA K 288 -38.58 5.08 12.83
CA ALA K 288 -38.12 4.97 14.21
C ALA K 288 -38.67 6.05 15.12
N ARG K 289 -38.96 7.21 14.53
CA ARG K 289 -39.31 8.41 15.29
C ARG K 289 -40.78 8.51 15.67
N LEU K 290 -41.62 7.61 15.17
CA LEU K 290 -42.98 7.44 15.68
C LEU K 290 -42.97 6.54 16.91
N MET K 291 -41.98 5.64 16.99
CA MET K 291 -41.73 4.89 18.21
C MET K 291 -40.94 5.74 19.19
N GLU K 292 -40.38 6.84 18.68
CA GLU K 292 -39.84 7.91 19.51
C GLU K 292 -40.94 8.87 19.97
N ARG K 293 -41.77 9.33 19.03
CA ARG K 293 -42.95 10.14 19.35
C ARG K 293 -43.80 9.43 20.40
N ILE K 294 -43.64 8.10 20.41
CA ILE K 294 -44.21 7.22 21.43
C ILE K 294 -43.36 7.22 22.71
N LEU K 295 -42.04 7.09 22.56
CA LEU K 295 -41.10 6.86 23.69
C LEU K 295 -41.10 7.82 24.89
N TYR K 296 -41.74 8.99 24.76
CA TYR K 296 -41.65 10.04 25.80
C TYR K 296 -42.86 10.16 26.74
N LEU K 297 -43.98 9.56 26.35
CA LEU K 297 -45.21 9.57 27.16
C LEU K 297 -45.19 8.43 28.15
N ALA K 298 -44.16 7.59 28.06
CA ALA K 298 -44.07 6.35 28.82
C ALA K 298 -42.65 5.80 28.99
N ALA K 299 -42.45 4.93 29.98
CA ALA K 299 -41.17 4.24 30.21
C ALA K 299 -41.36 2.73 30.09
N PRO K 300 -40.71 2.12 29.07
CA PRO K 300 -40.95 0.71 28.67
C PRO K 300 -40.50 -0.35 29.69
N ILE K 301 -41.31 -1.42 29.80
CA ILE K 301 -41.04 -2.58 30.66
C ILE K 301 -41.38 -3.89 29.93
N ARG K 302 -40.71 -4.97 30.32
CA ARG K 302 -40.83 -6.27 29.65
C ARG K 302 -42.16 -6.99 29.84
N LEU K 303 -42.52 -7.82 28.86
CA LEU K 303 -43.61 -8.79 28.98
C LEU K 303 -43.16 -10.13 28.41
N ASP K 304 -42.30 -10.82 29.15
CA ASP K 304 -41.79 -12.14 28.77
C ASP K 304 -42.82 -13.23 29.00
N GLN L 32 -43.89 -55.90 8.44
CA GLN L 32 -44.48 -56.01 9.76
C GLN L 32 -43.93 -54.93 10.70
N ASP L 33 -42.65 -54.60 10.56
CA ASP L 33 -42.02 -53.59 11.41
C ASP L 33 -42.60 -52.23 11.09
N VAL L 34 -42.80 -52.00 9.80
CA VAL L 34 -43.39 -50.78 9.31
C VAL L 34 -44.77 -50.55 9.92
N GLN L 35 -45.58 -51.62 9.97
CA GLN L 35 -46.91 -51.53 10.58
C GLN L 35 -46.81 -51.03 12.01
N ALA L 36 -45.92 -51.66 12.78
CA ALA L 36 -45.71 -51.31 14.17
C ALA L 36 -45.28 -49.85 14.31
N PHE L 37 -44.29 -49.45 13.54
CA PHE L 37 -43.77 -48.09 13.61
C PHE L 37 -44.84 -47.08 13.18
N LEU L 38 -45.58 -47.42 12.12
CA LEU L 38 -46.60 -46.54 11.59
C LEU L 38 -47.61 -46.16 12.65
N LYS L 39 -48.19 -47.17 13.31
CA LYS L 39 -49.16 -46.94 14.37
C LYS L 39 -48.53 -46.05 15.43
N GLU L 40 -47.22 -46.21 15.61
CA GLU L 40 -46.46 -45.39 16.54
C GLU L 40 -46.42 -43.95 16.06
N ASN L 41 -46.13 -43.79 14.78
CA ASN L 41 -45.98 -42.47 14.20
C ASN L 41 -47.06 -42.19 13.16
N GLU L 42 -48.22 -42.84 13.29
CA GLU L 42 -49.29 -42.70 12.28
C GLU L 42 -49.88 -41.29 12.30
N GLU L 43 -49.65 -40.56 13.38
CA GLU L 43 -50.08 -39.18 13.46
C GLU L 43 -49.19 -38.30 12.59
N VAL L 44 -47.96 -38.75 12.39
CA VAL L 44 -46.97 -37.99 11.64
C VAL L 44 -46.88 -38.48 10.20
N ILE L 45 -46.89 -39.80 10.03
CA ILE L 45 -46.69 -40.42 8.73
C ILE L 45 -47.98 -40.39 7.91
N ASP L 46 -47.83 -40.22 6.61
CA ASP L 46 -48.96 -40.27 5.68
C ASP L 46 -48.82 -41.47 4.75
N GLN L 47 -49.92 -41.80 4.07
CA GLN L 47 -49.93 -42.92 3.14
C GLN L 47 -48.75 -42.83 2.18
N LYS L 48 -48.48 -41.64 1.68
CA LYS L 48 -47.40 -41.43 0.72
C LYS L 48 -46.04 -41.59 1.38
N MET L 49 -45.94 -41.16 2.63
CA MET L 49 -44.74 -41.35 3.43
C MET L 49 -44.39 -42.83 3.50
N ILE L 50 -45.42 -43.68 3.61
CA ILE L 50 -45.23 -45.12 3.64
C ILE L 50 -44.60 -45.62 2.35
N GLU L 51 -45.14 -45.17 1.23
CA GLU L 51 -44.63 -45.59 -0.08
C GLU L 51 -43.25 -45.00 -0.37
N LYS L 52 -42.98 -43.82 0.16
CA LYS L 52 -41.66 -43.20 0.02
C LYS L 52 -40.62 -43.95 0.86
N SER L 53 -40.99 -44.29 2.08
CA SER L 53 -40.09 -44.99 2.99
C SER L 53 -40.29 -46.50 2.88
N LEU L 54 -40.89 -46.93 1.77
CA LEU L 54 -41.18 -48.33 1.50
C LEU L 54 -39.94 -49.19 1.69
N ASN L 55 -38.88 -48.77 1.02
CA ASN L 55 -37.59 -49.46 1.07
C ASN L 55 -37.15 -49.67 2.51
N LYS L 56 -37.27 -48.62 3.32
CA LYS L 56 -36.90 -48.68 4.72
C LYS L 56 -37.77 -49.67 5.48
N LEU L 57 -39.08 -49.51 5.38
CA LEU L 57 -40.01 -50.36 6.11
C LEU L 57 -39.90 -51.82 5.67
N TYR L 58 -39.61 -52.05 4.40
CA TYR L 58 -39.47 -53.39 3.89
C TYR L 58 -38.15 -54.01 4.37
N GLU L 59 -37.10 -53.21 4.36
CA GLU L 59 -35.80 -53.65 4.85
C GLU L 59 -35.87 -53.90 6.36
N TYR L 60 -36.69 -53.11 7.02
CA TYR L 60 -36.95 -53.22 8.45
C TYR L 60 -37.48 -54.60 8.82
N ILE L 61 -38.54 -55.03 8.13
CA ILE L 61 -39.14 -56.32 8.39
C ILE L 61 -38.15 -57.46 8.16
N GLU L 62 -38.43 -58.29 7.15
CA GLU L 62 -37.57 -59.41 6.82
C GLU L 62 -37.41 -60.35 8.02
N GLN L 63 -38.28 -60.20 9.00
CA GLN L 63 -38.23 -61.03 10.20
C GLN L 63 -37.02 -60.70 11.06
N SER L 64 -35.84 -61.08 10.57
CA SER L 64 -34.60 -60.84 11.29
C SER L 64 -34.82 -60.07 12.59
N LYS L 65 -34.56 -60.74 13.71
CA LYS L 65 -34.71 -60.12 15.01
C LYS L 65 -33.61 -59.09 15.25
N ASN L 66 -32.45 -59.30 14.63
CA ASN L 66 -31.33 -58.37 14.85
C ASN L 66 -29.98 -58.79 14.25
N CYS L 67 -28.90 -58.40 14.92
CA CYS L 67 -27.55 -58.73 14.45
C CYS L 67 -26.98 -59.91 15.23
N SER L 68 -25.66 -59.90 15.39
CA SER L 68 -24.98 -60.98 16.11
C SER L 68 -23.96 -60.41 17.10
N TYR L 69 -22.72 -60.25 16.64
CA TYR L 69 -21.65 -59.73 17.47
C TYR L 69 -20.68 -60.82 17.87
N CYS L 70 -19.50 -60.82 17.25
CA CYS L 70 -19.17 -59.82 16.24
C CYS L 70 -19.34 -60.39 14.84
N GLY L 82 -23.60 -54.62 16.07
CA GLY L 82 -23.70 -54.06 17.41
C GLY L 82 -24.92 -53.17 17.55
N TYR L 83 -25.56 -52.89 16.43
CA TYR L 83 -26.76 -52.05 16.40
C TYR L 83 -27.92 -52.80 15.74
N HIS L 84 -29.11 -52.21 15.81
CA HIS L 84 -30.27 -52.70 15.08
C HIS L 84 -30.92 -51.55 14.33
N PRO L 85 -31.51 -51.81 13.16
CA PRO L 85 -32.20 -50.79 12.39
C PRO L 85 -33.58 -50.45 12.95
N LYS L 86 -33.88 -49.16 13.03
CA LYS L 86 -35.21 -48.70 13.41
C LYS L 86 -35.63 -47.56 12.50
N LEU L 87 -36.92 -47.48 12.22
CA LEU L 87 -37.45 -46.44 11.36
C LEU L 87 -37.62 -45.13 12.12
N VAL L 88 -37.33 -44.04 11.42
CA VAL L 88 -37.30 -42.66 11.94
C VAL L 88 -37.52 -41.61 10.82
N VAL L 89 -38.80 -41.31 10.60
CA VAL L 89 -39.36 -40.34 9.68
C VAL L 89 -38.63 -39.00 9.80
N ASN L 90 -37.99 -38.51 8.76
CA ASN L 90 -37.39 -37.18 8.92
C ASN L 90 -38.15 -36.13 8.11
N GLY L 91 -38.90 -35.21 8.74
CA GLY L 91 -39.59 -34.34 7.83
C GLY L 91 -40.67 -35.07 7.05
N ARG L 92 -40.46 -35.19 5.74
CA ARG L 92 -41.44 -35.85 4.87
C ARG L 92 -40.94 -37.22 4.43
N SER L 93 -39.76 -37.58 4.90
CA SER L 93 -39.15 -38.85 4.52
C SER L 93 -38.88 -39.72 5.75
N ILE L 94 -38.97 -41.02 5.58
CA ILE L 94 -38.72 -41.95 6.66
C ILE L 94 -37.34 -42.60 6.47
N ASP L 95 -36.50 -42.48 7.49
CA ASP L 95 -35.13 -42.97 7.42
C ASP L 95 -34.93 -44.19 8.28
N ILE L 96 -33.72 -44.72 8.25
CA ILE L 96 -33.39 -45.91 9.00
C ILE L 96 -32.16 -45.66 9.86
N GLU L 97 -32.37 -45.51 11.16
CA GLU L 97 -31.28 -45.26 12.08
C GLU L 97 -30.98 -46.51 12.88
N TYR L 98 -29.72 -46.64 13.29
CA TYR L 98 -29.30 -47.77 14.08
C TYR L 98 -29.22 -47.41 15.55
N TYR L 99 -29.87 -48.20 16.38
CA TYR L 99 -29.74 -48.05 17.81
C TYR L 99 -28.89 -49.18 18.35
N GLU L 100 -28.08 -48.91 19.36
CA GLU L 100 -27.18 -49.92 19.89
C GLU L 100 -27.97 -51.09 20.48
N CYS L 101 -27.49 -52.29 20.22
CA CYS L 101 -28.08 -53.50 20.75
C CYS L 101 -28.14 -53.43 22.28
N LYS L 111 -29.57 -65.69 34.14
CA LYS L 111 -28.25 -65.62 33.45
C LYS L 111 -28.38 -65.27 31.96
N LYS L 112 -29.62 -65.10 31.51
CA LYS L 112 -29.92 -64.58 30.16
C LYS L 112 -31.04 -63.52 30.25
N GLN L 113 -30.72 -62.42 30.96
CA GLN L 113 -31.64 -61.29 31.10
C GLN L 113 -30.88 -59.97 31.00
N GLN L 114 -29.76 -59.89 31.73
CA GLN L 114 -28.93 -58.70 31.74
C GLN L 114 -28.14 -58.52 30.44
N SER L 115 -28.31 -59.45 29.49
CA SER L 115 -27.66 -59.37 28.17
C SER L 115 -28.43 -58.47 27.21
N LEU L 116 -29.73 -58.33 27.46
CA LEU L 116 -30.53 -57.32 26.79
C LEU L 116 -30.39 -55.99 27.54
N MET L 117 -29.46 -55.95 28.49
CA MET L 117 -29.33 -54.83 29.43
C MET L 117 -27.88 -54.35 29.68
N LYS L 118 -27.03 -54.41 28.65
CA LYS L 118 -25.63 -53.99 28.77
C LYS L 118 -25.45 -52.51 29.13
N SER L 119 -24.27 -52.14 29.60
CA SER L 119 -23.98 -50.75 29.98
C SER L 119 -22.50 -50.37 29.83
N MET L 120 -22.27 -49.12 29.43
CA MET L 120 -20.92 -48.53 29.43
C MET L 120 -20.89 -47.21 30.21
N TYR L 121 -19.75 -46.97 30.85
CA TYR L 121 -19.45 -45.74 31.63
C TYR L 121 -19.89 -45.80 33.10
N ILE L 122 -20.92 -46.59 33.40
CA ILE L 122 -21.34 -46.83 34.80
C ILE L 122 -20.90 -48.22 35.27
N GLN L 123 -21.84 -48.94 35.89
CA GLN L 123 -21.64 -50.28 36.43
C GLN L 123 -22.89 -51.13 36.19
N GLN L 124 -22.81 -52.40 36.56
CA GLN L 124 -23.95 -53.34 36.45
C GLN L 124 -24.11 -54.23 37.69
N ASP L 125 -23.26 -54.02 38.70
CA ASP L 125 -23.41 -54.65 40.01
C ASP L 125 -24.62 -54.04 40.71
N LEU L 126 -24.86 -52.77 40.41
CA LEU L 126 -25.98 -51.98 40.94
C LEU L 126 -27.35 -52.49 40.50
N LEU L 127 -27.38 -53.31 39.43
CA LEU L 127 -28.63 -53.81 38.85
C LEU L 127 -29.48 -54.61 39.84
N GLY L 128 -29.02 -54.67 41.10
CA GLY L 128 -29.85 -55.08 42.22
C GLY L 128 -30.74 -53.91 42.63
N ALA L 129 -31.82 -53.73 41.87
CA ALA L 129 -32.73 -52.61 42.03
C ALA L 129 -34.09 -52.95 41.44
N THR L 130 -34.46 -54.23 41.53
CA THR L 130 -35.57 -54.80 40.76
C THR L 130 -36.99 -54.48 41.30
N PHE L 131 -37.95 -55.32 40.92
CA PHE L 131 -39.39 -55.11 41.16
C PHE L 131 -39.89 -55.47 42.58
N GLN L 132 -39.24 -56.43 43.23
CA GLN L 132 -39.79 -57.07 44.44
C GLN L 132 -39.58 -56.36 45.78
N GLN L 133 -38.35 -56.41 46.31
CA GLN L 133 -38.04 -55.83 47.64
C GLN L 133 -38.28 -54.32 47.70
N VAL L 134 -38.11 -53.65 46.56
CA VAL L 134 -38.48 -52.25 46.42
C VAL L 134 -40.01 -52.20 46.34
N ASP L 135 -40.64 -51.60 47.35
CA ASP L 135 -42.08 -51.71 47.54
C ASP L 135 -42.85 -50.44 47.16
N ILE L 136 -44.14 -50.61 46.88
CA ILE L 136 -45.07 -49.50 46.66
C ILE L 136 -45.10 -48.64 47.92
N SER L 137 -44.26 -47.60 47.96
CA SER L 137 -44.02 -46.86 49.21
C SER L 137 -44.58 -45.44 49.25
N ASP L 138 -44.17 -44.59 48.30
CA ASP L 138 -44.45 -43.16 48.36
C ASP L 138 -45.20 -42.69 47.10
N PRO L 139 -45.56 -41.39 47.02
CA PRO L 139 -46.00 -40.85 45.73
C PRO L 139 -45.02 -41.27 44.64
N SER L 140 -43.86 -41.77 45.08
CA SER L 140 -42.85 -42.34 44.23
C SER L 140 -43.31 -43.66 43.64
N ARG L 141 -43.45 -44.67 44.48
CA ARG L 141 -43.73 -46.03 44.05
C ARG L 141 -45.20 -46.40 44.16
N LEU L 142 -46.02 -45.44 44.59
CA LEU L 142 -47.47 -45.52 44.38
C LEU L 142 -47.76 -45.26 42.91
N ALA L 143 -46.70 -44.89 42.17
CA ALA L 143 -46.76 -44.72 40.72
C ALA L 143 -45.34 -44.68 40.08
N MET L 144 -44.67 -45.83 40.05
CA MET L 144 -43.38 -45.95 39.33
C MET L 144 -43.24 -47.29 38.59
N PHE L 145 -43.66 -48.37 39.24
CA PHE L 145 -43.63 -49.70 38.64
C PHE L 145 -44.81 -49.87 37.69
N GLN L 146 -45.91 -49.18 37.98
CA GLN L 146 -47.11 -49.20 37.15
C GLN L 146 -46.85 -48.65 35.76
N HIS L 147 -46.26 -47.45 35.69
CA HIS L 147 -45.91 -46.84 34.42
C HIS L 147 -44.67 -47.50 33.81
N VAL L 148 -44.51 -48.78 34.15
CA VAL L 148 -43.55 -49.69 33.55
C VAL L 148 -44.32 -50.95 33.11
N THR L 149 -45.26 -51.37 33.96
CA THR L 149 -46.02 -52.61 33.75
C THR L 149 -47.29 -52.45 32.89
N ASP L 150 -47.97 -51.31 33.02
CA ASP L 150 -49.07 -50.93 32.11
C ASP L 150 -48.51 -50.83 30.69
N PHE L 151 -47.19 -50.62 30.65
CA PHE L 151 -46.44 -50.46 29.42
C PHE L 151 -45.81 -51.80 29.01
N LEU L 152 -45.54 -52.67 29.99
CA LEU L 152 -45.00 -54.01 29.73
C LEU L 152 -45.97 -54.89 28.92
N LYS L 153 -47.24 -54.49 28.88
CA LYS L 153 -48.24 -55.16 28.04
C LYS L 153 -48.36 -54.55 26.64
N SER L 154 -47.81 -53.36 26.46
CA SER L 154 -47.73 -52.73 25.14
C SER L 154 -46.27 -52.47 24.73
N TYR L 155 -45.45 -53.52 24.76
CA TYR L 155 -44.03 -53.42 24.39
C TYR L 155 -43.71 -53.80 22.94
N ASN L 156 -42.53 -53.37 22.48
CA ASN L 156 -42.14 -53.35 21.05
C ASN L 156 -42.68 -52.09 20.36
N GLU L 157 -42.36 -51.90 19.07
CA GLU L 157 -42.73 -50.68 18.34
C GLU L 157 -43.98 -50.81 17.45
N THR L 158 -45.15 -50.43 17.99
CA THR L 158 -46.43 -50.46 17.26
C THR L 158 -47.28 -49.19 17.50
N GLY L 159 -48.04 -49.18 18.60
CA GLY L 159 -48.88 -48.04 18.97
C GLY L 159 -48.05 -46.87 19.49
N LYS L 160 -48.66 -45.69 19.54
CA LYS L 160 -47.99 -44.44 19.95
C LYS L 160 -47.41 -44.53 21.37
N GLY L 161 -46.37 -43.72 21.68
CA GLY L 161 -45.63 -43.88 22.94
C GLY L 161 -44.94 -42.72 23.64
N LYS L 162 -44.46 -43.01 24.87
CA LYS L 162 -43.77 -42.07 25.76
C LYS L 162 -42.57 -42.75 26.45
N GLY L 163 -42.03 -42.09 27.47
CA GLY L 163 -41.02 -42.66 28.39
C GLY L 163 -41.41 -42.41 29.85
N LEU L 164 -40.43 -42.00 30.67
CA LEU L 164 -40.67 -41.57 32.06
C LEU L 164 -39.71 -40.45 32.47
N TYR L 165 -40.02 -39.75 33.57
CA TYR L 165 -39.09 -38.80 34.19
C TYR L 165 -39.00 -39.04 35.70
N LEU L 166 -37.80 -38.90 36.26
CA LEU L 166 -37.55 -39.21 37.66
C LEU L 166 -36.95 -38.03 38.44
N TYR L 167 -37.70 -37.52 39.41
CA TYR L 167 -37.23 -36.46 40.30
C TYR L 167 -37.88 -36.48 41.69
N GLY L 168 -37.52 -35.49 42.53
CA GLY L 168 -38.03 -35.41 43.89
C GLY L 168 -37.06 -34.69 44.81
N LYS L 169 -36.57 -35.41 45.83
CA LYS L 169 -35.52 -34.90 46.74
C LYS L 169 -34.55 -36.00 47.21
N PHE L 170 -33.71 -35.64 48.18
CA PHE L 170 -32.60 -36.49 48.67
C PHE L 170 -32.97 -37.92 49.06
N GLY L 171 -32.01 -38.83 48.89
CA GLY L 171 -32.08 -40.19 49.42
C GLY L 171 -32.99 -41.19 48.72
N VAL L 172 -33.90 -40.70 47.89
CA VAL L 172 -34.94 -41.54 47.28
C VAL L 172 -34.39 -42.42 46.15
N GLY L 173 -34.53 -41.98 44.90
CA GLY L 173 -34.09 -42.80 43.76
C GLY L 173 -34.29 -42.25 42.36
N LYS L 174 -33.24 -42.41 41.55
CA LYS L 174 -33.26 -42.13 40.11
C LYS L 174 -32.49 -43.22 39.38
N THR L 175 -31.74 -44.03 40.13
CA THR L 175 -30.93 -45.12 39.58
C THR L 175 -31.35 -46.51 40.11
N PHE L 176 -32.47 -46.55 40.83
CA PHE L 176 -33.08 -47.81 41.25
C PHE L 176 -34.43 -48.05 40.54
N MET L 177 -34.87 -47.04 39.77
CA MET L 177 -36.12 -47.11 39.01
C MET L 177 -35.94 -47.04 37.48
N LEU L 178 -34.72 -46.77 37.04
CA LEU L 178 -34.33 -46.98 35.63
C LEU L 178 -33.72 -48.37 35.47
N ALA L 179 -33.56 -49.06 36.60
CA ALA L 179 -33.24 -50.48 36.63
C ALA L 179 -34.47 -51.29 37.04
N ALA L 180 -35.64 -50.69 36.81
CA ALA L 180 -36.95 -51.32 37.04
C ALA L 180 -37.82 -51.20 35.78
N ILE L 181 -37.19 -50.77 34.69
CA ILE L 181 -37.76 -50.80 33.35
C ILE L 181 -36.65 -51.40 32.49
N ALA L 182 -36.17 -52.57 32.90
CA ALA L 182 -34.88 -53.08 32.40
C ALA L 182 -34.74 -54.61 32.30
N ASN L 183 -34.45 -55.26 33.41
CA ASN L 183 -34.11 -56.69 33.41
C ASN L 183 -35.28 -57.62 33.14
N GLU L 184 -36.46 -57.26 33.65
CA GLU L 184 -37.69 -57.97 33.31
C GLU L 184 -38.24 -57.53 31.96
N LEU L 185 -37.52 -56.61 31.33
CA LEU L 185 -37.70 -56.28 29.92
C LEU L 185 -36.79 -57.13 29.04
N ALA L 186 -36.02 -58.01 29.66
CA ALA L 186 -35.33 -59.07 28.95
C ALA L 186 -36.22 -60.31 28.94
N GLU L 187 -37.53 -60.06 28.91
CA GLU L 187 -38.56 -61.09 28.88
C GLU L 187 -39.62 -60.82 27.80
N LYS L 188 -39.55 -59.66 27.16
CA LYS L 188 -40.58 -59.21 26.20
C LYS L 188 -40.07 -58.89 24.78
N GLU L 189 -39.14 -59.71 24.29
CA GLU L 189 -38.60 -59.64 22.91
C GLU L 189 -37.90 -58.33 22.52
N TYR L 190 -38.03 -57.30 23.34
CA TYR L 190 -37.38 -56.01 23.10
C TYR L 190 -36.54 -55.55 24.28
N SER L 191 -35.28 -55.28 24.01
CA SER L 191 -34.32 -54.85 25.03
C SER L 191 -34.47 -53.38 25.42
N SER L 192 -33.80 -52.99 26.51
CA SER L 192 -33.76 -51.59 26.97
C SER L 192 -32.35 -51.15 27.40
N MET L 193 -32.23 -49.92 27.92
CA MET L 193 -30.92 -49.30 28.16
C MET L 193 -30.69 -48.86 29.61
N ILE L 194 -29.41 -48.85 30.01
CA ILE L 194 -28.95 -48.30 31.31
C ILE L 194 -27.58 -47.62 31.12
N VAL L 195 -27.59 -46.30 30.92
CA VAL L 195 -26.36 -45.54 30.65
C VAL L 195 -26.30 -44.22 31.42
N TYR L 196 -25.12 -43.87 31.88
CA TYR L 196 -24.94 -42.66 32.68
C TYR L 196 -24.67 -41.45 31.81
N VAL L 197 -25.69 -40.62 31.64
CA VAL L 197 -25.60 -39.39 30.86
C VAL L 197 -24.44 -38.49 31.31
N PRO L 198 -24.32 -38.20 32.63
CA PRO L 198 -23.24 -37.32 33.09
C PRO L 198 -21.82 -37.91 32.94
N GLU L 199 -21.72 -39.23 32.83
CA GLU L 199 -20.41 -39.86 32.64
C GLU L 199 -19.90 -39.76 31.19
N PHE L 200 -20.75 -39.25 30.31
CA PHE L 200 -20.39 -38.97 28.91
C PHE L 200 -20.09 -37.48 28.67
N VAL L 201 -20.15 -36.67 29.73
CA VAL L 201 -19.98 -35.21 29.60
C VAL L 201 -18.59 -34.74 30.06
N ARG L 202 -17.55 -35.50 29.69
CA ARG L 202 -16.15 -35.16 29.97
C ARG L 202 -15.14 -35.82 29.03
N GLU L 203 -15.61 -36.23 27.84
CA GLU L 203 -14.75 -36.85 26.82
C GLU L 203 -15.05 -36.43 25.37
N LEU L 204 -16.13 -35.71 25.15
CA LEU L 204 -16.41 -35.10 23.83
C LEU L 204 -15.92 -33.65 23.77
N LYS L 205 -15.43 -33.16 24.91
CA LYS L 205 -14.62 -31.94 24.97
C LYS L 205 -13.17 -32.31 24.68
N ASN L 206 -12.80 -33.54 25.03
CA ASN L 206 -11.44 -34.04 24.84
C ASN L 206 -11.45 -35.40 24.13
N SER L 207 -11.66 -35.37 22.82
CA SER L 207 -11.67 -36.59 22.02
C SER L 207 -10.83 -36.43 20.76
N GLN L 211 -9.87 -41.20 13.18
CA GLN L 211 -10.55 -40.08 13.81
C GLN L 211 -11.95 -39.87 13.24
N THR L 212 -12.84 -40.82 13.53
CA THR L 212 -14.24 -40.76 13.10
C THR L 212 -15.17 -40.82 14.30
N LEU L 213 -15.51 -39.66 14.83
CA LEU L 213 -16.49 -39.53 15.92
C LEU L 213 -17.86 -39.08 15.41
N GLU L 214 -18.12 -39.34 14.13
CA GLU L 214 -19.45 -39.16 13.54
C GLU L 214 -20.02 -40.51 13.08
N GLU L 215 -19.93 -41.50 13.99
CA GLU L 215 -20.44 -42.85 13.76
C GLU L 215 -20.99 -43.45 15.05
N LYS L 216 -20.67 -42.58 16.16
CA LYS L 216 -20.99 -42.96 17.54
C LYS L 216 -22.39 -42.49 17.97
N LEU L 217 -22.84 -41.38 17.58
CA LEU L 217 -24.10 -40.81 18.09
C LEU L 217 -25.34 -41.16 17.26
N ASN L 218 -25.15 -41.93 16.19
CA ASN L 218 -26.25 -42.47 15.40
C ASN L 218 -26.58 -43.93 15.77
N MET L 219 -26.26 -44.32 17.01
CA MET L 219 -26.51 -45.67 17.47
C MET L 219 -26.99 -45.68 18.93
N VAL L 220 -26.70 -44.60 19.64
CA VAL L 220 -27.08 -44.48 21.04
C VAL L 220 -28.25 -43.50 21.21
N LYS L 221 -29.18 -43.53 20.26
CA LYS L 221 -30.35 -42.64 20.31
C LYS L 221 -31.57 -43.08 19.48
N THR L 222 -31.46 -44.00 18.59
CA THR L 222 -32.57 -44.42 17.71
C THR L 222 -32.91 -45.92 17.77
N THR L 223 -32.44 -46.58 18.85
CA THR L 223 -32.80 -47.98 19.13
C THR L 223 -34.09 -48.05 19.99
N PRO L 224 -34.78 -49.10 20.14
CA PRO L 224 -36.07 -49.21 20.83
C PRO L 224 -36.30 -48.39 22.11
N VAL L 225 -35.27 -48.19 22.93
CA VAL L 225 -35.41 -47.51 24.24
C VAL L 225 -34.30 -46.47 24.51
N LEU L 226 -34.68 -45.37 25.17
CA LEU L 226 -33.71 -44.40 25.72
C LEU L 226 -34.01 -44.10 27.18
N MET L 227 -32.97 -44.13 28.01
CA MET L 227 -33.11 -43.87 29.44
C MET L 227 -32.11 -42.79 29.91
N LEU L 228 -32.15 -41.61 29.28
CA LEU L 228 -31.19 -40.54 29.55
C LEU L 228 -31.15 -40.14 31.03
N ASP L 229 -30.09 -40.56 31.71
CA ASP L 229 -29.93 -40.45 33.16
C ASP L 229 -29.88 -39.02 33.73
N ASP L 230 -29.45 -38.94 34.99
CA ASP L 230 -29.42 -37.69 35.78
C ASP L 230 -29.02 -36.44 34.99
N ILE L 231 -29.83 -35.39 35.11
CA ILE L 231 -29.57 -34.09 34.48
C ILE L 231 -29.93 -32.94 35.44
N GLY L 232 -28.91 -32.41 36.14
CA GLY L 232 -29.11 -31.32 37.10
C GLY L 232 -27.94 -31.04 38.03
N ALA L 233 -26.83 -30.58 37.45
CA ALA L 233 -25.63 -30.20 38.20
C ALA L 233 -24.76 -29.25 37.37
N GLU L 234 -23.77 -28.62 38.02
CA GLU L 234 -22.83 -27.67 37.39
C GLU L 234 -23.50 -26.51 36.63
N SER L 238 -24.25 -21.28 26.46
CA SER L 238 -23.01 -21.94 26.08
C SER L 238 -22.94 -23.39 26.59
N TRP L 239 -23.72 -24.27 25.96
CA TRP L 239 -23.74 -25.70 26.32
C TRP L 239 -23.83 -26.67 25.13
N VAL L 240 -22.83 -27.55 25.03
CA VAL L 240 -22.79 -28.63 24.05
C VAL L 240 -23.80 -29.71 24.44
N ARG L 241 -24.36 -29.57 25.64
CA ARG L 241 -25.44 -30.41 26.14
C ARG L 241 -26.57 -30.50 25.12
N ASP L 242 -26.66 -29.50 24.26
CA ASP L 242 -27.74 -29.39 23.29
C ASP L 242 -27.40 -30.11 21.99
N GLU L 243 -26.15 -30.54 21.85
CA GLU L 243 -25.69 -31.37 20.74
C GLU L 243 -25.43 -32.78 21.24
N VAL L 244 -25.05 -32.89 22.51
CA VAL L 244 -24.71 -34.17 23.12
C VAL L 244 -25.94 -34.85 23.73
N ILE L 245 -26.75 -34.07 24.44
CA ILE L 245 -27.95 -34.59 25.14
C ILE L 245 -29.24 -33.89 24.68
N GLY L 246 -29.10 -32.70 24.10
CA GLY L 246 -30.23 -31.89 23.66
C GLY L 246 -30.64 -32.14 22.22
N THR L 247 -29.84 -32.92 21.51
CA THR L 247 -30.23 -33.46 20.21
C THR L 247 -30.24 -35.00 20.26
N VAL L 248 -30.91 -35.51 21.30
CA VAL L 248 -31.17 -36.94 21.44
C VAL L 248 -32.70 -37.12 21.39
N LEU L 249 -33.37 -36.14 20.81
CA LEU L 249 -34.84 -36.06 20.80
C LEU L 249 -35.43 -35.85 19.41
N GLN L 250 -34.75 -35.04 18.59
CA GLN L 250 -35.28 -34.53 17.32
C GLN L 250 -35.39 -35.56 16.18
N HIS L 251 -34.87 -36.77 16.39
CA HIS L 251 -35.04 -37.88 15.44
C HIS L 251 -36.02 -38.91 16.00
N ARG L 252 -36.38 -38.70 17.27
CA ARG L 252 -37.33 -39.56 17.98
C ARG L 252 -38.74 -39.04 17.75
N MET L 253 -38.93 -38.41 16.59
CA MET L 253 -40.19 -37.76 16.22
C MET L 253 -40.81 -38.51 15.04
N SER L 254 -40.09 -38.56 13.92
CA SER L 254 -40.54 -39.27 12.72
C SER L 254 -40.06 -40.72 12.71
N GLN L 255 -39.30 -41.09 13.74
CA GLN L 255 -38.88 -42.47 13.95
C GLN L 255 -39.56 -43.09 15.18
N GLN L 256 -40.30 -42.26 15.94
CA GLN L 256 -41.05 -42.68 17.13
C GLN L 256 -40.21 -43.41 18.18
N LEU L 257 -39.57 -42.66 19.07
CA LEU L 257 -38.65 -43.22 20.06
C LEU L 257 -38.80 -42.56 21.44
N PRO L 258 -38.98 -43.40 22.50
CA PRO L 258 -39.29 -42.94 23.85
C PRO L 258 -38.12 -42.27 24.58
N THR L 259 -38.42 -41.31 25.45
CA THR L 259 -37.37 -40.61 26.22
C THR L 259 -37.64 -40.61 27.73
N PHE L 260 -37.14 -41.65 28.40
CA PHE L 260 -37.13 -41.72 29.85
C PHE L 260 -35.97 -40.85 30.35
N PHE L 261 -36.17 -40.14 31.46
CA PHE L 261 -35.12 -39.34 32.08
C PHE L 261 -35.08 -39.53 33.59
N SER L 262 -33.94 -39.20 34.20
CA SER L 262 -33.84 -39.04 35.65
C SER L 262 -33.17 -37.69 35.94
N SER L 263 -33.37 -37.14 37.14
CA SER L 263 -33.00 -35.75 37.41
C SER L 263 -32.76 -35.36 38.88
N ASN L 264 -32.86 -34.06 39.17
CA ASN L 264 -32.54 -33.46 40.48
C ASN L 264 -33.55 -32.42 41.01
N PHE L 265 -34.52 -32.02 40.20
CA PHE L 265 -35.45 -30.90 40.54
C PHE L 265 -36.92 -31.19 40.21
N SER L 266 -37.84 -30.50 40.89
CA SER L 266 -39.30 -30.69 40.72
C SER L 266 -39.83 -30.11 39.38
N PRO L 267 -41.08 -30.46 38.98
CA PRO L 267 -41.56 -30.19 37.61
C PRO L 267 -41.81 -28.72 37.25
N ASP L 268 -41.37 -27.81 38.13
CA ASP L 268 -41.40 -26.39 37.85
C ASP L 268 -39.99 -25.79 37.99
N GLU L 269 -38.96 -26.59 37.71
CA GLU L 269 -37.56 -26.19 38.01
C GLU L 269 -36.45 -26.58 37.02
N LEU L 270 -36.72 -27.53 36.12
CA LEU L 270 -35.66 -28.07 35.24
C LEU L 270 -35.40 -27.33 33.93
N LYS L 271 -36.10 -26.21 33.71
CA LYS L 271 -35.93 -25.43 32.50
C LYS L 271 -34.92 -24.30 32.71
N HIS L 272 -34.27 -24.30 33.87
CA HIS L 272 -33.27 -23.28 34.21
C HIS L 272 -31.98 -23.88 34.82
N HIS L 273 -31.26 -24.62 33.99
CA HIS L 273 -29.93 -25.15 34.34
C HIS L 273 -28.97 -25.06 33.14
N PHE L 274 -29.48 -24.57 32.02
CA PHE L 274 -28.72 -24.43 30.77
C PHE L 274 -28.39 -22.96 30.43
N THR L 275 -27.20 -22.53 30.85
CA THR L 275 -26.60 -21.20 30.55
C THR L 275 -27.38 -19.95 30.97
N TYR L 276 -26.61 -18.94 31.41
CA TYR L 276 -27.18 -17.67 31.86
C TYR L 276 -26.60 -16.48 31.13
N SER L 277 -27.47 -15.52 30.82
CA SER L 277 -27.08 -14.24 30.22
C SER L 277 -28.19 -13.21 30.45
N GLN L 278 -29.24 -13.26 29.64
CA GLN L 278 -30.41 -12.39 29.77
C GLN L 278 -31.71 -13.14 29.45
N GLU L 284 -36.39 -16.60 28.40
CA GLU L 284 -35.73 -16.46 27.11
C GLU L 284 -36.48 -17.19 26.00
N VAL L 285 -36.25 -16.77 24.76
CA VAL L 285 -36.95 -17.32 23.59
C VAL L 285 -36.40 -18.70 23.19
N LYS L 286 -35.18 -19.01 23.62
CA LYS L 286 -34.49 -20.23 23.19
C LYS L 286 -34.11 -21.20 24.33
N ALA L 287 -34.26 -20.74 25.58
CA ALA L 287 -33.69 -21.45 26.74
C ALA L 287 -34.33 -22.80 27.10
N ALA L 288 -35.57 -23.02 26.69
CA ALA L 288 -36.32 -24.22 27.09
C ALA L 288 -36.79 -25.10 25.93
N ARG L 289 -36.02 -25.10 24.84
CA ARG L 289 -36.30 -25.92 23.66
C ARG L 289 -36.42 -27.40 24.01
N LEU L 290 -35.44 -27.89 24.76
CA LEU L 290 -35.34 -29.29 25.13
C LEU L 290 -36.38 -29.65 26.16
N MET L 291 -36.56 -28.78 27.15
CA MET L 291 -37.42 -29.06 28.30
C MET L 291 -38.91 -29.15 27.99
N GLU L 292 -39.29 -28.76 26.77
CA GLU L 292 -40.63 -29.03 26.26
C GLU L 292 -40.65 -30.42 25.62
N ARG L 293 -39.59 -30.72 24.88
CA ARG L 293 -39.39 -32.03 24.28
C ARG L 293 -38.96 -33.06 25.35
N ILE L 294 -38.54 -32.55 26.51
CA ILE L 294 -38.27 -33.37 27.69
C ILE L 294 -39.37 -33.15 28.75
N LEU L 295 -40.61 -33.03 28.28
CA LEU L 295 -41.80 -33.05 29.14
C LEU L 295 -42.97 -33.75 28.44
N TYR L 296 -42.73 -34.26 27.24
CA TYR L 296 -43.77 -34.89 26.44
C TYR L 296 -43.61 -36.40 26.25
N LEU L 297 -42.48 -36.82 25.66
CA LEU L 297 -42.22 -38.25 25.43
C LEU L 297 -41.83 -38.98 26.72
N ALA L 298 -42.67 -38.80 27.76
CA ALA L 298 -42.49 -39.44 29.06
C ALA L 298 -43.63 -39.19 30.06
N ALA L 299 -43.55 -39.83 31.22
CA ALA L 299 -44.48 -39.61 32.34
C ALA L 299 -43.73 -39.42 33.66
N PRO L 300 -43.77 -38.19 34.23
CA PRO L 300 -43.03 -37.86 35.46
C PRO L 300 -43.83 -38.01 36.77
N ILE L 301 -43.18 -38.51 37.81
CA ILE L 301 -43.85 -38.79 39.10
C ILE L 301 -43.00 -38.39 40.33
N ARG L 302 -43.65 -38.20 41.48
CA ARG L 302 -43.01 -37.70 42.71
C ARG L 302 -42.27 -38.76 43.55
N LEU L 303 -40.97 -38.92 43.30
CA LEU L 303 -40.14 -39.89 44.04
C LEU L 303 -39.56 -39.33 45.35
N ASP L 304 -40.20 -39.65 46.48
CA ASP L 304 -39.73 -39.21 47.80
C ASP L 304 -40.05 -40.18 48.95
N GLY L 305 -39.04 -40.98 49.33
CA GLY L 305 -39.20 -41.95 50.41
C GLY L 305 -38.04 -42.00 51.37
N GLU L 306 -37.72 -43.19 51.87
CA GLU L 306 -36.63 -43.38 52.83
C GLU L 306 -35.23 -43.21 52.23
N ASN L 307 -34.23 -43.15 53.10
CA ASN L 307 -32.83 -43.00 52.70
C ASN L 307 -32.25 -44.29 52.10
N ARG L 308 -32.61 -44.57 50.85
CA ARG L 308 -32.03 -45.71 50.12
C ARG L 308 -30.94 -45.26 49.13
N ARG L 309 -30.07 -44.37 49.61
CA ARG L 309 -28.86 -43.94 48.91
C ARG L 309 -27.79 -43.50 49.90
N GLN M 32 26.75 -24.61 51.84
CA GLN M 32 28.15 -24.25 51.74
C GLN M 32 29.04 -25.47 51.52
N ASP M 33 28.67 -26.60 52.13
CA ASP M 33 29.45 -27.83 51.98
C ASP M 33 29.33 -28.34 50.57
N VAL M 34 28.12 -28.24 50.05
CA VAL M 34 27.82 -28.64 48.68
C VAL M 34 28.68 -27.87 47.69
N GLN M 35 28.83 -26.56 47.91
CA GLN M 35 29.68 -25.74 47.05
C GLN M 35 31.10 -26.29 47.01
N ALA M 36 31.64 -26.55 48.19
CA ALA M 36 32.99 -27.07 48.33
C ALA M 36 33.14 -28.41 47.62
N PHE M 37 32.21 -29.32 47.87
CA PHE M 37 32.26 -30.64 47.25
C PHE M 37 32.11 -30.56 45.74
N LEU M 38 31.20 -29.70 45.30
CA LEU M 38 30.92 -29.55 43.87
C LEU M 38 32.17 -29.19 43.11
N LYS M 39 32.89 -28.18 43.57
CA LYS M 39 34.08 -27.73 42.87
C LYS M 39 35.24 -28.70 43.09
N GLU M 40 35.18 -29.44 44.19
CA GLU M 40 36.19 -30.43 44.49
C GLU M 40 36.18 -31.53 43.43
N ASN M 41 34.99 -32.00 43.11
CA ASN M 41 34.83 -33.09 42.17
C ASN M 41 34.10 -32.66 40.91
N GLU M 42 34.20 -31.37 40.57
CA GLU M 42 33.47 -30.84 39.41
C GLU M 42 34.00 -31.40 38.10
N GLU M 43 35.21 -31.95 38.14
CA GLU M 43 35.78 -32.61 36.97
C GLU M 43 35.09 -33.95 36.74
N VAL M 44 34.58 -34.52 37.82
CA VAL M 44 33.96 -35.83 37.77
C VAL M 44 32.44 -35.73 37.69
N ILE M 45 31.88 -34.84 38.49
CA ILE M 45 30.43 -34.63 38.50
C ILE M 45 29.94 -34.01 37.20
N ASP M 46 30.54 -32.88 36.82
CA ASP M 46 30.17 -32.19 35.59
C ASP M 46 29.18 -31.06 35.87
N GLN M 47 28.29 -30.81 34.92
CA GLN M 47 27.30 -29.74 35.06
C GLN M 47 25.90 -30.26 34.74
N LYS M 48 25.79 -31.03 33.66
CA LYS M 48 24.51 -31.59 33.24
C LYS M 48 23.65 -31.95 34.45
N MET M 49 23.92 -33.12 35.04
CA MET M 49 23.18 -33.58 36.19
C MET M 49 22.78 -32.42 37.08
N ILE M 50 23.69 -31.45 37.21
CA ILE M 50 23.43 -30.25 38.00
C ILE M 50 22.26 -29.46 37.41
N GLU M 51 22.27 -29.26 36.10
CA GLU M 51 21.22 -28.50 35.43
C GLU M 51 19.91 -29.28 35.41
N LYS M 52 19.99 -30.60 35.36
CA LYS M 52 18.79 -31.43 35.42
C LYS M 52 18.17 -31.40 36.81
N SER M 53 19.01 -31.49 37.83
CA SER M 53 18.54 -31.48 39.21
C SER M 53 18.56 -30.06 39.77
N LEU M 54 18.58 -29.08 38.87
CA LEU M 54 18.61 -27.67 39.23
C LEU M 54 17.51 -27.33 40.22
N ASN M 55 16.30 -27.71 39.86
CA ASN M 55 15.12 -27.47 40.69
C ASN M 55 15.34 -27.98 42.09
N LYS M 56 15.89 -29.19 42.20
CA LYS M 56 16.16 -29.81 43.48
C LYS M 56 17.19 -29.01 44.27
N LEU M 57 18.33 -28.75 43.65
CA LEU M 57 19.43 -28.05 44.32
C LEU M 57 19.03 -26.62 44.70
N TYR M 58 18.20 -26.00 43.89
CA TYR M 58 17.74 -24.65 44.18
C TYR M 58 16.73 -24.67 45.31
N GLU M 59 15.83 -25.65 45.30
CA GLU M 59 14.84 -25.80 46.36
C GLU M 59 15.55 -26.17 47.67
N TYR M 60 16.65 -26.90 47.53
CA TYR M 60 17.48 -27.32 48.65
C TYR M 60 18.02 -26.10 49.42
N ILE M 61 18.62 -25.18 48.70
CA ILE M 61 19.24 -24.01 49.31
C ILE M 61 18.21 -22.99 49.78
N GLU M 62 17.06 -22.97 49.11
CA GLU M 62 16.03 -21.99 49.38
C GLU M 62 15.30 -22.30 50.70
N GLN M 63 15.19 -23.58 51.03
CA GLN M 63 14.48 -24.00 52.25
C GLN M 63 15.38 -23.87 53.47
N SER M 64 14.74 -24.18 54.64
CA SER M 64 15.46 -24.14 55.91
C SER M 64 16.53 -25.22 55.97
N LYS M 65 17.78 -24.81 56.06
CA LYS M 65 18.89 -25.74 56.17
C LYS M 65 18.94 -26.33 57.59
N ASN M 66 18.44 -25.56 58.54
CA ASN M 66 18.40 -25.99 59.92
C ASN M 66 16.98 -26.44 60.28
N CYS M 67 16.66 -26.49 61.57
CA CYS M 67 15.32 -26.84 61.99
C CYS M 67 15.04 -26.24 63.35
N SER M 68 13.77 -26.08 63.68
CA SER M 68 13.39 -25.37 64.90
C SER M 68 13.54 -26.27 66.11
N TYR M 69 13.78 -27.55 65.87
CA TYR M 69 14.07 -28.51 66.94
C TYR M 69 15.45 -28.21 67.55
N CYS M 70 16.22 -27.37 66.88
CA CYS M 70 17.52 -26.96 67.39
C CYS M 70 17.64 -25.44 67.46
N GLY M 82 12.20 -31.33 62.94
CA GLY M 82 12.92 -32.34 63.67
C GLY M 82 13.99 -32.98 62.81
N TYR M 83 13.98 -32.66 61.52
CA TYR M 83 14.94 -33.18 60.57
C TYR M 83 15.64 -32.04 59.85
N HIS M 84 16.68 -32.38 59.07
CA HIS M 84 17.34 -31.43 58.18
C HIS M 84 17.46 -32.05 56.80
N PRO M 85 17.40 -31.23 55.75
CA PRO M 85 17.55 -31.70 54.37
C PRO M 85 19.00 -31.99 54.00
N LYS M 86 19.24 -33.12 53.35
CA LYS M 86 20.54 -33.44 52.81
C LYS M 86 20.39 -34.03 51.41
N LEU M 87 21.35 -33.75 50.56
CA LEU M 87 21.31 -34.23 49.18
C LEU M 87 21.78 -35.67 49.11
N VAL M 88 21.15 -36.45 48.24
CA VAL M 88 21.55 -37.83 48.01
C VAL M 88 21.45 -38.15 46.51
N VAL M 89 22.41 -38.91 46.00
CA VAL M 89 22.39 -39.28 44.60
C VAL M 89 21.69 -40.63 44.41
N ASN M 90 20.56 -40.59 43.72
CA ASN M 90 19.79 -41.79 43.47
C ASN M 90 19.75 -42.07 41.97
N GLY M 91 20.63 -42.94 41.52
CA GLY M 91 20.72 -43.24 40.12
C GLY M 91 21.29 -42.06 39.33
N ARG M 92 20.47 -41.46 38.49
CA ARG M 92 20.91 -40.35 37.67
C ARG M 92 20.33 -39.03 38.17
N SER M 93 19.57 -39.11 39.25
CA SER M 93 18.92 -37.93 39.81
C SER M 93 19.35 -37.70 41.25
N ILE M 94 19.42 -36.45 41.66
CA ILE M 94 19.79 -36.09 43.02
C ILE M 94 18.55 -35.69 43.81
N ASP M 95 18.33 -36.36 44.93
CA ASP M 95 17.14 -36.15 45.73
C ASP M 95 17.48 -35.45 47.03
N ILE M 96 16.44 -35.17 47.81
CA ILE M 96 16.60 -34.47 49.07
C ILE M 96 15.95 -35.26 50.20
N GLU M 97 16.77 -35.89 51.02
CA GLU M 97 16.29 -36.69 52.12
C GLU M 97 16.50 -35.95 53.43
N TYR M 98 15.64 -36.23 54.39
CA TYR M 98 15.72 -35.60 55.69
C TYR M 98 16.37 -36.55 56.70
N TYR M 99 17.41 -36.06 57.37
CA TYR M 99 18.01 -36.81 58.46
C TYR M 99 17.60 -36.15 59.77
N GLU M 100 17.40 -36.97 60.80
CA GLU M 100 16.95 -36.44 62.08
C GLU M 100 17.98 -35.49 62.67
N CYS M 101 17.50 -34.40 63.24
CA CYS M 101 18.35 -33.42 63.90
C CYS M 101 19.16 -34.09 65.01
N LYS M 112 -12.12 -43.12 71.28
CA LYS M 112 -13.36 -43.58 70.58
C LYS M 112 -13.06 -44.07 69.15
N GLN M 113 -11.82 -43.87 68.70
CA GLN M 113 -11.47 -44.09 67.28
C GLN M 113 -10.01 -44.54 67.03
N GLN M 114 -9.74 -45.83 67.27
CA GLN M 114 -8.39 -46.40 67.09
C GLN M 114 -8.41 -47.80 66.49
N SER M 115 -9.43 -48.59 66.87
CA SER M 115 -9.73 -49.84 66.17
C SER M 115 -10.76 -49.57 65.07
N LEU M 116 -11.39 -48.40 65.14
CA LEU M 116 -12.21 -47.88 64.05
C LEU M 116 -11.31 -47.35 62.93
N MET M 117 -10.35 -46.51 63.31
CA MET M 117 -9.38 -45.95 62.36
C MET M 117 -8.34 -46.99 61.95
N LYS M 118 -8.40 -47.41 60.69
CA LYS M 118 -7.44 -48.34 60.10
C LYS M 118 -7.12 -47.94 58.66
N SER M 119 -6.32 -46.89 58.52
CA SER M 119 -5.97 -46.31 57.23
C SER M 119 -4.86 -47.07 56.52
N MET M 120 -5.12 -47.41 55.26
CA MET M 120 -4.21 -48.23 54.46
C MET M 120 -3.09 -47.39 53.83
N TYR M 121 -1.98 -48.06 53.49
CA TYR M 121 -0.77 -47.42 52.95
C TYR M 121 -0.17 -46.29 53.79
N ILE M 122 -0.84 -45.94 54.89
CA ILE M 122 -0.33 -44.95 55.85
C ILE M 122 -0.38 -45.50 57.27
N GLN M 123 0.36 -44.87 58.18
CA GLN M 123 0.40 -45.29 59.59
C GLN M 123 -0.74 -44.73 60.43
N GLN M 124 -0.78 -45.14 61.71
CA GLN M 124 -1.65 -44.54 62.72
C GLN M 124 -0.91 -43.49 63.54
N ASP M 125 0.41 -43.38 63.33
CA ASP M 125 1.23 -42.33 63.95
C ASP M 125 1.15 -41.01 63.18
N LEU M 126 0.35 -41.01 62.10
CA LEU M 126 0.15 -39.83 61.25
C LEU M 126 -1.22 -39.18 61.49
N LEU M 127 -2.17 -39.95 62.02
CA LEU M 127 -3.52 -39.48 62.28
C LEU M 127 -3.74 -39.19 63.76
N GLY M 128 -3.37 -38.00 64.19
CA GLY M 128 -3.51 -37.59 65.59
C GLY M 128 -3.54 -36.09 65.78
N ALA M 129 -3.96 -35.38 64.74
CA ALA M 129 -4.09 -33.92 64.79
C ALA M 129 -5.54 -33.49 64.68
N THR M 130 -5.92 -32.47 65.44
CA THR M 130 -7.27 -31.92 65.37
C THR M 130 -7.25 -30.57 64.66
N PHE M 131 -8.19 -29.70 65.00
CA PHE M 131 -8.19 -28.33 64.49
C PHE M 131 -7.93 -27.31 65.60
N GLN M 132 -8.24 -27.68 66.84
CA GLN M 132 -7.90 -26.83 67.98
C GLN M 132 -6.42 -26.96 68.37
N GLN M 133 -5.70 -27.81 67.62
CA GLN M 133 -4.25 -27.90 67.70
C GLN M 133 -3.58 -27.04 66.63
N VAL M 134 -4.40 -26.44 65.74
CA VAL M 134 -3.91 -25.71 64.57
C VAL M 134 -3.88 -24.19 64.76
N ASP M 135 -2.71 -23.59 64.53
CA ASP M 135 -2.47 -22.16 64.73
C ASP M 135 -3.04 -21.27 63.63
N ILE M 136 -3.27 -19.99 63.97
CA ILE M 136 -3.72 -18.97 63.02
C ILE M 136 -3.01 -17.62 63.22
N SER M 137 -1.78 -17.56 62.71
CA SER M 137 -1.10 -16.30 62.43
C SER M 137 -0.63 -16.36 60.98
N ASP M 138 -0.65 -17.58 60.41
CA ASP M 138 -0.42 -17.83 58.99
C ASP M 138 -1.70 -17.59 58.18
N PRO M 139 -1.57 -17.36 56.85
CA PRO M 139 -2.77 -17.17 56.02
C PRO M 139 -3.27 -18.44 55.31
N SER M 140 -3.08 -19.59 55.94
CA SER M 140 -3.45 -20.88 55.32
C SER M 140 -4.30 -21.78 56.22
N ARG M 141 -4.00 -21.76 57.51
CA ARG M 141 -4.54 -22.73 58.45
C ARG M 141 -6.00 -22.48 58.85
N LEU M 142 -6.43 -21.22 58.82
CA LEU M 142 -7.82 -20.84 59.12
C LEU M 142 -8.78 -21.16 57.98
N ALA M 143 -8.29 -21.12 56.74
CA ALA M 143 -9.13 -21.46 55.58
C ALA M 143 -9.85 -22.78 55.81
N MET M 144 -9.10 -23.76 56.32
CA MET M 144 -9.62 -25.08 56.67
C MET M 144 -10.68 -25.03 57.77
N PHE M 145 -10.48 -24.14 58.74
CA PHE M 145 -11.41 -23.94 59.86
C PHE M 145 -12.83 -23.60 59.38
N GLN M 146 -12.91 -22.70 58.40
CA GLN M 146 -14.20 -22.23 57.85
C GLN M 146 -14.80 -23.22 56.86
N HIS M 147 -13.95 -24.01 56.23
CA HIS M 147 -14.35 -24.87 55.12
C HIS M 147 -15.20 -26.07 55.52
N VAL M 148 -14.71 -26.89 56.45
CA VAL M 148 -15.29 -28.21 56.71
C VAL M 148 -16.60 -28.21 57.52
N THR M 149 -16.81 -27.19 58.37
CA THR M 149 -18.05 -27.06 59.15
C THR M 149 -19.27 -26.82 58.26
N ASP M 150 -19.05 -26.07 57.17
CA ASP M 150 -20.09 -25.82 56.17
C ASP M 150 -20.36 -27.09 55.35
N PHE M 151 -19.51 -28.09 55.56
CA PHE M 151 -19.67 -29.41 54.95
C PHE M 151 -19.94 -30.47 56.02
N LEU M 152 -20.16 -30.00 57.24
CA LEU M 152 -20.80 -30.80 58.30
C LEU M 152 -22.31 -30.60 58.19
N LYS M 153 -22.75 -29.87 57.16
CA LYS M 153 -24.13 -29.35 57.12
C LYS M 153 -24.89 -29.50 55.79
N SER M 154 -24.24 -29.25 54.66
CA SER M 154 -24.92 -29.36 53.35
C SER M 154 -25.13 -30.82 52.88
N TYR M 155 -24.52 -31.77 53.61
CA TYR M 155 -24.61 -33.19 53.29
C TYR M 155 -25.31 -33.98 54.42
N ASN M 156 -26.55 -34.43 54.15
CA ASN M 156 -27.27 -35.34 55.04
C ASN M 156 -27.50 -36.71 54.39
N GLU M 157 -26.38 -37.41 54.11
CA GLU M 157 -26.36 -38.65 53.32
C GLU M 157 -26.65 -38.38 51.82
N THR M 158 -25.60 -38.50 50.99
CA THR M 158 -25.58 -38.11 49.56
C THR M 158 -25.69 -36.59 49.33
N GLY M 159 -24.62 -35.99 48.80
CA GLY M 159 -24.53 -34.54 48.63
C GLY M 159 -23.92 -34.02 47.33
N LYS M 160 -22.92 -34.72 46.81
CA LYS M 160 -22.27 -34.41 45.52
C LYS M 160 -21.67 -33.00 45.42
N GLY M 161 -21.05 -32.54 46.51
CA GLY M 161 -20.63 -31.14 46.63
C GLY M 161 -19.24 -30.77 46.15
N LYS M 162 -18.55 -29.96 46.95
CA LYS M 162 -17.24 -29.40 46.60
C LYS M 162 -16.04 -30.10 47.28
N GLY M 163 -14.88 -29.44 47.27
CA GLY M 163 -13.65 -29.97 47.88
C GLY M 163 -12.64 -28.88 48.23
N LEU M 164 -11.42 -29.29 48.60
CA LEU M 164 -10.39 -28.36 49.08
C LEU M 164 -9.04 -28.57 48.41
N TYR M 165 -8.29 -27.48 48.21
CA TYR M 165 -7.00 -27.54 47.51
C TYR M 165 -5.80 -26.94 48.25
N LEU M 166 -5.07 -27.79 48.99
CA LEU M 166 -3.81 -27.39 49.61
C LEU M 166 -2.63 -27.79 48.72
N TYR M 167 -2.07 -26.83 47.99
CA TYR M 167 -1.00 -27.09 47.04
C TYR M 167 0.08 -26.00 47.08
N GLY M 168 1.35 -26.42 47.01
CA GLY M 168 2.46 -25.47 46.97
C GLY M 168 3.77 -25.94 47.58
N LYS M 169 4.20 -25.25 48.63
CA LYS M 169 5.48 -25.47 49.29
C LYS M 169 5.58 -26.81 50.04
N PHE M 170 6.70 -27.01 50.74
CA PHE M 170 6.93 -28.19 51.56
C PHE M 170 7.31 -27.84 53.01
N GLY M 171 6.28 -27.79 53.87
CA GLY M 171 6.46 -27.45 55.29
C GLY M 171 5.19 -27.42 56.12
N VAL M 172 4.07 -27.10 55.48
CA VAL M 172 2.75 -27.00 56.13
C VAL M 172 2.30 -28.34 56.73
N GLY M 173 2.56 -29.42 55.99
CA GLY M 173 2.07 -30.74 56.37
C GLY M 173 0.62 -30.84 55.93
N LYS M 174 0.41 -31.33 54.72
CA LYS M 174 -0.91 -31.44 54.12
C LYS M 174 -1.57 -32.80 54.39
N THR M 175 -0.99 -33.55 55.33
CA THR M 175 -1.55 -34.82 55.78
C THR M 175 -1.89 -34.78 57.28
N PHE M 176 -1.35 -33.80 58.00
CA PHE M 176 -1.70 -33.53 59.39
C PHE M 176 -2.94 -32.64 59.43
N MET M 177 -3.04 -31.74 58.44
CA MET M 177 -4.22 -30.92 58.23
C MET M 177 -5.39 -31.79 57.75
N LEU M 178 -5.06 -32.80 56.95
CA LEU M 178 -6.05 -33.80 56.51
C LEU M 178 -6.30 -34.87 57.58
N ALA M 179 -5.29 -35.15 58.39
CA ALA M 179 -5.46 -35.99 59.57
C ALA M 179 -6.17 -35.18 60.65
N ALA M 180 -7.34 -34.65 60.29
CA ALA M 180 -8.19 -33.86 61.18
C ALA M 180 -9.64 -34.02 60.75
N ILE M 181 -9.86 -34.03 59.43
CA ILE M 181 -11.12 -34.46 58.84
C ILE M 181 -11.21 -35.98 59.03
N ALA M 182 -10.07 -36.65 58.88
CA ALA M 182 -9.91 -38.06 59.23
C ALA M 182 -10.06 -38.29 60.74
N ASN M 183 -9.65 -37.30 61.53
CA ASN M 183 -9.69 -37.39 62.99
C ASN M 183 -11.07 -37.43 63.63
N GLU M 184 -11.98 -36.56 63.18
CA GLU M 184 -13.32 -36.50 63.77
C GLU M 184 -14.48 -36.70 62.79
N LEU M 185 -14.33 -37.71 61.95
CA LEU M 185 -15.45 -38.32 61.25
C LEU M 185 -15.56 -39.78 61.72
N ALA M 186 -14.91 -40.05 62.86
CA ALA M 186 -14.82 -41.38 63.43
C ALA M 186 -15.31 -41.46 64.87
N GLU M 187 -15.68 -40.32 65.45
CA GLU M 187 -16.47 -40.30 66.69
C GLU M 187 -17.82 -40.93 66.35
N LYS M 188 -18.17 -40.81 65.08
CA LYS M 188 -19.34 -41.44 64.49
C LYS M 188 -19.00 -42.87 64.09
N GLU M 189 -19.91 -43.52 63.36
CA GLU M 189 -19.72 -44.89 62.88
C GLU M 189 -19.23 -44.91 61.43
N TYR M 190 -18.74 -43.75 60.98
CA TYR M 190 -18.33 -43.55 59.57
C TYR M 190 -16.85 -43.14 59.49
N SER M 191 -16.45 -42.42 58.44
CA SER M 191 -15.01 -42.19 58.18
C SER M 191 -14.63 -40.96 57.34
N SER M 192 -13.32 -40.82 57.13
CA SER M 192 -12.69 -39.87 56.20
C SER M 192 -11.26 -40.31 55.90
N MET M 193 -11.16 -41.48 55.27
CA MET M 193 -9.91 -42.23 55.08
C MET M 193 -8.72 -41.47 54.52
N ILE M 194 -7.52 -41.88 54.92
CA ILE M 194 -6.26 -41.36 54.36
C ILE M 194 -5.32 -42.47 53.88
N VAL M 195 -5.10 -42.49 52.56
CA VAL M 195 -4.20 -43.44 51.90
C VAL M 195 -3.29 -42.65 50.96
N TYR M 196 -2.00 -42.96 50.98
CA TYR M 196 -1.02 -42.24 50.14
C TYR M 196 -1.16 -42.57 48.64
N VAL M 197 -0.67 -41.66 47.79
CA VAL M 197 -0.82 -41.78 46.33
C VAL M 197 0.29 -42.56 45.58
N PRO M 198 1.59 -42.25 45.85
CA PRO M 198 2.68 -43.04 45.25
C PRO M 198 2.67 -44.54 45.57
N GLU M 199 2.02 -44.92 46.67
CA GLU M 199 1.90 -46.33 47.05
C GLU M 199 0.93 -47.12 46.15
N PHE M 200 0.10 -46.40 45.41
CA PHE M 200 -0.71 -47.00 44.34
C PHE M 200 0.14 -47.21 43.09
N VAL M 201 1.42 -46.85 43.16
CA VAL M 201 2.39 -47.15 42.11
C VAL M 201 3.64 -47.81 42.72
N ARG M 202 3.67 -47.96 44.04
CA ARG M 202 4.78 -48.67 44.73
C ARG M 202 4.57 -50.18 44.85
N GLU M 203 3.33 -50.61 45.07
CA GLU M 203 3.00 -52.04 45.05
C GLU M 203 1.92 -52.37 43.99
N LEU M 204 1.93 -51.63 42.88
CA LEU M 204 0.93 -51.80 41.82
C LEU M 204 1.45 -51.65 40.38
N LYS M 205 2.53 -52.37 40.07
CA LYS M 205 3.03 -52.56 38.69
C LYS M 205 3.77 -53.90 38.53
N ASN M 206 4.28 -54.44 39.63
CA ASN M 206 4.85 -55.79 39.66
C ASN M 206 3.78 -56.86 39.70
N SER M 207 2.69 -56.56 40.43
CA SER M 207 1.60 -57.51 40.65
C SER M 207 0.35 -57.18 39.83
N LEU M 208 0.43 -57.45 38.53
CA LEU M 208 -0.73 -57.34 37.64
C LEU M 208 -1.11 -58.70 37.05
N GLN M 209 -0.87 -59.75 37.83
CA GLN M 209 -1.25 -61.12 37.45
C GLN M 209 -2.75 -61.34 37.65
N ASP M 210 -3.51 -60.31 37.27
CA ASP M 210 -4.97 -60.21 37.47
C ASP M 210 -5.37 -60.08 38.95
N GLN M 211 -6.34 -59.18 39.20
CA GLN M 211 -6.86 -58.91 40.55
C GLN M 211 -5.81 -58.25 41.46
N THR M 212 -5.43 -58.97 42.53
CA THR M 212 -4.46 -58.52 43.55
C THR M 212 -4.83 -57.19 44.21
N LEU M 213 -4.45 -56.10 43.57
CA LEU M 213 -4.85 -54.78 44.02
C LEU M 213 -5.74 -54.10 42.98
N GLU M 214 -6.54 -54.93 42.31
CA GLU M 214 -7.73 -54.50 41.58
C GLU M 214 -8.93 -54.88 42.43
N GLU M 215 -8.67 -55.42 43.61
CA GLU M 215 -9.71 -56.03 44.46
C GLU M 215 -9.58 -55.70 45.96
N LYS M 216 -8.63 -54.83 46.30
CA LYS M 216 -8.55 -54.24 47.65
C LYS M 216 -8.87 -52.75 47.60
N LEU M 217 -8.93 -52.21 46.39
CA LEU M 217 -9.46 -50.86 46.13
C LEU M 217 -10.98 -50.89 45.92
N ASN M 218 -11.54 -52.09 45.76
CA ASN M 218 -12.99 -52.29 45.57
C ASN M 218 -13.84 -51.78 46.74
N MET M 219 -13.28 -51.84 47.96
CA MET M 219 -13.98 -51.40 49.18
C MET M 219 -13.43 -50.07 49.73
N VAL M 220 -12.22 -49.71 49.32
CA VAL M 220 -11.65 -48.38 49.58
C VAL M 220 -12.31 -47.37 48.62
N LYS M 221 -13.30 -47.84 47.86
CA LYS M 221 -14.14 -46.99 47.01
C LYS M 221 -15.62 -47.11 47.40
N THR M 222 -15.87 -47.41 48.68
CA THR M 222 -17.23 -47.39 49.24
C THR M 222 -17.26 -46.60 50.56
N THR M 223 -16.26 -45.75 50.76
CA THR M 223 -16.23 -44.80 51.88
C THR M 223 -16.37 -43.35 51.36
N PRO M 224 -17.34 -42.60 51.93
CA PRO M 224 -17.67 -41.28 51.39
C PRO M 224 -16.51 -40.28 51.40
N VAL M 225 -16.05 -39.92 52.59
CA VAL M 225 -15.08 -38.83 52.77
C VAL M 225 -13.64 -39.29 52.49
N LEU M 226 -13.46 -39.97 51.37
CA LEU M 226 -12.13 -40.40 50.93
C LEU M 226 -11.34 -39.24 50.35
N MET M 227 -10.08 -39.15 50.76
CA MET M 227 -9.21 -38.02 50.43
C MET M 227 -8.01 -38.50 49.59
N LEU M 228 -7.71 -37.80 48.49
CA LEU M 228 -6.60 -38.17 47.60
C LEU M 228 -5.35 -37.30 47.80
N ASP M 229 -4.19 -37.95 47.83
CA ASP M 229 -2.92 -37.31 48.19
C ASP M 229 -1.95 -37.05 47.02
N ASP M 230 -0.66 -37.17 47.31
CA ASP M 230 0.44 -36.62 46.49
C ASP M 230 0.48 -36.99 45.00
N ILE M 231 -0.47 -36.42 44.25
CA ILE M 231 -0.48 -36.49 42.79
C ILE M 231 0.38 -35.32 42.31
N GLY M 232 1.56 -35.63 41.79
CA GLY M 232 2.51 -34.62 41.31
C GLY M 232 3.91 -34.87 41.84
N ALA M 233 4.84 -35.12 40.90
CA ALA M 233 6.24 -35.51 41.21
C ALA M 233 6.38 -36.59 42.29
N GLU M 234 5.33 -37.40 42.48
CA GLU M 234 5.37 -38.55 43.39
C GLU M 234 4.77 -39.82 42.78
N SER M 235 3.86 -39.66 41.82
CA SER M 235 3.21 -40.80 41.16
C SER M 235 3.24 -40.65 39.64
N THR M 237 4.35 -44.43 36.61
CA THR M 237 4.82 -43.36 35.73
C THR M 237 3.69 -42.76 34.87
N SER M 238 3.01 -43.61 34.09
CA SER M 238 1.85 -43.19 33.28
C SER M 238 0.98 -44.33 32.70
N TRP M 239 1.12 -45.56 33.22
CA TRP M 239 0.25 -46.68 32.86
C TRP M 239 -1.07 -46.65 33.63
N VAL M 240 -1.08 -45.93 34.76
CA VAL M 240 -2.09 -46.06 35.81
C VAL M 240 -3.38 -45.23 35.59
N ARG M 241 -3.26 -44.08 34.91
CA ARG M 241 -4.32 -43.07 34.86
C ARG M 241 -5.61 -43.44 34.11
N ASP M 242 -5.50 -44.39 33.17
CA ASP M 242 -6.67 -44.84 32.41
C ASP M 242 -7.08 -46.28 32.79
N GLU M 243 -6.72 -46.68 34.02
CA GLU M 243 -7.01 -48.02 34.54
C GLU M 243 -7.29 -47.98 36.05
N VAL M 244 -6.76 -46.95 36.74
CA VAL M 244 -7.03 -46.72 38.16
C VAL M 244 -7.63 -45.32 38.43
N ILE M 245 -6.84 -44.25 38.28
CA ILE M 245 -7.31 -42.87 38.59
C ILE M 245 -8.23 -42.28 37.51
N GLY M 246 -8.54 -43.10 36.49
CA GLY M 246 -9.66 -42.85 35.60
C GLY M 246 -10.90 -43.53 36.16
N THR M 247 -10.72 -44.76 36.64
CA THR M 247 -11.81 -45.56 37.23
C THR M 247 -12.00 -45.36 38.75
N VAL M 248 -11.30 -44.38 39.30
CA VAL M 248 -11.45 -44.00 40.72
C VAL M 248 -12.63 -43.05 40.92
N LEU M 249 -12.80 -42.12 39.98
CA LEU M 249 -13.76 -41.02 40.11
C LEU M 249 -15.05 -41.20 39.28
N GLN M 250 -15.38 -42.44 38.97
CA GLN M 250 -16.55 -42.76 38.15
C GLN M 250 -17.64 -43.49 38.92
N HIS M 251 -17.23 -44.51 39.68
CA HIS M 251 -18.16 -45.39 40.37
C HIS M 251 -18.70 -44.78 41.65
N ARG M 252 -17.98 -43.79 42.15
CA ARG M 252 -18.49 -42.92 43.22
C ARG M 252 -19.43 -41.87 42.62
N MET M 253 -19.10 -41.43 41.41
CA MET M 253 -19.94 -40.47 40.67
C MET M 253 -20.98 -41.17 39.79
N SER M 254 -21.05 -42.50 39.89
CA SER M 254 -22.12 -43.28 39.25
C SER M 254 -23.39 -43.17 40.07
N GLN M 255 -23.25 -42.60 41.26
CA GLN M 255 -24.38 -42.19 42.09
C GLN M 255 -24.15 -40.77 42.62
N GLN M 256 -23.01 -40.18 42.24
CA GLN M 256 -22.58 -38.83 42.65
C GLN M 256 -22.30 -38.65 44.15
N LEU M 257 -21.09 -38.18 44.47
CA LEU M 257 -20.63 -37.94 45.84
C LEU M 257 -19.58 -36.82 45.89
N PRO M 258 -19.08 -36.47 47.09
CA PRO M 258 -17.93 -35.57 47.17
C PRO M 258 -16.60 -36.28 47.44
N THR M 259 -15.60 -36.00 46.60
CA THR M 259 -14.23 -36.53 46.76
C THR M 259 -13.22 -35.39 46.95
N PHE M 260 -12.01 -35.73 47.38
CA PHE M 260 -11.00 -34.73 47.74
C PHE M 260 -9.66 -34.94 47.02
N PHE M 261 -8.91 -33.84 46.83
CA PHE M 261 -7.58 -33.87 46.23
C PHE M 261 -6.68 -32.82 46.86
N SER M 262 -5.62 -33.26 47.56
CA SER M 262 -4.62 -32.34 48.09
C SER M 262 -3.23 -32.97 48.05
N SER M 263 -2.35 -32.34 47.30
CA SER M 263 -1.00 -32.84 47.08
C SER M 263 0.03 -31.72 47.30
N ASN M 264 0.70 -31.32 46.22
CA ASN M 264 1.71 -30.27 46.26
C ASN M 264 1.77 -29.42 44.98
N PHE M 265 1.48 -30.03 43.83
CA PHE M 265 1.51 -29.35 42.52
C PHE M 265 0.14 -28.76 42.12
N SER M 266 0.13 -27.47 41.76
CA SER M 266 -1.10 -26.68 41.58
C SER M 266 -2.07 -27.15 40.47
N PRO M 267 -3.34 -26.64 40.48
CA PRO M 267 -4.41 -26.99 39.53
C PRO M 267 -4.08 -26.80 38.05
N ASP M 268 -3.77 -25.56 37.67
CA ASP M 268 -3.33 -25.25 36.31
C ASP M 268 -1.89 -25.77 36.10
N GLU M 269 -1.56 -26.83 36.82
CA GLU M 269 -0.27 -27.52 36.71
C GLU M 269 -0.38 -29.03 36.94
N LEU M 270 -1.38 -29.47 37.72
CA LEU M 270 -1.61 -30.90 37.93
C LEU M 270 -2.13 -31.64 36.71
N LYS M 271 -2.76 -30.90 35.80
CA LYS M 271 -3.17 -31.42 34.51
C LYS M 271 -1.97 -31.69 33.58
N HIS M 272 -0.82 -31.13 33.93
CA HIS M 272 0.37 -31.16 33.06
C HIS M 272 1.53 -32.05 33.55
N HIS M 273 1.59 -32.32 34.85
CA HIS M 273 2.68 -33.11 35.45
C HIS M 273 2.66 -34.60 35.08
N PHE M 274 1.69 -35.00 34.24
CA PHE M 274 1.54 -36.40 33.87
C PHE M 274 1.32 -36.59 32.37
N THR M 275 2.38 -36.32 31.62
CA THR M 275 2.51 -36.70 30.22
C THR M 275 3.91 -37.29 30.08
N TYR M 276 4.32 -38.09 31.06
CA TYR M 276 5.68 -38.63 31.19
C TYR M 276 6.10 -39.52 30.01
N GLU M 281 -1.90 -31.65 20.98
CA GLU M 281 -1.27 -32.81 21.59
C GLU M 281 -2.22 -34.01 21.66
N LYS M 282 -1.65 -35.21 21.79
CA LYS M 282 -2.40 -36.39 22.18
C LYS M 282 -1.76 -37.03 23.41
N GLU M 283 -1.43 -36.16 24.37
CA GLU M 283 -0.83 -36.53 25.65
C GLU M 283 -1.33 -35.59 26.77
N GLU M 284 -1.42 -34.29 26.45
CA GLU M 284 -1.96 -33.26 27.35
C GLU M 284 -3.49 -33.37 27.46
N VAL M 285 -4.11 -33.93 26.42
CA VAL M 285 -5.57 -34.04 26.32
C VAL M 285 -6.08 -35.27 27.07
N LYS M 286 -5.28 -36.33 27.08
CA LYS M 286 -5.52 -37.51 27.90
C LYS M 286 -5.22 -37.18 29.36
N ALA M 287 -4.55 -36.03 29.55
CA ALA M 287 -4.40 -35.38 30.84
C ALA M 287 -5.36 -34.18 30.92
N ALA M 288 -6.56 -34.36 30.35
CA ALA M 288 -7.62 -33.34 30.35
C ALA M 288 -9.03 -33.93 30.18
N ARG M 289 -9.24 -35.17 30.64
CA ARG M 289 -10.54 -35.83 30.60
C ARG M 289 -10.86 -36.48 31.94
N LEU M 290 -9.99 -37.40 32.34
CA LEU M 290 -10.07 -38.12 33.62
C LEU M 290 -9.79 -37.16 34.77
N MET M 291 -9.05 -36.10 34.48
CA MET M 291 -8.77 -35.03 35.43
C MET M 291 -9.86 -33.96 35.39
N GLU M 292 -10.70 -34.02 34.35
CA GLU M 292 -11.91 -33.20 34.30
C GLU M 292 -12.99 -33.84 35.18
N ARG M 293 -12.53 -34.33 36.33
CA ARG M 293 -13.35 -34.92 37.39
C ARG M 293 -12.56 -34.81 38.70
N ILE M 294 -11.54 -33.96 38.67
CA ILE M 294 -10.72 -33.64 39.84
C ILE M 294 -10.81 -32.13 40.08
N LEU M 295 -10.68 -31.36 39.00
CA LEU M 295 -10.93 -29.92 39.01
C LEU M 295 -12.43 -29.63 38.85
N TYR M 296 -13.18 -30.69 38.53
CA TYR M 296 -14.63 -30.66 38.48
C TYR M 296 -15.20 -31.02 39.85
N LEU M 297 -14.32 -31.51 40.74
CA LEU M 297 -14.70 -31.94 42.09
C LEU M 297 -13.68 -31.55 43.17
N ALA M 298 -13.43 -30.25 43.30
CA ALA M 298 -12.63 -29.64 44.39
C ALA M 298 -12.36 -28.14 44.21
N ALA M 299 -12.46 -27.37 45.30
CA ALA M 299 -12.26 -25.91 45.27
C ALA M 299 -10.97 -25.48 46.00
N PRO M 300 -10.16 -24.62 45.35
CA PRO M 300 -8.80 -24.33 45.82
C PRO M 300 -8.70 -23.57 47.14
N ILE M 301 -7.65 -23.89 47.92
CA ILE M 301 -7.24 -23.10 49.07
C ILE M 301 -5.98 -22.34 48.68
N ARG M 302 -5.83 -21.11 49.20
CA ARG M 302 -4.85 -20.15 48.72
C ARG M 302 -3.71 -19.87 49.71
N LEU M 303 -2.53 -20.43 49.43
CA LEU M 303 -1.34 -20.20 50.26
C LEU M 303 -0.76 -18.81 50.00
N ASP M 304 -1.31 -17.83 50.70
CA ASP M 304 -0.83 -16.45 50.64
C ASP M 304 0.44 -16.28 51.48
N GLN N 32 36.15 -19.85 33.19
CA GLN N 32 36.77 -19.21 34.34
C GLN N 32 35.83 -18.19 34.98
N ASP N 33 35.05 -17.51 34.16
CA ASP N 33 34.11 -16.49 34.67
C ASP N 33 33.01 -17.17 35.45
N VAL N 34 32.57 -18.30 34.92
CA VAL N 34 31.56 -19.11 35.55
C VAL N 34 31.99 -19.54 36.95
N GLN N 35 33.25 -19.96 37.08
CA GLN N 35 33.79 -20.35 38.39
C GLN N 35 33.64 -19.21 39.38
N ALA N 36 34.08 -18.03 38.97
CA ALA N 36 34.02 -16.84 39.80
C ALA N 36 32.59 -16.53 40.21
N PHE N 37 31.68 -16.51 39.25
CA PHE N 37 30.28 -16.20 39.52
C PHE N 37 29.66 -17.25 40.43
N LEU N 38 29.97 -18.52 40.15
CA LEU N 38 29.41 -19.63 40.91
C LEU N 38 29.68 -19.47 42.39
N LYS N 39 30.94 -19.24 42.74
CA LYS N 39 31.31 -19.12 44.15
C LYS N 39 30.86 -17.78 44.73
N GLU N 40 30.69 -16.80 43.86
CA GLU N 40 30.21 -15.50 44.27
C GLU N 40 28.80 -15.60 44.82
N ASN N 41 27.95 -16.31 44.10
CA ASN N 41 26.55 -16.45 44.46
C ASN N 41 26.20 -17.89 44.83
N GLU N 42 27.19 -18.65 45.29
CA GLU N 42 26.94 -20.08 45.58
C GLU N 42 26.01 -20.26 46.77
N GLU N 43 25.86 -19.21 47.57
CA GLU N 43 24.92 -19.23 48.68
C GLU N 43 23.49 -19.14 48.16
N VAL N 44 23.34 -18.54 46.99
CA VAL N 44 22.03 -18.31 46.38
C VAL N 44 21.71 -19.37 45.34
N ILE N 45 22.70 -19.69 44.52
CA ILE N 45 22.52 -20.61 43.40
C ILE N 45 22.54 -22.06 43.86
N ASP N 46 21.69 -22.88 43.23
CA ASP N 46 21.67 -24.33 43.38
C ASP N 46 22.40 -24.87 42.17
N GLN N 47 23.60 -25.37 42.41
CA GLN N 47 24.53 -25.77 41.37
C GLN N 47 23.84 -25.96 40.03
N LYS N 48 22.73 -26.67 40.04
CA LYS N 48 21.99 -26.98 38.83
C LYS N 48 21.29 -25.74 38.28
N MET N 49 20.81 -24.89 39.17
CA MET N 49 20.23 -23.63 38.79
C MET N 49 21.23 -22.80 37.98
N ILE N 50 22.49 -22.87 38.36
CA ILE N 50 23.56 -22.18 37.64
C ILE N 50 23.67 -22.69 36.21
N GLU N 51 23.67 -24.02 36.05
CA GLU N 51 23.80 -24.62 34.73
C GLU N 51 22.54 -24.42 33.90
N LYS N 52 21.40 -24.35 34.55
CA LYS N 52 20.14 -24.07 33.86
C LYS N 52 20.09 -22.62 33.38
N SER N 53 20.51 -21.70 34.23
CA SER N 53 20.51 -20.29 33.91
C SER N 53 21.86 -19.87 33.33
N LEU N 54 22.62 -20.86 32.85
CA LEU N 54 23.94 -20.64 32.28
C LEU N 54 23.90 -19.57 31.21
N ASN N 55 22.98 -19.74 30.27
CA ASN N 55 22.80 -18.80 29.17
C ASN N 55 22.63 -17.39 29.68
N LYS N 56 21.81 -17.23 30.71
CA LYS N 56 21.56 -15.93 31.31
C LYS N 56 22.83 -15.37 31.92
N LEU N 57 23.47 -16.13 32.80
CA LEU N 57 24.66 -15.67 33.50
C LEU N 57 25.81 -15.38 32.53
N TYR N 58 25.89 -16.15 31.45
CA TYR N 58 26.93 -15.93 30.47
C TYR N 58 26.64 -14.69 29.64
N GLU N 59 25.38 -14.50 29.28
CA GLU N 59 24.95 -13.32 28.54
C GLU N 59 25.12 -12.07 29.42
N TYR N 60 24.92 -12.27 30.71
CA TYR N 60 25.08 -11.22 31.71
C TYR N 60 26.49 -10.65 31.71
N ILE N 61 27.48 -11.51 31.78
CA ILE N 61 28.88 -11.10 31.86
C ILE N 61 29.40 -10.62 30.50
N GLU N 62 28.82 -11.13 29.43
CA GLU N 62 29.28 -10.84 28.09
C GLU N 62 28.87 -9.42 27.67
N GLN N 63 27.71 -8.96 28.15
CA GLN N 63 27.22 -7.64 27.79
C GLN N 63 27.88 -6.54 28.62
N SER N 64 27.51 -5.30 28.36
CA SER N 64 28.05 -4.17 29.09
C SER N 64 27.61 -4.20 30.55
N LYS N 65 28.58 -4.33 31.44
CA LYS N 65 28.32 -4.33 32.87
C LYS N 65 28.02 -2.91 33.34
N ASN N 66 28.41 -1.91 32.55
CA ASN N 66 28.06 -0.50 32.82
C ASN N 66 26.84 0.08 32.04
N CYS N 67 26.62 1.40 32.15
CA CYS N 67 25.48 2.10 31.51
C CYS N 67 25.92 3.38 30.76
N SER N 68 25.00 4.32 30.48
CA SER N 68 25.45 5.50 29.74
C SER N 68 25.02 6.77 30.46
N TYR N 69 24.15 6.62 31.47
CA TYR N 69 23.77 7.74 32.33
C TYR N 69 24.94 8.18 33.19
N CYS N 70 25.99 7.36 33.23
CA CYS N 70 27.19 7.72 33.97
C CYS N 70 28.43 7.64 33.10
N GLY N 82 21.19 3.75 30.52
CA GLY N 82 20.74 4.41 31.72
C GLY N 82 20.57 3.44 32.87
N TYR N 83 20.68 2.15 32.55
CA TYR N 83 20.56 1.11 33.56
C TYR N 83 21.79 0.20 33.53
N HIS N 84 21.89 -0.69 34.51
CA HIS N 84 22.91 -1.73 34.52
C HIS N 84 22.24 -3.08 34.79
N PRO N 85 22.79 -4.16 34.22
CA PRO N 85 22.26 -5.51 34.44
C PRO N 85 22.67 -6.08 35.80
N LYS N 86 21.69 -6.68 36.49
CA LYS N 86 21.97 -7.39 37.73
C LYS N 86 21.19 -8.72 37.73
N LEU N 87 21.78 -9.73 38.34
CA LEU N 87 21.16 -11.04 38.40
C LEU N 87 20.12 -11.08 39.51
N VAL N 88 19.02 -11.80 39.25
CA VAL N 88 17.99 -12.01 40.25
C VAL N 88 17.47 -13.43 40.17
N VAL N 89 17.19 -14.04 41.31
CA VAL N 89 16.67 -15.39 41.34
C VAL N 89 15.14 -15.38 41.37
N ASN N 90 14.54 -15.89 40.31
CA ASN N 90 13.10 -15.95 40.19
C ASN N 90 12.64 -17.39 40.14
N GLY N 91 12.24 -17.91 41.28
CA GLY N 91 11.85 -19.30 41.36
C GLY N 91 13.03 -20.23 41.20
N ARG N 92 13.05 -20.98 40.10
CA ARG N 92 14.12 -21.93 39.85
C ARG N 92 15.06 -21.43 38.76
N SER N 93 14.78 -20.24 38.25
CA SER N 93 15.57 -19.67 37.17
C SER N 93 16.15 -18.33 37.58
N ILE N 94 17.33 -18.02 37.07
CA ILE N 94 18.00 -16.76 37.36
C ILE N 94 17.86 -15.81 36.17
N ASP N 95 17.32 -14.63 36.42
CA ASP N 95 17.05 -13.67 35.36
C ASP N 95 17.99 -12.48 35.45
N ILE N 96 17.85 -11.58 34.50
CA ILE N 96 18.69 -10.41 34.43
C ILE N 96 17.85 -9.14 34.37
N GLU N 97 17.81 -8.43 35.47
CA GLU N 97 17.03 -7.20 35.56
C GLU N 97 17.94 -5.99 35.53
N TYR N 98 17.42 -4.90 35.00
CA TYR N 98 18.17 -3.67 34.92
C TYR N 98 17.79 -2.72 36.04
N LYS N 111 36.47 15.72 51.15
CA LYS N 111 37.74 14.98 50.91
C LYS N 111 37.78 14.25 49.57
N LYS N 112 38.97 13.82 49.17
CA LYS N 112 39.17 12.95 48.00
C LYS N 112 38.86 11.50 48.37
N GLN N 113 37.66 11.32 48.92
CA GLN N 113 37.16 10.06 49.45
C GLN N 113 35.70 9.89 49.04
N GLN N 114 35.02 11.02 48.84
CA GLN N 114 33.63 11.06 48.40
C GLN N 114 33.60 11.41 46.92
N SER N 115 33.58 10.40 46.04
CA SER N 115 33.66 10.63 44.60
C SER N 115 32.83 9.70 43.72
N LEU N 116 33.26 8.45 43.60
CA LEU N 116 32.62 7.48 42.69
C LEU N 116 31.36 6.85 43.29
N MET N 117 31.01 7.31 44.50
CA MET N 117 29.80 6.91 45.22
C MET N 117 28.55 7.26 44.41
N LYS N 118 27.44 6.58 44.71
CA LYS N 118 26.18 6.79 43.99
C LYS N 118 24.95 6.72 44.90
N SER N 119 24.76 7.74 45.75
CA SER N 119 23.62 7.80 46.66
C SER N 119 22.31 8.15 45.93
N MET N 120 21.20 7.59 46.42
CA MET N 120 19.89 7.77 45.80
C MET N 120 18.96 8.65 46.67
N TYR N 121 18.20 9.53 46.03
CA TYR N 121 17.15 10.36 46.66
C TYR N 121 17.55 11.13 47.94
N ILE N 122 18.76 11.72 47.95
CA ILE N 122 19.27 12.45 49.12
C ILE N 122 19.81 13.85 48.79
N GLN N 123 19.74 14.76 49.77
CA GLN N 123 20.32 16.10 49.67
C GLN N 123 21.83 16.03 49.39
N GLN N 124 22.33 17.01 48.63
CA GLN N 124 23.65 16.91 48.00
C GLN N 124 24.87 16.79 48.92
N ASP N 125 25.03 17.73 49.85
CA ASP N 125 26.26 17.81 50.66
C ASP N 125 26.14 17.46 52.16
N LEU N 126 25.00 16.87 52.54
CA LEU N 126 24.79 16.44 53.93
C LEU N 126 25.60 15.21 54.35
N LEU N 127 26.18 14.53 53.37
CA LEU N 127 26.83 13.23 53.59
C LEU N 127 28.32 13.31 53.96
N GLY N 128 28.70 14.38 54.65
CA GLY N 128 30.09 14.54 55.13
C GLY N 128 30.17 14.47 56.64
N ALA N 129 30.62 13.32 57.15
CA ALA N 129 30.74 13.10 58.61
C ALA N 129 31.94 12.22 58.98
N THR N 130 32.64 12.59 60.05
CA THR N 130 33.83 11.87 60.52
C THR N 130 33.61 11.12 61.85
N PHE N 131 34.70 10.83 62.57
CA PHE N 131 34.64 9.97 63.76
C PHE N 131 35.23 10.60 65.03
N GLN N 132 36.26 11.44 64.85
CA GLN N 132 36.80 12.24 65.94
C GLN N 132 35.75 13.26 66.38
N GLN N 133 35.03 13.78 65.38
CA GLN N 133 33.98 14.79 65.58
C GLN N 133 32.72 14.20 66.22
N VAL N 134 32.46 12.91 65.97
CA VAL N 134 31.34 12.21 66.61
C VAL N 134 31.65 11.99 68.09
N ASP N 135 30.90 12.69 68.95
CA ASP N 135 31.02 12.57 70.40
C ASP N 135 30.68 11.14 70.84
N ILE N 136 31.26 10.71 71.96
CA ILE N 136 31.10 9.34 72.46
C ILE N 136 30.43 9.35 73.85
N SER N 137 29.16 8.95 73.89
CA SER N 137 28.28 9.20 75.06
C SER N 137 27.77 7.97 75.83
N ASP N 138 26.49 7.65 75.65
CA ASP N 138 25.78 6.61 76.40
C ASP N 138 25.91 5.23 75.72
N PRO N 139 24.99 4.28 76.02
CA PRO N 139 24.90 3.11 75.13
C PRO N 139 24.38 3.51 73.74
N SER N 140 24.41 4.81 73.45
CA SER N 140 24.21 5.32 72.12
C SER N 140 25.51 5.32 71.32
N ARG N 141 26.64 5.29 72.03
CA ARG N 141 27.99 5.30 71.41
C ARG N 141 29.12 4.60 72.20
N LEU N 142 28.77 3.85 73.25
CA LEU N 142 29.76 3.09 74.03
C LEU N 142 29.52 1.56 74.06
N ALA N 143 28.56 1.11 73.26
CA ALA N 143 28.29 -0.32 73.08
C ALA N 143 28.12 -0.65 71.60
N MET N 144 28.72 0.20 70.75
CA MET N 144 28.63 0.08 69.29
C MET N 144 30.02 -0.01 68.65
N PHE N 145 30.98 0.77 69.16
CA PHE N 145 32.38 0.71 68.72
C PHE N 145 33.06 -0.59 69.20
N GLN N 146 32.24 -1.61 69.45
CA GLN N 146 32.71 -2.95 69.81
C GLN N 146 32.41 -3.96 68.68
N HIS N 147 31.44 -3.60 67.83
CA HIS N 147 31.13 -4.36 66.61
C HIS N 147 31.68 -3.66 65.37
N VAL N 148 31.96 -2.37 65.49
CA VAL N 148 32.44 -1.55 64.38
C VAL N 148 33.94 -1.75 64.13
N THR N 149 34.73 -1.76 65.21
CA THR N 149 36.19 -1.76 65.11
C THR N 149 36.88 -3.14 65.10
N ASP N 150 36.16 -4.19 65.48
CA ASP N 150 36.66 -5.56 65.42
C ASP N 150 36.92 -6.04 63.97
N PHE N 151 36.46 -5.25 62.99
CA PHE N 151 36.38 -5.69 61.59
C PHE N 151 36.98 -4.75 60.52
N LEU N 152 37.53 -3.60 60.93
CA LEU N 152 37.92 -2.51 60.00
C LEU N 152 38.56 -2.88 58.65
N LYS N 153 39.88 -3.03 58.62
CA LYS N 153 40.59 -3.37 57.38
C LYS N 153 40.42 -4.84 57.01
N SER N 154 39.43 -5.48 57.62
CA SER N 154 39.16 -6.90 57.45
C SER N 154 37.69 -7.16 57.05
N TYR N 155 37.34 -6.78 55.83
CA TYR N 155 36.00 -7.02 55.30
C TYR N 155 35.99 -7.78 53.97
N ASN N 156 35.42 -8.99 54.02
CA ASN N 156 35.37 -9.90 52.88
C ASN N 156 34.06 -9.85 52.09
N GLU N 157 34.13 -10.31 50.85
CA GLU N 157 32.98 -10.87 50.14
C GLU N 157 33.36 -12.30 49.83
N THR N 158 32.38 -13.21 49.94
CA THR N 158 32.58 -14.67 50.15
C THR N 158 32.75 -14.95 51.64
N GLY N 159 31.80 -14.43 52.43
CA GLY N 159 31.79 -14.56 53.89
C GLY N 159 31.06 -13.39 54.56
N LYS N 160 29.78 -13.61 54.87
CA LYS N 160 28.88 -12.56 55.38
C LYS N 160 29.41 -11.77 56.57
N GLY N 161 29.21 -10.45 56.53
CA GLY N 161 29.65 -9.55 57.59
C GLY N 161 28.49 -9.03 58.42
N LYS N 162 28.83 -8.48 59.59
CA LYS N 162 27.82 -7.93 60.50
C LYS N 162 27.61 -6.44 60.27
N GLY N 163 26.37 -6.08 59.95
CA GLY N 163 25.97 -4.68 59.86
C GLY N 163 25.44 -4.20 61.21
N LEU N 164 24.54 -3.23 61.19
CA LEU N 164 23.92 -2.70 62.41
C LEU N 164 22.53 -2.12 62.15
N TYR N 165 21.70 -2.12 63.21
CA TYR N 165 20.36 -1.55 63.15
C TYR N 165 20.19 -0.50 64.24
N LEU N 166 20.30 0.76 63.86
CA LEU N 166 20.14 1.89 64.79
C LEU N 166 18.66 2.19 65.00
N TYR N 167 18.11 1.74 66.12
CA TYR N 167 16.67 1.88 66.43
C TYR N 167 16.41 2.70 67.69
N GLY N 168 15.45 3.63 67.62
CA GLY N 168 15.10 4.45 68.80
C GLY N 168 14.06 5.55 68.65
N LYS N 169 14.50 6.79 68.89
CA LYS N 169 13.65 7.97 69.05
C LYS N 169 13.40 8.77 67.76
N PHE N 170 12.83 9.96 67.93
CA PHE N 170 12.58 10.91 66.85
C PHE N 170 13.45 12.17 66.98
N GLY N 171 14.73 12.05 66.64
CA GLY N 171 15.59 13.24 66.56
C GLY N 171 17.00 13.18 67.13
N VAL N 172 17.23 12.28 68.08
CA VAL N 172 18.52 12.19 68.81
C VAL N 172 19.72 12.04 67.87
N GLY N 173 19.84 10.87 67.25
CA GLY N 173 20.97 10.59 66.36
C GLY N 173 20.80 9.26 65.62
N LYS N 174 19.81 9.21 64.74
CA LYS N 174 19.50 8.02 63.95
C LYS N 174 20.60 7.71 62.93
N THR N 175 20.97 8.73 62.16
CA THR N 175 21.75 8.53 60.93
C THR N 175 23.17 9.11 60.96
N PHE N 176 23.69 9.37 62.17
CA PHE N 176 25.07 9.83 62.31
C PHE N 176 26.05 8.70 62.52
N MET N 177 25.53 7.49 62.62
CA MET N 177 26.35 6.28 62.68
C MET N 177 26.09 5.37 61.48
N LEU N 178 25.60 5.98 60.39
CA LEU N 178 25.51 5.34 59.08
C LEU N 178 26.05 6.25 57.97
N ALA N 179 26.29 7.51 58.32
CA ALA N 179 26.85 8.49 57.40
C ALA N 179 28.30 8.85 57.75
N ALA N 180 28.67 8.61 59.01
CA ALA N 180 30.05 8.73 59.47
C ALA N 180 30.87 7.57 58.92
N ILE N 181 30.36 6.35 59.10
CA ILE N 181 31.03 5.12 58.65
C ILE N 181 31.03 4.97 57.11
N ALA N 182 30.14 5.70 56.44
CA ALA N 182 30.13 5.78 54.97
C ALA N 182 31.37 6.54 54.45
N ASN N 183 32.14 7.11 55.38
CA ASN N 183 33.46 7.67 55.10
C ASN N 183 34.61 6.80 55.63
N GLU N 184 34.26 5.73 56.35
CA GLU N 184 35.14 4.58 56.53
C GLU N 184 34.96 3.69 55.31
N LEU N 185 33.81 3.85 54.67
CA LEU N 185 33.54 3.28 53.35
C LEU N 185 33.80 4.37 52.31
N ALA N 186 34.76 5.24 52.65
CA ALA N 186 35.32 6.25 51.74
C ALA N 186 36.84 6.38 51.94
N GLU N 187 37.37 5.81 53.03
CA GLU N 187 38.81 5.65 53.20
C GLU N 187 39.32 4.53 52.29
N LYS N 188 38.43 3.58 52.02
CA LYS N 188 38.64 2.52 51.03
C LYS N 188 37.82 2.79 49.75
N GLU N 189 36.78 3.62 49.89
CA GLU N 189 35.87 4.03 48.78
C GLU N 189 35.03 2.91 48.13
N TYR N 190 33.86 2.64 48.71
CA TYR N 190 32.86 1.75 48.11
C TYR N 190 31.79 2.56 47.39
N SER N 191 31.03 1.92 46.52
CA SER N 191 29.83 2.53 45.95
C SER N 191 28.73 2.48 47.00
N SER N 192 29.01 3.08 48.16
CA SER N 192 28.16 3.04 49.35
C SER N 192 26.90 3.87 49.17
N MET N 193 25.75 3.22 49.36
CA MET N 193 24.45 3.84 49.13
C MET N 193 23.86 4.41 50.42
N ILE N 194 23.31 5.63 50.33
CA ILE N 194 22.62 6.29 51.44
C ILE N 194 21.26 6.81 50.94
N VAL N 195 20.17 6.42 51.64
CA VAL N 195 18.80 6.54 51.11
C VAL N 195 17.74 6.94 52.15
N TYR N 196 16.76 7.74 51.71
CA TYR N 196 15.55 8.00 52.49
C TYR N 196 14.43 7.08 52.02
N VAL N 197 14.04 6.14 52.87
CA VAL N 197 12.92 5.26 52.56
C VAL N 197 11.54 5.89 52.85
N PRO N 198 11.51 7.11 53.43
CA PRO N 198 10.23 7.81 53.34
C PRO N 198 9.97 8.28 51.91
N GLU N 199 11.04 8.58 51.18
CA GLU N 199 10.93 9.06 49.81
C GLU N 199 11.23 7.96 48.78
N PHE N 200 10.91 6.71 49.14
CA PHE N 200 11.15 5.58 48.23
C PHE N 200 9.92 4.75 47.83
N VAL N 201 8.81 4.85 48.58
CA VAL N 201 7.58 4.17 48.18
C VAL N 201 6.54 5.17 47.67
N ARG N 202 6.93 5.90 46.63
CA ARG N 202 6.11 6.96 46.03
C ARG N 202 6.27 7.00 44.51
N GLU N 203 7.44 7.46 44.04
CA GLU N 203 7.74 7.56 42.60
C GLU N 203 8.02 6.21 41.94
N LEU N 204 8.21 5.18 42.77
CA LEU N 204 8.42 3.83 42.27
C LEU N 204 7.12 3.03 42.33
N LYS N 205 6.08 3.65 42.88
CA LYS N 205 4.70 3.18 42.67
C LYS N 205 4.26 3.68 41.29
N ASN N 206 4.95 4.72 40.82
CA ASN N 206 4.62 5.42 39.58
C ASN N 206 5.10 4.70 38.31
N SER N 207 4.12 4.19 37.55
CA SER N 207 4.28 3.62 36.19
C SER N 207 4.58 2.13 36.14
N GLN N 211 5.32 4.63 31.90
CA GLN N 211 6.73 5.01 31.98
C GLN N 211 7.61 3.91 32.57
N THR N 212 8.77 4.31 33.09
CA THR N 212 9.78 3.41 33.63
C THR N 212 9.41 2.82 34.99
N LEU N 213 9.38 1.49 35.08
CA LEU N 213 9.19 0.79 36.36
C LEU N 213 9.69 -0.67 36.43
N GLU N 214 10.08 -1.25 35.30
CA GLU N 214 10.51 -2.66 35.24
C GLU N 214 11.66 -2.97 36.19
N GLU N 215 12.60 -2.02 36.31
CA GLU N 215 13.78 -2.14 37.16
C GLU N 215 14.17 -0.78 37.73
N LYS N 216 13.80 -0.52 38.99
CA LYS N 216 14.05 0.77 39.65
C LYS N 216 14.85 0.70 40.95
N LEU N 217 15.10 -0.51 41.44
CA LEU N 217 15.76 -0.73 42.73
C LEU N 217 17.06 -1.55 42.64
N ASN N 218 17.68 -1.56 41.47
CA ASN N 218 18.92 -2.33 41.23
C ASN N 218 20.16 -1.79 41.97
N MET N 219 20.05 -0.59 42.52
CA MET N 219 21.11 -0.03 43.37
C MET N 219 20.70 -0.08 44.85
N VAL N 220 19.57 -0.73 45.11
CA VAL N 220 19.07 -0.94 46.47
C VAL N 220 18.89 -2.44 46.73
N LYS N 221 19.92 -3.22 46.44
CA LYS N 221 19.91 -4.67 46.65
C LYS N 221 21.27 -5.21 47.09
N THR N 222 22.19 -5.38 46.13
CA THR N 222 23.47 -6.06 46.39
C THR N 222 24.71 -5.18 46.17
N THR N 223 24.59 -3.88 46.45
CA THR N 223 25.75 -2.98 46.42
C THR N 223 26.65 -3.25 47.63
N PRO N 224 27.98 -3.03 47.49
CA PRO N 224 28.92 -3.33 48.58
C PRO N 224 28.51 -2.77 49.95
N VAL N 225 27.71 -1.71 49.95
CA VAL N 225 27.26 -1.04 51.17
C VAL N 225 25.88 -0.36 50.98
N LEU N 226 25.05 -0.42 52.01
CA LEU N 226 23.72 0.23 52.01
C LEU N 226 23.34 0.79 53.37
N MET N 227 23.56 2.09 53.57
CA MET N 227 23.27 2.75 54.84
C MET N 227 21.84 3.29 54.89
N LEU N 228 20.86 2.39 55.07
CA LEU N 228 19.44 2.78 55.04
C LEU N 228 19.02 3.69 56.18
N ASP N 229 18.47 4.85 55.81
CA ASP N 229 18.08 5.89 56.76
C ASP N 229 16.59 6.25 56.65
N ASP N 230 15.91 6.22 57.79
CA ASP N 230 14.49 6.63 57.92
C ASP N 230 13.46 5.90 57.05
N ILE N 231 12.39 5.45 57.70
CA ILE N 231 11.20 4.92 57.03
C ILE N 231 9.96 5.36 57.83
N GLY N 232 9.59 6.64 57.73
CA GLY N 232 8.51 7.21 58.52
C GLY N 232 7.55 8.14 57.81
N ALA N 233 6.90 7.63 56.75
CA ALA N 233 5.93 8.39 55.95
C ALA N 233 4.88 7.48 55.26
N GLU N 234 4.06 8.08 54.39
CA GLU N 234 2.90 7.43 53.72
C GLU N 234 1.96 6.69 54.67
N SER N 238 0.65 -8.05 54.07
CA SER N 238 -0.29 -7.53 53.08
C SER N 238 -0.01 -6.06 52.77
N TRP N 239 1.21 -5.78 52.34
CA TRP N 239 1.58 -4.44 51.88
C TRP N 239 2.03 -4.41 50.42
N VAL N 240 2.22 -3.20 49.89
CA VAL N 240 2.78 -3.01 48.55
C VAL N 240 4.30 -3.26 48.61
N ARG N 241 4.72 -4.05 49.60
CA ARG N 241 6.13 -4.31 49.88
C ARG N 241 6.33 -5.72 50.44
N ASP N 242 6.12 -6.73 49.60
CA ASP N 242 6.41 -8.13 49.94
C ASP N 242 7.03 -8.88 48.75
N GLU N 243 6.83 -8.31 47.56
CA GLU N 243 7.53 -8.73 46.36
C GLU N 243 8.52 -7.62 45.97
N VAL N 244 8.75 -6.70 46.91
CA VAL N 244 9.62 -5.55 46.71
C VAL N 244 10.90 -5.67 47.56
N ILE N 245 10.92 -5.03 48.74
CA ILE N 245 12.09 -5.06 49.64
C ILE N 245 12.25 -6.43 50.33
N GLY N 246 11.14 -7.15 50.49
CA GLY N 246 11.15 -8.50 51.08
C GLY N 246 11.81 -9.56 50.21
N THR N 247 12.05 -9.23 48.95
CA THR N 247 12.86 -10.07 48.05
C THR N 247 14.15 -9.34 47.68
N VAL N 248 14.22 -8.06 48.03
CA VAL N 248 15.45 -7.28 47.96
C VAL N 248 16.39 -7.73 49.08
N LEU N 249 15.80 -7.92 50.27
CA LEU N 249 16.53 -8.41 51.44
C LEU N 249 16.81 -9.92 51.33
N GLN N 250 16.32 -10.53 50.25
CA GLN N 250 16.63 -11.93 49.95
C GLN N 250 17.99 -12.09 49.27
N HIS N 251 18.37 -11.10 48.45
CA HIS N 251 19.67 -11.10 47.76
C HIS N 251 20.79 -10.55 48.64
N ARG N 252 20.45 -10.16 49.86
CA ARG N 252 21.41 -9.67 50.84
C ARG N 252 21.78 -10.80 51.82
N MET N 253 21.36 -12.02 51.48
CA MET N 253 21.58 -13.22 52.31
C MET N 253 21.86 -14.52 51.53
N SER N 254 22.23 -14.41 50.25
CA SER N 254 22.67 -15.57 49.45
C SER N 254 23.68 -15.25 48.33
N GLN N 255 24.04 -13.97 48.19
CA GLN N 255 25.15 -13.54 47.32
C GLN N 255 26.29 -12.89 48.12
N GLN N 256 26.35 -13.20 49.42
CA GLN N 256 27.42 -12.79 50.35
C GLN N 256 27.53 -11.28 50.56
N LEU N 257 26.66 -10.74 51.41
CA LEU N 257 26.50 -9.29 51.59
C LEU N 257 25.95 -8.89 52.98
N PRO N 258 26.43 -7.75 53.53
CA PRO N 258 25.86 -7.08 54.71
C PRO N 258 25.20 -5.71 54.41
N THR N 259 24.29 -5.27 55.29
CA THR N 259 23.59 -3.98 55.13
C THR N 259 23.52 -3.14 56.41
N PHE N 260 23.19 -1.85 56.27
CA PHE N 260 23.24 -0.88 57.36
C PHE N 260 21.89 -0.16 57.56
N PHE N 261 21.42 -0.06 58.80
CA PHE N 261 20.09 0.49 59.11
C PHE N 261 20.04 1.59 60.16
N SER N 262 19.04 2.46 60.00
CA SER N 262 18.70 3.53 60.94
C SER N 262 17.33 4.09 60.58
N SER N 263 16.47 4.30 61.59
CA SER N 263 15.09 4.78 61.35
C SER N 263 14.47 5.53 62.54
N ASN N 264 13.15 5.75 62.47
CA ASN N 264 12.40 6.52 63.47
C ASN N 264 11.96 5.72 64.70
N PHE N 265 11.49 4.48 64.47
CA PHE N 265 10.89 3.67 65.53
C PHE N 265 11.86 2.60 66.06
N SER N 266 11.42 1.34 66.09
CA SER N 266 12.18 0.22 66.68
C SER N 266 11.70 -1.13 66.12
N PRO N 267 12.42 -2.24 66.44
CA PRO N 267 12.00 -3.56 65.92
C PRO N 267 10.61 -3.98 66.39
N ASP N 268 10.36 -3.89 67.70
CA ASP N 268 9.05 -4.18 68.31
C ASP N 268 7.93 -3.34 67.70
N GLU N 269 8.17 -2.03 67.57
CA GLU N 269 7.16 -1.11 67.02
C GLU N 269 6.88 -1.40 65.54
N LEU N 270 7.93 -1.45 64.72
CA LEU N 270 7.78 -1.65 63.27
C LEU N 270 7.05 -2.94 62.88
N LYS N 271 7.25 -4.00 63.66
CA LYS N 271 6.52 -5.26 63.45
C LYS N 271 5.03 -5.11 63.79
N HIS N 272 4.73 -4.26 64.77
CA HIS N 272 3.34 -3.96 65.17
C HIS N 272 2.66 -2.93 64.28
N HIS N 273 3.39 -2.39 63.29
CA HIS N 273 2.86 -1.32 62.44
C HIS N 273 2.73 -1.69 60.95
N PHE N 274 3.59 -2.58 60.47
CA PHE N 274 3.59 -2.99 59.05
C PHE N 274 2.38 -3.84 58.68
N THR N 275 2.01 -3.74 57.39
CA THR N 275 0.98 -4.57 56.72
C THR N 275 -0.22 -5.01 57.57
N TYR N 276 -1.33 -4.30 57.42
CA TYR N 276 -2.56 -4.58 58.16
C TYR N 276 -3.71 -5.08 57.26
N SER N 277 -4.64 -5.84 57.86
CA SER N 277 -5.83 -6.36 57.16
C SER N 277 -7.05 -6.56 58.10
N GLN N 278 -8.02 -7.35 57.64
CA GLN N 278 -9.32 -7.53 58.33
C GLN N 278 -9.22 -7.73 59.84
N GLU N 284 -2.45 -11.77 58.51
CA GLU N 284 -1.38 -12.29 57.67
C GLU N 284 -0.01 -11.86 58.19
N VAL N 285 0.81 -12.84 58.59
CA VAL N 285 2.20 -12.58 59.02
C VAL N 285 3.06 -12.25 57.79
N LYS N 286 2.69 -11.16 57.13
CA LYS N 286 3.50 -10.55 56.09
C LYS N 286 4.03 -9.24 56.67
N ALA N 287 3.65 -9.00 57.93
CA ALA N 287 4.13 -7.88 58.74
C ALA N 287 5.25 -8.32 59.68
N ALA N 288 5.26 -9.62 59.99
CA ALA N 288 6.28 -10.21 60.87
C ALA N 288 7.23 -11.14 60.10
N ARG N 289 7.51 -10.77 58.85
CA ARG N 289 8.52 -11.43 58.03
C ARG N 289 9.36 -10.38 57.29
N LEU N 290 8.80 -9.18 57.16
CA LEU N 290 9.49 -8.03 56.58
C LEU N 290 10.66 -7.53 57.42
N MET N 291 10.62 -7.85 58.72
CA MET N 291 11.54 -7.24 59.69
C MET N 291 12.58 -8.18 60.32
N GLU N 292 12.49 -9.47 60.05
CA GLU N 292 13.61 -10.39 60.35
C GLU N 292 14.46 -10.64 59.11
N ARG N 293 13.97 -10.17 57.96
CA ARG N 293 14.79 -9.91 56.80
C ARG N 293 15.65 -8.67 57.11
N ILE N 294 15.40 -8.09 58.29
CA ILE N 294 16.13 -6.91 58.83
C ILE N 294 16.54 -7.12 60.31
N LEU N 295 16.65 -8.37 60.73
CA LEU N 295 17.19 -8.73 62.05
C LEU N 295 17.89 -10.09 61.95
N TYR N 296 18.79 -10.20 60.97
CA TYR N 296 19.46 -11.47 60.68
C TYR N 296 20.98 -11.37 60.73
N LEU N 297 21.54 -10.47 59.91
CA LEU N 297 22.99 -10.27 59.86
C LEU N 297 23.54 -9.57 61.10
N ALA N 298 22.67 -8.93 61.88
CA ALA N 298 23.08 -8.17 63.06
C ALA N 298 22.06 -8.18 64.21
N ALA N 299 22.53 -7.79 65.40
CA ALA N 299 21.68 -7.61 66.57
C ALA N 299 21.58 -6.13 66.90
N PRO N 300 20.34 -5.58 66.90
CA PRO N 300 20.07 -4.15 67.15
C PRO N 300 20.44 -3.69 68.56
N ILE N 301 20.99 -2.48 68.68
CA ILE N 301 21.40 -1.90 69.97
C ILE N 301 20.82 -0.47 70.16
N ARG N 302 20.72 -0.04 71.41
CA ARG N 302 20.04 1.22 71.80
C ARG N 302 20.67 2.51 71.28
N LEU N 303 19.86 3.58 71.33
CA LEU N 303 20.33 4.95 71.11
C LEU N 303 19.67 5.86 72.14
N ASP N 304 20.50 6.48 72.98
CA ASP N 304 20.01 7.30 74.09
C ASP N 304 20.81 8.59 74.25
N GLY N 305 20.13 9.65 74.72
CA GLY N 305 20.76 10.95 74.92
C GLY N 305 19.78 12.09 74.77
N GLU N 306 20.26 13.32 75.01
CA GLU N 306 19.43 14.51 74.87
C GLU N 306 19.04 14.82 73.42
N ASN N 307 18.02 15.67 73.26
CA ASN N 307 17.50 16.03 71.94
C ASN N 307 18.44 16.98 71.17
N ARG N 308 18.35 16.95 69.84
CA ARG N 308 19.27 17.72 68.97
C ARG N 308 18.58 18.61 67.92
N ARG N 309 17.70 19.50 68.38
CA ARG N 309 16.99 20.46 67.52
C ARG N 309 16.69 21.75 68.29
N GLN O 32 -22.50 51.94 35.14
CA GLN O 32 -22.39 53.24 34.47
C GLN O 32 -20.96 53.52 34.02
N ASP O 33 -19.98 53.08 34.82
CA ASP O 33 -18.57 53.31 34.48
C ASP O 33 -18.21 52.48 33.26
N VAL O 34 -18.73 51.26 33.25
CA VAL O 34 -18.53 50.34 32.15
C VAL O 34 -19.03 50.94 30.84
N GLN O 35 -20.20 51.56 30.87
CA GLN O 35 -20.76 52.21 29.69
C GLN O 35 -19.77 53.24 29.15
N ALA O 36 -19.29 54.09 30.04
CA ALA O 36 -18.35 55.14 29.67
C ALA O 36 -17.07 54.56 29.07
N PHE O 37 -16.50 53.58 29.74
CA PHE O 37 -15.27 52.95 29.26
C PHE O 37 -15.48 52.25 27.93
N LEU O 38 -16.62 51.56 27.81
CA LEU O 38 -16.94 50.80 26.61
C LEU O 38 -16.90 51.70 25.38
N LYS O 39 -17.60 52.82 25.44
CA LYS O 39 -17.67 53.71 24.29
C LYS O 39 -16.37 54.49 24.13
N GLU O 40 -15.63 54.64 25.21
CA GLU O 40 -14.33 55.31 25.17
C GLU O 40 -13.37 54.53 24.30
N ASN O 41 -13.34 53.23 24.51
CA ASN O 41 -12.40 52.36 23.80
C ASN O 41 -13.13 51.38 22.89
N GLU O 42 -14.33 51.74 22.43
CA GLU O 42 -15.14 50.82 21.62
C GLU O 42 -14.51 50.58 20.26
N GLU O 43 -13.59 51.46 19.86
CA GLU O 43 -12.86 51.29 18.62
C GLU O 43 -11.81 50.17 18.79
N VAL O 44 -11.39 49.97 20.02
CA VAL O 44 -10.35 49.00 20.33
C VAL O 44 -10.95 47.69 20.84
N ILE O 45 -11.95 47.82 21.71
CA ILE O 45 -12.55 46.66 22.35
C ILE O 45 -13.55 45.96 21.44
N ASP O 46 -13.61 44.65 21.54
CA ASP O 46 -14.58 43.85 20.80
C ASP O 46 -15.55 43.19 21.76
N GLN O 47 -16.66 42.74 21.34
CA GLN O 47 -17.60 41.97 22.13
C GLN O 47 -16.97 40.66 22.61
N LYS O 48 -16.25 40.00 21.72
CA LYS O 48 -15.63 38.73 22.04
C LYS O 48 -14.48 38.91 23.03
N MET O 49 -13.75 40.01 22.88
CA MET O 49 -12.71 40.38 23.82
C MET O 49 -13.26 40.46 25.24
N ILE O 50 -14.48 40.99 25.36
CA ILE O 50 -15.15 41.09 26.65
C ILE O 50 -15.39 39.71 27.25
N GLU O 51 -15.89 38.78 26.44
CA GLU O 51 -16.18 37.43 26.92
C GLU O 51 -14.90 36.65 27.18
N LYS O 52 -13.84 36.95 26.44
CA LYS O 52 -12.54 36.32 26.66
C LYS O 52 -11.92 36.83 27.95
N SER O 53 -12.00 38.13 28.18
CA SER O 53 -11.43 38.75 29.37
C SER O 53 -12.47 38.84 30.47
N LEU O 54 -13.53 38.04 30.34
CA LEU O 54 -14.64 38.02 31.30
C LEU O 54 -14.13 37.86 32.71
N ASN O 55 -13.30 36.84 32.90
CA ASN O 55 -12.72 36.52 34.20
C ASN O 55 -12.04 37.74 34.80
N LYS O 56 -11.28 38.44 33.96
CA LYS O 56 -10.57 39.64 34.40
C LYS O 56 -11.54 40.73 34.81
N LEU O 57 -12.48 41.06 33.92
CA LEU O 57 -13.42 42.14 34.18
C LEU O 57 -14.32 41.82 35.37
N TYR O 58 -14.64 40.54 35.57
CA TYR O 58 -15.47 40.14 36.69
C TYR O 58 -14.68 40.22 37.99
N GLU O 59 -13.42 39.78 37.94
CA GLU O 59 -12.54 39.85 39.09
C GLU O 59 -12.25 41.31 39.44
N TYR O 60 -12.21 42.14 38.41
CA TYR O 60 -12.00 43.57 38.54
C TYR O 60 -13.07 44.23 39.41
N ILE O 61 -14.32 43.95 39.08
CA ILE O 61 -15.46 44.57 39.77
C ILE O 61 -15.68 43.94 41.15
N GLU O 62 -15.29 42.68 41.29
CA GLU O 62 -15.53 41.94 42.51
C GLU O 62 -14.59 42.40 43.63
N GLN O 63 -13.37 42.80 43.27
CA GLN O 63 -12.38 43.22 44.25
C GLN O 63 -12.61 44.66 44.69
N SER O 64 -11.76 45.14 45.60
CA SER O 64 -11.86 46.51 46.09
C SER O 64 -11.55 47.51 44.98
N LYS O 65 -12.54 48.32 44.63
CA LYS O 65 -12.36 49.35 43.62
C LYS O 65 -11.56 50.51 44.20
N ASN O 66 -11.66 50.68 45.51
CA ASN O 66 -10.94 51.73 46.21
C ASN O 66 -9.72 51.14 46.91
N CYS O 67 -9.18 51.85 47.90
CA CYS O 67 -8.06 51.34 48.66
C CYS O 67 -8.05 51.97 50.04
N SER O 68 -7.41 51.33 50.99
CA SER O 68 -7.45 51.77 52.38
C SER O 68 -6.49 52.94 52.61
N TYR O 69 -5.67 53.22 51.62
CA TYR O 69 -4.79 54.40 51.65
C TYR O 69 -5.62 55.66 51.50
N CYS O 70 -6.88 55.51 51.13
CA CYS O 70 -7.77 56.66 51.03
C CYS O 70 -9.04 56.45 51.86
N GLY O 82 -2.54 50.95 48.40
CA GLY O 82 -1.93 52.18 47.95
C GLY O 82 -2.21 52.43 46.49
N TYR O 83 -2.79 51.43 45.82
CA TYR O 83 -3.14 51.53 44.41
C TYR O 83 -4.62 51.23 44.21
N HIS O 84 -5.10 51.45 42.99
CA HIS O 84 -6.46 51.03 42.59
C HIS O 84 -6.38 50.27 41.28
N PRO O 85 -7.26 49.30 41.07
CA PRO O 85 -7.32 48.54 39.83
C PRO O 85 -7.97 49.32 38.68
N LYS O 86 -7.36 49.26 37.51
CA LYS O 86 -7.95 49.82 36.31
C LYS O 86 -7.75 48.86 35.14
N LEU O 87 -8.71 48.83 34.24
CA LEU O 87 -8.64 47.95 33.09
C LEU O 87 -7.76 48.54 32.00
N VAL O 88 -7.03 47.68 31.31
CA VAL O 88 -6.20 48.09 30.19
C VAL O 88 -6.27 47.05 29.09
N VAL O 89 -6.30 47.49 27.84
CA VAL O 89 -6.36 46.57 26.72
C VAL O 89 -4.95 46.27 26.21
N ASN O 90 -4.54 45.03 26.35
CA ASN O 90 -3.23 44.60 25.92
C ASN O 90 -3.36 43.58 24.80
N GLY O 91 -3.26 44.05 23.56
CA GLY O 91 -3.43 43.17 22.43
C GLY O 91 -4.87 42.74 22.27
N ARG O 92 -5.13 41.45 22.47
CA ARG O 92 -6.48 40.91 22.32
C ARG O 92 -7.09 40.58 23.68
N SER O 93 -6.34 40.85 24.74
CA SER O 93 -6.80 40.55 26.09
C SER O 93 -6.84 41.81 26.94
N ILE O 94 -7.77 41.86 27.87
CA ILE O 94 -7.91 42.99 28.77
C ILE O 94 -7.36 42.64 30.15
N ASP O 95 -6.42 43.43 30.63
CA ASP O 95 -5.73 43.16 31.88
C ASP O 95 -6.16 44.13 32.95
N ILE O 96 -5.62 43.94 34.15
CA ILE O 96 -5.94 44.78 35.29
C ILE O 96 -4.67 45.32 35.92
N GLU O 97 -4.40 46.60 35.69
CA GLU O 97 -3.22 47.24 36.23
C GLU O 97 -3.59 48.14 37.39
N TYR O 98 -2.65 48.31 38.30
CA TYR O 98 -2.87 49.15 39.45
C TYR O 98 -2.21 50.50 39.27
N TYR O 99 -2.98 51.56 39.45
CA TYR O 99 -2.43 52.90 39.45
C TYR O 99 -2.40 53.41 40.88
N GLU O 100 -1.38 54.18 41.22
CA GLU O 100 -1.23 54.67 42.59
C GLU O 100 -2.40 55.57 42.98
N CYS O 101 -2.86 55.39 44.20
CA CYS O 101 -3.94 56.22 44.74
C CYS O 101 -3.56 57.70 44.68
N PRO O 102 -4.39 58.52 44.02
CA PRO O 102 -4.13 59.96 43.87
C PRO O 102 -4.10 60.69 45.22
N VAL O 103 -4.65 60.04 46.23
CA VAL O 103 -4.69 60.60 47.58
C VAL O 103 -3.28 60.63 48.19
N LYS O 104 -2.36 59.89 47.60
CA LYS O 104 -0.96 59.94 48.02
C LYS O 104 -0.39 61.32 47.68
N LYS O 112 4.41 44.20 72.09
CA LYS O 112 5.90 43.99 72.06
C LYS O 112 6.34 43.00 70.99
N GLN O 113 5.61 41.90 70.86
CA GLN O 113 5.99 40.77 70.01
C GLN O 113 5.75 41.00 68.53
N GLN O 114 6.44 41.99 67.96
CA GLN O 114 6.43 42.26 66.52
C GLN O 114 7.78 42.87 66.12
N SER O 115 8.84 42.18 66.51
CA SER O 115 10.22 42.58 66.21
C SER O 115 11.09 41.38 65.83
N LEU O 116 10.93 40.26 66.55
CA LEU O 116 11.61 39.00 66.21
C LEU O 116 10.89 38.23 65.10
N MET O 117 10.30 38.98 64.16
CA MET O 117 9.48 38.39 63.10
C MET O 117 10.03 38.70 61.70
N LYS O 118 9.81 37.78 60.77
CA LYS O 118 10.20 37.92 59.36
C LYS O 118 9.17 37.30 58.43
N SER O 119 8.26 38.12 57.90
CA SER O 119 7.34 37.65 56.88
C SER O 119 7.88 37.94 55.49
N MET O 120 8.05 36.89 54.69
CA MET O 120 8.72 36.97 53.39
C MET O 120 7.80 37.52 52.30
N TYR O 121 8.16 38.70 51.79
CA TYR O 121 7.36 39.47 50.81
C TYR O 121 5.92 39.81 51.27
N ILE O 122 5.66 39.79 52.58
CA ILE O 122 4.34 40.12 53.16
C ILE O 122 4.34 41.44 53.97
N GLN O 123 3.14 42.01 54.16
CA GLN O 123 2.94 43.18 55.03
C GLN O 123 2.54 42.72 56.44
N GLN O 124 2.99 43.45 57.45
CA GLN O 124 2.83 43.03 58.86
C GLN O 124 1.77 43.76 59.70
N ASP O 125 1.13 44.77 59.13
CA ASP O 125 0.03 45.46 59.80
C ASP O 125 -1.20 44.57 59.91
N LEU O 126 -1.24 43.54 59.06
CA LEU O 126 -2.26 42.50 59.12
C LEU O 126 -1.74 41.24 59.82
N LEU O 127 -0.55 41.33 60.42
CA LEU O 127 -0.02 40.28 61.30
C LEU O 127 -0.28 40.59 62.76
N GLY O 128 -1.56 40.57 63.12
CA GLY O 128 -2.00 40.79 64.50
C GLY O 128 -3.15 39.87 64.83
N ALA O 129 -2.86 38.58 64.97
CA ALA O 129 -3.85 37.58 65.34
C ALA O 129 -3.28 36.55 66.31
N THR O 130 -4.07 36.21 67.34
CA THR O 130 -3.73 35.18 68.33
C THR O 130 -4.96 34.47 68.91
N PHE O 131 -5.23 34.69 70.20
CA PHE O 131 -6.22 33.90 70.95
C PHE O 131 -7.23 34.74 71.73
N GLN O 132 -6.74 35.55 72.66
CA GLN O 132 -7.59 36.32 73.59
C GLN O 132 -8.35 37.47 72.92
N GLN O 133 -8.63 37.31 71.62
CA GLN O 133 -9.35 38.31 70.84
C GLN O 133 -10.34 37.67 69.89
N VAL O 134 -9.91 36.58 69.25
CA VAL O 134 -10.69 35.91 68.21
C VAL O 134 -12.07 35.54 68.74
N ASP O 135 -13.08 36.27 68.25
CA ASP O 135 -14.46 36.04 68.64
C ASP O 135 -15.04 34.82 67.92
N ILE O 136 -15.04 33.69 68.64
CA ILE O 136 -15.57 32.41 68.16
C ILE O 136 -17.03 32.57 67.73
N SER O 137 -17.40 32.00 66.58
CA SER O 137 -18.77 32.11 66.06
C SER O 137 -19.27 31.04 65.06
N ASP O 138 -18.38 30.14 64.63
CA ASP O 138 -18.77 29.13 63.61
C ASP O 138 -18.34 27.68 63.93
N PRO O 139 -19.09 26.69 63.40
CA PRO O 139 -18.69 25.28 63.42
C PRO O 139 -17.36 25.04 62.69
N SER O 140 -16.74 26.15 62.29
CA SER O 140 -15.45 26.15 61.65
C SER O 140 -14.43 26.92 62.48
N ARG O 141 -14.92 27.76 63.39
CA ARG O 141 -14.06 28.43 64.37
C ARG O 141 -14.06 27.64 65.68
N LEU O 142 -14.13 26.32 65.54
CA LEU O 142 -14.12 25.40 66.67
C LEU O 142 -12.81 24.62 66.73
N ALA O 143 -12.46 23.98 65.61
CA ALA O 143 -11.31 23.08 65.52
C ALA O 143 -9.97 23.83 65.51
N MET O 144 -9.96 25.02 64.93
CA MET O 144 -8.74 25.85 64.86
C MET O 144 -8.38 26.47 66.23
N PHE O 145 -9.04 26.02 67.29
CA PHE O 145 -8.69 26.38 68.66
C PHE O 145 -8.08 25.19 69.40
N GLN O 146 -8.49 23.99 69.01
CA GLN O 146 -7.88 22.74 69.48
C GLN O 146 -6.51 22.51 68.86
N HIS O 147 -6.36 22.90 67.59
CA HIS O 147 -5.17 22.55 66.81
C HIS O 147 -4.09 23.63 66.78
N VAL O 148 -4.47 24.89 66.61
CA VAL O 148 -3.52 26.01 66.67
C VAL O 148 -2.70 25.95 67.96
N THR O 149 -3.36 25.58 69.06
CA THR O 149 -2.68 25.36 70.35
C THR O 149 -1.86 24.06 70.38
N ASP O 150 -2.39 22.98 69.79
CA ASP O 150 -1.69 21.69 69.75
C ASP O 150 -0.44 21.68 68.86
N PHE O 151 -0.46 22.49 67.80
CA PHE O 151 0.69 22.61 66.90
C PHE O 151 1.77 23.55 67.48
N LEU O 152 1.61 23.89 68.75
CA LEU O 152 2.52 24.78 69.48
C LEU O 152 2.67 24.44 70.96
N LYS O 153 2.35 23.20 71.34
CA LYS O 153 2.49 22.75 72.72
C LYS O 153 3.33 21.47 72.89
N SER O 154 4.06 21.13 71.84
CA SER O 154 5.06 20.06 71.85
C SER O 154 5.80 19.96 70.50
N TYR O 155 6.29 21.10 69.99
CA TYR O 155 6.94 21.15 68.68
C TYR O 155 8.40 21.61 68.70
N ASN O 156 9.19 21.06 67.77
CA ASN O 156 10.60 21.39 67.61
C ASN O 156 10.92 21.88 66.20
N GLU O 157 12.22 22.14 65.95
CA GLU O 157 12.74 22.16 64.59
C GLU O 157 12.43 20.77 64.05
N THR O 158 11.82 20.69 62.88
CA THR O 158 11.37 19.41 62.28
C THR O 158 10.30 18.68 63.11
N GLY O 159 9.88 17.50 62.65
CA GLY O 159 8.88 16.69 63.36
C GLY O 159 8.36 15.42 62.67
N LYS O 160 8.21 15.47 61.35
CA LYS O 160 7.51 14.43 60.56
C LYS O 160 6.00 14.38 60.87
N GLY O 161 5.42 15.57 61.09
CA GLY O 161 4.03 15.70 61.54
C GLY O 161 3.06 16.35 60.56
N LYS O 162 2.30 17.32 61.06
CA LYS O 162 1.15 17.88 60.33
C LYS O 162 1.15 19.43 60.25
N GLY O 163 0.00 19.99 59.86
CA GLY O 163 -0.20 21.44 59.79
C GLY O 163 -1.68 21.78 59.87
N LEU O 164 -2.06 22.94 59.30
CA LEU O 164 -3.45 23.36 59.26
C LEU O 164 -3.87 23.89 57.90
N TYR O 165 -5.04 23.47 57.43
CA TYR O 165 -5.59 23.98 56.16
C TYR O 165 -6.90 24.73 56.36
N LEU O 166 -7.03 25.84 55.63
CA LEU O 166 -8.17 26.73 55.76
C LEU O 166 -8.69 27.12 54.39
N TYR O 167 -9.92 26.70 54.09
CA TYR O 167 -10.51 26.86 52.76
C TYR O 167 -11.96 27.40 52.79
N GLY O 168 -12.56 27.56 51.62
CA GLY O 168 -13.95 28.02 51.52
C GLY O 168 -14.24 29.05 50.44
N LYS O 169 -14.48 30.29 50.87
CA LYS O 169 -14.99 31.35 50.00
C LYS O 169 -13.91 32.35 49.54
N PHE O 170 -14.33 33.46 48.92
CA PHE O 170 -13.42 34.53 48.51
C PHE O 170 -12.84 35.30 49.70
N GLY O 171 -13.05 34.76 50.90
CA GLY O 171 -12.51 35.34 52.14
C GLY O 171 -13.34 35.07 53.38
N VAL O 172 -12.96 34.05 54.15
CA VAL O 172 -13.57 33.80 55.47
C VAL O 172 -12.49 33.64 56.55
N GLY O 173 -12.09 32.41 56.82
CA GLY O 173 -11.07 32.13 57.84
C GLY O 173 -9.76 31.74 57.19
N LYS O 174 -9.22 32.67 56.40
CA LYS O 174 -7.99 32.45 55.65
C LYS O 174 -7.04 33.63 55.83
N THR O 175 -7.45 34.58 56.67
CA THR O 175 -6.72 35.83 56.86
C THR O 175 -6.16 36.01 58.29
N PHE O 176 -7.01 35.76 59.30
CA PHE O 176 -6.59 35.88 60.70
C PHE O 176 -6.08 34.57 61.30
N MET O 177 -6.48 33.44 60.70
CA MET O 177 -6.15 32.12 61.22
C MET O 177 -4.66 31.76 61.12
N LEU O 178 -4.05 32.06 59.98
CA LEU O 178 -2.62 31.83 59.79
C LEU O 178 -1.78 32.87 60.53
N ALA O 179 -2.29 34.10 60.62
CA ALA O 179 -1.66 35.16 61.39
C ALA O 179 -1.70 34.85 62.89
N ALA O 180 -2.60 33.94 63.26
CA ALA O 180 -2.72 33.43 64.62
C ALA O 180 -1.73 32.30 64.92
N ILE O 181 -1.63 31.34 63.99
CA ILE O 181 -0.66 30.25 64.08
C ILE O 181 0.76 30.82 63.98
N ALA O 182 0.88 31.98 63.34
CA ALA O 182 2.14 32.71 63.21
C ALA O 182 2.62 33.30 64.53
N ASN O 183 1.70 33.89 65.30
CA ASN O 183 2.05 34.54 66.56
C ASN O 183 2.04 33.61 67.79
N GLU O 184 2.85 32.55 67.72
CA GLU O 184 3.05 31.63 68.87
C GLU O 184 4.48 31.06 68.95
N LEU O 185 5.07 30.78 67.80
CA LEU O 185 6.40 30.15 67.72
C LEU O 185 7.50 31.09 68.17
N ALA O 186 7.35 32.36 67.84
CA ALA O 186 8.25 33.41 68.31
C ALA O 186 7.76 33.96 69.66
N GLU O 187 6.86 33.25 70.32
CA GLU O 187 6.43 33.62 71.69
C GLU O 187 7.49 33.30 72.73
N LYS O 188 8.65 32.88 72.23
CA LYS O 188 9.92 32.87 72.96
C LYS O 188 10.99 33.33 71.95
N GLU O 189 12.21 33.56 72.42
CA GLU O 189 13.30 34.18 71.62
C GLU O 189 13.55 33.55 70.23
N TYR O 190 12.56 33.62 69.34
CA TYR O 190 12.60 32.89 68.05
C TYR O 190 12.15 33.67 66.82
N SER O 191 12.56 33.17 65.66
CA SER O 191 12.25 33.79 64.36
C SER O 191 12.02 32.72 63.28
N SER O 192 10.82 32.72 62.70
CA SER O 192 10.45 31.79 61.64
C SER O 192 10.34 32.49 60.28
N MET O 193 9.56 31.92 59.36
CA MET O 193 9.33 32.50 58.03
C MET O 193 7.86 32.41 57.61
N ILE O 194 7.26 33.56 57.30
CA ILE O 194 5.90 33.62 56.75
C ILE O 194 5.97 34.16 55.32
N VAL O 195 5.81 33.27 54.35
CA VAL O 195 6.19 33.57 52.96
C VAL O 195 5.05 34.05 52.05
N TYR O 196 5.43 34.76 50.98
CA TYR O 196 4.52 35.26 49.95
C TYR O 196 5.03 34.71 48.61
N VAL O 197 4.31 33.73 48.05
CA VAL O 197 4.74 33.03 46.83
C VAL O 197 4.74 33.90 45.55
N PRO O 198 3.58 34.50 45.17
CA PRO O 198 3.57 35.36 43.98
C PRO O 198 4.60 36.49 43.99
N GLU O 199 4.90 37.07 45.15
CA GLU O 199 5.92 38.13 45.22
C GLU O 199 7.34 37.61 45.35
N PHE O 200 7.47 36.34 45.72
CA PHE O 200 8.72 35.60 45.54
C PHE O 200 8.87 35.23 44.08
N VAL O 201 7.72 35.03 43.41
CA VAL O 201 7.68 34.70 41.99
C VAL O 201 7.11 35.90 41.20
N ARG O 202 7.65 37.09 41.49
CA ARG O 202 7.33 38.33 40.74
C ARG O 202 8.60 39.03 40.21
N GLU O 203 9.69 38.89 40.96
CA GLU O 203 11.02 39.33 40.50
C GLU O 203 11.79 38.15 39.87
N LEU O 204 11.08 37.23 39.23
CA LEU O 204 11.66 35.95 38.75
C LEU O 204 11.57 35.60 37.24
N LYS O 205 10.35 35.59 36.69
CA LYS O 205 10.08 34.96 35.37
C LYS O 205 11.08 35.31 34.26
N ASN O 206 11.37 36.59 34.10
CA ASN O 206 12.48 37.04 33.26
C ASN O 206 13.52 37.85 34.03
N SER O 207 14.79 37.58 33.71
CA SER O 207 15.98 37.87 34.54
C SER O 207 16.24 36.68 35.46
N LEU O 208 15.57 35.55 35.16
CA LEU O 208 15.77 34.24 35.79
C LEU O 208 17.24 33.82 35.81
N GLN O 209 18.06 34.60 35.12
CA GLN O 209 19.49 34.35 35.01
C GLN O 209 20.23 35.07 36.14
N ASP O 210 21.54 34.87 36.20
CA ASP O 210 22.40 35.45 37.23
C ASP O 210 22.03 34.96 38.64
N GLN O 211 21.97 33.63 38.79
CA GLN O 211 21.67 32.96 40.07
C GLN O 211 20.19 33.10 40.53
N THR O 212 19.68 34.32 40.53
CA THR O 212 18.26 34.65 40.87
C THR O 212 17.73 34.29 42.27
N LEU O 213 16.42 34.49 42.46
CA LEU O 213 15.73 34.15 43.71
C LEU O 213 15.60 32.63 43.88
N GLU O 214 16.43 31.89 43.14
CA GLU O 214 16.59 30.44 43.33
C GLU O 214 17.25 30.19 44.68
N GLU O 215 18.23 31.05 45.02
CA GLU O 215 18.90 31.00 46.30
C GLU O 215 18.18 31.86 47.36
N LYS O 216 16.99 32.32 47.01
CA LYS O 216 15.99 32.78 47.97
C LYS O 216 15.08 31.59 48.36
N LEU O 217 15.44 30.39 47.87
CA LEU O 217 14.67 29.18 48.12
C LEU O 217 15.56 27.97 48.48
N ASN O 218 16.73 28.23 49.06
CA ASN O 218 17.66 27.19 49.51
C ASN O 218 18.35 27.48 50.85
N MET O 219 18.44 28.76 51.19
CA MET O 219 18.84 29.18 52.53
C MET O 219 17.61 29.59 53.34
N VAL O 220 16.45 29.17 52.83
CA VAL O 220 15.22 29.06 53.60
C VAL O 220 14.97 27.55 53.80
N LYS O 221 16.08 26.82 53.96
CA LYS O 221 16.09 25.40 54.32
C LYS O 221 16.78 25.21 55.68
N THR O 222 17.08 26.34 56.33
CA THR O 222 17.79 26.34 57.62
C THR O 222 17.11 27.19 58.71
N THR O 223 15.81 27.46 58.55
CA THR O 223 14.99 28.12 59.57
C THR O 223 13.79 27.25 59.97
N PRO O 224 13.49 27.17 61.29
CA PRO O 224 12.55 26.21 61.91
C PRO O 224 11.19 25.91 61.22
N VAL O 225 10.42 26.93 60.84
CA VAL O 225 9.05 26.73 60.31
C VAL O 225 8.73 27.61 59.08
N LEU O 226 8.15 26.99 58.06
CA LEU O 226 7.68 27.73 56.88
C LEU O 226 6.16 27.91 56.87
N MET O 227 5.75 29.15 57.14
CA MET O 227 4.34 29.52 57.11
C MET O 227 3.97 30.02 55.72
N LEU O 228 3.94 29.12 54.75
CA LEU O 228 3.55 29.48 53.39
C LEU O 228 2.06 29.80 53.37
N ASP O 229 1.61 30.47 52.31
CA ASP O 229 0.21 30.92 52.27
C ASP O 229 -0.57 30.36 51.08
N ASP O 230 -1.34 31.23 50.43
CA ASP O 230 -2.31 30.86 49.40
C ASP O 230 -1.67 30.21 48.15
N ILE O 231 -2.26 29.10 47.71
CA ILE O 231 -1.79 28.36 46.53
C ILE O 231 -2.81 28.40 45.40
N GLY O 232 -2.32 28.53 44.16
CA GLY O 232 -3.19 28.52 42.98
C GLY O 232 -3.51 29.90 42.42
N ALA O 233 -4.55 29.95 41.59
CA ALA O 233 -4.99 31.19 40.91
C ALA O 233 -3.80 31.95 40.30
N GLU O 234 -3.13 31.30 39.35
CA GLU O 234 -1.88 31.78 38.74
C GLU O 234 -0.72 31.88 39.75
N SER O 235 0.36 31.14 39.47
CA SER O 235 1.53 31.00 40.36
C SER O 235 1.18 30.44 41.74
N THR O 237 6.17 29.74 31.85
CA THR O 237 6.59 28.34 31.90
C THR O 237 5.90 27.59 33.03
N SER O 238 5.62 26.30 32.79
CA SER O 238 5.17 25.40 33.85
C SER O 238 6.38 24.84 34.59
N TRP O 239 7.57 25.28 34.19
CA TRP O 239 8.79 25.08 34.97
C TRP O 239 8.79 26.10 36.11
N VAL O 240 7.64 26.20 36.79
CA VAL O 240 7.41 27.15 37.89
C VAL O 240 6.62 26.48 39.03
N ARG O 241 5.76 25.52 38.68
CA ARG O 241 5.09 24.66 39.67
C ARG O 241 5.80 23.32 39.84
N ASP O 242 6.82 23.09 39.01
CA ASP O 242 7.73 21.94 39.14
C ASP O 242 9.16 22.28 38.70
N GLU O 243 9.77 23.24 39.40
CA GLU O 243 11.20 23.56 39.28
C GLU O 243 11.78 24.01 40.63
N VAL O 244 10.90 24.45 41.53
CA VAL O 244 11.24 24.72 42.93
C VAL O 244 10.24 24.02 43.87
N ILE O 245 8.96 23.98 43.48
CA ILE O 245 7.96 23.11 44.10
C ILE O 245 8.31 21.67 43.69
N GLY O 246 9.42 21.18 44.23
CA GLY O 246 10.02 19.93 43.82
C GLY O 246 11.49 19.84 44.19
N THR O 247 12.09 20.96 44.58
CA THR O 247 13.48 21.00 45.06
C THR O 247 13.61 21.69 46.42
N VAL O 248 12.48 21.83 47.12
CA VAL O 248 12.46 22.30 48.50
C VAL O 248 11.57 21.37 49.33
N LEU O 249 10.40 21.02 48.78
CA LEU O 249 9.43 20.15 49.47
C LEU O 249 9.88 18.71 49.63
N GLN O 250 10.67 18.20 48.68
CA GLN O 250 11.25 16.85 48.78
C GLN O 250 12.51 16.87 49.64
N HIS O 251 13.22 18.00 49.61
CA HIS O 251 14.29 18.27 50.57
C HIS O 251 13.66 18.66 51.90
N ARG O 252 12.33 18.77 51.89
CA ARG O 252 11.52 18.82 53.10
C ARG O 252 10.54 17.65 53.11
N MET O 253 10.88 16.62 52.35
CA MET O 253 10.38 15.26 52.58
C MET O 253 11.59 14.44 53.04
N SER O 254 12.75 15.09 53.00
CA SER O 254 13.97 14.62 53.67
C SER O 254 14.14 15.40 54.98
N GLN O 255 13.20 16.30 55.23
CA GLN O 255 13.15 17.07 56.46
C GLN O 255 11.73 17.11 57.06
N GLN O 256 10.72 17.14 56.17
CA GLN O 256 9.29 17.06 56.56
C GLN O 256 8.86 18.08 57.64
N LEU O 257 9.42 19.29 57.55
CA LEU O 257 9.27 20.35 58.56
C LEU O 257 7.82 20.79 58.83
N PRO O 258 7.57 21.47 59.97
CA PRO O 258 6.22 21.98 60.28
C PRO O 258 5.80 23.09 59.32
N THR O 259 5.34 22.70 58.13
CA THR O 259 4.95 23.65 57.10
C THR O 259 3.44 23.88 57.07
N PHE O 260 3.06 25.15 56.94
CA PHE O 260 1.67 25.56 56.93
C PHE O 260 1.35 26.30 55.63
N PHE O 261 0.08 26.26 55.22
CA PHE O 261 -0.39 26.88 53.98
C PHE O 261 -1.79 27.49 54.14
N SER O 262 -2.26 28.13 53.07
CA SER O 262 -3.67 28.51 52.90
C SER O 262 -4.03 28.43 51.42
N SER O 263 -5.26 28.85 51.08
CA SER O 263 -5.71 28.95 49.69
C SER O 263 -7.00 29.76 49.56
N ASN O 264 -7.35 30.12 48.33
CA ASN O 264 -8.69 30.66 48.02
C ASN O 264 -9.65 29.54 47.64
N PHE O 265 -9.09 28.40 47.25
CA PHE O 265 -9.85 27.22 46.86
C PHE O 265 -9.22 25.94 47.41
N SER O 266 -10.06 24.99 47.81
CA SER O 266 -9.65 23.73 48.46
C SER O 266 -8.73 22.83 47.60
N PRO O 267 -8.16 21.74 48.19
CA PRO O 267 -7.25 20.85 47.47
C PRO O 267 -7.76 20.35 46.12
N ASP O 268 -8.98 19.85 46.07
CA ASP O 268 -9.62 19.39 44.82
C ASP O 268 -9.74 20.53 43.80
N GLU O 269 -10.13 21.71 44.29
CA GLU O 269 -10.21 22.92 43.47
C GLU O 269 -8.81 23.53 43.21
N LEU O 270 -7.78 22.78 43.60
CA LEU O 270 -6.38 23.12 43.28
C LEU O 270 -5.66 21.94 42.63
N LYS O 271 -6.30 20.77 42.67
CA LYS O 271 -5.78 19.58 41.98
C LYS O 271 -6.43 19.43 40.62
N HIS O 272 -7.77 19.28 40.64
CA HIS O 272 -8.56 19.00 39.45
C HIS O 272 -8.82 20.23 38.57
N HIS O 273 -7.79 21.04 38.33
CA HIS O 273 -7.95 22.27 37.54
C HIS O 273 -6.83 22.57 36.54
N PHE O 274 -5.65 21.96 36.76
CA PHE O 274 -4.44 22.37 36.04
C PHE O 274 -3.76 21.21 35.30
N THR O 275 -4.01 21.12 33.99
CA THR O 275 -3.51 20.03 33.14
C THR O 275 -3.00 20.52 31.78
N TYR O 276 -3.90 20.66 30.82
CA TYR O 276 -3.67 21.29 29.49
C TYR O 276 -2.96 20.39 28.48
N GLU O 281 -2.68 9.89 30.20
CA GLU O 281 -1.99 11.18 30.15
C GLU O 281 -0.70 11.15 30.98
N LYS O 282 0.24 12.01 30.63
CA LYS O 282 1.45 12.22 31.44
C LYS O 282 1.30 13.49 32.29
N GLU O 283 0.06 13.99 32.35
CA GLU O 283 -0.31 15.14 33.17
C GLU O 283 -0.96 14.64 34.45
N GLU O 284 -0.39 13.59 35.03
CA GLU O 284 -0.94 12.94 36.21
C GLU O 284 0.18 12.42 37.12
N VAL O 285 1.26 11.95 36.51
CA VAL O 285 2.42 11.40 37.23
C VAL O 285 3.14 12.50 37.99
N LYS O 286 3.25 13.67 37.36
CA LYS O 286 3.91 14.82 37.96
C LYS O 286 2.89 15.88 38.40
N ALA O 287 1.64 15.72 37.98
CA ALA O 287 0.55 16.57 38.45
C ALA O 287 0.13 16.19 39.86
N ALA O 288 0.39 14.94 40.22
CA ALA O 288 0.26 14.48 41.60
C ALA O 288 1.46 14.94 42.43
N ARG O 289 2.54 15.32 41.74
CA ARG O 289 3.73 15.89 42.37
C ARG O 289 3.63 17.42 42.48
N LEU O 290 2.51 17.89 43.01
CA LEU O 290 2.25 19.33 43.19
C LEU O 290 1.24 19.53 44.32
N MET O 291 0.36 18.55 44.50
CA MET O 291 -0.84 18.71 45.32
C MET O 291 -1.07 17.66 46.42
N GLU O 292 -0.31 16.56 46.41
CA GLU O 292 -0.35 15.61 47.52
C GLU O 292 0.64 16.01 48.62
N ARG O 293 1.60 16.84 48.24
CA ARG O 293 2.38 17.62 49.20
C ARG O 293 1.43 18.61 49.88
N ILE O 294 0.15 18.54 49.47
CA ILE O 294 -0.93 19.38 50.01
C ILE O 294 -2.17 18.50 50.30
N LEU O 295 -2.03 17.60 51.27
CA LEU O 295 -3.12 16.74 51.74
C LEU O 295 -2.84 16.17 53.13
N TYR O 296 -1.56 16.13 53.48
CA TYR O 296 -1.10 15.43 54.67
C TYR O 296 -0.62 16.38 55.77
N LEU O 297 0.36 17.24 55.43
CA LEU O 297 0.87 18.27 56.37
C LEU O 297 -0.21 19.30 56.68
N ALA O 298 -1.38 18.79 57.03
CA ALA O 298 -2.59 19.52 57.37
C ALA O 298 -3.82 18.77 56.86
N ALA O 299 -4.95 18.96 57.54
CA ALA O 299 -6.24 18.44 57.10
C ALA O 299 -7.13 19.60 56.68
N PRO O 300 -7.88 19.44 55.54
CA PRO O 300 -8.66 20.54 54.99
C PRO O 300 -9.88 20.94 55.83
N ILE O 301 -9.82 22.14 56.41
CA ILE O 301 -10.94 22.72 57.15
C ILE O 301 -11.51 23.86 56.31
N ARG O 302 -12.85 23.95 56.25
CA ARG O 302 -13.54 24.86 55.34
C ARG O 302 -14.42 25.91 56.06
N LEU O 303 -13.94 27.15 56.11
CA LEU O 303 -14.58 28.23 56.87
C LEU O 303 -15.72 28.94 56.14
N ASP O 304 -16.82 29.16 56.86
CA ASP O 304 -18.00 29.85 56.34
C ASP O 304 -18.29 31.13 57.10
#